data_4MY1
#
_entry.id   4MY1
#
_cell.length_a   83.220
_cell.length_b   89.391
_cell.length_c   103.987
_cell.angle_alpha   81.13
_cell.angle_beta   89.95
_cell.angle_gamma   83.59
#
_symmetry.space_group_name_H-M   'P 1'
#
loop_
_entity.id
_entity.type
_entity.pdbx_description
1 polymer "Inosine-5'-monophosphate dehydrogenase"
2 non-polymer 'INOSINIC ACID'
3 non-polymer 1-(4-bromophenyl)-3-(2-{3-[(1E)-N-hydroxyethanimidoyl]phenyl}propan-2-yl)urea
4 water water
#
_entity_poly.entity_id   1
_entity_poly.type   'polypeptide(L)'
_entity_poly.pdbx_seq_one_letter_code
;MHHHHHHSSGVDLGTENLYFQSNAMWESKFVKEGLTFDDVLLVPAKSDVLPREVSVKTVLSESLQLNIPLISAGMDTVTE
ADMAIAMARQGGLGIIHKNMSIEQQAEQVDKVKRSGGLLVGAAVGVTADAMTRIDALVKASVDAIVLDTAHGHSQGVIDK
VKEVRAKYPSLNIIAGNVATAEATKALIEAGANVVKVGIGPGSICTTRVVAGVGVPQLTAVYDCATEARKHGIPVIADGG
IKYSGDMVKALAAGAHVVMLGSMFAGVAESPGETEIYQGRQFKVYRGMGSVGAMEKGSKDRYFQEGNKKLVPEGIEGRVP
YKGPLADTVHQLVGGLRAGMGYCGAQDLEFLRENAQFIRMSGAGLLESHPHHVQITKEAPNYSL
;
_entity_poly.pdbx_strand_id   A,B,C,D,E,F,G,H
#
loop_
_chem_comp.id
_chem_comp.type
_chem_comp.name
_chem_comp.formula
IMP non-polymer 'INOSINIC ACID' 'C10 H13 N4 O8 P'
P68 non-polymer 1-(4-bromophenyl)-3-(2-{3-[(1E)-N-hydroxyethanimidoyl]phenyl}propan-2-yl)urea 'C18 H20 Br N3 O2'
#
# COMPACT_ATOMS: atom_id res chain seq x y z
N SER A 22 39.43 11.40 -7.94
CA SER A 22 38.24 12.20 -7.59
C SER A 22 38.16 12.59 -6.12
N ASN A 23 37.18 13.42 -5.78
CA ASN A 23 36.97 13.83 -4.40
C ASN A 23 35.50 13.68 -3.96
N ALA A 24 34.75 12.91 -4.74
CA ALA A 24 33.33 12.65 -4.46
C ALA A 24 33.10 11.75 -3.23
N MET A 25 33.79 10.61 -3.18
CA MET A 25 33.68 9.69 -2.06
C MET A 25 34.05 10.37 -0.73
N TRP A 26 35.06 11.22 -0.76
CA TRP A 26 35.45 11.92 0.45
C TRP A 26 34.34 12.83 0.98
N GLU A 27 33.70 13.57 0.09
CA GLU A 27 32.75 14.60 0.51
C GLU A 27 31.40 14.03 0.92
N SER A 28 31.16 12.76 0.63
CA SER A 28 29.85 12.19 0.86
C SER A 28 29.84 11.25 2.06
N LYS A 29 30.97 11.17 2.75
CA LYS A 29 31.11 10.30 3.92
C LYS A 29 29.97 10.37 4.97
N PHE A 30 29.42 11.57 5.17
CA PHE A 30 28.47 11.78 6.26
C PHE A 30 27.09 12.19 5.79
N VAL A 31 26.80 12.06 4.50
CA VAL A 31 25.53 12.56 3.98
C VAL A 31 24.31 11.76 4.46
N LYS A 32 24.42 10.43 4.43
CA LYS A 32 23.29 9.53 4.74
C LYS A 32 22.76 9.63 6.20
N GLU A 33 21.46 9.33 6.38
CA GLU A 33 20.78 9.36 7.68
C GLU A 33 19.96 8.09 7.94
N GLY A 34 19.97 7.57 9.17
CA GLY A 34 19.31 6.31 9.44
C GLY A 34 18.29 6.42 10.54
N LEU A 35 17.19 5.67 10.43
CA LEU A 35 16.17 5.63 11.45
C LEU A 35 15.97 4.21 11.92
N THR A 36 15.59 4.04 13.18
CA THR A 36 15.36 2.74 13.78
C THR A 36 13.94 2.69 14.36
N PHE A 37 13.46 1.49 14.71
CA PHE A 37 12.06 1.31 15.14
C PHE A 37 11.59 2.36 16.16
N ASP A 38 12.47 2.69 17.10
CA ASP A 38 12.14 3.66 18.13
C ASP A 38 12.26 5.11 17.66
N ASP A 39 12.63 5.33 16.39
CA ASP A 39 12.66 6.68 15.84
C ASP A 39 11.28 7.14 15.34
N VAL A 40 10.32 6.24 15.34
CA VAL A 40 9.21 6.39 14.43
C VAL A 40 7.87 5.89 14.99
N LEU A 41 6.78 6.40 14.42
CA LEU A 41 5.43 5.93 14.74
C LEU A 41 4.65 5.73 13.47
N LEU A 42 3.77 4.74 13.46
CA LEU A 42 2.81 4.55 12.38
C LEU A 42 1.62 5.49 12.49
N VAL A 43 1.25 6.19 11.42
CA VAL A 43 0.11 7.13 11.47
C VAL A 43 -1.22 6.41 11.30
N PRO A 44 -2.17 6.69 12.21
CA PRO A 44 -3.52 6.12 12.08
C PRO A 44 -4.22 6.65 10.85
N ALA A 45 -4.80 5.71 10.12
CA ALA A 45 -5.48 5.99 8.88
C ALA A 45 -6.92 5.49 8.97
N LYS A 46 -7.77 5.93 8.04
CA LYS A 46 -9.16 5.51 7.93
C LYS A 46 -9.17 3.99 7.87
N SER A 47 -10.13 3.38 8.55
CA SER A 47 -10.17 1.91 8.66
C SER A 47 -11.58 1.39 8.57
N ASP A 48 -11.80 0.47 7.64
CA ASP A 48 -13.11 -0.17 7.48
C ASP A 48 -13.11 -1.48 8.26
N VAL A 49 -11.97 -1.83 8.80
CA VAL A 49 -11.72 -3.19 9.22
C VAL A 49 -11.31 -3.25 10.69
N LEU A 50 -11.61 -4.38 11.32
CA LEU A 50 -11.28 -4.60 12.73
C LEU A 50 -10.14 -5.62 12.81
N PRO A 51 -9.42 -5.64 13.95
CA PRO A 51 -8.27 -6.53 14.11
C PRO A 51 -8.57 -8.00 13.77
N ARG A 52 -9.72 -8.51 14.19
CA ARG A 52 -10.10 -9.90 13.95
C ARG A 52 -10.41 -10.25 12.49
N GLU A 53 -10.69 -9.24 11.68
CA GLU A 53 -11.01 -9.46 10.28
C GLU A 53 -9.83 -9.35 9.31
N VAL A 54 -8.66 -8.90 9.76
CA VAL A 54 -7.56 -8.68 8.81
C VAL A 54 -6.79 -9.95 8.46
N SER A 55 -6.15 -9.96 7.30
CA SER A 55 -5.35 -11.11 6.88
C SER A 55 -3.87 -10.89 7.24
N VAL A 56 -3.21 -11.92 7.77
CA VAL A 56 -1.79 -11.81 8.08
C VAL A 56 -0.98 -12.87 7.33
N LYS A 57 -1.61 -13.51 6.36
CA LYS A 57 -0.94 -14.43 5.45
C LYS A 57 0.08 -13.68 4.61
N THR A 58 1.13 -14.39 4.21
CA THR A 58 2.16 -13.81 3.37
C THR A 58 2.80 -14.87 2.46
N VAL A 59 3.21 -14.45 1.28
CA VAL A 59 3.84 -15.35 0.34
C VAL A 59 5.26 -14.94 0.07
N LEU A 60 6.21 -15.72 0.57
CA LEU A 60 7.61 -15.56 0.20
C LEU A 60 7.88 -15.93 -1.23
N SER A 61 7.28 -17.02 -1.67
CA SER A 61 7.49 -17.52 -3.01
C SER A 61 6.41 -18.52 -3.29
N GLU A 62 6.32 -18.97 -4.53
CA GLU A 62 5.23 -19.84 -4.93
C GLU A 62 5.26 -21.12 -4.12
N SER A 63 6.45 -21.66 -3.88
CA SER A 63 6.64 -22.78 -2.98
C SER A 63 6.34 -22.54 -1.49
N LEU A 64 6.66 -21.36 -0.98
CA LEU A 64 6.57 -21.09 0.45
C LEU A 64 5.52 -20.04 0.80
N GLN A 65 4.48 -20.43 1.52
CA GLN A 65 3.46 -19.50 1.97
C GLN A 65 3.20 -19.67 3.45
N LEU A 66 2.98 -18.57 4.16
CA LEU A 66 2.91 -18.62 5.60
C LEU A 66 1.61 -18.00 6.09
N ASN A 67 0.99 -18.64 7.08
CA ASN A 67 -0.23 -18.09 7.67
C ASN A 67 0.00 -16.87 8.56
N ILE A 68 1.23 -16.72 9.06
CA ILE A 68 1.61 -15.60 9.92
C ILE A 68 3.05 -15.14 9.60
N PRO A 69 3.34 -13.83 9.71
CA PRO A 69 4.62 -13.35 9.17
C PRO A 69 5.85 -13.59 10.07
N LEU A 70 5.95 -14.77 10.69
CA LEU A 70 7.04 -15.03 11.65
C LEU A 70 7.95 -16.20 11.30
N ILE A 71 9.24 -15.90 11.20
CA ILE A 71 10.25 -16.94 11.12
C ILE A 71 11.09 -16.89 12.41
N SER A 72 11.46 -18.06 12.94
CA SER A 72 12.32 -18.12 14.12
C SER A 72 13.81 -18.17 13.71
N ALA A 73 14.66 -17.43 14.42
CA ALA A 73 16.07 -17.29 14.05
C ALA A 73 16.84 -18.61 14.07
N GLY A 74 17.65 -18.82 13.03
CA GLY A 74 18.45 -20.02 12.88
C GLY A 74 19.68 -20.02 13.79
N MET A 75 19.45 -19.98 15.09
CA MET A 75 20.55 -19.93 16.04
C MET A 75 20.48 -21.15 16.94
N ASP A 76 21.61 -21.54 17.52
CA ASP A 76 21.70 -22.75 18.33
C ASP A 76 20.98 -22.69 19.70
N THR A 77 20.42 -21.54 20.03
CA THR A 77 19.62 -21.40 21.23
C THR A 77 18.23 -20.88 20.89
N VAL A 78 17.79 -21.04 19.65
CA VAL A 78 16.45 -20.61 19.27
C VAL A 78 15.64 -21.68 18.54
N THR A 79 16.24 -22.32 17.54
CA THR A 79 15.46 -23.17 16.63
C THR A 79 16.16 -24.50 16.36
N GLU A 80 15.59 -25.58 16.88
CA GLU A 80 15.86 -26.91 16.34
C GLU A 80 14.50 -27.52 15.97
N ALA A 81 14.48 -28.81 15.69
CA ALA A 81 13.26 -29.47 15.24
C ALA A 81 12.00 -29.03 16.02
N ASP A 82 12.03 -29.16 17.35
CA ASP A 82 10.88 -28.82 18.19
C ASP A 82 10.37 -27.38 18.04
N MET A 83 11.28 -26.46 17.82
CA MET A 83 10.91 -25.07 17.60
C MET A 83 10.30 -24.95 16.22
N ALA A 84 10.96 -25.58 15.26
CA ALA A 84 10.58 -25.51 13.87
C ALA A 84 9.19 -26.11 13.68
N ILE A 85 8.93 -27.19 14.40
CA ILE A 85 7.64 -27.85 14.33
C ILE A 85 6.58 -26.97 14.96
N ALA A 86 6.88 -26.43 16.14
CA ALA A 86 5.94 -25.54 16.80
C ALA A 86 5.64 -24.30 15.92
N MET A 87 6.69 -23.70 15.34
CA MET A 87 6.50 -22.54 14.45
C MET A 87 5.54 -22.89 13.31
N ALA A 88 5.90 -23.93 12.56
CA ALA A 88 5.10 -24.38 11.42
C ALA A 88 3.61 -24.52 11.76
N ARG A 89 3.35 -25.18 12.89
CA ARG A 89 1.99 -25.42 13.39
C ARG A 89 1.25 -24.15 13.75
N GLN A 90 1.97 -23.13 14.19
CA GLN A 90 1.36 -21.82 14.40
C GLN A 90 1.17 -21.00 13.10
N GLY A 91 1.65 -21.53 11.96
CA GLY A 91 1.53 -20.84 10.69
C GLY A 91 2.75 -20.02 10.31
N GLY A 92 3.87 -20.29 10.98
CA GLY A 92 5.12 -19.60 10.70
C GLY A 92 6.16 -20.56 10.14
N LEU A 93 7.42 -20.35 10.53
CA LEU A 93 8.53 -21.11 9.96
C LEU A 93 9.78 -21.08 10.83
N GLY A 94 10.46 -22.20 10.98
CA GLY A 94 11.69 -22.20 11.72
C GLY A 94 12.88 -22.46 10.83
N ILE A 95 14.00 -21.82 11.15
CA ILE A 95 15.25 -22.08 10.44
C ILE A 95 16.15 -22.90 11.35
N ILE A 96 16.40 -24.13 10.96
CA ILE A 96 17.26 -25.01 11.73
C ILE A 96 18.70 -24.59 11.53
N HIS A 97 19.35 -24.13 12.60
CA HIS A 97 20.72 -23.62 12.52
C HIS A 97 21.72 -24.70 12.08
N LYS A 98 22.93 -24.25 11.76
CA LYS A 98 23.96 -25.10 11.17
C LYS A 98 25.02 -25.55 12.17
N ASN A 99 24.79 -25.28 13.46
CA ASN A 99 25.76 -25.63 14.48
C ASN A 99 25.72 -27.08 14.92
N MET A 100 25.64 -27.98 13.95
CA MET A 100 25.60 -29.40 14.20
C MET A 100 26.37 -30.09 13.07
N SER A 101 26.17 -31.38 12.88
CA SER A 101 26.75 -32.04 11.71
C SER A 101 25.82 -31.94 10.52
N ILE A 102 26.28 -32.37 9.36
CA ILE A 102 25.44 -32.43 8.18
C ILE A 102 24.36 -33.48 8.35
N GLU A 103 24.74 -34.65 8.86
CA GLU A 103 23.78 -35.71 9.16
C GLU A 103 22.79 -35.31 10.27
N GLN A 104 23.23 -34.53 11.25
CA GLN A 104 22.34 -34.06 12.30
C GLN A 104 21.29 -33.09 11.77
N GLN A 105 21.73 -32.11 10.98
CA GLN A 105 20.80 -31.14 10.41
C GLN A 105 19.89 -31.75 9.33
N ALA A 106 20.41 -32.73 8.61
CA ALA A 106 19.56 -33.41 7.63
C ALA A 106 18.43 -34.21 8.31
N GLU A 107 18.72 -34.88 9.42
CA GLU A 107 17.68 -35.61 10.13
C GLU A 107 16.74 -34.69 10.90
N GLN A 108 17.23 -33.52 11.32
CA GLN A 108 16.38 -32.50 11.95
C GLN A 108 15.29 -32.06 10.99
N VAL A 109 15.68 -31.75 9.75
CA VAL A 109 14.72 -31.41 8.71
C VAL A 109 13.73 -32.56 8.52
N ASP A 110 14.27 -33.76 8.32
CA ASP A 110 13.45 -34.94 8.12
C ASP A 110 12.39 -35.07 9.22
N LYS A 111 12.79 -34.92 10.47
CA LYS A 111 11.84 -34.93 11.58
C LYS A 111 10.71 -33.90 11.45
N VAL A 112 11.05 -32.68 11.04
CA VAL A 112 10.04 -31.66 10.88
C VAL A 112 9.07 -32.00 9.73
N LYS A 113 9.60 -32.60 8.67
CA LYS A 113 8.80 -32.87 7.47
C LYS A 113 7.84 -34.03 7.68
N ARG A 114 8.33 -35.08 8.31
CA ARG A 114 7.56 -36.30 8.54
C ARG A 114 6.74 -36.11 9.81
N SER A 115 6.37 -34.85 10.05
CA SER A 115 5.61 -34.47 11.23
C SER A 115 4.40 -33.68 10.75
N GLY A 116 3.89 -34.08 9.59
CA GLY A 116 2.65 -33.53 9.07
C GLY A 116 2.76 -32.79 7.75
N GLY A 117 3.93 -32.84 7.13
CA GLY A 117 4.14 -32.05 5.93
C GLY A 117 4.18 -30.58 6.31
N LEU A 118 5.19 -30.25 7.11
CA LEU A 118 5.36 -28.92 7.64
C LEU A 118 6.49 -28.27 6.89
N LEU A 119 6.38 -26.98 6.63
CA LEU A 119 7.50 -26.21 6.07
C LEU A 119 8.66 -26.11 7.08
N VAL A 120 9.88 -26.20 6.58
CA VAL A 120 11.06 -26.03 7.43
C VAL A 120 12.20 -25.41 6.64
N GLY A 121 13.07 -24.67 7.34
CA GLY A 121 14.24 -24.10 6.70
C GLY A 121 15.52 -24.50 7.39
N ALA A 122 16.63 -24.48 6.66
CA ALA A 122 17.91 -24.81 7.25
C ALA A 122 18.99 -23.77 6.94
N ALA A 123 19.84 -23.49 7.91
CA ALA A 123 20.95 -22.57 7.72
C ALA A 123 22.13 -23.28 7.07
N VAL A 124 22.80 -22.55 6.18
CA VAL A 124 24.05 -23.00 5.56
C VAL A 124 24.97 -21.78 5.45
N GLY A 125 26.26 -21.99 5.63
CA GLY A 125 27.20 -20.89 5.51
C GLY A 125 28.07 -21.04 4.27
N VAL A 126 28.69 -19.96 3.87
CA VAL A 126 29.54 -20.01 2.70
C VAL A 126 30.85 -20.67 3.07
N THR A 127 31.05 -21.88 2.56
CA THR A 127 32.29 -22.59 2.85
C THR A 127 32.44 -23.79 1.92
N ALA A 128 33.50 -24.57 2.15
CA ALA A 128 33.81 -25.74 1.33
C ALA A 128 32.65 -26.73 1.22
N ASP A 129 32.27 -27.29 2.36
CA ASP A 129 31.25 -28.35 2.38
C ASP A 129 29.83 -27.80 2.30
N ALA A 130 29.68 -26.58 1.83
CA ALA A 130 28.36 -25.99 1.76
C ALA A 130 27.49 -26.80 0.84
N MET A 131 28.05 -27.25 -0.26
CA MET A 131 27.24 -27.95 -1.25
C MET A 131 26.82 -29.31 -0.73
N THR A 132 27.73 -29.99 -0.04
CA THR A 132 27.41 -31.29 0.54
C THR A 132 26.25 -31.21 1.55
N ARG A 133 26.33 -30.25 2.47
CA ARG A 133 25.24 -30.00 3.42
C ARG A 133 23.93 -29.70 2.68
N ILE A 134 23.98 -28.75 1.76
CA ILE A 134 22.83 -28.41 0.95
C ILE A 134 22.30 -29.62 0.19
N ASP A 135 23.22 -30.46 -0.32
CA ASP A 135 22.85 -31.67 -1.04
C ASP A 135 22.04 -32.51 -0.09
N ALA A 136 22.58 -32.70 1.11
CA ALA A 136 21.94 -33.48 2.14
C ALA A 136 20.63 -32.85 2.58
N LEU A 137 20.58 -31.52 2.58
CA LEU A 137 19.35 -30.82 2.95
C LEU A 137 18.24 -30.97 1.90
N VAL A 138 18.58 -30.88 0.62
CA VAL A 138 17.57 -31.06 -0.41
C VAL A 138 17.02 -32.49 -0.39
N LYS A 139 17.90 -33.47 -0.20
CA LYS A 139 17.50 -34.86 -0.09
C LYS A 139 16.44 -35.05 0.99
N ALA A 140 16.68 -34.43 2.15
CA ALA A 140 15.76 -34.51 3.30
C ALA A 140 14.52 -33.64 3.15
N SER A 141 14.36 -33.04 1.97
CA SER A 141 13.20 -32.22 1.61
C SER A 141 13.10 -30.85 2.26
N VAL A 142 14.22 -30.17 2.48
CA VAL A 142 14.17 -28.82 3.03
C VAL A 142 13.42 -27.90 2.05
N ASP A 143 12.55 -27.04 2.56
CA ASP A 143 11.78 -26.13 1.69
C ASP A 143 12.61 -24.90 1.28
N ALA A 144 13.40 -24.41 2.22
CA ALA A 144 14.18 -23.22 1.98
C ALA A 144 15.56 -23.37 2.60
N ILE A 145 16.60 -23.08 1.85
CA ILE A 145 17.91 -23.00 2.47
C ILE A 145 18.22 -21.55 2.77
N VAL A 146 18.72 -21.31 3.97
CA VAL A 146 19.10 -19.98 4.40
C VAL A 146 20.62 -19.85 4.37
N LEU A 147 21.14 -19.06 3.43
CA LEU A 147 22.58 -18.79 3.34
C LEU A 147 23.05 -17.72 4.33
N ASP A 148 23.17 -18.10 5.60
CA ASP A 148 23.52 -17.16 6.69
C ASP A 148 25.00 -16.79 6.66
N THR A 149 25.29 -15.51 6.45
CA THR A 149 26.66 -15.02 6.50
C THR A 149 26.71 -13.61 7.10
N ALA A 150 27.86 -13.20 7.60
CA ALA A 150 27.95 -11.90 8.24
C ALA A 150 27.72 -10.80 7.21
N HIS A 151 28.17 -11.06 5.98
CA HIS A 151 28.20 -10.04 4.95
C HIS A 151 27.68 -10.66 3.67
N GLY A 152 26.37 -10.58 3.47
CA GLY A 152 25.76 -11.02 2.23
C GLY A 152 26.34 -10.35 0.99
N HIS A 153 26.78 -9.10 1.11
CA HIS A 153 27.39 -8.38 0.00
C HIS A 153 28.86 -8.77 -0.24
N SER A 154 29.19 -10.02 0.08
CA SER A 154 30.53 -10.54 -0.15
C SER A 154 30.56 -11.16 -1.54
N GLN A 155 31.71 -11.09 -2.21
CA GLN A 155 31.88 -11.71 -3.53
C GLN A 155 31.68 -13.20 -3.47
N GLY A 156 32.07 -13.78 -2.35
CA GLY A 156 32.00 -15.21 -2.14
C GLY A 156 30.58 -15.67 -1.96
N VAL A 157 29.76 -14.80 -1.38
CA VAL A 157 28.35 -15.09 -1.19
C VAL A 157 27.63 -15.12 -2.51
N ILE A 158 27.93 -14.12 -3.33
CA ILE A 158 27.32 -13.99 -4.62
C ILE A 158 27.64 -15.18 -5.48
N ASP A 159 28.88 -15.63 -5.41
CA ASP A 159 29.30 -16.78 -6.21
C ASP A 159 28.55 -18.03 -5.76
N LYS A 160 28.37 -18.18 -4.44
CA LYS A 160 27.68 -19.35 -3.90
C LYS A 160 26.20 -19.40 -4.24
N VAL A 161 25.47 -18.29 -4.05
CA VAL A 161 24.07 -18.23 -4.48
C VAL A 161 23.94 -18.71 -5.91
N LYS A 162 24.88 -18.30 -6.75
CA LYS A 162 24.86 -18.70 -8.16
C LYS A 162 24.97 -20.23 -8.32
N GLU A 163 25.87 -20.86 -7.57
CA GLU A 163 26.11 -22.29 -7.73
C GLU A 163 24.88 -23.07 -7.33
N VAL A 164 24.27 -22.66 -6.24
CA VAL A 164 23.12 -23.39 -5.74
C VAL A 164 21.99 -23.24 -6.73
N ARG A 165 21.80 -22.03 -7.26
CA ARG A 165 20.75 -21.81 -8.25
C ARG A 165 21.00 -22.62 -9.51
N ALA A 166 22.26 -22.69 -9.94
CA ALA A 166 22.62 -23.49 -11.09
C ALA A 166 22.32 -24.97 -10.90
N LYS A 167 22.40 -25.44 -9.65
CA LYS A 167 22.22 -26.88 -9.36
C LYS A 167 20.79 -27.23 -8.98
N TYR A 168 20.11 -26.32 -8.31
CA TYR A 168 18.76 -26.56 -7.83
C TYR A 168 17.82 -25.45 -8.28
N PRO A 169 17.46 -25.42 -9.58
CA PRO A 169 16.69 -24.35 -10.21
C PRO A 169 15.36 -24.07 -9.52
N SER A 170 14.89 -25.00 -8.71
CA SER A 170 13.60 -24.87 -8.05
C SER A 170 13.72 -24.36 -6.61
N LEU A 171 14.81 -24.73 -5.92
CA LEU A 171 14.96 -24.55 -4.48
C LEU A 171 14.84 -23.11 -4.00
N ASN A 172 14.10 -22.89 -2.92
CA ASN A 172 14.02 -21.56 -2.33
C ASN A 172 15.34 -21.14 -1.72
N ILE A 173 15.88 -20.00 -2.14
CA ILE A 173 17.09 -19.49 -1.53
C ILE A 173 16.85 -18.18 -0.80
N ILE A 174 17.05 -18.21 0.52
CA ILE A 174 17.05 -17.02 1.32
C ILE A 174 18.53 -16.73 1.49
N ALA A 175 18.94 -15.52 1.12
CA ALA A 175 20.32 -15.11 1.26
C ALA A 175 20.38 -13.81 2.02
N GLY A 176 21.30 -13.74 2.97
CA GLY A 176 21.46 -12.59 3.82
C GLY A 176 22.89 -12.64 4.30
N ASN A 177 23.38 -11.58 4.89
CA ASN A 177 22.57 -10.43 5.27
C ASN A 177 23.12 -9.16 4.66
N VAL A 178 22.23 -8.23 4.37
CA VAL A 178 22.57 -7.02 3.67
C VAL A 178 21.89 -5.84 4.33
N ALA A 179 22.43 -4.65 4.16
CA ALA A 179 21.74 -3.45 4.62
C ALA A 179 21.57 -2.39 3.55
N THR A 180 21.88 -2.72 2.31
CA THR A 180 21.86 -1.74 1.25
C THR A 180 21.17 -2.19 -0.02
N ALA A 181 20.68 -1.25 -0.78
CA ALA A 181 19.97 -1.53 -2.00
C ALA A 181 20.87 -2.24 -2.98
N GLU A 182 22.11 -1.81 -3.07
CA GLU A 182 23.09 -2.47 -3.94
C GLU A 182 23.34 -3.94 -3.59
N ALA A 183 23.40 -4.25 -2.30
CA ALA A 183 23.63 -5.62 -1.90
C ALA A 183 22.41 -6.45 -2.32
N THR A 184 21.22 -5.95 -1.99
CA THR A 184 19.95 -6.62 -2.32
C THR A 184 19.84 -6.91 -3.81
N LYS A 185 20.07 -5.89 -4.64
CA LYS A 185 20.13 -6.04 -6.08
C LYS A 185 21.09 -7.14 -6.52
N ALA A 186 22.26 -7.18 -5.88
CA ALA A 186 23.29 -8.18 -6.16
C ALA A 186 22.82 -9.59 -5.77
N LEU A 187 22.20 -9.75 -4.62
CA LEU A 187 21.73 -11.08 -4.26
C LEU A 187 20.59 -11.51 -5.18
N ILE A 188 19.66 -10.60 -5.48
CA ILE A 188 18.56 -10.95 -6.35
C ILE A 188 19.03 -11.46 -7.74
N GLU A 189 19.98 -10.77 -8.34
CA GLU A 189 20.60 -11.16 -9.62
C GLU A 189 21.40 -12.46 -9.60
N ALA A 190 21.86 -12.89 -8.42
CA ALA A 190 22.61 -14.13 -8.36
C ALA A 190 21.63 -15.31 -8.30
N GLY A 191 20.36 -15.00 -8.04
CA GLY A 191 19.31 -16.01 -8.01
C GLY A 191 18.52 -16.13 -6.72
N ALA A 192 18.70 -15.19 -5.79
CA ALA A 192 18.03 -15.29 -4.49
C ALA A 192 16.52 -15.02 -4.56
N ASN A 193 15.70 -15.93 -4.05
CA ASN A 193 14.25 -15.67 -4.05
C ASN A 193 13.82 -14.75 -2.90
N VAL A 194 14.54 -14.84 -1.79
CA VAL A 194 14.25 -14.02 -0.62
C VAL A 194 15.54 -13.41 -0.07
N VAL A 195 15.48 -12.12 0.29
CA VAL A 195 16.65 -11.47 0.83
C VAL A 195 16.46 -11.13 2.31
N LYS A 196 17.46 -11.43 3.14
CA LYS A 196 17.31 -11.20 4.58
C LYS A 196 18.10 -9.96 4.99
N VAL A 197 17.38 -9.02 5.57
CA VAL A 197 17.93 -7.72 5.88
C VAL A 197 18.26 -7.58 7.34
N GLY A 198 19.50 -7.22 7.62
CA GLY A 198 19.91 -6.89 8.97
C GLY A 198 21.40 -6.99 9.15
N ILE A 199 22.08 -5.85 9.27
CA ILE A 199 23.44 -5.87 9.77
C ILE A 199 23.56 -5.10 11.08
N GLY A 200 23.71 -5.85 12.18
CA GLY A 200 23.98 -5.28 13.48
C GLY A 200 22.86 -5.07 14.48
N PRO A 201 21.57 -5.14 14.06
CA PRO A 201 20.59 -4.66 15.05
C PRO A 201 20.26 -5.66 16.15
N GLY A 202 20.79 -6.87 16.08
CA GLY A 202 20.39 -7.93 16.97
C GLY A 202 20.63 -7.68 18.44
N SER A 203 19.73 -8.18 19.28
CA SER A 203 19.83 -7.98 20.73
C SER A 203 21.11 -8.54 21.34
N ILE A 204 21.60 -9.66 20.83
CA ILE A 204 22.79 -10.30 21.38
C ILE A 204 24.06 -9.86 20.65
N CYS A 205 23.86 -9.05 19.60
CA CYS A 205 24.90 -8.61 18.64
C CYS A 205 25.89 -7.53 19.12
N THR A 206 27.16 -7.66 18.77
CA THR A 206 28.11 -6.57 19.03
C THR A 206 28.87 -6.08 17.81
N THR A 207 28.44 -6.52 16.62
CA THR A 207 29.03 -6.06 15.37
C THR A 207 29.27 -4.57 15.30
N ARG A 208 28.22 -3.76 15.46
CA ARG A 208 28.34 -2.31 15.43
C ARG A 208 29.38 -1.79 16.42
N VAL A 209 29.37 -2.31 17.63
CA VAL A 209 30.28 -1.91 18.66
C VAL A 209 31.71 -2.36 18.33
N VAL A 210 31.90 -3.63 17.97
CA VAL A 210 33.27 -4.13 17.76
C VAL A 210 33.87 -3.80 16.40
N ALA A 211 33.04 -3.57 15.39
CA ALA A 211 33.53 -3.33 14.03
C ALA A 211 33.05 -2.02 13.42
N GLY A 212 32.43 -1.18 14.22
CA GLY A 212 31.95 0.12 13.74
C GLY A 212 30.90 0.08 12.65
N VAL A 213 30.45 -1.11 12.28
CA VAL A 213 29.71 -1.29 11.04
C VAL A 213 28.22 -1.63 11.19
N GLY A 214 27.35 -0.83 10.60
CA GLY A 214 25.93 -1.15 10.59
C GLY A 214 25.05 -0.27 9.71
N VAL A 215 23.79 -0.64 9.58
CA VAL A 215 22.78 0.28 9.08
C VAL A 215 21.55 0.12 9.96
N PRO A 216 21.04 1.24 10.52
CA PRO A 216 19.78 1.24 11.28
C PRO A 216 18.71 0.39 10.62
N GLN A 217 18.05 -0.48 11.39
CA GLN A 217 17.24 -1.55 10.82
C GLN A 217 16.06 -1.06 9.97
N LEU A 218 15.40 0.00 10.43
CA LEU A 218 14.25 0.55 9.72
C LEU A 218 14.67 1.09 8.34
N THR A 219 15.64 2.01 8.31
CA THR A 219 16.23 2.45 7.05
C THR A 219 16.73 1.25 6.23
N ALA A 220 17.33 0.26 6.88
CA ALA A 220 17.88 -0.86 6.14
C ALA A 220 16.76 -1.61 5.44
N VAL A 221 15.74 -2.02 6.20
CA VAL A 221 14.60 -2.75 5.64
C VAL A 221 13.97 -1.95 4.49
N TYR A 222 13.74 -0.67 4.72
CA TYR A 222 13.16 0.18 3.69
C TYR A 222 14.03 0.26 2.44
N ASP A 223 15.32 0.59 2.61
CA ASP A 223 16.26 0.69 1.50
C ASP A 223 16.32 -0.58 0.64
N CYS A 224 16.27 -1.73 1.28
CA CYS A 224 16.41 -2.97 0.56
C CYS A 224 15.08 -3.31 -0.08
N ALA A 225 14.01 -2.93 0.62
CA ALA A 225 12.68 -3.19 0.12
C ALA A 225 12.46 -2.35 -1.14
N THR A 226 13.03 -1.15 -1.13
CA THR A 226 12.94 -0.26 -2.28
C THR A 226 13.51 -0.93 -3.52
N GLU A 227 14.69 -1.54 -3.40
CA GLU A 227 15.30 -2.24 -4.52
C GLU A 227 14.57 -3.57 -4.87
N ALA A 228 14.21 -4.34 -3.85
CA ALA A 228 13.61 -5.68 -4.02
C ALA A 228 12.21 -5.68 -4.64
N ARG A 229 11.46 -4.63 -4.37
CA ARG A 229 10.10 -4.50 -4.84
C ARG A 229 10.07 -4.45 -6.36
N LYS A 230 11.12 -3.88 -6.93
CA LYS A 230 11.23 -3.71 -8.36
C LYS A 230 11.37 -5.05 -9.08
N HIS A 231 11.77 -6.09 -8.38
CA HIS A 231 11.90 -7.41 -9.00
C HIS A 231 10.92 -8.36 -8.33
N GLY A 232 10.09 -7.80 -7.45
CA GLY A 232 9.07 -8.57 -6.75
C GLY A 232 9.65 -9.60 -5.82
N ILE A 233 10.77 -9.25 -5.20
CA ILE A 233 11.42 -10.16 -4.25
C ILE A 233 11.10 -9.72 -2.82
N PRO A 234 10.51 -10.63 -2.03
CA PRO A 234 10.23 -10.31 -0.63
C PRO A 234 11.52 -10.22 0.21
N VAL A 235 11.54 -9.28 1.13
CA VAL A 235 12.62 -9.23 2.10
C VAL A 235 12.16 -9.60 3.53
N ILE A 236 13.11 -10.15 4.29
CA ILE A 236 12.92 -10.45 5.71
C ILE A 236 13.60 -9.38 6.57
N ALA A 237 12.84 -8.77 7.48
CA ALA A 237 13.44 -7.87 8.46
C ALA A 237 13.92 -8.69 9.69
N ASP A 238 15.23 -8.86 9.83
CA ASP A 238 15.80 -9.81 10.78
C ASP A 238 16.59 -9.11 11.90
N GLY A 239 16.17 -9.30 13.16
CA GLY A 239 16.87 -8.77 14.32
C GLY A 239 16.41 -7.36 14.65
N GLY A 240 16.49 -6.99 15.92
CA GLY A 240 16.16 -5.62 16.30
C GLY A 240 14.76 -5.42 16.87
N ILE A 241 13.89 -6.41 16.67
CA ILE A 241 12.51 -6.38 17.19
C ILE A 241 12.42 -6.70 18.71
N LYS A 242 12.10 -5.68 19.51
CA LYS A 242 11.95 -5.82 20.97
C LYS A 242 10.49 -5.89 21.42
N TYR A 243 9.58 -5.35 20.62
CA TYR A 243 8.17 -5.40 20.94
C TYR A 243 7.33 -5.71 19.73
N SER A 244 6.05 -5.96 19.97
CA SER A 244 5.06 -6.25 18.95
C SER A 244 5.07 -5.20 17.85
N GLY A 245 5.05 -3.93 18.25
CA GLY A 245 4.99 -2.81 17.32
C GLY A 245 6.18 -2.63 16.38
N ASP A 246 7.36 -3.08 16.83
CA ASP A 246 8.55 -3.06 15.98
C ASP A 246 8.30 -3.93 14.75
N MET A 247 7.55 -5.00 14.95
CA MET A 247 7.23 -5.91 13.86
C MET A 247 6.25 -5.26 12.90
N VAL A 248 5.24 -4.58 13.45
CA VAL A 248 4.31 -3.82 12.63
C VAL A 248 5.10 -2.78 11.82
N LYS A 249 6.05 -2.13 12.49
CA LYS A 249 6.91 -1.16 11.84
C LYS A 249 7.75 -1.80 10.72
N ALA A 250 8.32 -2.97 10.98
CA ALA A 250 9.19 -3.61 9.99
C ALA A 250 8.42 -3.96 8.72
N LEU A 251 7.30 -4.65 8.88
CA LEU A 251 6.42 -4.97 7.78
C LEU A 251 5.97 -3.72 7.05
N ALA A 252 5.59 -2.68 7.82
CA ALA A 252 5.15 -1.43 7.18
C ALA A 252 6.29 -0.70 6.46
N ALA A 253 7.52 -0.97 6.89
CA ALA A 253 8.67 -0.43 6.22
C ALA A 253 8.97 -1.22 4.93
N GLY A 254 8.25 -2.33 4.74
CA GLY A 254 8.35 -3.06 3.48
C GLY A 254 8.80 -4.51 3.53
N ALA A 255 9.15 -5.00 4.71
CA ALA A 255 9.47 -6.41 4.89
C ALA A 255 8.23 -7.25 4.67
N HIS A 256 8.41 -8.44 4.10
CA HIS A 256 7.27 -9.34 3.91
C HIS A 256 6.98 -10.15 5.17
N VAL A 257 7.99 -10.29 6.01
CA VAL A 257 7.97 -11.19 7.15
C VAL A 257 9.14 -10.78 8.03
N VAL A 258 9.08 -11.09 9.32
CA VAL A 258 10.18 -10.75 10.21
C VAL A 258 10.76 -11.98 10.86
N MET A 259 12.03 -11.94 11.21
CA MET A 259 12.68 -13.05 11.88
C MET A 259 13.17 -12.68 13.28
N LEU A 260 12.80 -13.49 14.25
CA LEU A 260 13.04 -13.20 15.66
C LEU A 260 13.86 -14.24 16.35
N GLY A 261 14.82 -13.81 17.16
CA GLY A 261 15.53 -14.72 18.01
C GLY A 261 15.24 -14.53 19.48
N SER A 262 15.42 -13.31 19.95
CA SER A 262 15.25 -12.96 21.34
C SER A 262 13.83 -13.13 21.84
N MET A 263 12.88 -12.76 21.02
CA MET A 263 11.49 -12.81 21.42
C MET A 263 11.01 -14.25 21.52
N PHE A 264 11.81 -15.15 20.98
CA PHE A 264 11.43 -16.55 20.85
C PHE A 264 12.27 -17.45 21.73
N ALA A 265 13.37 -16.91 22.26
CA ALA A 265 14.37 -17.70 22.97
C ALA A 265 13.87 -18.25 24.31
N GLY A 266 12.99 -17.51 24.97
CA GLY A 266 12.46 -17.91 26.26
C GLY A 266 11.26 -18.81 26.16
N VAL A 267 10.95 -19.26 24.94
CA VAL A 267 9.81 -20.13 24.66
C VAL A 267 10.17 -21.58 25.05
N ALA A 268 9.16 -22.37 25.44
CA ALA A 268 9.35 -23.76 25.88
C ALA A 268 9.95 -24.72 24.83
N GLU A 269 9.57 -24.54 23.56
CA GLU A 269 10.03 -25.41 22.48
C GLU A 269 11.42 -25.05 21.94
N SER A 270 12.07 -24.05 22.53
CA SER A 270 13.42 -23.67 22.11
C SER A 270 14.44 -24.66 22.68
N PRO A 271 15.56 -24.88 21.96
CA PRO A 271 16.58 -25.80 22.46
C PRO A 271 17.23 -25.16 23.67
N GLY A 272 17.65 -25.99 24.61
CA GLY A 272 18.11 -25.49 25.88
C GLY A 272 17.10 -25.84 26.96
N GLU A 273 17.60 -26.40 28.05
CA GLU A 273 16.79 -26.65 29.22
C GLU A 273 16.69 -25.33 29.99
N THR A 274 15.61 -25.17 30.75
CA THR A 274 15.44 -23.99 31.59
C THR A 274 16.47 -24.00 32.73
N GLU A 275 17.05 -22.84 33.04
CA GLU A 275 18.04 -22.75 34.12
C GLU A 275 17.49 -21.86 35.24
N ILE A 276 17.87 -22.20 36.48
CA ILE A 276 17.44 -21.40 37.63
C ILE A 276 18.50 -20.37 38.02
N TYR A 277 18.05 -19.14 38.22
CA TYR A 277 18.91 -18.03 38.59
C TYR A 277 18.14 -17.01 39.44
N GLN A 278 18.54 -16.88 40.70
CA GLN A 278 17.81 -16.10 41.69
C GLN A 278 16.34 -16.50 41.75
N GLY A 279 16.07 -17.80 41.60
CA GLY A 279 14.74 -18.34 41.73
C GLY A 279 13.85 -18.34 40.50
N ARG A 280 14.12 -17.45 39.54
CA ARG A 280 13.28 -17.33 38.35
C ARG A 280 13.78 -18.19 37.19
N GLN A 281 12.84 -18.83 36.51
CA GLN A 281 13.20 -19.64 35.37
C GLN A 281 13.77 -18.78 34.25
N PHE A 282 14.92 -19.19 33.73
CA PHE A 282 15.57 -18.48 32.63
C PHE A 282 16.06 -19.43 31.56
N LYS A 283 16.24 -18.91 30.35
CA LYS A 283 16.81 -19.68 29.26
C LYS A 283 18.08 -18.98 28.75
N VAL A 284 19.04 -19.79 28.28
CA VAL A 284 20.26 -19.28 27.71
C VAL A 284 20.02 -18.74 26.29
N TYR A 285 20.49 -17.53 26.01
CA TYR A 285 20.40 -16.97 24.67
C TYR A 285 21.72 -16.30 24.28
N ARG A 286 22.24 -16.64 23.11
CA ARG A 286 23.56 -16.13 22.71
C ARG A 286 23.69 -15.96 21.20
N GLY A 287 24.44 -14.94 20.78
CA GLY A 287 24.72 -14.76 19.37
C GLY A 287 25.52 -15.92 18.80
N MET A 288 25.42 -16.12 17.49
CA MET A 288 26.13 -17.22 16.85
C MET A 288 27.60 -16.87 16.66
N GLY A 289 27.91 -15.59 16.76
CA GLY A 289 29.29 -15.13 16.69
C GLY A 289 29.92 -14.79 18.03
N SER A 290 29.36 -15.33 19.12
CA SER A 290 29.93 -15.20 20.47
C SER A 290 30.80 -16.41 20.82
N VAL A 291 31.59 -16.27 21.88
CA VAL A 291 32.66 -17.21 22.18
C VAL A 291 32.14 -18.63 22.34
N GLY A 292 31.09 -18.77 23.12
CA GLY A 292 30.50 -20.08 23.37
C GLY A 292 29.91 -20.73 22.12
N ALA A 293 29.24 -19.93 21.29
CA ALA A 293 28.65 -20.49 20.08
C ALA A 293 29.71 -20.97 19.11
N MET A 294 30.79 -20.20 18.97
CA MET A 294 31.80 -20.47 17.96
C MET A 294 32.63 -21.71 18.29
N GLU A 295 32.86 -21.96 19.57
CA GLU A 295 33.61 -23.13 19.98
C GLU A 295 32.94 -24.42 19.56
N LYS A 309 39.96 -17.88 14.60
CA LYS A 309 40.71 -16.81 13.97
C LYS A 309 40.09 -15.46 14.27
N LEU A 310 38.77 -15.37 14.18
CA LEU A 310 38.07 -14.08 14.36
C LEU A 310 37.62 -13.80 15.80
N VAL A 311 37.46 -12.52 16.10
CA VAL A 311 37.00 -12.07 17.42
C VAL A 311 35.47 -12.15 17.44
N PRO A 312 34.90 -12.36 18.65
CA PRO A 312 33.43 -12.43 18.75
C PRO A 312 32.72 -11.19 18.22
N GLU A 313 31.53 -11.40 17.66
CA GLU A 313 30.67 -10.30 17.25
C GLU A 313 29.32 -10.44 17.97
N GLY A 314 29.30 -11.31 18.98
CA GLY A 314 28.10 -11.54 19.77
C GLY A 314 28.41 -11.69 21.26
N ILE A 315 27.39 -11.61 22.09
CA ILE A 315 27.54 -11.94 23.51
C ILE A 315 26.66 -13.09 23.94
N GLU A 316 26.90 -13.58 25.16
CA GLU A 316 26.17 -14.70 25.72
C GLU A 316 25.31 -14.21 26.86
N GLY A 317 24.01 -14.49 26.80
CA GLY A 317 23.13 -13.99 27.83
C GLY A 317 21.99 -14.90 28.25
N ARG A 318 21.01 -14.28 28.90
CA ARG A 318 19.85 -15.03 29.39
C ARG A 318 18.54 -14.24 29.31
N VAL A 319 17.46 -14.97 29.06
CA VAL A 319 16.15 -14.39 28.94
C VAL A 319 15.21 -15.18 29.81
N PRO A 320 14.17 -14.53 30.33
CA PRO A 320 13.19 -15.19 31.20
C PRO A 320 12.47 -16.27 30.45
N TYR A 321 12.03 -17.30 31.14
CA TYR A 321 11.17 -18.33 30.57
C TYR A 321 9.82 -17.71 30.32
N LYS A 322 9.16 -18.10 29.22
CA LYS A 322 7.86 -17.55 28.81
C LYS A 322 6.78 -18.65 28.69
N GLY A 323 7.22 -19.90 28.74
CA GLY A 323 6.32 -21.01 28.51
C GLY A 323 6.15 -21.24 27.03
N PRO A 324 5.02 -21.85 26.64
CA PRO A 324 4.72 -22.29 25.27
C PRO A 324 4.88 -21.20 24.22
N LEU A 325 5.36 -21.59 23.04
CA LEU A 325 5.49 -20.67 21.93
C LEU A 325 4.17 -19.94 21.61
N ALA A 326 3.06 -20.66 21.77
CA ALA A 326 1.75 -20.19 21.32
C ALA A 326 1.26 -18.90 22.01
N ASP A 327 1.47 -18.82 23.32
CA ASP A 327 1.13 -17.62 24.07
C ASP A 327 1.95 -16.42 23.60
N THR A 328 3.16 -16.67 23.11
CA THR A 328 4.02 -15.59 22.61
C THR A 328 3.60 -15.15 21.21
N VAL A 329 3.27 -16.12 20.37
CA VAL A 329 2.80 -15.84 19.02
C VAL A 329 1.46 -15.11 19.04
N HIS A 330 0.58 -15.48 19.95
CA HIS A 330 -0.75 -14.89 20.01
C HIS A 330 -0.69 -13.41 20.40
N GLN A 331 0.29 -13.08 21.23
CA GLN A 331 0.49 -11.69 21.64
C GLN A 331 1.14 -10.90 20.51
N LEU A 332 2.00 -11.58 19.75
CA LEU A 332 2.69 -10.99 18.63
C LEU A 332 1.72 -10.66 17.50
N VAL A 333 0.96 -11.66 17.06
CA VAL A 333 0.02 -11.45 15.98
C VAL A 333 -1.10 -10.52 16.44
N GLY A 334 -1.39 -10.55 17.73
CA GLY A 334 -2.44 -9.72 18.29
C GLY A 334 -2.08 -8.26 18.11
N GLY A 335 -0.80 -7.94 18.34
CA GLY A 335 -0.37 -6.57 18.23
C GLY A 335 -0.29 -6.15 16.77
N LEU A 336 0.16 -7.08 15.94
CA LEU A 336 0.23 -6.86 14.52
C LEU A 336 -1.16 -6.51 14.01
N ARG A 337 -2.15 -7.23 14.52
CA ARG A 337 -3.54 -7.06 14.08
C ARG A 337 -4.08 -5.73 14.55
N ALA A 338 -3.65 -5.27 15.72
CA ALA A 338 -4.15 -4.00 16.17
C ALA A 338 -3.41 -2.97 15.36
N GLY A 339 -2.16 -3.27 15.02
CA GLY A 339 -1.40 -2.40 14.15
C GLY A 339 -2.13 -2.19 12.85
N MET A 340 -2.54 -3.29 12.23
CA MET A 340 -3.20 -3.22 10.92
C MET A 340 -4.55 -2.52 10.94
N GLY A 341 -5.32 -2.73 12.01
CA GLY A 341 -6.57 -2.00 12.19
C GLY A 341 -6.43 -0.49 12.31
N TYR A 342 -5.36 -0.03 12.95
CA TYR A 342 -5.12 1.41 13.04
C TYR A 342 -4.68 2.01 11.70
N CYS A 343 -4.15 1.19 10.79
CA CYS A 343 -3.64 1.71 9.54
C CYS A 343 -4.67 1.51 8.42
N GLY A 344 -5.75 0.82 8.74
CA GLY A 344 -6.80 0.58 7.76
C GLY A 344 -6.38 -0.43 6.71
N ALA A 345 -5.52 -1.37 7.11
CA ALA A 345 -5.03 -2.40 6.20
C ALA A 345 -5.78 -3.73 6.34
N GLN A 346 -6.49 -4.10 5.28
CA GLN A 346 -7.15 -5.40 5.18
C GLN A 346 -6.11 -6.52 5.20
N ASP A 347 -4.99 -6.30 4.50
CA ASP A 347 -3.89 -7.28 4.46
C ASP A 347 -2.47 -6.66 4.63
N LEU A 348 -1.42 -7.47 4.45
CA LEU A 348 -0.06 -6.95 4.58
C LEU A 348 0.44 -6.23 3.32
N GLU A 349 -0.11 -6.54 2.15
CA GLU A 349 0.31 -5.79 0.96
C GLU A 349 -0.13 -4.31 1.06
N PHE A 350 -1.35 -4.09 1.54
CA PHE A 350 -1.83 -2.74 1.79
C PHE A 350 -0.83 -2.05 2.72
N LEU A 351 -0.59 -2.67 3.88
CA LEU A 351 0.34 -2.15 4.87
C LEU A 351 1.72 -1.80 4.29
N ARG A 352 2.35 -2.76 3.62
CA ARG A 352 3.62 -2.50 2.94
C ARG A 352 3.56 -1.28 2.01
N GLU A 353 2.48 -1.15 1.24
CA GLU A 353 2.43 -0.12 0.19
C GLU A 353 1.84 1.21 0.62
N ASN A 354 1.21 1.27 1.80
CA ASN A 354 0.39 2.43 2.11
C ASN A 354 0.66 3.10 3.45
N ALA A 355 1.25 2.36 4.39
CA ALA A 355 1.36 2.89 5.74
C ALA A 355 2.37 4.03 5.79
N GLN A 356 2.04 5.06 6.55
CA GLN A 356 2.90 6.22 6.64
C GLN A 356 3.45 6.33 8.05
N PHE A 357 4.75 6.61 8.15
CA PHE A 357 5.35 6.80 9.46
C PHE A 357 5.34 8.28 9.82
N ILE A 358 5.71 8.57 11.06
CA ILE A 358 6.02 9.93 11.47
C ILE A 358 7.23 9.81 12.40
N ARG A 359 8.10 10.81 12.41
CA ARG A 359 9.35 10.74 13.15
C ARG A 359 9.24 11.53 14.44
N MET A 360 10.02 11.15 15.44
CA MET A 360 9.97 11.85 16.72
C MET A 360 11.33 11.83 17.41
N SER A 361 11.53 12.79 18.31
CA SER A 361 12.70 12.81 19.18
C SER A 361 12.58 11.78 20.29
N GLY A 362 13.68 11.67 21.06
CA GLY A 362 13.70 10.94 22.32
C GLY A 362 12.52 11.25 23.22
N ALA A 363 12.16 12.53 23.38
CA ALA A 363 10.97 12.90 24.16
C ALA A 363 9.71 12.14 23.71
N GLY A 364 9.51 12.02 22.40
CA GLY A 364 8.39 11.26 21.87
C GLY A 364 8.41 9.77 22.21
N LEU A 365 9.59 9.15 22.16
CA LEU A 365 9.72 7.76 22.60
C LEU A 365 9.38 7.62 24.10
N LEU A 366 9.77 8.61 24.90
CA LEU A 366 9.47 8.59 26.33
C LEU A 366 7.97 8.68 26.60
N GLU A 367 7.28 9.36 25.69
CA GLU A 367 5.83 9.51 25.76
C GLU A 367 5.18 8.25 25.24
N SER A 368 5.92 7.51 24.42
CA SER A 368 5.39 6.34 23.74
C SER A 368 5.38 5.12 24.63
N HIS A 369 6.27 5.15 25.62
CA HIS A 369 6.27 4.14 26.65
C HIS A 369 5.45 4.68 27.81
N PRO A 370 4.78 3.80 28.55
CA PRO A 370 4.06 4.24 29.73
C PRO A 370 5.01 4.97 30.66
N HIS A 371 4.51 5.99 31.35
CA HIS A 371 5.38 6.91 32.07
C HIS A 371 4.67 7.49 33.27
N HIS A 372 5.44 7.96 34.25
CA HIS A 372 4.91 8.61 35.44
C HIS A 372 3.89 7.78 36.22
N VAL A 373 4.08 6.46 36.20
CA VAL A 373 3.22 5.57 36.97
C VAL A 373 4.05 4.34 37.40
N GLN A 374 3.88 3.91 38.65
CA GLN A 374 4.55 2.71 39.11
C GLN A 374 3.81 1.56 38.48
N ILE A 375 4.52 0.63 37.85
CA ILE A 375 3.82 -0.50 37.26
C ILE A 375 3.61 -1.63 38.29
N THR A 376 2.37 -2.10 38.37
CA THR A 376 1.95 -3.07 39.39
C THR A 376 2.20 -4.53 38.97
N LYS A 377 1.61 -4.94 37.87
CA LYS A 377 1.86 -6.29 37.34
C LYS A 377 2.36 -6.23 35.90
N GLU A 378 2.94 -7.32 35.43
CA GLU A 378 3.30 -7.46 34.04
C GLU A 378 2.04 -7.60 33.20
N ALA A 379 2.04 -6.99 32.02
CA ALA A 379 1.09 -7.36 30.98
C ALA A 379 1.76 -8.48 30.18
N PRO A 380 0.97 -9.30 29.47
CA PRO A 380 1.55 -10.39 28.67
C PRO A 380 2.25 -9.94 27.38
N ASN A 381 2.26 -8.63 27.10
CA ASN A 381 2.88 -8.11 25.87
C ASN A 381 3.81 -6.90 26.11
N TYR A 382 4.15 -6.66 27.36
CA TYR A 382 5.03 -5.56 27.74
C TYR A 382 5.76 -5.88 29.06
N SER A 383 7.07 -6.02 28.98
CA SER A 383 7.88 -6.44 30.13
C SER A 383 9.08 -5.52 30.33
N SER B 22 2.98 3.84 -9.53
CA SER B 22 2.21 4.56 -8.52
C SER B 22 3.02 4.65 -7.23
N ASN B 23 4.05 5.46 -7.25
CA ASN B 23 5.04 5.48 -6.18
C ASN B 23 4.93 6.53 -5.09
N ALA B 24 3.90 7.36 -5.10
CA ALA B 24 3.85 8.48 -4.17
C ALA B 24 3.80 8.06 -2.72
N MET B 25 2.96 7.06 -2.41
CA MET B 25 2.76 6.60 -1.05
C MET B 25 4.04 6.02 -0.47
N TRP B 26 4.79 5.32 -1.30
CA TRP B 26 6.01 4.65 -0.88
C TRP B 26 7.18 5.60 -0.61
N GLU B 27 7.31 6.63 -1.43
CA GLU B 27 8.38 7.60 -1.26
C GLU B 27 8.15 8.51 -0.06
N SER B 28 6.97 8.44 0.56
CA SER B 28 6.62 9.41 1.58
C SER B 28 6.45 8.79 2.99
N LYS B 29 6.78 7.51 3.10
CA LYS B 29 6.66 6.76 4.34
C LYS B 29 7.24 7.52 5.53
N PHE B 30 8.36 8.21 5.31
CA PHE B 30 9.11 8.82 6.41
C PHE B 30 9.25 10.35 6.34
N VAL B 31 8.34 11.07 5.72
CA VAL B 31 8.56 12.51 5.59
C VAL B 31 8.03 13.31 6.75
N LYS B 32 6.94 12.86 7.34
CA LYS B 32 6.34 13.60 8.44
C LYS B 32 7.15 13.58 9.75
N GLU B 33 7.10 14.69 10.46
CA GLU B 33 7.79 14.85 11.74
C GLU B 33 6.76 15.27 12.77
N GLY B 34 6.97 14.81 14.00
CA GLY B 34 6.04 15.01 15.11
C GLY B 34 6.70 15.52 16.37
N LEU B 35 6.05 16.49 17.00
CA LEU B 35 6.58 17.11 18.19
C LEU B 35 5.75 16.71 19.39
N THR B 36 6.35 16.72 20.58
CA THR B 36 5.55 16.48 21.76
C THR B 36 5.82 17.46 22.89
N PHE B 37 5.16 17.30 24.03
CA PHE B 37 5.22 18.29 25.12
C PHE B 37 6.64 18.63 25.53
N ASP B 38 7.48 17.63 25.59
CA ASP B 38 8.79 17.82 26.17
C ASP B 38 9.83 18.26 25.12
N ASP B 39 9.41 18.40 23.87
CA ASP B 39 10.26 18.90 22.79
C ASP B 39 10.23 20.44 22.64
N VAL B 40 9.32 21.09 23.36
CA VAL B 40 9.03 22.49 23.10
C VAL B 40 8.86 23.29 24.38
N LEU B 41 8.85 24.61 24.22
CA LEU B 41 8.60 25.55 25.31
C LEU B 41 7.75 26.66 24.74
N LEU B 42 6.85 27.22 25.52
CA LEU B 42 6.13 28.39 25.05
C LEU B 42 6.99 29.62 25.24
N VAL B 43 7.11 30.41 24.18
CA VAL B 43 7.87 31.67 24.18
C VAL B 43 7.11 32.84 24.82
N PRO B 44 7.74 33.53 25.78
CA PRO B 44 7.12 34.66 26.49
C PRO B 44 6.85 35.82 25.56
N ALA B 45 5.67 36.42 25.69
CA ALA B 45 5.30 37.51 24.82
C ALA B 45 4.91 38.73 25.65
N LYS B 46 4.78 39.88 25.00
CA LYS B 46 4.36 41.10 25.68
C LYS B 46 3.06 40.88 26.43
N SER B 47 3.05 41.26 27.71
CA SER B 47 1.89 41.02 28.57
C SER B 47 1.50 42.25 29.36
N ASP B 48 0.20 42.48 29.48
CA ASP B 48 -0.33 43.61 30.23
C ASP B 48 -1.37 43.03 31.17
N VAL B 49 -1.30 41.73 31.35
CA VAL B 49 -2.28 41.00 32.14
C VAL B 49 -1.57 40.14 33.20
N LEU B 50 -2.21 39.98 34.35
CA LEU B 50 -1.67 39.18 35.44
C LEU B 50 -2.44 37.87 35.51
N PRO B 51 -1.78 36.79 35.95
CA PRO B 51 -2.39 35.46 36.09
C PRO B 51 -3.80 35.53 36.66
N ARG B 52 -4.00 36.37 37.68
CA ARG B 52 -5.31 36.49 38.33
C ARG B 52 -6.35 37.22 37.44
N GLU B 53 -5.86 38.12 36.59
CA GLU B 53 -6.75 38.87 35.71
C GLU B 53 -7.27 38.06 34.53
N VAL B 54 -6.54 37.01 34.16
CA VAL B 54 -6.89 36.22 32.98
C VAL B 54 -8.13 35.34 33.18
N SER B 55 -8.76 35.01 32.05
CA SER B 55 -9.97 34.20 32.05
C SER B 55 -9.67 32.84 31.46
N VAL B 56 -10.13 31.79 32.16
CA VAL B 56 -9.89 30.42 31.73
C VAL B 56 -11.17 29.71 31.29
N LYS B 57 -12.27 30.45 31.21
CA LYS B 57 -13.53 29.90 30.72
C LYS B 57 -13.41 29.49 29.23
N THR B 58 -14.14 28.47 28.81
CA THR B 58 -14.25 28.11 27.40
C THR B 58 -15.65 27.62 27.05
N VAL B 59 -16.00 27.83 25.79
CA VAL B 59 -17.29 27.39 25.29
C VAL B 59 -17.06 26.20 24.37
N LEU B 60 -17.56 25.05 24.77
CA LEU B 60 -17.43 23.85 23.93
C LEU B 60 -18.57 23.69 22.91
N SER B 61 -19.72 24.27 23.24
CA SER B 61 -20.88 24.30 22.36
C SER B 61 -21.94 25.16 22.99
N GLU B 62 -23.14 25.14 22.41
CA GLU B 62 -24.20 26.02 22.87
C GLU B 62 -24.88 25.55 24.14
N SER B 63 -24.59 24.33 24.58
CA SER B 63 -25.17 23.89 25.83
C SER B 63 -24.08 23.49 26.83
N LEU B 64 -22.83 23.40 26.37
CA LEU B 64 -21.72 22.97 27.21
C LEU B 64 -20.62 24.02 27.40
N GLN B 65 -20.57 24.61 28.59
CA GLN B 65 -19.56 25.61 28.93
C GLN B 65 -18.88 25.29 30.28
N LEU B 66 -17.56 25.23 30.27
CA LEU B 66 -16.76 24.96 31.48
C LEU B 66 -16.07 26.23 31.95
N ASN B 67 -15.89 26.38 33.25
CA ASN B 67 -15.18 27.54 33.78
C ASN B 67 -13.67 27.33 33.85
N ILE B 68 -13.26 26.08 33.74
CA ILE B 68 -11.83 25.73 33.68
C ILE B 68 -11.67 24.60 32.65
N PRO B 69 -10.55 24.61 31.92
CA PRO B 69 -10.44 23.74 30.74
C PRO B 69 -10.00 22.32 31.04
N LEU B 70 -10.62 21.72 32.05
CA LEU B 70 -10.21 20.43 32.59
C LEU B 70 -11.35 19.43 32.63
N ILE B 71 -11.06 18.22 32.16
CA ILE B 71 -12.04 17.14 32.11
C ILE B 71 -11.38 15.89 32.67
N SER B 72 -12.01 15.24 33.65
CA SER B 72 -11.43 14.02 34.23
C SER B 72 -11.85 12.82 33.41
N ALA B 73 -10.90 11.94 33.13
CA ALA B 73 -11.07 10.87 32.16
C ALA B 73 -12.10 9.83 32.58
N GLY B 74 -12.88 9.38 31.59
CA GLY B 74 -13.85 8.30 31.78
C GLY B 74 -13.22 6.93 31.98
N MET B 75 -12.39 6.79 33.01
CA MET B 75 -11.73 5.52 33.28
C MET B 75 -12.15 4.96 34.66
N ASP B 76 -12.10 3.65 34.84
CA ASP B 76 -12.66 3.08 36.08
C ASP B 76 -11.83 3.30 37.35
N THR B 77 -10.68 3.96 37.24
CA THR B 77 -9.92 4.34 38.43
C THR B 77 -9.81 5.85 38.56
N VAL B 78 -10.62 6.57 37.77
CA VAL B 78 -10.58 8.03 37.78
C VAL B 78 -11.92 8.67 38.12
N THR B 79 -12.95 8.39 37.34
CA THR B 79 -14.19 9.14 37.47
C THR B 79 -15.41 8.30 37.72
N GLU B 80 -16.06 8.55 38.85
CA GLU B 80 -17.41 8.07 39.07
C GLU B 80 -18.24 9.26 39.58
N ALA B 81 -19.34 9.01 40.28
CA ALA B 81 -20.21 10.09 40.71
C ALA B 81 -19.54 11.11 41.64
N ASP B 82 -18.62 10.65 42.47
CA ASP B 82 -18.05 11.58 43.43
C ASP B 82 -17.00 12.46 42.77
N MET B 83 -16.26 11.85 41.85
CA MET B 83 -15.32 12.58 41.00
C MET B 83 -16.01 13.62 40.12
N ALA B 84 -17.14 13.26 39.52
CA ALA B 84 -17.79 14.17 38.59
C ALA B 84 -18.35 15.38 39.34
N ILE B 85 -18.84 15.13 40.54
CA ILE B 85 -19.44 16.16 41.37
C ILE B 85 -18.36 17.15 41.80
N ALA B 86 -17.21 16.63 42.21
CA ALA B 86 -16.12 17.50 42.60
C ALA B 86 -15.59 18.25 41.36
N MET B 87 -15.56 17.58 40.22
CA MET B 87 -15.10 18.23 39.00
C MET B 87 -15.99 19.40 38.62
N ALA B 88 -17.29 19.20 38.71
CA ALA B 88 -18.21 20.21 38.24
C ALA B 88 -18.13 21.39 39.18
N ARG B 89 -17.75 21.12 40.42
CA ARG B 89 -17.69 22.16 41.43
C ARG B 89 -16.43 22.99 41.30
N GLN B 90 -15.37 22.42 40.76
CA GLN B 90 -14.17 23.20 40.51
C GLN B 90 -14.30 24.08 39.25
N GLY B 91 -15.43 23.93 38.55
CA GLY B 91 -15.67 24.61 37.30
C GLY B 91 -15.32 23.76 36.09
N GLY B 92 -15.00 22.49 36.30
CA GLY B 92 -14.70 21.60 35.19
C GLY B 92 -15.84 20.65 34.87
N LEU B 93 -15.48 19.46 34.39
CA LEU B 93 -16.44 18.43 34.03
C LEU B 93 -15.84 17.05 34.27
N GLY B 94 -16.67 16.06 34.61
CA GLY B 94 -16.22 14.67 34.68
C GLY B 94 -17.01 13.74 33.77
N ILE B 95 -16.33 12.74 33.23
CA ILE B 95 -16.99 11.78 32.34
C ILE B 95 -17.12 10.47 33.03
N ILE B 96 -18.34 10.06 33.36
CA ILE B 96 -18.53 8.81 34.05
C ILE B 96 -18.21 7.64 33.14
N HIS B 97 -17.28 6.77 33.56
CA HIS B 97 -16.81 5.65 32.73
C HIS B 97 -17.91 4.66 32.44
N LYS B 98 -17.67 3.78 31.47
CA LYS B 98 -18.70 2.84 31.00
C LYS B 98 -18.51 1.42 31.52
N ASN B 99 -17.49 1.22 32.36
CA ASN B 99 -17.30 -0.10 32.95
C ASN B 99 -18.26 -0.37 34.11
N MET B 100 -19.56 -0.29 33.79
CA MET B 100 -20.63 -0.62 34.72
C MET B 100 -21.90 -1.00 33.93
N SER B 101 -23.00 -1.21 34.63
CA SER B 101 -24.23 -1.53 33.92
C SER B 101 -24.78 -0.23 33.34
N ILE B 102 -25.56 -0.35 32.26
CA ILE B 102 -26.33 0.76 31.73
C ILE B 102 -27.05 1.48 32.84
N GLU B 103 -27.77 0.71 33.65
CA GLU B 103 -28.59 1.23 34.73
C GLU B 103 -27.78 1.99 35.78
N GLN B 104 -26.61 1.46 36.14
CA GLN B 104 -25.82 2.07 37.21
C GLN B 104 -25.22 3.38 36.74
N GLN B 105 -24.86 3.43 35.46
CA GLN B 105 -24.24 4.62 34.94
C GLN B 105 -25.29 5.72 34.92
N ALA B 106 -26.52 5.33 34.61
CA ALA B 106 -27.64 6.28 34.64
C ALA B 106 -27.84 6.87 36.03
N GLU B 107 -27.80 6.02 37.06
CA GLU B 107 -27.91 6.48 38.44
C GLU B 107 -26.82 7.48 38.81
N GLN B 108 -25.60 7.20 38.34
CA GLN B 108 -24.47 8.09 38.58
C GLN B 108 -24.70 9.45 37.94
N VAL B 109 -25.17 9.46 36.68
CA VAL B 109 -25.51 10.72 36.03
C VAL B 109 -26.62 11.42 36.82
N ASP B 110 -27.67 10.67 37.13
CA ASP B 110 -28.78 11.18 37.96
C ASP B 110 -28.23 11.82 39.24
N LYS B 111 -27.35 11.11 39.92
CA LYS B 111 -26.78 11.60 41.18
C LYS B 111 -26.05 12.92 41.03
N VAL B 112 -25.18 13.03 40.03
CA VAL B 112 -24.43 14.26 39.84
C VAL B 112 -25.41 15.41 39.57
N LYS B 113 -26.43 15.13 38.78
CA LYS B 113 -27.38 16.16 38.36
C LYS B 113 -28.11 16.79 39.54
N ARG B 114 -28.47 15.97 40.53
CA ARG B 114 -29.27 16.41 41.66
C ARG B 114 -28.52 17.31 42.64
N SER B 115 -27.19 17.21 42.64
CA SER B 115 -26.38 17.92 43.61
C SER B 115 -26.04 19.37 43.23
N GLY B 116 -27.04 20.11 42.72
CA GLY B 116 -26.86 21.53 42.44
C GLY B 116 -26.93 21.98 40.98
N GLY B 117 -27.50 21.16 40.11
CA GLY B 117 -27.51 21.46 38.68
C GLY B 117 -26.11 21.42 38.08
N LEU B 118 -25.30 20.48 38.56
CA LEU B 118 -23.97 20.27 38.03
C LEU B 118 -23.99 19.66 36.63
N LEU B 119 -22.98 19.99 35.83
CA LEU B 119 -22.75 19.34 34.53
C LEU B 119 -22.13 17.95 34.74
N VAL B 120 -22.25 17.08 33.75
CA VAL B 120 -21.71 15.73 33.84
C VAL B 120 -21.67 15.04 32.48
N GLY B 121 -20.62 14.28 32.22
CA GLY B 121 -20.59 13.49 31.00
C GLY B 121 -20.54 12.01 31.32
N ALA B 122 -20.87 11.19 30.33
CA ALA B 122 -20.75 9.74 30.44
C ALA B 122 -20.08 9.16 29.20
N ALA B 123 -19.35 8.06 29.36
CA ALA B 123 -18.71 7.42 28.20
C ALA B 123 -19.57 6.29 27.65
N VAL B 124 -19.66 6.21 26.33
CA VAL B 124 -20.35 5.09 25.69
C VAL B 124 -19.46 4.49 24.62
N GLY B 125 -19.45 3.17 24.52
CA GLY B 125 -18.64 2.51 23.52
C GLY B 125 -19.36 2.31 22.19
N VAL B 126 -18.59 1.92 21.17
CA VAL B 126 -19.17 1.65 19.87
C VAL B 126 -19.61 0.20 19.83
N THR B 127 -20.85 -0.05 20.23
CA THR B 127 -21.39 -1.39 20.27
C THR B 127 -22.85 -1.36 19.80
N ALA B 128 -23.56 -2.47 19.98
CA ALA B 128 -24.97 -2.53 19.62
C ALA B 128 -25.84 -2.09 20.79
N ASP B 129 -25.29 -2.22 22.00
CA ASP B 129 -25.93 -1.75 23.23
C ASP B 129 -25.75 -0.24 23.36
N ALA B 130 -25.00 0.35 22.43
CA ALA B 130 -24.67 1.77 22.47
C ALA B 130 -25.92 2.69 22.45
N MET B 131 -26.84 2.46 21.52
CA MET B 131 -28.07 3.26 21.50
C MET B 131 -28.94 3.07 22.74
N THR B 132 -28.99 1.83 23.23
CA THR B 132 -29.75 1.54 24.43
C THR B 132 -29.16 2.30 25.61
N ARG B 133 -27.84 2.36 25.67
CA ARG B 133 -27.15 3.03 26.77
C ARG B 133 -27.32 4.54 26.73
N ILE B 134 -27.32 5.10 25.52
CA ILE B 134 -27.40 6.54 25.36
C ILE B 134 -28.80 7.01 25.71
N ASP B 135 -29.78 6.17 25.39
CA ASP B 135 -31.18 6.47 25.68
C ASP B 135 -31.34 6.74 27.18
N ALA B 136 -30.75 5.87 27.99
CA ALA B 136 -30.83 6.02 29.44
C ALA B 136 -30.06 7.24 29.96
N LEU B 137 -28.86 7.47 29.45
CA LEU B 137 -28.06 8.57 29.98
C LEU B 137 -28.70 9.92 29.71
N VAL B 138 -29.45 10.00 28.61
CA VAL B 138 -30.12 11.24 28.22
C VAL B 138 -31.43 11.45 29.00
N LYS B 139 -32.19 10.38 29.18
CA LYS B 139 -33.32 10.41 30.08
C LYS B 139 -32.81 10.73 31.49
N ALA B 140 -31.54 10.43 31.76
CA ALA B 140 -30.86 10.81 33.00
C ALA B 140 -30.36 12.26 32.99
N SER B 141 -30.54 12.94 31.86
CA SER B 141 -30.13 14.34 31.63
C SER B 141 -28.63 14.57 31.44
N VAL B 142 -27.96 13.61 30.79
CA VAL B 142 -26.53 13.73 30.53
C VAL B 142 -26.25 14.95 29.64
N ASP B 143 -25.27 15.75 30.04
CA ASP B 143 -24.95 16.99 29.33
C ASP B 143 -24.13 16.73 28.07
N ALA B 144 -23.41 15.60 28.05
CA ALA B 144 -22.68 15.16 26.86
C ALA B 144 -22.44 13.66 26.94
N ILE B 145 -22.38 12.98 25.80
CA ILE B 145 -21.83 11.64 25.76
C ILE B 145 -20.52 11.68 25.02
N VAL B 146 -19.63 10.76 25.38
CA VAL B 146 -18.34 10.62 24.74
C VAL B 146 -18.30 9.24 24.11
N LEU B 147 -18.17 9.17 22.79
CA LEU B 147 -17.95 7.87 22.14
C LEU B 147 -16.46 7.59 22.04
N ASP B 148 -15.88 7.05 23.11
CA ASP B 148 -14.44 6.80 23.17
C ASP B 148 -14.13 5.45 22.51
N THR B 149 -13.13 5.42 21.65
CA THR B 149 -12.71 4.15 21.05
C THR B 149 -11.24 4.21 20.77
N ALA B 150 -10.64 3.05 20.55
CA ALA B 150 -9.23 3.00 20.25
C ALA B 150 -8.98 3.62 18.87
N HIS B 151 -9.87 3.35 17.92
CA HIS B 151 -9.71 3.95 16.60
C HIS B 151 -10.93 4.75 16.11
N GLY B 152 -11.02 6.01 16.54
CA GLY B 152 -12.10 6.91 16.17
C GLY B 152 -12.18 7.21 14.69
N HIS B 153 -11.15 6.84 13.93
CA HIS B 153 -11.23 6.99 12.49
C HIS B 153 -11.64 5.67 11.88
N SER B 154 -12.91 5.33 12.04
CA SER B 154 -13.41 4.03 11.60
C SER B 154 -14.82 4.18 11.01
N GLN B 155 -15.25 3.25 10.18
CA GLN B 155 -16.63 3.32 9.73
C GLN B 155 -17.55 3.05 10.91
N GLY B 156 -17.16 2.09 11.74
CA GLY B 156 -17.90 1.75 12.93
C GLY B 156 -18.18 2.96 13.79
N VAL B 157 -17.18 3.83 13.94
CA VAL B 157 -17.36 5.03 14.75
C VAL B 157 -18.20 6.05 14.04
N ILE B 158 -17.87 6.29 12.77
CA ILE B 158 -18.56 7.31 12.00
C ILE B 158 -20.05 6.99 11.85
N ASP B 159 -20.37 5.74 11.60
CA ASP B 159 -21.77 5.36 11.43
C ASP B 159 -22.54 5.41 12.74
N LYS B 160 -21.83 5.26 13.85
CA LYS B 160 -22.48 5.36 15.15
C LYS B 160 -22.73 6.84 15.54
N VAL B 161 -21.79 7.72 15.18
CA VAL B 161 -21.99 9.16 15.40
C VAL B 161 -23.15 9.69 14.57
N LYS B 162 -23.28 9.25 13.33
CA LYS B 162 -24.42 9.65 12.52
C LYS B 162 -25.69 9.15 13.21
N GLU B 163 -25.72 7.86 13.50
CA GLU B 163 -26.86 7.20 14.11
C GLU B 163 -27.35 7.94 15.37
N VAL B 164 -26.41 8.42 16.21
CA VAL B 164 -26.78 9.18 17.41
C VAL B 164 -27.28 10.59 17.10
N ARG B 165 -26.57 11.28 16.21
CA ARG B 165 -26.93 12.62 15.77
C ARG B 165 -28.30 12.64 15.09
N ALA B 166 -28.62 11.58 14.37
CA ALA B 166 -29.96 11.43 13.78
C ALA B 166 -31.01 11.39 14.90
N LYS B 167 -30.83 10.48 15.85
CA LYS B 167 -31.77 10.32 16.95
C LYS B 167 -31.78 11.51 17.90
N TYR B 168 -30.60 11.93 18.36
CA TYR B 168 -30.49 13.01 19.34
C TYR B 168 -29.81 14.25 18.79
N PRO B 169 -30.56 15.06 18.02
CA PRO B 169 -30.00 16.19 17.28
C PRO B 169 -29.57 17.32 18.22
N SER B 170 -30.04 17.29 19.46
CA SER B 170 -29.67 18.32 20.42
C SER B 170 -28.48 17.90 21.32
N LEU B 171 -27.98 16.67 21.12
CA LEU B 171 -27.01 16.06 22.03
C LEU B 171 -25.54 16.40 21.77
N ASN B 172 -24.86 16.92 22.79
CA ASN B 172 -23.43 17.13 22.71
C ASN B 172 -22.69 15.81 22.58
N ILE B 173 -22.08 15.59 21.42
CA ILE B 173 -21.32 14.36 21.18
C ILE B 173 -19.82 14.63 21.12
N ILE B 174 -19.06 13.96 21.97
CA ILE B 174 -17.63 14.08 21.91
C ILE B 174 -17.08 12.78 21.31
N ALA B 175 -16.46 12.85 20.13
CA ALA B 175 -16.06 11.62 19.48
C ALA B 175 -14.54 11.49 19.36
N GLY B 176 -14.06 10.25 19.37
CA GLY B 176 -12.63 9.99 19.32
C GLY B 176 -12.36 8.51 19.52
N ASN B 177 -11.10 8.16 19.75
CA ASN B 177 -10.01 9.10 19.72
C ASN B 177 -9.37 9.22 18.34
N VAL B 178 -8.91 10.41 17.99
CA VAL B 178 -8.27 10.62 16.69
C VAL B 178 -6.94 11.35 16.80
N ALA B 179 -6.04 11.08 15.86
CA ALA B 179 -4.77 11.78 15.81
C ALA B 179 -4.45 12.49 14.50
N THR B 180 -5.41 12.54 13.57
CA THR B 180 -5.15 13.12 12.26
C THR B 180 -6.24 14.07 11.80
N ALA B 181 -5.87 14.97 10.90
CA ALA B 181 -6.82 15.88 10.30
C ALA B 181 -7.88 15.18 9.47
N GLU B 182 -7.49 14.15 8.74
CA GLU B 182 -8.46 13.45 7.90
C GLU B 182 -9.50 12.87 8.82
N ALA B 183 -9.05 12.32 9.93
CA ALA B 183 -9.92 11.77 10.96
C ALA B 183 -10.81 12.81 11.64
N THR B 184 -10.23 13.95 12.00
CA THR B 184 -11.01 15.00 12.63
C THR B 184 -12.14 15.47 11.71
N LYS B 185 -11.84 15.62 10.41
CA LYS B 185 -12.83 16.00 9.41
C LYS B 185 -13.93 14.96 9.26
N ALA B 186 -13.52 13.70 9.23
CA ALA B 186 -14.46 12.58 9.17
C ALA B 186 -15.50 12.56 10.31
N LEU B 187 -15.09 12.81 11.55
CA LEU B 187 -16.07 12.80 12.65
C LEU B 187 -16.92 14.07 12.70
N ILE B 188 -16.38 15.20 12.24
CA ILE B 188 -17.16 16.45 12.23
C ILE B 188 -18.33 16.36 11.23
N GLU B 189 -18.06 15.77 10.06
CA GLU B 189 -19.08 15.55 9.03
C GLU B 189 -19.94 14.34 9.34
N ALA B 190 -19.72 13.74 10.50
CA ALA B 190 -20.55 12.65 10.98
C ALA B 190 -21.52 13.22 12.01
N GLY B 191 -21.23 14.44 12.46
CA GLY B 191 -22.07 15.12 13.43
C GLY B 191 -21.51 15.27 14.83
N ALA B 192 -20.19 15.16 14.99
CA ALA B 192 -19.59 15.27 16.31
C ALA B 192 -19.46 16.73 16.70
N ASN B 193 -19.90 17.07 17.91
CA ASN B 193 -19.71 18.42 18.41
C ASN B 193 -18.27 18.67 18.72
N VAL B 194 -17.65 17.70 19.37
CA VAL B 194 -16.31 17.89 19.86
C VAL B 194 -15.47 16.69 19.44
N VAL B 195 -14.21 16.93 19.16
CA VAL B 195 -13.32 15.88 18.72
C VAL B 195 -12.25 15.64 19.80
N LYS B 196 -12.05 14.38 20.16
CA LYS B 196 -11.04 14.05 21.16
C LYS B 196 -9.73 13.53 20.51
N VAL B 197 -8.62 14.15 20.92
CA VAL B 197 -7.37 13.93 20.25
C VAL B 197 -6.38 13.18 21.13
N GLY B 198 -5.77 12.14 20.57
CA GLY B 198 -4.79 11.34 21.28
C GLY B 198 -4.79 9.84 21.06
N ILE B 199 -3.96 9.37 20.16
CA ILE B 199 -3.71 7.95 20.05
C ILE B 199 -2.34 7.64 20.61
N GLY B 200 -2.31 6.91 21.72
CA GLY B 200 -1.06 6.46 22.32
C GLY B 200 -0.24 7.31 23.26
N PRO B 201 -0.72 8.47 23.64
CA PRO B 201 0.06 9.36 24.49
C PRO B 201 -0.07 9.07 25.97
N GLY B 202 -0.99 8.19 26.33
CA GLY B 202 -1.34 7.98 27.72
C GLY B 202 -0.26 7.42 28.61
N SER B 203 -0.25 7.87 29.85
CA SER B 203 0.74 7.44 30.82
C SER B 203 0.67 5.96 31.11
N ILE B 204 -0.54 5.42 31.12
CA ILE B 204 -0.75 4.00 31.37
C ILE B 204 -0.85 3.20 30.08
N CYS B 205 -0.57 3.84 28.96
CA CYS B 205 -0.85 3.31 27.63
C CYS B 205 0.35 2.62 26.95
N THR B 206 0.09 1.52 26.25
CA THR B 206 1.15 0.78 25.57
C THR B 206 0.88 0.58 24.08
N THR B 207 -0.18 1.20 23.56
CA THR B 207 -0.51 1.15 22.13
C THR B 207 0.68 1.30 21.16
N ARG B 208 1.51 2.30 21.38
CA ARG B 208 2.68 2.56 20.56
C ARG B 208 3.73 1.42 20.59
N VAL B 209 3.75 0.69 21.70
CA VAL B 209 4.65 -0.45 21.88
C VAL B 209 4.08 -1.75 21.32
N VAL B 210 2.80 -1.98 21.52
CA VAL B 210 2.21 -3.21 21.00
C VAL B 210 1.83 -3.13 19.52
N ALA B 211 1.54 -1.94 19.01
CA ALA B 211 0.95 -1.89 17.69
C ALA B 211 1.72 -0.95 16.77
N GLY B 212 2.63 -0.18 17.35
CA GLY B 212 3.56 0.63 16.59
C GLY B 212 2.99 1.98 16.19
N VAL B 213 1.77 2.24 16.64
CA VAL B 213 0.97 3.30 16.02
C VAL B 213 0.81 4.50 16.95
N GLY B 214 1.07 5.69 16.41
CA GLY B 214 0.80 6.92 17.14
C GLY B 214 1.14 8.21 16.42
N VAL B 215 0.75 9.33 17.04
CA VAL B 215 1.26 10.64 16.63
C VAL B 215 1.67 11.29 17.94
N PRO B 216 2.86 11.93 17.99
CA PRO B 216 3.23 12.67 19.20
C PRO B 216 2.16 13.72 19.51
N GLN B 217 1.79 13.82 20.77
CA GLN B 217 0.55 14.48 21.13
C GLN B 217 0.45 15.91 20.68
N LEU B 218 1.52 16.68 20.80
CA LEU B 218 1.46 18.11 20.52
C LEU B 218 1.14 18.36 19.06
N THR B 219 1.75 17.55 18.21
CA THR B 219 1.48 17.59 16.80
C THR B 219 0.07 17.09 16.49
N ALA B 220 -0.39 16.06 17.20
CA ALA B 220 -1.71 15.51 16.92
C ALA B 220 -2.76 16.55 17.26
N VAL B 221 -2.62 17.18 18.43
CA VAL B 221 -3.50 18.27 18.81
C VAL B 221 -3.48 19.37 17.73
N TYR B 222 -2.30 19.64 17.19
CA TYR B 222 -2.14 20.78 16.30
C TYR B 222 -2.73 20.57 14.91
N ASP B 223 -2.41 19.44 14.30
CA ASP B 223 -2.98 19.06 13.04
C ASP B 223 -4.50 18.99 13.14
N CYS B 224 -5.01 18.39 14.21
CA CYS B 224 -6.45 18.29 14.44
C CYS B 224 -7.12 19.65 14.75
N ALA B 225 -6.46 20.48 15.54
CA ALA B 225 -7.02 21.78 15.85
C ALA B 225 -7.12 22.56 14.56
N THR B 226 -6.18 22.29 13.66
CA THR B 226 -6.12 22.99 12.38
C THR B 226 -7.35 22.69 11.55
N GLU B 227 -7.76 21.43 11.52
CA GLU B 227 -8.95 21.05 10.79
C GLU B 227 -10.20 21.54 11.54
N ALA B 228 -10.28 21.24 12.82
CA ALA B 228 -11.47 21.59 13.63
C ALA B 228 -11.81 23.09 13.58
N ARG B 229 -10.79 23.90 13.31
CA ARG B 229 -10.94 25.34 13.30
C ARG B 229 -11.78 25.76 12.11
N LYS B 230 -11.37 25.29 10.93
CA LYS B 230 -12.09 25.51 9.68
C LYS B 230 -13.62 25.31 9.80
N HIS B 231 -14.05 24.44 10.70
CA HIS B 231 -15.47 24.13 10.84
C HIS B 231 -16.06 24.73 12.12
N GLY B 232 -15.24 25.40 12.92
CA GLY B 232 -15.68 25.99 14.18
C GLY B 232 -15.87 24.98 15.31
N ILE B 233 -15.14 23.87 15.26
CA ILE B 233 -15.27 22.79 16.23
C ILE B 233 -14.08 22.79 17.21
N PRO B 234 -14.35 22.54 18.51
CA PRO B 234 -13.27 22.47 19.50
C PRO B 234 -12.68 21.07 19.64
N VAL B 235 -11.39 20.99 19.96
CA VAL B 235 -10.74 19.69 20.24
C VAL B 235 -10.34 19.52 21.69
N ILE B 236 -10.34 18.28 22.13
CA ILE B 236 -9.97 17.93 23.48
C ILE B 236 -8.66 17.20 23.49
N ALA B 237 -7.65 17.77 24.15
CA ALA B 237 -6.34 17.14 24.28
C ALA B 237 -6.47 16.06 25.32
N ASP B 238 -6.17 14.82 24.96
CA ASP B 238 -6.46 13.72 25.87
C ASP B 238 -5.27 12.77 26.02
N GLY B 239 -4.56 12.86 27.14
CA GLY B 239 -3.45 11.97 27.43
C GLY B 239 -2.08 12.63 27.38
N GLY B 240 -1.14 12.11 28.18
CA GLY B 240 0.24 12.56 28.12
C GLY B 240 0.59 13.80 28.93
N ILE B 241 -0.39 14.35 29.64
CA ILE B 241 -0.12 15.49 30.49
C ILE B 241 0.47 15.04 31.84
N LYS B 242 1.71 15.44 32.12
CA LYS B 242 2.41 15.02 33.35
C LYS B 242 2.44 16.16 34.38
N TYR B 243 2.67 17.38 33.89
CA TYR B 243 2.71 18.55 34.77
C TYR B 243 1.83 19.63 34.17
N SER B 244 1.55 20.66 34.95
CA SER B 244 0.64 21.71 34.52
C SER B 244 1.15 22.48 33.28
N GLY B 245 2.46 22.58 33.13
CA GLY B 245 3.01 23.26 31.97
C GLY B 245 2.60 22.56 30.70
N ASP B 246 2.39 21.26 30.78
CA ASP B 246 2.01 20.51 29.58
C ASP B 246 0.57 20.88 29.16
N MET B 247 -0.29 21.11 30.15
CA MET B 247 -1.63 21.62 29.90
C MET B 247 -1.61 22.94 29.08
N VAL B 248 -0.74 23.87 29.45
CA VAL B 248 -0.69 25.15 28.74
C VAL B 248 -0.31 24.92 27.27
N LYS B 249 0.74 24.13 27.06
CA LYS B 249 1.19 23.67 25.75
C LYS B 249 0.06 23.04 24.94
N ALA B 250 -0.68 22.12 25.54
CA ALA B 250 -1.79 21.51 24.81
C ALA B 250 -2.82 22.55 24.40
N LEU B 251 -3.18 23.45 25.31
CA LEU B 251 -4.14 24.49 24.97
C LEU B 251 -3.56 25.42 23.92
N ALA B 252 -2.32 25.88 24.16
CA ALA B 252 -1.66 26.81 23.25
C ALA B 252 -1.46 26.21 21.88
N ALA B 253 -1.41 24.88 21.80
CA ALA B 253 -1.31 24.19 20.52
C ALA B 253 -2.61 24.25 19.72
N GLY B 254 -3.74 24.50 20.38
CA GLY B 254 -5.00 24.61 19.65
C GLY B 254 -6.20 23.96 20.33
N ALA B 255 -5.95 23.10 21.31
CA ALA B 255 -7.02 22.45 22.10
C ALA B 255 -7.80 23.45 22.95
N HIS B 256 -9.11 23.25 23.04
CA HIS B 256 -9.94 24.15 23.80
C HIS B 256 -9.91 23.68 25.22
N VAL B 257 -9.65 22.38 25.38
CA VAL B 257 -9.86 21.70 26.64
C VAL B 257 -8.96 20.45 26.71
N VAL B 258 -8.59 20.06 27.93
CA VAL B 258 -7.69 18.93 28.11
C VAL B 258 -8.31 17.88 29.00
N MET B 259 -7.89 16.63 28.82
CA MET B 259 -8.42 15.50 29.57
C MET B 259 -7.27 14.85 30.30
N LEU B 260 -7.46 14.66 31.59
CA LEU B 260 -6.43 14.13 32.45
C LEU B 260 -6.88 12.84 33.10
N GLY B 261 -5.98 11.87 33.11
CA GLY B 261 -6.19 10.67 33.87
C GLY B 261 -5.31 10.73 35.07
N SER B 262 -4.04 10.40 34.83
CA SER B 262 -2.96 10.33 35.81
C SER B 262 -3.00 11.40 36.90
N MET B 263 -2.94 12.67 36.51
CA MET B 263 -2.95 13.77 37.48
C MET B 263 -4.17 13.80 38.39
N PHE B 264 -5.16 12.97 38.08
CA PHE B 264 -6.40 12.94 38.83
C PHE B 264 -6.63 11.65 39.61
N ALA B 265 -5.93 10.58 39.21
CA ALA B 265 -6.18 9.27 39.82
C ALA B 265 -5.82 9.19 41.31
N GLY B 266 -4.92 10.06 41.77
CA GLY B 266 -4.49 10.01 43.16
C GLY B 266 -5.26 10.95 44.05
N VAL B 267 -6.42 11.36 43.57
CA VAL B 267 -7.25 12.32 44.25
C VAL B 267 -8.27 11.57 45.13
N ALA B 268 -8.67 12.21 46.24
CA ALA B 268 -9.54 11.58 47.22
C ALA B 268 -10.89 11.18 46.61
N GLU B 269 -11.36 11.95 45.64
CA GLU B 269 -12.72 11.80 45.13
C GLU B 269 -12.80 10.72 44.07
N SER B 270 -11.65 10.37 43.50
CA SER B 270 -11.58 9.30 42.52
C SER B 270 -12.01 8.01 43.21
N PRO B 271 -12.52 7.05 42.42
CA PRO B 271 -12.94 5.77 43.01
C PRO B 271 -11.79 5.04 43.68
N GLY B 272 -12.10 3.98 44.42
CA GLY B 272 -11.06 3.16 44.99
C GLY B 272 -10.55 3.65 46.32
N GLU B 273 -9.86 2.78 47.03
CA GLU B 273 -9.35 3.12 48.34
C GLU B 273 -7.85 3.35 48.31
N THR B 274 -7.39 4.14 49.26
CA THR B 274 -5.96 4.33 49.47
C THR B 274 -5.28 3.07 50.04
N GLU B 275 -4.02 2.88 49.67
CA GLU B 275 -3.20 1.79 50.17
C GLU B 275 -1.80 2.32 50.36
N ILE B 276 -1.09 1.84 51.37
CA ILE B 276 0.30 2.25 51.53
C ILE B 276 1.21 1.36 50.67
N TYR B 277 2.12 2.01 49.97
CA TYR B 277 3.00 1.34 49.04
C TYR B 277 4.23 2.24 48.97
N GLN B 278 5.42 1.63 48.85
CA GLN B 278 6.67 2.39 48.87
C GLN B 278 6.74 3.40 50.01
N GLY B 279 6.17 3.07 51.16
CA GLY B 279 6.29 3.92 52.32
C GLY B 279 5.32 5.08 52.41
N ARG B 280 4.37 5.17 51.50
CA ARG B 280 3.30 6.16 51.65
C ARG B 280 2.01 5.75 50.97
N GLN B 281 1.04 6.65 50.99
CA GLN B 281 -0.30 6.40 50.45
C GLN B 281 -0.37 6.50 48.91
N PHE B 282 -1.07 5.54 48.29
CA PHE B 282 -1.10 5.39 46.84
C PHE B 282 -2.49 4.96 46.41
N LYS B 283 -2.86 5.27 45.16
CA LYS B 283 -4.13 4.83 44.61
C LYS B 283 -3.90 4.01 43.35
N VAL B 284 -4.78 3.07 43.05
CA VAL B 284 -4.63 2.23 41.87
C VAL B 284 -4.96 3.03 40.63
N TYR B 285 -4.05 3.10 39.66
CA TYR B 285 -4.35 3.72 38.36
C TYR B 285 -4.08 2.76 37.22
N ARG B 286 -5.07 2.57 36.34
CA ARG B 286 -4.94 1.59 35.27
C ARG B 286 -5.60 2.00 33.95
N GLY B 287 -5.15 1.39 32.85
CA GLY B 287 -5.73 1.69 31.57
C GLY B 287 -6.97 0.87 31.30
N MET B 288 -7.89 1.41 30.52
CA MET B 288 -9.11 0.67 30.19
C MET B 288 -8.83 -0.51 29.24
N GLY B 289 -7.63 -0.55 28.67
CA GLY B 289 -7.27 -1.60 27.75
C GLY B 289 -6.29 -2.56 28.39
N SER B 290 -6.07 -2.38 29.70
CA SER B 290 -5.25 -3.27 30.51
C SER B 290 -6.03 -4.55 30.87
N VAL B 291 -5.31 -5.65 31.08
CA VAL B 291 -5.96 -6.92 31.42
C VAL B 291 -6.99 -6.78 32.55
N GLY B 292 -6.59 -6.18 33.67
CA GLY B 292 -7.48 -5.85 34.77
C GLY B 292 -8.79 -5.20 34.35
N ALA B 293 -8.71 -4.02 33.73
CA ALA B 293 -9.90 -3.23 33.38
C ALA B 293 -10.82 -3.92 32.38
N MET B 294 -10.27 -4.80 31.57
CA MET B 294 -11.10 -5.51 30.60
C MET B 294 -11.92 -6.64 31.23
N GLU B 295 -11.36 -7.29 32.25
CA GLU B 295 -12.11 -8.32 32.99
C GLU B 295 -13.43 -7.74 33.52
N LYS B 296 -13.34 -6.60 34.22
CA LYS B 296 -14.51 -5.94 34.78
C LYS B 296 -15.53 -5.58 33.72
N GLY B 297 -15.05 -4.99 32.62
CA GLY B 297 -15.89 -4.55 31.53
C GLY B 297 -16.61 -5.68 30.79
N SER B 298 -15.88 -6.76 30.53
CA SER B 298 -16.50 -7.92 29.89
C SER B 298 -17.39 -8.68 30.87
N LEU B 310 -9.14 -9.41 22.75
CA LEU B 310 -7.99 -8.84 22.03
C LEU B 310 -6.78 -8.65 22.94
N VAL B 311 -5.63 -8.42 22.30
CA VAL B 311 -4.37 -8.16 23.00
C VAL B 311 -4.42 -6.83 23.79
N PRO B 312 -4.02 -6.85 25.08
CA PRO B 312 -4.15 -5.64 25.89
C PRO B 312 -3.32 -4.47 25.38
N GLU B 313 -3.81 -3.25 25.60
CA GLU B 313 -3.11 -2.04 25.17
C GLU B 313 -2.91 -1.05 26.31
N GLY B 314 -2.81 -1.54 27.53
CA GLY B 314 -2.68 -0.68 28.69
C GLY B 314 -2.10 -1.47 29.84
N ILE B 315 -1.65 -0.78 30.88
CA ILE B 315 -1.13 -1.50 32.01
C ILE B 315 -1.86 -1.08 33.27
N GLU B 316 -1.64 -1.85 34.33
CA GLU B 316 -2.19 -1.50 35.62
C GLU B 316 -1.07 -0.99 36.49
N GLY B 317 -1.30 0.11 37.19
CA GLY B 317 -0.34 0.57 38.18
C GLY B 317 -0.93 1.31 39.37
N ARG B 318 -0.13 2.24 39.92
CA ARG B 318 -0.58 3.12 40.97
C ARG B 318 0.21 4.42 41.01
N VAL B 319 -0.47 5.49 41.43
CA VAL B 319 0.12 6.82 41.49
C VAL B 319 -0.07 7.33 42.93
N PRO B 320 0.74 8.30 43.36
CA PRO B 320 0.63 8.80 44.75
C PRO B 320 -0.75 9.33 45.13
N TYR B 321 -1.10 9.28 46.40
CA TYR B 321 -2.35 9.85 46.87
C TYR B 321 -2.11 11.33 47.02
N LYS B 322 -3.07 12.15 46.58
CA LYS B 322 -2.87 13.60 46.51
C LYS B 322 -3.86 14.37 47.34
N GLY B 323 -4.75 13.68 48.02
CA GLY B 323 -5.76 14.38 48.79
C GLY B 323 -6.81 14.94 47.87
N PRO B 324 -7.59 15.90 48.37
CA PRO B 324 -8.77 16.45 47.69
C PRO B 324 -8.45 16.98 46.31
N LEU B 325 -9.36 16.73 45.39
CA LEU B 325 -9.24 17.24 44.03
C LEU B 325 -8.94 18.73 43.99
N ALA B 326 -9.52 19.47 44.93
CA ALA B 326 -9.36 20.91 44.99
C ALA B 326 -7.91 21.39 44.91
N ASP B 327 -7.03 20.81 45.70
CA ASP B 327 -5.65 21.29 45.76
C ASP B 327 -4.91 21.03 44.47
N THR B 328 -5.22 19.92 43.82
CA THR B 328 -4.65 19.58 42.53
C THR B 328 -5.12 20.59 41.49
N VAL B 329 -6.43 20.81 41.43
CA VAL B 329 -7.02 21.73 40.44
C VAL B 329 -6.51 23.16 40.64
N HIS B 330 -6.26 23.53 41.89
CA HIS B 330 -5.70 24.85 42.19
C HIS B 330 -4.28 25.04 41.62
N GLN B 331 -3.49 23.97 41.59
CA GLN B 331 -2.16 24.03 40.97
C GLN B 331 -2.30 24.03 39.45
N LEU B 332 -3.17 23.15 38.95
CA LEU B 332 -3.46 23.09 37.52
C LEU B 332 -3.80 24.47 36.97
N VAL B 333 -4.87 25.07 37.46
CA VAL B 333 -5.24 26.40 37.00
C VAL B 333 -4.12 27.43 37.24
N GLY B 334 -3.56 27.40 38.45
CA GLY B 334 -2.47 28.28 38.85
C GLY B 334 -1.29 28.31 37.89
N GLY B 335 -0.86 27.13 37.42
CA GLY B 335 0.10 27.05 36.34
C GLY B 335 -0.47 27.65 35.06
N LEU B 336 -1.74 27.35 34.76
CA LEU B 336 -2.36 27.91 33.56
C LEU B 336 -2.34 29.43 33.61
N ARG B 337 -2.76 30.00 34.74
CA ARG B 337 -2.72 31.46 34.84
C ARG B 337 -1.30 31.99 34.70
N ALA B 338 -0.33 31.27 35.25
CA ALA B 338 1.04 31.73 35.12
C ALA B 338 1.44 31.76 33.64
N GLY B 339 1.23 30.66 32.93
CA GLY B 339 1.57 30.56 31.51
C GLY B 339 0.95 31.68 30.67
N MET B 340 -0.37 31.83 30.76
CA MET B 340 -1.09 32.85 30.03
C MET B 340 -0.56 34.22 30.41
N GLY B 341 -0.17 34.39 31.67
CA GLY B 341 0.51 35.61 32.07
C GLY B 341 1.76 35.84 31.23
N TYR B 342 2.59 34.80 31.10
CA TYR B 342 3.83 34.89 30.35
C TYR B 342 3.52 35.11 28.87
N CYS B 343 2.35 34.65 28.44
CA CYS B 343 2.00 34.73 27.01
C CYS B 343 1.18 35.97 26.62
N GLY B 344 0.92 36.86 27.57
CA GLY B 344 0.10 38.02 27.32
C GLY B 344 -1.27 37.62 26.83
N ALA B 345 -1.77 36.51 27.34
CA ALA B 345 -3.06 36.01 26.92
C ALA B 345 -4.09 36.36 27.98
N GLN B 346 -5.02 37.23 27.63
CA GLN B 346 -6.10 37.59 28.54
C GLN B 346 -7.18 36.51 28.56
N ASP B 347 -7.26 35.72 27.50
CA ASP B 347 -8.18 34.59 27.49
C ASP B 347 -7.63 33.43 26.67
N LEU B 348 -8.30 32.29 26.73
CA LEU B 348 -7.84 31.09 26.04
C LEU B 348 -7.85 31.22 24.51
N GLU B 349 -8.77 32.02 23.97
CA GLU B 349 -8.82 32.20 22.53
C GLU B 349 -7.54 32.88 22.05
N PHE B 350 -7.12 33.91 22.75
CA PHE B 350 -5.85 34.57 22.43
C PHE B 350 -4.67 33.59 22.48
N LEU B 351 -4.60 32.79 23.54
CA LEU B 351 -3.51 31.82 23.68
C LEU B 351 -3.49 30.82 22.53
N ARG B 352 -4.67 30.39 22.07
CA ARG B 352 -4.72 29.44 20.95
C ARG B 352 -4.22 30.08 19.66
N GLU B 353 -4.60 31.33 19.44
CA GLU B 353 -4.36 31.97 18.17
C GLU B 353 -2.97 32.56 18.06
N ASN B 354 -2.29 32.75 19.19
CA ASN B 354 -1.11 33.61 19.17
C ASN B 354 0.17 33.00 19.69
N ALA B 355 0.04 32.16 20.72
CA ALA B 355 1.20 31.59 21.37
C ALA B 355 2.17 30.94 20.38
N GLN B 356 3.45 31.23 20.58
CA GLN B 356 4.52 30.69 19.76
C GLN B 356 5.38 29.78 20.62
N PHE B 357 5.72 28.61 20.05
CA PHE B 357 6.60 27.67 20.72
C PHE B 357 8.01 27.84 20.18
N ILE B 358 8.98 27.28 20.90
CA ILE B 358 10.32 27.13 20.38
C ILE B 358 10.72 25.69 20.60
N ARG B 359 11.21 25.02 19.56
CA ARG B 359 11.63 23.62 19.63
C ARG B 359 12.95 23.55 20.38
N MET B 360 13.14 22.48 21.15
CA MET B 360 14.35 22.31 21.96
C MET B 360 14.83 20.85 22.00
N SER B 361 16.13 20.62 22.13
CA SER B 361 16.65 19.25 22.27
C SER B 361 16.47 18.60 23.68
N GLY B 362 16.82 17.31 23.79
CA GLY B 362 16.90 16.62 25.06
C GLY B 362 17.67 17.39 26.13
N ALA B 363 18.78 18.03 25.76
CA ALA B 363 19.51 18.86 26.70
C ALA B 363 18.68 20.07 27.13
N GLY B 364 17.89 20.63 26.23
CA GLY B 364 16.99 21.69 26.60
C GLY B 364 16.01 21.20 27.65
N LEU B 365 15.55 19.96 27.51
CA LEU B 365 14.63 19.40 28.49
C LEU B 365 15.25 19.39 29.91
N LEU B 366 16.49 18.91 30.01
CA LEU B 366 17.23 18.87 31.28
C LEU B 366 17.38 20.23 31.96
N GLU B 367 17.61 21.27 31.17
CA GLU B 367 17.65 22.62 31.71
C GLU B 367 16.26 23.02 32.22
N SER B 368 15.21 22.46 31.63
CA SER B 368 13.85 22.84 31.99
C SER B 368 13.31 22.18 33.25
N HIS B 369 13.97 21.15 33.78
CA HIS B 369 13.59 20.60 35.08
C HIS B 369 14.63 21.06 36.12
N PRO B 370 14.27 21.08 37.42
CA PRO B 370 15.33 21.35 38.40
C PRO B 370 16.52 20.41 38.21
N HIS B 371 17.72 20.94 38.33
CA HIS B 371 18.91 20.15 38.01
C HIS B 371 20.07 20.50 38.93
N HIS B 372 20.91 19.50 39.18
CA HIS B 372 22.15 19.67 39.93
C HIS B 372 21.97 20.18 41.37
N VAL B 373 20.76 20.04 41.89
CA VAL B 373 20.48 20.36 43.28
C VAL B 373 19.62 19.24 43.85
N GLN B 374 19.94 18.77 45.04
CA GLN B 374 19.14 17.72 45.65
C GLN B 374 17.90 18.33 46.31
N ILE B 375 16.72 17.81 45.96
CA ILE B 375 15.46 18.37 46.43
C ILE B 375 15.07 17.85 47.82
N THR B 376 14.67 18.74 48.71
CA THR B 376 14.38 18.35 50.09
C THR B 376 12.89 18.34 50.42
N LYS B 377 12.04 18.60 49.43
CA LYS B 377 10.62 18.70 49.73
C LYS B 377 9.76 18.57 48.47
N GLU B 378 8.75 17.72 48.52
CA GLU B 378 7.75 17.63 47.47
C GLU B 378 7.10 18.99 47.37
N ALA B 379 7.28 19.64 46.21
CA ALA B 379 6.64 20.91 45.91
C ALA B 379 5.21 20.64 45.44
N PRO B 380 4.27 21.56 45.74
CA PRO B 380 2.85 21.29 45.51
C PRO B 380 2.54 20.93 44.05
N ASN B 381 3.34 21.48 43.13
CA ASN B 381 3.16 21.23 41.70
C ASN B 381 4.38 20.63 41.02
N TYR B 382 5.22 19.92 41.78
CA TYR B 382 6.39 19.24 41.21
C TYR B 382 6.86 17.99 41.94
N SER B 383 6.92 16.88 41.18
CA SER B 383 7.28 15.55 41.69
C SER B 383 6.55 15.19 42.97
N TYR C 19 25.60 43.05 7.35
CA TYR C 19 26.25 42.55 6.14
C TYR C 19 27.75 42.83 6.22
N PHE C 20 28.16 43.40 7.35
CA PHE C 20 29.51 43.95 7.50
C PHE C 20 30.56 42.93 7.93
N GLN C 21 31.80 43.38 8.01
CA GLN C 21 32.92 42.57 8.50
C GLN C 21 32.76 42.28 10.00
N SER C 22 32.24 43.26 10.73
CA SER C 22 32.04 43.15 12.17
C SER C 22 30.98 42.10 12.51
N ASN C 23 29.97 42.00 11.66
CA ASN C 23 28.83 41.14 11.92
C ASN C 23 28.89 39.80 11.20
N ALA C 24 30.03 39.45 10.64
CA ALA C 24 30.19 38.14 10.04
C ALA C 24 30.30 37.08 11.15
N MET C 25 31.33 37.23 11.98
CA MET C 25 31.58 36.34 13.10
C MET C 25 30.38 36.22 14.04
N TRP C 26 29.69 37.35 14.26
CA TRP C 26 28.55 37.37 15.17
C TRP C 26 27.44 36.43 14.72
N GLU C 27 27.14 36.43 13.43
CA GLU C 27 26.01 35.66 12.93
C GLU C 27 26.38 34.28 12.42
N SER C 28 27.66 33.91 12.47
CA SER C 28 28.05 32.53 12.19
C SER C 28 28.23 31.67 13.46
N LYS C 29 27.98 32.26 14.63
CA LYS C 29 28.28 31.62 15.92
C LYS C 29 27.83 30.20 16.04
N PHE C 30 26.62 29.92 15.56
CA PHE C 30 25.97 28.62 15.79
C PHE C 30 25.83 27.75 14.54
N VAL C 31 26.46 28.18 13.44
CA VAL C 31 26.34 27.52 12.14
C VAL C 31 26.89 26.09 12.04
N LYS C 32 28.11 25.84 12.55
CA LYS C 32 28.74 24.51 12.48
C LYS C 32 27.97 23.38 13.20
N GLU C 33 28.15 22.17 12.70
CA GLU C 33 27.59 20.96 13.29
C GLU C 33 28.69 19.95 13.55
N GLY C 34 28.74 19.41 14.75
CA GLY C 34 29.72 18.38 15.10
C GLY C 34 29.11 17.00 15.26
N LEU C 35 29.84 15.99 14.79
CA LEU C 35 29.48 14.58 14.90
C LEU C 35 30.55 13.82 15.71
N THR C 36 30.13 12.82 16.47
CA THR C 36 31.12 11.93 17.10
C THR C 36 30.81 10.44 16.87
N PHE C 37 31.69 9.56 17.36
CA PHE C 37 31.62 8.13 17.05
C PHE C 37 30.23 7.54 17.23
N ASP C 38 29.60 7.83 18.38
CA ASP C 38 28.28 7.34 18.73
C ASP C 38 27.12 7.91 17.91
N ASP C 39 27.43 8.80 16.96
CA ASP C 39 26.42 9.39 16.08
C ASP C 39 26.27 8.61 14.78
N VAL C 40 27.26 7.79 14.45
CA VAL C 40 27.34 7.23 13.10
C VAL C 40 27.56 5.72 13.07
N LEU C 41 27.57 5.15 11.86
CA LEU C 41 27.84 3.74 11.69
C LEU C 41 28.49 3.65 10.35
N LEU C 42 29.45 2.75 10.19
CA LEU C 42 30.00 2.51 8.87
C LEU C 42 28.98 1.72 8.03
N VAL C 43 28.77 2.14 6.78
CA VAL C 43 27.84 1.44 5.87
C VAL C 43 28.51 0.28 5.12
N PRO C 44 28.03 -0.97 5.32
CA PRO C 44 28.66 -2.08 4.58
C PRO C 44 28.65 -1.85 3.08
N ALA C 45 29.73 -2.25 2.42
CA ALA C 45 29.85 -2.15 0.96
C ALA C 45 30.38 -3.46 0.39
N LYS C 46 30.16 -3.68 -0.90
CA LYS C 46 30.61 -4.91 -1.56
C LYS C 46 32.07 -5.23 -1.22
N SER C 47 32.34 -6.48 -0.88
CA SER C 47 33.66 -6.88 -0.45
C SER C 47 34.13 -8.17 -1.10
N ASP C 48 35.33 -8.14 -1.66
CA ASP C 48 35.95 -9.34 -2.19
C ASP C 48 37.08 -9.78 -1.26
N VAL C 49 37.19 -9.14 -0.11
CA VAL C 49 38.31 -9.39 0.77
C VAL C 49 37.90 -9.94 2.17
N LEU C 50 38.57 -11.00 2.60
CA LEU C 50 38.32 -11.56 3.91
C LEU C 50 39.17 -10.81 4.94
N PRO C 51 38.69 -10.72 6.20
CA PRO C 51 39.40 -9.97 7.26
C PRO C 51 40.86 -10.39 7.48
N ARG C 52 41.17 -11.66 7.34
CA ARG C 52 42.54 -12.09 7.59
C ARG C 52 43.47 -11.74 6.43
N GLU C 53 42.90 -11.33 5.31
CA GLU C 53 43.68 -10.98 4.13
C GLU C 53 44.07 -9.50 4.11
N VAL C 54 43.25 -8.63 4.73
CA VAL C 54 43.49 -7.19 4.65
C VAL C 54 44.80 -6.79 5.32
N SER C 55 45.24 -5.59 5.00
CA SER C 55 46.50 -5.09 5.52
C SER C 55 46.25 -3.92 6.45
N VAL C 56 46.84 -3.99 7.64
CA VAL C 56 46.68 -2.93 8.60
C VAL C 56 47.94 -2.08 8.74
N LYS C 57 48.91 -2.35 7.86
CA LYS C 57 50.14 -1.54 7.78
C LYS C 57 49.85 -0.08 7.39
N THR C 58 50.63 0.83 7.93
CA THR C 58 50.32 2.23 7.81
C THR C 58 51.67 2.97 7.81
N VAL C 59 51.80 3.96 6.93
CA VAL C 59 53.04 4.74 6.85
C VAL C 59 52.80 6.17 7.34
N LEU C 60 53.53 6.56 8.37
CA LEU C 60 53.38 7.89 8.95
C LEU C 60 54.42 8.84 8.39
N SER C 61 55.50 8.27 7.88
CA SER C 61 56.59 9.03 7.27
C SER C 61 57.64 8.02 6.78
N GLU C 62 58.61 8.51 6.03
CA GLU C 62 59.64 7.62 5.49
C GLU C 62 60.31 6.77 6.57
N SER C 63 60.58 7.38 7.72
CA SER C 63 61.30 6.72 8.81
C SER C 63 60.39 6.21 9.94
N LEU C 64 59.09 6.14 9.67
CA LEU C 64 58.17 5.74 10.72
C LEU C 64 57.01 4.96 10.13
N GLN C 65 57.20 3.66 9.99
CA GLN C 65 56.15 2.77 9.48
C GLN C 65 55.62 1.84 10.60
N LEU C 66 54.30 1.87 10.81
CA LEU C 66 53.67 1.04 11.84
C LEU C 66 52.93 -0.12 11.23
N ASN C 67 53.19 -1.33 11.71
CA ASN C 67 52.51 -2.52 11.20
C ASN C 67 51.07 -2.67 11.70
N ILE C 68 50.74 -1.93 12.76
CA ILE C 68 49.36 -1.80 13.19
C ILE C 68 49.12 -0.34 13.58
N PRO C 69 47.89 0.16 13.31
CA PRO C 69 47.52 1.58 13.45
C PRO C 69 47.20 2.04 14.88
N LEU C 70 48.12 1.86 15.82
CA LEU C 70 47.81 2.09 17.21
C LEU C 70 48.98 2.68 17.97
N ILE C 71 48.71 3.78 18.65
CA ILE C 71 49.74 4.42 19.47
C ILE C 71 49.33 4.44 20.93
N SER C 72 50.26 4.08 21.79
CA SER C 72 50.00 4.11 23.22
C SER C 72 50.18 5.53 23.74
N ALA C 73 49.11 6.15 24.21
CA ALA C 73 49.19 7.56 24.64
C ALA C 73 50.28 7.85 25.70
N GLY C 74 50.76 9.09 25.69
CA GLY C 74 51.89 9.51 26.50
C GLY C 74 51.46 10.02 27.86
N MET C 75 50.83 9.14 28.63
CA MET C 75 50.40 9.48 29.96
C MET C 75 51.14 8.65 30.99
N ASP C 76 51.34 9.25 32.17
CA ASP C 76 52.01 8.57 33.26
C ASP C 76 51.27 7.32 33.77
N THR C 77 49.99 7.18 33.49
CA THR C 77 49.32 5.94 33.82
C THR C 77 49.24 5.01 32.61
N VAL C 78 49.85 5.40 31.48
CA VAL C 78 49.77 4.57 30.28
C VAL C 78 51.10 4.02 29.75
N THR C 79 52.00 4.90 29.32
CA THR C 79 53.22 4.46 28.65
C THR C 79 54.49 4.78 29.45
N GLU C 80 55.38 3.80 29.52
CA GLU C 80 56.74 3.99 30.00
C GLU C 80 57.42 2.84 29.28
N ALA C 81 58.71 2.63 29.54
CA ALA C 81 59.49 1.67 28.75
C ALA C 81 58.80 0.33 28.48
N ASP C 82 58.11 -0.22 29.47
CA ASP C 82 57.49 -1.54 29.29
C ASP C 82 56.31 -1.53 28.31
N MET C 83 55.46 -0.52 28.42
CA MET C 83 54.36 -0.39 27.48
C MET C 83 54.92 -0.13 26.08
N ALA C 84 55.86 0.81 26.03
CA ALA C 84 56.47 1.20 24.77
C ALA C 84 57.10 -0.03 24.11
N ILE C 85 57.80 -0.84 24.90
CA ILE C 85 58.40 -2.04 24.34
C ILE C 85 57.32 -2.98 23.82
N ALA C 86 56.31 -3.25 24.63
CA ALA C 86 55.30 -4.22 24.25
C ALA C 86 54.48 -3.78 23.02
N MET C 87 54.12 -2.49 22.95
CA MET C 87 53.45 -1.93 21.77
C MET C 87 54.26 -2.14 20.47
N ALA C 88 55.51 -1.71 20.50
CA ALA C 88 56.39 -1.83 19.34
C ALA C 88 56.49 -3.26 18.84
N ARG C 89 56.54 -4.22 19.75
CA ARG C 89 56.71 -5.61 19.33
C ARG C 89 55.44 -6.12 18.68
N GLN C 90 54.34 -5.37 18.84
CA GLN C 90 53.10 -5.72 18.18
C GLN C 90 52.96 -4.95 16.86
N GLY C 91 53.97 -4.14 16.54
CA GLY C 91 53.91 -3.29 15.35
C GLY C 91 53.29 -1.90 15.55
N GLY C 92 53.11 -1.49 16.80
CA GLY C 92 52.63 -0.16 17.10
C GLY C 92 53.72 0.74 17.65
N LEU C 93 53.31 1.81 18.33
CA LEU C 93 54.24 2.78 18.89
C LEU C 93 53.83 3.14 20.31
N GLY C 94 54.79 3.48 21.14
CA GLY C 94 54.50 4.00 22.46
C GLY C 94 55.14 5.35 22.63
N ILE C 95 54.43 6.26 23.28
CA ILE C 95 54.97 7.57 23.63
C ILE C 95 55.27 7.62 25.12
N ILE C 96 56.55 7.61 25.48
CA ILE C 96 56.99 7.77 26.85
C ILE C 96 56.46 9.12 27.28
N HIS C 97 55.90 9.21 28.47
CA HIS C 97 55.30 10.48 28.88
C HIS C 97 56.40 11.39 29.40
N LYS C 98 56.07 12.67 29.60
CA LYS C 98 57.04 13.67 30.05
C LYS C 98 56.97 13.97 31.55
N ASN C 99 56.02 13.38 32.28
CA ASN C 99 55.92 13.65 33.72
C ASN C 99 57.03 12.95 34.50
N MET C 100 58.26 13.40 34.24
CA MET C 100 59.49 12.80 34.75
C MET C 100 60.69 13.63 34.29
N SER C 101 61.85 13.39 34.88
CA SER C 101 63.02 14.18 34.58
C SER C 101 63.54 13.90 33.16
N ILE C 102 64.46 14.73 32.69
CA ILE C 102 64.98 14.64 31.32
C ILE C 102 65.84 13.39 31.10
N GLU C 103 66.82 13.19 31.96
CA GLU C 103 67.68 12.01 31.95
C GLU C 103 66.89 10.72 32.16
N GLN C 104 65.85 10.79 32.98
CA GLN C 104 64.94 9.67 33.17
C GLN C 104 64.23 9.30 31.86
N GLN C 105 63.66 10.31 31.21
CA GLN C 105 62.95 10.08 29.95
C GLN C 105 63.90 9.54 28.87
N ALA C 106 65.11 10.08 28.78
CA ALA C 106 66.09 9.52 27.84
C ALA C 106 66.48 8.08 28.16
N GLU C 107 66.54 7.73 29.46
CA GLU C 107 66.82 6.36 29.87
C GLU C 107 65.75 5.43 29.38
N GLN C 108 64.49 5.82 29.57
CA GLN C 108 63.35 5.04 29.11
C GLN C 108 63.44 4.80 27.60
N VAL C 109 63.81 5.85 26.86
CA VAL C 109 63.98 5.73 25.41
C VAL C 109 65.06 4.71 25.06
N ASP C 110 66.27 4.93 25.56
CA ASP C 110 67.35 3.96 25.40
C ASP C 110 66.92 2.56 25.83
N LYS C 111 66.13 2.45 26.89
CA LYS C 111 65.65 1.14 27.34
C LYS C 111 64.87 0.46 26.21
N VAL C 112 64.04 1.22 25.51
CA VAL C 112 63.24 0.64 24.43
C VAL C 112 64.11 0.36 23.21
N LYS C 113 65.03 1.28 22.93
CA LYS C 113 65.91 1.14 21.78
C LYS C 113 66.91 0.00 21.95
N ARG C 114 67.28 -0.27 23.20
CA ARG C 114 68.20 -1.37 23.48
C ARG C 114 67.42 -2.67 23.75
N SER C 115 66.21 -2.77 23.20
CA SER C 115 65.40 -3.99 23.31
C SER C 115 65.00 -4.53 21.94
N GLY C 116 65.87 -4.34 20.95
CA GLY C 116 65.66 -4.86 19.63
C GLY C 116 65.46 -3.75 18.60
N GLY C 117 65.98 -2.56 18.91
CA GLY C 117 65.82 -1.40 18.04
C GLY C 117 64.37 -1.10 17.70
N LEU C 118 63.54 -1.11 18.72
CA LEU C 118 62.13 -0.84 18.58
C LEU C 118 61.90 0.64 18.42
N LEU C 119 60.98 1.00 17.55
CA LEU C 119 60.52 2.38 17.47
C LEU C 119 60.08 2.87 18.86
N VAL C 120 60.38 4.12 19.17
CA VAL C 120 59.84 4.81 20.35
C VAL C 120 59.59 6.28 20.04
N GLY C 121 58.50 6.82 20.58
CA GLY C 121 58.32 8.25 20.65
C GLY C 121 58.27 8.74 22.09
N ALA C 122 58.29 10.06 22.28
CA ALA C 122 58.36 10.67 23.59
C ALA C 122 57.79 12.08 23.59
N ALA C 123 56.93 12.39 24.56
CA ALA C 123 56.27 13.70 24.60
C ALA C 123 57.16 14.84 25.13
N VAL C 124 56.94 16.03 24.60
CA VAL C 124 57.60 17.22 25.10
C VAL C 124 56.57 18.34 25.07
N GLY C 125 56.51 19.15 26.12
CA GLY C 125 55.60 20.28 26.16
C GLY C 125 56.25 21.52 25.55
N VAL C 126 55.58 22.66 25.60
CA VAL C 126 56.17 23.90 25.13
C VAL C 126 56.69 24.69 26.31
N THR C 127 57.99 24.61 26.53
CA THR C 127 58.61 25.20 27.70
C THR C 127 60.06 25.52 27.34
N ALA C 128 60.71 26.34 28.15
CA ALA C 128 62.10 26.74 27.90
C ALA C 128 63.04 25.55 27.77
N ASP C 129 62.86 24.56 28.64
CA ASP C 129 63.73 23.39 28.62
C ASP C 129 63.41 22.43 27.47
N ALA C 130 62.38 22.74 26.68
CA ALA C 130 61.93 21.84 25.61
C ALA C 130 63.06 21.42 24.69
N MET C 131 63.86 22.38 24.27
CA MET C 131 64.99 22.05 23.42
C MET C 131 66.03 21.19 24.17
N THR C 132 66.27 21.49 25.45
CA THR C 132 67.23 20.67 26.22
C THR C 132 66.76 19.23 26.22
N ARG C 133 65.47 19.06 26.51
CA ARG C 133 64.84 17.75 26.54
C ARG C 133 64.95 17.08 25.16
N ILE C 134 64.43 17.74 24.13
CA ILE C 134 64.50 17.23 22.75
C ILE C 134 65.92 16.76 22.39
N ASP C 135 66.90 17.59 22.74
CA ASP C 135 68.31 17.25 22.55
C ASP C 135 68.61 15.92 23.22
N ALA C 136 68.21 15.77 24.48
CA ALA C 136 68.47 14.53 25.22
C ALA C 136 67.79 13.32 24.61
N LEU C 137 66.55 13.49 24.16
CA LEU C 137 65.82 12.38 23.55
C LEU C 137 66.44 11.98 22.23
N VAL C 138 66.83 12.94 21.40
CA VAL C 138 67.45 12.60 20.11
C VAL C 138 68.75 11.81 20.32
N LYS C 139 69.57 12.29 21.25
CA LYS C 139 70.78 11.58 21.65
C LYS C 139 70.48 10.11 21.97
N ALA C 140 69.29 9.84 22.49
CA ALA C 140 68.85 8.48 22.81
C ALA C 140 68.22 7.75 21.63
N SER C 141 68.29 8.34 20.45
CA SER C 141 67.76 7.75 19.22
C SER C 141 66.23 7.68 19.16
N VAL C 142 65.55 8.67 19.75
CA VAL C 142 64.10 8.71 19.68
C VAL C 142 63.70 8.72 18.20
N ASP C 143 62.56 8.12 17.88
CA ASP C 143 62.11 8.10 16.49
C ASP C 143 61.06 9.18 16.19
N ALA C 144 60.48 9.76 17.24
CA ALA C 144 59.54 10.85 17.05
C ALA C 144 59.34 11.61 18.35
N ILE C 145 59.33 12.94 18.28
CA ILE C 145 58.91 13.72 19.43
C ILE C 145 57.44 14.09 19.25
N VAL C 146 56.64 13.86 20.28
CA VAL C 146 55.28 14.36 20.26
C VAL C 146 55.26 15.69 20.98
N LEU C 147 55.22 16.80 20.22
CA LEU C 147 54.99 18.10 20.84
C LEU C 147 53.53 18.21 21.28
N ASP C 148 53.33 17.95 22.57
CA ASP C 148 52.01 17.70 23.15
C ASP C 148 51.57 18.89 24.01
N THR C 149 50.50 19.56 23.59
CA THR C 149 49.98 20.68 24.36
C THR C 149 48.45 20.70 24.35
N ALA C 150 47.87 21.39 25.33
CA ALA C 150 46.43 21.52 25.44
C ALA C 150 45.85 22.23 24.22
N HIS C 151 46.60 23.17 23.67
CA HIS C 151 46.15 23.91 22.49
C HIS C 151 47.21 23.95 21.40
N GLY C 152 47.10 23.03 20.44
CA GLY C 152 48.00 23.02 19.30
C GLY C 152 48.06 24.30 18.49
N HIS C 153 46.98 25.07 18.50
CA HIS C 153 46.84 26.27 17.67
C HIS C 153 47.27 27.51 18.42
N SER C 154 48.33 27.37 19.19
CA SER C 154 48.81 28.47 19.99
C SER C 154 50.05 28.96 19.29
N GLN C 155 50.34 30.25 19.40
CA GLN C 155 51.53 30.80 18.74
C GLN C 155 52.81 30.09 19.18
N GLY C 156 52.91 29.81 20.48
CA GLY C 156 54.08 29.14 21.00
C GLY C 156 54.35 27.81 20.34
N VAL C 157 53.30 26.98 20.22
CA VAL C 157 53.40 25.67 19.61
C VAL C 157 53.92 25.76 18.17
N ILE C 158 53.35 26.64 17.36
CA ILE C 158 53.90 26.86 16.03
C ILE C 158 55.37 27.29 16.13
N ASP C 159 55.65 28.27 16.99
CA ASP C 159 57.02 28.74 17.19
C ASP C 159 57.98 27.60 17.56
N LYS C 160 57.51 26.65 18.35
CA LYS C 160 58.35 25.54 18.78
C LYS C 160 58.63 24.56 17.65
N VAL C 161 57.57 24.16 16.95
CA VAL C 161 57.72 23.26 15.81
C VAL C 161 58.81 23.78 14.87
N LYS C 162 58.69 25.04 14.46
CA LYS C 162 59.70 25.73 13.66
C LYS C 162 61.11 25.66 14.27
N GLU C 163 61.23 26.02 15.54
CA GLU C 163 62.50 25.98 16.25
C GLU C 163 63.15 24.58 16.22
N VAL C 164 62.32 23.55 16.38
CA VAL C 164 62.81 22.17 16.37
C VAL C 164 63.15 21.68 14.96
N ARG C 165 62.25 21.91 14.01
CA ARG C 165 62.49 21.54 12.61
C ARG C 165 63.79 22.12 12.08
N ALA C 166 64.09 23.35 12.48
CA ALA C 166 65.27 24.04 12.01
C ALA C 166 66.52 23.28 12.45
N LYS C 167 66.49 22.82 13.69
CA LYS C 167 67.65 22.17 14.30
C LYS C 167 67.71 20.69 13.92
N TYR C 168 66.55 20.11 13.66
CA TYR C 168 66.46 18.68 13.35
C TYR C 168 65.65 18.38 12.11
N PRO C 169 66.22 18.67 10.93
CA PRO C 169 65.52 18.51 9.66
C PRO C 169 64.95 17.12 9.40
N SER C 170 65.53 16.07 9.97
CA SER C 170 65.06 14.70 9.71
C SER C 170 64.21 14.09 10.84
N LEU C 171 64.21 14.75 12.00
CA LEU C 171 63.43 14.30 13.13
C LEU C 171 61.94 14.27 12.78
N ASN C 172 61.25 13.21 13.20
CA ASN C 172 59.80 13.15 13.04
C ASN C 172 59.12 13.93 14.16
N ILE C 173 58.35 14.93 13.78
CA ILE C 173 57.69 15.81 14.74
C ILE C 173 56.19 15.67 14.68
N ILE C 174 55.63 15.10 15.74
CA ILE C 174 54.20 14.94 15.82
C ILE C 174 53.71 16.05 16.74
N ALA C 175 52.85 16.92 16.22
CA ALA C 175 52.41 18.06 17.01
C ALA C 175 50.90 18.06 17.21
N GLY C 176 50.47 18.53 18.36
CA GLY C 176 49.09 18.45 18.78
C GLY C 176 48.81 19.43 19.89
N ASN C 177 47.54 19.66 20.20
CA ASN C 177 46.44 18.97 19.60
C ASN C 177 45.52 19.98 18.97
N VAL C 178 44.94 19.63 17.85
CA VAL C 178 44.10 20.54 17.12
C VAL C 178 42.80 19.86 16.78
N ALA C 179 41.77 20.66 16.53
CA ALA C 179 40.53 20.14 15.99
C ALA C 179 40.05 20.85 14.73
N THR C 180 40.90 21.63 14.09
CA THR C 180 40.47 22.36 12.91
C THR C 180 41.43 22.36 11.74
N ALA C 181 40.88 22.55 10.56
CA ALA C 181 41.68 22.63 9.37
C ALA C 181 42.59 23.83 9.45
N GLU C 182 42.09 24.92 9.99
CA GLU C 182 42.91 26.13 10.06
C GLU C 182 44.13 25.80 10.93
N ALA C 183 43.86 25.15 12.07
CA ALA C 183 44.90 24.78 13.03
C ALA C 183 45.89 23.78 12.46
N THR C 184 45.35 22.81 11.75
CA THR C 184 46.15 21.77 11.13
C THR C 184 47.08 22.30 10.02
N LYS C 185 46.63 23.33 9.31
CA LYS C 185 47.44 23.97 8.27
C LYS C 185 48.64 24.67 8.86
N ALA C 186 48.45 25.31 10.00
CA ALA C 186 49.52 26.04 10.68
C ALA C 186 50.69 25.13 11.11
N LEU C 187 50.39 24.04 11.77
CA LEU C 187 51.43 23.11 12.22
C LEU C 187 52.17 22.46 11.06
N ILE C 188 51.44 22.20 9.97
CA ILE C 188 52.06 21.57 8.81
C ILE C 188 53.00 22.55 8.16
N GLU C 189 52.55 23.78 8.03
CA GLU C 189 53.35 24.83 7.43
C GLU C 189 54.53 25.21 8.32
N ALA C 190 54.51 24.71 9.54
CA ALA C 190 55.53 25.03 10.51
C ALA C 190 56.57 23.92 10.60
N GLY C 191 56.24 22.75 10.08
CA GLY C 191 57.17 21.63 10.12
C GLY C 191 56.75 20.28 10.72
N ALA C 192 55.52 20.14 11.24
CA ALA C 192 55.09 18.85 11.80
C ALA C 192 54.94 17.80 10.69
N ASN C 193 55.48 16.60 10.88
CA ASN C 193 55.28 15.52 9.90
C ASN C 193 53.93 14.89 10.03
N VAL C 194 53.36 15.00 11.24
CA VAL C 194 52.14 14.29 11.64
C VAL C 194 51.38 15.17 12.63
N VAL C 195 50.08 15.34 12.42
CA VAL C 195 49.30 16.21 13.29
C VAL C 195 48.37 15.36 14.20
N LYS C 196 48.30 15.69 15.49
CA LYS C 196 47.45 14.95 16.42
C LYS C 196 46.08 15.63 16.66
N VAL C 197 44.99 14.89 16.50
CA VAL C 197 43.69 15.52 16.55
C VAL C 197 42.91 15.15 17.80
N GLY C 198 42.25 16.13 18.41
CA GLY C 198 41.41 15.90 19.57
C GLY C 198 41.57 16.96 20.64
N ILE C 199 40.53 17.79 20.79
CA ILE C 199 40.43 18.68 21.94
C ILE C 199 39.17 18.33 22.72
N GLY C 200 39.33 17.65 23.86
CA GLY C 200 38.19 17.28 24.67
C GLY C 200 37.62 15.87 24.61
N PRO C 201 38.08 15.01 23.66
CA PRO C 201 37.29 13.78 23.60
C PRO C 201 37.66 12.74 24.64
N GLY C 202 38.78 12.99 25.33
CA GLY C 202 39.36 12.02 26.25
C GLY C 202 38.46 11.53 27.36
N SER C 203 38.59 10.25 27.67
CA SER C 203 37.74 9.60 28.66
C SER C 203 37.91 10.24 30.03
N ILE C 204 39.15 10.66 30.34
CA ILE C 204 39.47 11.30 31.64
C ILE C 204 39.49 12.84 31.58
N CYS C 205 39.01 13.38 30.47
CA CYS C 205 39.09 14.80 30.14
C CYS C 205 37.92 15.65 30.66
N THR C 206 38.20 16.87 31.10
CA THR C 206 37.12 17.77 31.54
C THR C 206 37.25 19.13 30.88
N THR C 207 38.13 19.22 29.87
CA THR C 207 38.36 20.46 29.14
C THR C 207 37.07 21.08 28.66
N ARG C 208 36.20 20.27 28.06
CA ARG C 208 34.89 20.71 27.57
C ARG C 208 33.97 21.18 28.67
N VAL C 209 33.98 20.49 29.81
CA VAL C 209 33.21 20.91 30.97
C VAL C 209 33.77 22.20 31.59
N VAL C 210 35.07 22.27 31.77
CA VAL C 210 35.56 23.39 32.56
C VAL C 210 35.88 24.59 31.70
N ALA C 211 36.23 24.37 30.45
CA ALA C 211 36.59 25.47 29.57
C ALA C 211 35.57 25.70 28.45
N GLY C 212 34.59 24.80 28.31
CA GLY C 212 33.53 25.02 27.34
C GLY C 212 33.96 24.64 25.93
N VAL C 213 35.21 24.24 25.76
CA VAL C 213 35.79 24.17 24.41
C VAL C 213 36.01 22.75 23.92
N GLY C 214 35.76 22.50 22.64
CA GLY C 214 36.06 21.22 22.01
C GLY C 214 35.40 21.12 20.65
N VAL C 215 35.85 20.20 19.81
CA VAL C 215 35.14 19.82 18.60
C VAL C 215 34.85 18.32 18.61
N PRO C 216 33.60 17.92 18.30
CA PRO C 216 33.30 16.46 18.36
C PRO C 216 34.30 15.63 17.56
N GLN C 217 34.81 14.55 18.15
CA GLN C 217 36.03 13.93 17.61
C GLN C 217 35.93 13.39 16.21
N LEU C 218 34.79 12.84 15.83
CA LEU C 218 34.66 12.32 14.46
C LEU C 218 34.83 13.39 13.37
N THR C 219 34.12 14.51 13.52
CA THR C 219 34.26 15.70 12.70
C THR C 219 35.66 16.31 12.76
N ALA C 220 36.17 16.47 13.98
CA ALA C 220 37.55 16.93 14.20
C ALA C 220 38.53 16.08 13.39
N VAL C 221 38.42 14.77 13.51
CA VAL C 221 39.31 13.91 12.73
C VAL C 221 39.13 14.18 11.25
N TYR C 222 37.89 14.41 10.84
CA TYR C 222 37.54 14.64 9.43
C TYR C 222 38.00 15.99 8.84
N ASP C 223 37.69 17.08 9.54
CA ASP C 223 38.09 18.43 9.12
C ASP C 223 39.61 18.58 9.01
N CYS C 224 40.32 17.98 9.95
CA CYS C 224 41.78 18.01 9.91
C CYS C 224 42.31 17.09 8.84
N ALA C 225 41.71 15.92 8.68
CA ALA C 225 42.23 15.01 7.69
C ALA C 225 42.08 15.65 6.30
N THR C 226 41.01 16.44 6.14
CA THR C 226 40.67 17.09 4.88
C THR C 226 41.78 18.07 4.52
N GLU C 227 42.20 18.86 5.49
CA GLU C 227 43.28 19.81 5.32
C GLU C 227 44.62 19.11 5.09
N ALA C 228 44.87 18.10 5.92
CA ALA C 228 46.17 17.45 5.99
C ALA C 228 46.48 16.64 4.75
N ARG C 229 45.46 16.01 4.18
CA ARG C 229 45.73 15.16 3.03
C ARG C 229 46.15 15.95 1.78
N LYS C 230 45.79 17.24 1.72
CA LYS C 230 46.31 18.13 0.70
C LYS C 230 47.85 18.25 0.73
N HIS C 231 48.45 18.13 1.91
CA HIS C 231 49.89 18.24 2.04
C HIS C 231 50.57 16.88 2.11
N GLY C 232 49.78 15.81 2.18
CA GLY C 232 50.31 14.44 2.27
C GLY C 232 50.70 14.09 3.68
N ILE C 233 50.01 14.70 4.62
CA ILE C 233 50.35 14.55 6.03
C ILE C 233 49.28 13.72 6.73
N PRO C 234 49.71 12.71 7.53
CA PRO C 234 48.80 11.86 8.29
C PRO C 234 48.26 12.57 9.50
N VAL C 235 47.13 12.12 10.01
CA VAL C 235 46.68 12.63 11.29
C VAL C 235 46.42 11.53 12.30
N ILE C 236 46.44 11.90 13.57
CA ILE C 236 46.21 10.95 14.65
C ILE C 236 44.91 11.25 15.37
N ALA C 237 43.99 10.29 15.37
CA ALA C 237 42.78 10.42 16.18
C ALA C 237 43.20 10.19 17.63
N ASP C 238 43.18 11.25 18.44
CA ASP C 238 43.58 11.14 19.82
C ASP C 238 42.45 11.42 20.81
N GLY C 239 41.98 10.35 21.45
CA GLY C 239 40.97 10.42 22.51
C GLY C 239 39.63 9.93 22.02
N GLY C 240 38.82 9.41 22.94
CA GLY C 240 37.41 9.20 22.66
C GLY C 240 37.01 7.82 22.21
N ILE C 241 38.01 6.96 22.02
CA ILE C 241 37.76 5.62 21.58
C ILE C 241 37.48 4.68 22.76
N LYS C 242 36.27 4.10 22.78
CA LYS C 242 35.85 3.21 23.87
C LYS C 242 35.84 1.76 23.40
N TYR C 243 35.58 1.54 22.11
CA TYR C 243 35.52 0.19 21.55
C TYR C 243 36.33 0.10 20.28
N SER C 244 36.62 -1.11 19.85
CA SER C 244 37.41 -1.27 18.65
C SER C 244 36.72 -0.60 17.45
N GLY C 245 35.38 -0.67 17.41
CA GLY C 245 34.60 -0.08 16.34
C GLY C 245 34.81 1.41 16.17
N ASP C 246 34.93 2.10 17.30
CA ASP C 246 35.27 3.52 17.33
C ASP C 246 36.60 3.80 16.61
N MET C 247 37.57 2.91 16.78
CA MET C 247 38.85 3.07 16.11
C MET C 247 38.62 3.04 14.61
N VAL C 248 37.74 2.14 14.20
CA VAL C 248 37.48 1.92 12.79
C VAL C 248 36.84 3.16 12.21
N LYS C 249 35.87 3.73 12.94
CA LYS C 249 35.28 4.99 12.52
C LYS C 249 36.36 6.07 12.36
N ALA C 250 37.21 6.20 13.38
CA ALA C 250 38.32 7.14 13.36
C ALA C 250 39.23 7.00 12.14
N LEU C 251 39.60 5.77 11.79
CA LEU C 251 40.45 5.56 10.61
C LEU C 251 39.65 5.90 9.34
N ALA C 252 38.46 5.33 9.22
CA ALA C 252 37.54 5.62 8.14
C ALA C 252 37.13 7.09 8.04
N ALA C 253 37.24 7.85 9.14
CA ALA C 253 36.98 9.28 9.06
C ALA C 253 38.17 10.09 8.47
N GLY C 254 39.29 9.41 8.22
CA GLY C 254 40.45 10.06 7.64
C GLY C 254 41.75 9.89 8.40
N ALA C 255 41.72 9.35 9.61
CA ALA C 255 42.97 9.15 10.36
C ALA C 255 43.82 7.97 9.86
N HIS C 256 45.14 8.15 9.87
CA HIS C 256 46.08 7.10 9.52
C HIS C 256 46.26 6.12 10.67
N VAL C 257 45.99 6.57 11.89
CA VAL C 257 46.35 5.81 13.08
C VAL C 257 45.64 6.42 14.31
N VAL C 258 45.37 5.60 15.31
CA VAL C 258 44.72 6.14 16.48
C VAL C 258 45.64 6.16 17.70
N MET C 259 45.40 7.12 18.59
CA MET C 259 46.05 7.13 19.89
C MET C 259 45.05 6.80 21.03
N LEU C 260 45.42 5.88 21.91
CA LEU C 260 44.49 5.37 22.91
C LEU C 260 44.98 5.52 24.34
N GLY C 261 44.11 5.96 25.24
CA GLY C 261 44.48 6.00 26.64
C GLY C 261 43.82 4.90 27.46
N SER C 262 42.51 5.03 27.67
CA SER C 262 41.78 4.17 28.58
C SER C 262 41.71 2.69 28.15
N MET C 263 41.85 2.41 26.85
CA MET C 263 41.87 1.02 26.42
C MET C 263 43.23 0.37 26.70
N PHE C 264 44.23 1.16 27.03
CA PHE C 264 45.54 0.59 27.28
C PHE C 264 45.91 0.75 28.77
N ALA C 265 45.29 1.73 29.42
CA ALA C 265 45.59 2.05 30.81
C ALA C 265 45.59 0.86 31.79
N GLY C 266 44.73 -0.12 31.57
CA GLY C 266 44.61 -1.23 32.51
C GLY C 266 45.23 -2.56 32.11
N VAL C 267 46.29 -2.54 31.30
CA VAL C 267 46.98 -3.77 30.88
C VAL C 267 48.25 -4.00 31.70
N ALA C 268 48.73 -5.24 31.75
CA ALA C 268 49.91 -5.59 32.53
C ALA C 268 51.12 -4.66 32.34
N GLU C 269 51.47 -4.36 31.09
CA GLU C 269 52.67 -3.56 30.80
C GLU C 269 52.57 -2.05 31.14
N SER C 270 51.36 -1.56 31.42
CA SER C 270 51.20 -0.15 31.73
C SER C 270 51.73 0.11 33.14
N PRO C 271 52.17 1.35 33.42
CA PRO C 271 52.62 1.65 34.79
C PRO C 271 51.46 1.51 35.78
N GLY C 272 51.80 1.24 37.05
CA GLY C 272 50.78 1.12 38.07
C GLY C 272 50.69 -0.27 38.66
N GLU C 273 50.35 -0.34 39.93
CA GLU C 273 50.17 -1.59 40.64
C GLU C 273 48.81 -2.18 40.26
N THR C 274 48.55 -3.40 40.70
CA THR C 274 47.24 -4.01 40.55
C THR C 274 46.50 -3.91 41.88
N GLU C 275 45.62 -2.92 42.01
CA GLU C 275 44.74 -2.85 43.16
C GLU C 275 43.54 -3.75 42.91
N ILE C 276 42.79 -4.08 43.96
CA ILE C 276 41.61 -4.91 43.78
C ILE C 276 40.48 -4.46 44.69
N TYR C 277 39.30 -4.27 44.13
CA TYR C 277 38.11 -3.86 44.89
C TYR C 277 36.95 -4.73 44.43
N GLN C 278 36.11 -5.15 45.39
CA GLN C 278 34.92 -5.94 45.08
C GLN C 278 35.25 -7.18 44.26
N GLY C 279 36.40 -7.79 44.52
CA GLY C 279 36.80 -8.99 43.81
C GLY C 279 37.49 -8.80 42.47
N ARG C 280 37.44 -7.60 41.89
CA ARG C 280 37.97 -7.41 40.54
C ARG C 280 39.23 -6.56 40.48
N GLN C 281 40.04 -6.78 39.46
CA GLN C 281 41.29 -6.05 39.35
C GLN C 281 41.15 -4.69 38.63
N PHE C 282 41.95 -3.73 39.07
CA PHE C 282 41.94 -2.36 38.58
C PHE C 282 43.34 -1.75 38.52
N LYS C 283 43.49 -0.71 37.70
CA LYS C 283 44.68 0.13 37.69
C LYS C 283 44.22 1.58 37.64
N VAL C 284 45.01 2.47 38.22
CA VAL C 284 44.71 3.90 38.18
C VAL C 284 44.85 4.46 36.78
N TYR C 285 43.91 5.30 36.39
CA TYR C 285 43.98 6.00 35.12
C TYR C 285 43.55 7.43 35.38
N ARG C 286 44.43 8.39 35.14
CA ARG C 286 44.11 9.78 35.41
C ARG C 286 44.52 10.64 34.22
N GLY C 287 43.90 11.80 34.08
CA GLY C 287 44.32 12.70 33.03
C GLY C 287 45.63 13.38 33.38
N MET C 288 46.34 13.88 32.37
CA MET C 288 47.56 14.63 32.65
C MET C 288 47.24 16.01 33.21
N GLY C 289 46.07 16.55 32.89
CA GLY C 289 45.63 17.80 33.48
C GLY C 289 44.94 17.64 34.82
N SER C 290 44.93 16.45 35.39
CA SER C 290 44.30 16.25 36.69
C SER C 290 45.24 16.68 37.81
N VAL C 291 44.67 16.99 38.98
CA VAL C 291 45.42 17.37 40.18
C VAL C 291 46.56 16.40 40.49
N GLY C 292 46.29 15.10 40.31
CA GLY C 292 47.28 14.06 40.55
C GLY C 292 48.48 14.20 39.65
N ALA C 293 48.23 14.29 38.36
CA ALA C 293 49.30 14.37 37.36
C ALA C 293 50.17 15.61 37.52
N MET C 294 49.55 16.74 37.83
CA MET C 294 50.28 17.99 38.00
C MET C 294 51.22 17.92 39.20
N GLU C 295 50.68 17.45 40.32
CA GLU C 295 51.42 17.33 41.57
C GLU C 295 52.69 16.51 41.43
N LYS C 296 52.68 15.55 40.51
CA LYS C 296 53.87 14.73 40.25
C LYS C 296 55.05 15.61 39.84
N GLY C 297 54.75 16.74 39.19
CA GLY C 297 55.76 17.70 38.75
C GLY C 297 55.44 19.13 39.20
N LYS C 309 46.22 27.68 43.68
CA LYS C 309 45.75 26.35 43.32
C LYS C 309 45.73 26.20 41.79
N LEU C 310 45.84 24.97 41.32
CA LEU C 310 45.79 24.69 39.88
C LEU C 310 44.34 24.45 39.45
N VAL C 311 44.05 24.77 38.19
CA VAL C 311 42.72 24.55 37.59
C VAL C 311 42.80 23.38 36.62
N PRO C 312 42.49 22.18 37.11
CA PRO C 312 42.64 20.92 36.37
C PRO C 312 41.83 20.89 35.08
N GLU C 313 42.27 20.10 34.10
CA GLU C 313 41.44 19.85 32.94
C GLU C 313 41.30 18.35 32.74
N GLY C 314 41.45 17.61 33.83
CA GLY C 314 41.22 16.18 33.84
C GLY C 314 40.79 15.59 35.19
N ILE C 315 40.48 14.31 35.21
CA ILE C 315 40.12 13.67 36.45
C ILE C 315 40.91 12.39 36.65
N GLU C 316 40.93 11.93 37.90
CA GLU C 316 41.59 10.70 38.28
C GLU C 316 40.54 9.64 38.53
N GLY C 317 40.81 8.41 38.09
CA GLY C 317 39.92 7.31 38.42
C GLY C 317 40.61 5.97 38.23
N ARG C 318 39.83 4.91 38.09
CA ARG C 318 40.41 3.61 37.79
C ARG C 318 39.68 2.87 36.66
N VAL C 319 40.41 1.99 35.96
CA VAL C 319 39.83 1.15 34.92
C VAL C 319 40.15 -0.32 35.25
N PRO C 320 39.32 -1.25 34.76
CA PRO C 320 39.56 -2.69 34.90
C PRO C 320 40.94 -3.15 34.43
N TYR C 321 41.57 -4.02 35.22
CA TYR C 321 42.78 -4.69 34.80
C TYR C 321 42.50 -5.64 33.63
N LYS C 322 43.14 -5.41 32.49
CA LYS C 322 42.87 -6.18 31.28
C LYS C 322 43.81 -7.37 31.08
N GLY C 323 44.89 -7.47 31.83
CA GLY C 323 45.85 -8.53 31.56
C GLY C 323 46.90 -8.11 30.53
N PRO C 324 47.59 -9.10 29.91
CA PRO C 324 48.70 -8.79 29.01
C PRO C 324 48.22 -7.99 27.80
N LEU C 325 49.03 -7.02 27.38
CA LEU C 325 48.77 -6.20 26.19
C LEU C 325 48.27 -7.00 24.97
N ALA C 326 48.96 -8.08 24.62
CA ALA C 326 48.64 -8.94 23.47
C ALA C 326 47.16 -9.29 23.29
N ASP C 327 46.38 -9.18 24.34
CA ASP C 327 44.99 -9.57 24.26
C ASP C 327 44.12 -8.43 23.81
N THR C 328 44.32 -7.27 24.43
CA THR C 328 43.63 -6.06 24.05
C THR C 328 43.96 -5.74 22.57
N VAL C 329 45.22 -5.96 22.20
CA VAL C 329 45.68 -5.62 20.87
C VAL C 329 45.07 -6.59 19.86
N HIS C 330 44.95 -7.85 20.23
CA HIS C 330 44.43 -8.83 19.28
C HIS C 330 42.96 -8.56 19.05
N GLN C 331 42.21 -8.22 20.10
CA GLN C 331 40.81 -7.83 19.94
C GLN C 331 40.66 -6.59 19.05
N LEU C 332 41.48 -5.57 19.32
CA LEU C 332 41.46 -4.31 18.58
C LEU C 332 41.66 -4.49 17.07
N VAL C 333 42.79 -5.08 16.70
CA VAL C 333 43.12 -5.38 15.31
C VAL C 333 42.08 -6.34 14.69
N GLY C 334 41.45 -7.16 15.52
CA GLY C 334 40.36 -8.03 15.06
C GLY C 334 39.11 -7.26 14.63
N GLY C 335 38.74 -6.26 15.42
CA GLY C 335 37.62 -5.41 15.06
C GLY C 335 37.92 -4.69 13.75
N LEU C 336 39.14 -4.19 13.65
CA LEU C 336 39.55 -3.44 12.48
C LEU C 336 39.45 -4.29 11.21
N ARG C 337 40.05 -5.47 11.23
CA ARG C 337 39.95 -6.35 10.08
C ARG C 337 38.48 -6.70 9.75
N ALA C 338 37.68 -6.90 10.79
CA ALA C 338 36.26 -7.14 10.55
C ALA C 338 35.59 -5.98 9.79
N GLY C 339 35.76 -4.76 10.29
CA GLY C 339 35.18 -3.58 9.65
C GLY C 339 35.71 -3.32 8.24
N MET C 340 36.98 -3.61 7.99
CA MET C 340 37.53 -3.45 6.66
C MET C 340 36.95 -4.48 5.68
N GLY C 341 36.70 -5.69 6.17
CA GLY C 341 36.05 -6.70 5.37
C GLY C 341 34.62 -6.24 5.11
N TYR C 342 33.94 -5.77 6.16
CA TYR C 342 32.59 -5.19 5.96
C TYR C 342 32.60 -4.03 4.95
N CYS C 343 33.73 -3.34 4.83
CA CYS C 343 33.81 -2.17 3.93
C CYS C 343 34.53 -2.42 2.61
N GLY C 344 34.94 -3.67 2.39
CA GLY C 344 35.59 -4.06 1.16
C GLY C 344 36.93 -3.40 1.03
N ALA C 345 37.52 -3.08 2.17
CA ALA C 345 38.83 -2.44 2.21
C ALA C 345 39.95 -3.47 2.33
N GLN C 346 40.95 -3.40 1.46
CA GLN C 346 42.09 -4.32 1.53
C GLN C 346 43.26 -3.69 2.29
N ASP C 347 43.35 -2.36 2.25
CA ASP C 347 44.35 -1.64 3.02
C ASP C 347 43.69 -0.40 3.59
N LEU C 348 44.35 0.26 4.52
CA LEU C 348 43.72 1.35 5.24
C LEU C 348 43.53 2.58 4.34
N GLU C 349 44.29 2.66 3.26
CA GLU C 349 44.12 3.78 2.35
C GLU C 349 42.76 3.69 1.68
N PHE C 350 42.41 2.50 1.21
CA PHE C 350 41.09 2.29 0.65
C PHE C 350 39.99 2.72 1.59
N LEU C 351 40.10 2.32 2.86
CA LEU C 351 39.10 2.64 3.88
C LEU C 351 39.02 4.14 4.11
N ARG C 352 40.15 4.80 4.31
CA ARG C 352 40.16 6.25 4.43
C ARG C 352 39.42 6.91 3.24
N GLU C 353 39.82 6.55 2.01
CA GLU C 353 39.28 7.21 0.81
C GLU C 353 37.81 6.91 0.48
N ASN C 354 37.30 5.78 0.97
CA ASN C 354 36.04 5.26 0.43
C ASN C 354 34.93 4.95 1.41
N ALA C 355 35.29 4.74 2.66
CA ALA C 355 34.31 4.31 3.66
C ALA C 355 33.22 5.37 3.81
N GLN C 356 31.96 4.92 3.79
CA GLN C 356 30.83 5.83 3.95
C GLN C 356 30.17 5.62 5.32
N PHE C 357 29.64 6.69 5.89
CA PHE C 357 28.92 6.59 7.15
C PHE C 357 27.43 6.83 6.96
N ILE C 358 26.62 6.31 7.89
CA ILE C 358 25.22 6.71 8.01
C ILE C 358 25.04 7.30 9.39
N ARG C 359 24.26 8.38 9.46
CA ARG C 359 24.02 9.07 10.71
C ARG C 359 22.85 8.44 11.46
N MET C 360 22.98 8.28 12.77
CA MET C 360 21.86 7.72 13.52
C MET C 360 21.49 8.58 14.73
N SER C 361 20.39 8.25 15.37
CA SER C 361 19.95 9.00 16.54
C SER C 361 20.29 8.19 17.77
N GLY C 362 19.80 8.62 18.94
CA GLY C 362 20.08 7.93 20.20
C GLY C 362 19.29 6.63 20.40
N ALA C 363 18.20 6.47 19.64
CA ALA C 363 17.50 5.18 19.63
C ALA C 363 18.28 4.18 18.76
N GLY C 364 19.06 4.69 17.81
CA GLY C 364 19.90 3.86 16.99
C GLY C 364 21.14 3.34 17.71
N LEU C 365 21.81 4.23 18.43
CA LEU C 365 22.92 3.84 19.30
C LEU C 365 22.43 2.77 20.30
N LEU C 366 21.24 2.95 20.83
CA LEU C 366 20.69 1.94 21.71
C LEU C 366 20.53 0.60 21.01
N GLU C 367 20.08 0.62 19.75
CA GLU C 367 19.94 -0.61 18.97
C GLU C 367 21.31 -1.18 18.62
N SER C 368 22.30 -0.30 18.58
CA SER C 368 23.64 -0.64 18.18
C SER C 368 24.45 -1.26 19.29
N HIS C 369 23.86 -1.42 20.47
CA HIS C 369 24.51 -2.15 21.55
C HIS C 369 23.68 -3.38 21.88
N PRO C 370 24.26 -4.34 22.63
CA PRO C 370 23.39 -5.40 23.15
C PRO C 370 22.26 -4.79 23.96
N HIS C 371 21.03 -5.28 23.77
CA HIS C 371 19.85 -4.78 24.47
C HIS C 371 18.82 -5.89 24.80
N HIS C 372 18.00 -5.66 25.83
CA HIS C 372 16.95 -6.61 26.26
C HIS C 372 17.38 -8.08 26.57
N VAL C 373 18.64 -8.29 26.91
CA VAL C 373 19.12 -9.59 27.35
C VAL C 373 20.09 -9.33 28.50
N GLN C 374 20.02 -10.13 29.57
CA GLN C 374 21.01 -10.01 30.61
C GLN C 374 22.28 -10.76 30.16
N ILE C 375 23.38 -10.03 30.01
CA ILE C 375 24.65 -10.61 29.59
C ILE C 375 25.22 -11.44 30.73
N THR C 376 25.54 -12.70 30.48
CA THR C 376 25.95 -13.58 31.57
C THR C 376 27.46 -13.77 31.68
N LYS C 377 28.19 -13.33 30.66
CA LYS C 377 29.65 -13.29 30.76
C LYS C 377 30.30 -12.23 29.86
N GLU C 378 31.58 -11.96 30.14
CA GLU C 378 32.34 -10.94 29.45
C GLU C 378 32.76 -11.43 28.07
N ALA C 379 32.37 -10.69 27.04
CA ALA C 379 33.01 -10.84 25.75
C ALA C 379 34.40 -10.23 25.91
N PRO C 380 35.41 -10.85 25.30
CA PRO C 380 36.75 -10.27 25.40
C PRO C 380 36.80 -8.87 24.80
N ASN C 381 35.87 -8.57 23.89
CA ASN C 381 35.87 -7.26 23.25
C ASN C 381 34.73 -6.31 23.65
N TYR C 382 33.77 -6.80 24.45
CA TYR C 382 32.66 -5.98 24.91
C TYR C 382 32.51 -6.01 26.43
N SER C 383 32.48 -4.81 27.01
CA SER C 383 32.46 -4.59 28.47
C SER C 383 33.51 -5.39 29.23
N ASN D 23 -3.61 33.97 9.29
CA ASN D 23 -3.23 32.61 9.63
C ASN D 23 -1.74 32.45 9.76
N ALA D 24 -1.02 33.57 9.76
CA ALA D 24 0.44 33.53 9.73
C ALA D 24 1.02 33.12 11.07
N MET D 25 0.38 33.57 12.14
CA MET D 25 0.77 33.20 13.49
C MET D 25 0.43 31.74 13.73
N TRP D 26 -0.70 31.30 13.20
CA TRP D 26 -1.10 29.91 13.36
C TRP D 26 -0.14 28.97 12.64
N GLU D 27 0.61 29.48 11.67
CA GLU D 27 1.48 28.61 10.92
C GLU D 27 2.91 28.74 11.43
N SER D 28 3.17 29.72 12.28
CA SER D 28 4.52 29.88 12.84
C SER D 28 4.76 29.22 14.24
N LYS D 29 3.74 28.60 14.82
CA LYS D 29 3.83 28.09 16.19
C LYS D 29 5.09 27.26 16.47
N PHE D 30 5.51 26.47 15.49
CA PHE D 30 6.60 25.50 15.72
C PHE D 30 7.82 25.74 14.84
N VAL D 31 7.98 26.97 14.37
CA VAL D 31 9.15 27.29 13.56
C VAL D 31 10.45 27.36 14.39
N LYS D 32 10.52 28.25 15.37
CA LYS D 32 11.71 28.47 16.19
C LYS D 32 12.39 27.24 16.81
N GLU D 33 13.72 27.22 16.76
CA GLU D 33 14.54 26.19 17.42
C GLU D 33 15.45 26.86 18.45
N GLY D 34 15.66 26.21 19.59
CA GLY D 34 16.46 26.81 20.64
C GLY D 34 17.59 25.94 21.15
N LEU D 35 18.68 26.59 21.54
CA LEU D 35 19.88 25.87 21.92
C LEU D 35 20.17 26.11 23.38
N THR D 36 20.81 25.14 24.02
CA THR D 36 21.19 25.31 25.40
C THR D 36 22.68 25.01 25.52
N PHE D 37 23.29 25.42 26.64
CA PHE D 37 24.72 25.21 26.89
C PHE D 37 25.25 23.84 26.49
N ASP D 38 24.55 22.78 26.91
CA ASP D 38 24.98 21.40 26.69
C ASP D 38 24.76 20.94 25.26
N ASP D 39 24.11 21.75 24.44
CA ASP D 39 24.01 21.48 23.02
C ASP D 39 25.27 21.86 22.25
N VAL D 40 26.18 22.59 22.89
CA VAL D 40 27.27 23.16 22.10
C VAL D 40 28.68 23.01 22.66
N LEU D 41 29.63 23.40 21.83
CA LEU D 41 31.02 23.51 22.25
C LEU D 41 31.54 24.77 21.56
N LEU D 42 32.48 25.45 22.22
CA LEU D 42 33.23 26.53 21.61
C LEU D 42 34.37 25.91 20.82
N VAL D 43 34.46 26.25 19.54
CA VAL D 43 35.56 25.74 18.71
C VAL D 43 36.87 26.49 19.00
N PRO D 44 37.95 25.73 19.27
CA PRO D 44 39.28 26.31 19.44
C PRO D 44 39.66 27.10 18.19
N ALA D 45 40.37 28.21 18.41
CA ALA D 45 40.74 29.09 17.33
C ALA D 45 42.20 29.52 17.47
N LYS D 46 42.75 30.12 16.41
CA LYS D 46 44.09 30.71 16.49
C LYS D 46 44.29 31.59 17.73
N SER D 47 45.22 31.18 18.57
CA SER D 47 45.45 31.86 19.84
C SER D 47 46.87 32.33 20.01
N ASP D 48 47.02 33.54 20.51
CA ASP D 48 48.32 34.11 20.80
C ASP D 48 48.45 34.40 22.30
N VAL D 49 47.39 34.14 23.05
CA VAL D 49 47.34 34.67 24.39
C VAL D 49 47.16 33.51 25.38
N LEU D 50 47.89 33.58 26.49
CA LEU D 50 47.90 32.48 27.45
C LEU D 50 46.92 32.76 28.58
N PRO D 51 46.41 31.69 29.22
CA PRO D 51 45.34 31.85 30.22
C PRO D 51 45.67 32.91 31.27
N ARG D 52 46.91 32.98 31.75
CA ARG D 52 47.25 33.98 32.76
C ARG D 52 47.29 35.41 32.20
N GLU D 53 47.49 35.55 30.89
CA GLU D 53 47.57 36.84 30.21
C GLU D 53 46.24 37.55 29.90
N VAL D 54 45.14 36.80 29.78
CA VAL D 54 43.88 37.39 29.29
C VAL D 54 43.23 38.35 30.29
N SER D 55 42.55 39.36 29.76
CA SER D 55 41.77 40.27 30.59
C SER D 55 40.34 39.75 30.86
N VAL D 56 39.97 39.65 32.13
CA VAL D 56 38.59 39.27 32.46
C VAL D 56 37.76 40.49 32.92
N LYS D 57 38.32 41.69 32.72
CA LYS D 57 37.63 42.91 33.15
C LYS D 57 36.38 43.07 32.34
N THR D 58 35.41 43.82 32.86
CA THR D 58 34.17 44.08 32.16
C THR D 58 33.52 45.39 32.63
N VAL D 59 32.87 46.08 31.70
CA VAL D 59 32.23 47.34 32.01
C VAL D 59 30.74 47.25 31.75
N LEU D 60 29.93 47.37 32.81
CA LEU D 60 28.49 47.49 32.62
C LEU D 60 28.05 48.92 32.24
N SER D 61 28.75 49.93 32.78
CA SER D 61 28.44 51.34 32.50
C SER D 61 29.48 52.30 33.04
N GLU D 62 29.10 53.56 33.17
CA GLU D 62 29.97 54.58 33.75
C GLU D 62 30.32 54.26 35.20
N SER D 63 29.30 53.87 35.97
CA SER D 63 29.42 53.67 37.41
C SER D 63 29.79 52.24 37.76
N LEU D 64 29.62 51.34 36.80
CA LEU D 64 29.63 49.92 37.12
C LEU D 64 30.67 49.11 36.33
N GLN D 65 31.87 49.02 36.88
CA GLN D 65 32.94 48.23 36.29
C GLN D 65 33.32 47.01 37.16
N LEU D 66 33.49 45.84 36.54
CA LEU D 66 33.83 44.64 37.29
C LEU D 66 35.20 44.07 36.86
N ASN D 67 35.97 43.58 37.82
CA ASN D 67 37.23 42.92 37.50
C ASN D 67 37.03 41.47 37.09
N ILE D 68 35.94 40.88 37.57
CA ILE D 68 35.56 39.52 37.20
C ILE D 68 34.08 39.50 36.83
N PRO D 69 33.71 38.78 35.77
CA PRO D 69 32.35 38.96 35.25
C PRO D 69 31.26 38.18 35.98
N LEU D 70 31.31 38.18 37.31
CA LEU D 70 30.40 37.41 38.15
C LEU D 70 29.47 38.27 39.01
N ILE D 71 28.20 37.85 39.10
CA ILE D 71 27.26 38.46 40.01
C ILE D 71 26.57 37.34 40.77
N SER D 72 26.48 37.45 42.09
CA SER D 72 25.80 36.45 42.91
C SER D 72 24.32 36.82 42.99
N ALA D 73 23.45 35.83 42.79
CA ALA D 73 22.00 36.06 42.66
C ALA D 73 21.36 36.72 43.88
N GLY D 74 20.30 37.47 43.64
CA GLY D 74 19.57 38.15 44.70
C GLY D 74 18.55 37.22 45.32
N MET D 75 19.01 36.26 46.11
CA MET D 75 18.13 35.26 46.70
C MET D 75 18.49 35.09 48.18
N ASP D 76 17.55 34.63 48.99
CA ASP D 76 17.75 34.58 50.43
C ASP D 76 18.72 33.50 50.89
N THR D 77 19.13 32.65 49.97
CA THR D 77 20.12 31.61 50.22
C THR D 77 21.44 31.87 49.45
N VAL D 78 21.52 32.99 48.73
CA VAL D 78 22.71 33.33 47.94
C VAL D 78 23.45 34.60 48.36
N THR D 79 22.72 35.69 48.60
CA THR D 79 23.40 36.96 48.83
C THR D 79 22.80 37.81 49.94
N GLU D 80 23.56 37.96 51.02
CA GLU D 80 23.33 39.02 51.98
C GLU D 80 24.65 39.77 52.11
N ALA D 81 24.76 40.63 53.11
CA ALA D 81 25.91 41.53 53.25
C ALA D 81 27.27 40.82 53.12
N ASP D 82 27.48 39.74 53.88
CA ASP D 82 28.76 39.02 53.84
C ASP D 82 29.14 38.45 52.48
N MET D 83 28.15 38.02 51.72
CA MET D 83 28.37 37.49 50.38
C MET D 83 28.70 38.62 49.40
N ALA D 84 27.91 39.69 49.47
CA ALA D 84 28.11 40.84 48.60
C ALA D 84 29.51 41.45 48.77
N ILE D 85 30.05 41.39 49.99
CA ILE D 85 31.36 41.96 50.28
C ILE D 85 32.49 41.06 49.80
N ALA D 86 32.39 39.78 50.12
CA ALA D 86 33.36 38.81 49.63
C ALA D 86 33.39 38.83 48.11
N MET D 87 32.20 39.00 47.52
CA MET D 87 32.02 39.11 46.08
C MET D 87 32.74 40.35 45.51
N ALA D 88 32.45 41.51 46.10
CA ALA D 88 33.00 42.78 45.62
C ALA D 88 34.52 42.81 45.72
N ARG D 89 35.06 42.12 46.74
CA ARG D 89 36.51 42.01 46.93
C ARG D 89 37.15 40.96 46.03
N GLN D 90 36.35 40.15 45.36
CA GLN D 90 36.89 39.22 44.36
C GLN D 90 36.93 39.90 42.98
N GLY D 91 36.29 41.07 42.88
CA GLY D 91 36.18 41.78 41.63
C GLY D 91 34.80 41.64 41.01
N GLY D 92 33.88 41.00 41.74
CA GLY D 92 32.53 40.74 41.27
C GLY D 92 31.47 41.61 41.94
N LEU D 93 30.27 41.07 42.11
CA LEU D 93 29.13 41.89 42.52
C LEU D 93 28.06 41.09 43.25
N GLY D 94 27.51 41.65 44.32
CA GLY D 94 26.43 41.00 45.04
C GLY D 94 25.14 41.79 44.84
N ILE D 95 24.03 41.06 44.83
CA ILE D 95 22.70 41.66 44.82
C ILE D 95 21.96 41.15 46.06
N ILE D 96 21.67 42.08 46.98
CA ILE D 96 20.92 41.76 48.18
C ILE D 96 19.48 41.44 47.81
N HIS D 97 18.97 40.31 48.30
CA HIS D 97 17.60 39.90 48.01
C HIS D 97 16.63 40.86 48.70
N LYS D 98 15.39 40.88 48.23
CA LYS D 98 14.39 41.84 48.71
C LYS D 98 13.45 41.19 49.70
N ASN D 99 13.73 39.93 50.04
CA ASN D 99 12.87 39.16 50.94
C ASN D 99 13.20 39.48 52.39
N MET D 100 13.08 40.76 52.72
CA MET D 100 13.31 41.27 54.05
C MET D 100 12.62 42.63 54.15
N SER D 101 12.77 43.32 55.27
CA SER D 101 12.19 44.66 55.39
C SER D 101 12.97 45.62 54.52
N ILE D 102 12.45 46.84 54.38
CA ILE D 102 13.11 47.90 53.61
C ILE D 102 14.29 48.50 54.37
N GLU D 103 14.04 48.87 55.63
CA GLU D 103 15.09 49.37 56.52
C GLU D 103 16.27 48.41 56.64
N GLN D 104 15.96 47.12 56.61
CA GLN D 104 16.98 46.07 56.71
C GLN D 104 17.87 45.95 55.48
N GLN D 105 17.26 46.01 54.31
CA GLN D 105 18.01 45.89 53.06
C GLN D 105 18.91 47.10 52.92
N ALA D 106 18.35 48.28 53.22
CA ALA D 106 19.12 49.53 53.16
C ALA D 106 20.33 49.48 54.10
N GLU D 107 20.14 48.91 55.29
CA GLU D 107 21.24 48.77 56.25
C GLU D 107 22.34 47.89 55.67
N GLN D 108 21.97 46.73 55.12
CA GLN D 108 22.94 45.81 54.57
C GLN D 108 23.63 46.36 53.34
N VAL D 109 22.89 47.15 52.54
CA VAL D 109 23.48 47.81 51.38
C VAL D 109 24.52 48.81 51.84
N ASP D 110 24.16 49.61 52.84
CA ASP D 110 25.10 50.55 53.43
C ASP D 110 26.27 49.80 54.06
N LYS D 111 26.01 48.61 54.58
CA LYS D 111 27.05 47.81 55.24
C LYS D 111 28.17 47.43 54.28
N VAL D 112 27.80 46.99 53.09
CA VAL D 112 28.77 46.62 52.07
C VAL D 112 29.56 47.85 51.66
N LYS D 113 28.92 49.01 51.67
CA LYS D 113 29.57 50.25 51.26
C LYS D 113 30.63 50.72 52.26
N ARG D 114 30.36 50.51 53.54
CA ARG D 114 31.31 50.90 54.56
C ARG D 114 32.51 49.94 54.64
N SER D 115 32.44 48.84 53.91
CA SER D 115 33.54 47.86 53.90
C SER D 115 34.50 48.05 52.73
N GLY D 116 35.08 49.24 52.63
CA GLY D 116 36.10 49.49 51.63
C GLY D 116 35.59 50.28 50.45
N GLY D 117 34.39 50.84 50.59
CA GLY D 117 33.77 51.60 49.51
C GLY D 117 33.75 50.82 48.20
N LEU D 118 33.02 49.70 48.19
CA LEU D 118 32.98 48.85 47.01
C LEU D 118 31.57 48.64 46.48
N LEU D 119 31.44 47.97 45.34
CA LEU D 119 30.18 47.90 44.60
C LEU D 119 29.11 47.04 45.27
N VAL D 120 27.84 47.44 45.18
CA VAL D 120 26.74 46.64 45.75
C VAL D 120 25.40 46.79 45.03
N GLY D 121 24.66 45.68 44.93
CA GLY D 121 23.35 45.70 44.30
C GLY D 121 22.21 45.34 45.23
N ALA D 122 21.01 45.79 44.87
CA ALA D 122 19.83 45.47 45.67
C ALA D 122 18.67 45.17 44.73
N ALA D 123 17.91 44.14 45.05
CA ALA D 123 16.77 43.78 44.22
C ALA D 123 15.51 44.46 44.72
N VAL D 124 14.67 44.85 43.79
CA VAL D 124 13.39 45.45 44.11
C VAL D 124 12.37 44.79 43.22
N GLY D 125 11.21 44.47 43.77
CA GLY D 125 10.13 43.91 42.97
C GLY D 125 9.27 45.04 42.43
N VAL D 126 8.65 44.79 41.28
CA VAL D 126 7.64 45.70 40.77
C VAL D 126 6.43 45.61 41.70
N THR D 127 6.34 46.53 42.66
CA THR D 127 5.23 46.55 43.62
C THR D 127 4.82 47.98 43.91
N ALA D 128 3.85 48.15 44.80
CA ALA D 128 3.40 49.48 45.18
C ALA D 128 4.45 50.20 46.03
N ASP D 129 5.20 49.43 46.81
CA ASP D 129 6.18 50.02 47.71
C ASP D 129 7.56 50.13 47.06
N ALA D 130 7.61 49.90 45.74
CA ALA D 130 8.87 49.88 45.00
C ALA D 130 9.66 51.18 45.13
N MET D 131 8.99 52.32 44.99
CA MET D 131 9.72 53.57 45.08
C MET D 131 10.18 53.87 46.50
N THR D 132 9.36 53.50 47.48
CA THR D 132 9.73 53.61 48.90
C THR D 132 11.01 52.81 49.16
N ARG D 133 11.07 51.57 48.69
CA ARG D 133 12.27 50.76 48.82
C ARG D 133 13.47 51.35 48.09
N ILE D 134 13.25 51.83 46.86
CA ILE D 134 14.34 52.37 46.05
C ILE D 134 14.99 53.61 46.69
N ASP D 135 14.17 54.54 47.19
CA ASP D 135 14.68 55.73 47.88
C ASP D 135 15.66 55.32 48.97
N ALA D 136 15.14 54.54 49.93
CA ALA D 136 15.92 54.06 51.05
C ALA D 136 17.19 53.37 50.59
N LEU D 137 17.14 52.78 49.39
CA LEU D 137 18.30 52.09 48.81
C LEU D 137 19.29 53.06 48.20
N VAL D 138 18.79 54.05 47.45
CA VAL D 138 19.63 55.09 46.88
C VAL D 138 20.24 55.93 48.01
N LYS D 139 19.51 56.05 49.10
CA LYS D 139 20.00 56.75 50.28
C LYS D 139 21.21 56.00 50.84
N ALA D 140 21.18 54.68 50.81
CA ALA D 140 22.27 53.87 51.31
C ALA D 140 23.39 53.75 50.28
N SER D 141 23.17 54.41 49.14
CA SER D 141 24.14 54.53 48.05
C SER D 141 24.36 53.26 47.22
N VAL D 142 23.30 52.57 46.85
CA VAL D 142 23.41 51.44 45.92
C VAL D 142 24.12 51.87 44.65
N ASP D 143 24.84 50.95 44.03
CA ASP D 143 25.48 51.22 42.75
C ASP D 143 24.57 50.78 41.60
N ALA D 144 23.68 49.82 41.88
CA ALA D 144 22.70 49.38 40.90
C ALA D 144 21.51 48.71 41.58
N ILE D 145 20.30 49.09 41.21
CA ILE D 145 19.16 48.29 41.62
C ILE D 145 18.82 47.28 40.52
N VAL D 146 18.30 46.13 40.95
CA VAL D 146 17.82 45.13 40.02
C VAL D 146 16.32 45.02 40.23
N LEU D 147 15.54 45.45 39.24
CA LEU D 147 14.10 45.21 39.27
C LEU D 147 13.86 43.83 38.71
N ASP D 148 13.65 42.86 39.59
CA ASP D 148 13.45 41.49 39.19
C ASP D 148 11.97 41.15 39.19
N THR D 149 11.56 40.44 38.15
CA THR D 149 10.21 39.90 38.07
C THR D 149 10.28 38.66 37.21
N ALA D 150 9.22 37.87 37.28
CA ALA D 150 9.12 36.65 36.50
C ALA D 150 9.09 36.99 35.02
N HIS D 151 8.37 38.04 34.68
CA HIS D 151 8.11 38.35 33.29
C HIS D 151 8.44 39.81 33.05
N GLY D 152 9.70 40.07 32.73
CA GLY D 152 10.16 41.43 32.49
C GLY D 152 9.46 42.07 31.32
N HIS D 153 8.95 41.25 30.40
CA HIS D 153 8.22 41.75 29.22
C HIS D 153 6.77 42.09 29.57
N SER D 154 6.60 42.91 30.59
CA SER D 154 5.26 43.17 31.10
C SER D 154 5.04 44.66 31.24
N GLN D 155 3.81 45.11 31.00
CA GLN D 155 3.49 46.52 31.09
C GLN D 155 3.85 47.17 32.42
N GLY D 156 3.54 46.49 33.53
CA GLY D 156 3.88 46.98 34.85
C GLY D 156 5.39 47.15 35.02
N VAL D 157 6.14 46.22 34.47
CA VAL D 157 7.60 46.27 34.55
C VAL D 157 8.17 47.42 33.74
N ILE D 158 7.63 47.63 32.53
CA ILE D 158 7.98 48.79 31.71
C ILE D 158 7.71 50.11 32.42
N ASP D 159 6.47 50.29 32.86
CA ASP D 159 6.06 51.55 33.49
C ASP D 159 6.90 51.91 34.71
N LYS D 160 7.26 50.88 35.50
CA LYS D 160 8.11 51.07 36.66
C LYS D 160 9.48 51.60 36.26
N VAL D 161 10.17 50.87 35.38
CA VAL D 161 11.46 51.32 34.84
C VAL D 161 11.37 52.74 34.28
N LYS D 162 10.22 53.09 33.73
CA LYS D 162 10.01 54.45 33.24
C LYS D 162 9.97 55.44 34.40
N GLU D 163 9.23 55.08 35.45
CA GLU D 163 9.16 55.90 36.66
C GLU D 163 10.54 56.09 37.27
N VAL D 164 11.24 54.98 37.46
CA VAL D 164 12.52 55.02 38.16
C VAL D 164 13.54 55.81 37.36
N ARG D 165 13.55 55.60 36.04
CA ARG D 165 14.47 56.33 35.16
C ARG D 165 14.19 57.81 35.26
N ALA D 166 12.92 58.17 35.34
CA ALA D 166 12.51 59.55 35.54
C ALA D 166 13.07 60.14 36.84
N LYS D 167 12.80 59.49 37.97
CA LYS D 167 13.22 60.00 39.28
C LYS D 167 14.73 60.00 39.50
N TYR D 168 15.39 58.89 39.17
CA TYR D 168 16.85 58.80 39.33
C TYR D 168 17.53 58.57 37.98
N PRO D 169 17.84 59.67 37.28
CA PRO D 169 18.47 59.61 35.96
C PRO D 169 19.90 59.08 36.00
N SER D 170 20.48 58.98 37.19
CA SER D 170 21.89 58.63 37.32
C SER D 170 22.08 57.16 37.65
N LEU D 171 20.98 56.51 38.01
CA LEU D 171 21.03 55.20 38.63
C LEU D 171 21.12 54.10 37.59
N ASN D 172 22.09 53.21 37.77
CA ASN D 172 22.16 51.96 37.01
C ASN D 172 20.92 51.14 37.28
N ILE D 173 20.18 50.82 36.20
CA ILE D 173 18.97 50.01 36.32
C ILE D 173 19.12 48.66 35.60
N ILE D 174 19.06 47.58 36.39
CA ILE D 174 19.03 46.23 35.82
C ILE D 174 17.60 45.70 35.86
N ALA D 175 16.99 45.54 34.69
CA ALA D 175 15.65 45.01 34.59
C ALA D 175 15.69 43.65 33.92
N GLY D 176 14.89 42.73 34.47
CA GLY D 176 14.70 41.42 33.89
C GLY D 176 13.48 40.80 34.53
N ASN D 177 13.18 39.55 34.21
CA ASN D 177 13.92 38.81 33.21
C ASN D 177 13.20 38.73 31.86
N VAL D 178 14.01 38.58 30.81
CA VAL D 178 13.52 38.49 29.46
C VAL D 178 14.22 37.36 28.73
N ALA D 179 13.67 36.99 27.58
CA ALA D 179 14.25 35.92 26.80
C ALA D 179 14.23 36.26 25.33
N THR D 180 13.51 37.32 24.94
CA THR D 180 13.43 37.67 23.51
C THR D 180 14.04 39.02 23.10
N ALA D 181 14.24 39.19 21.80
CA ALA D 181 14.68 40.48 21.27
C ALA D 181 13.66 41.58 21.58
N GLU D 182 12.39 41.26 21.42
CA GLU D 182 11.34 42.24 21.59
C GLU D 182 11.34 42.76 23.01
N ALA D 183 11.45 41.83 23.95
CA ALA D 183 11.52 42.21 25.35
C ALA D 183 12.79 43.02 25.71
N THR D 184 13.93 42.67 25.12
CA THR D 184 15.17 43.38 25.39
C THR D 184 15.00 44.83 25.02
N LYS D 185 14.30 45.05 23.91
CA LYS D 185 14.12 46.39 23.38
C LYS D 185 13.13 47.16 24.23
N ALA D 186 12.08 46.49 24.66
CA ALA D 186 11.06 47.14 25.46
C ALA D 186 11.64 47.74 26.74
N LEU D 187 12.61 47.04 27.34
CA LEU D 187 13.20 47.46 28.61
C LEU D 187 14.30 48.48 28.43
N ILE D 188 15.05 48.34 27.34
CA ILE D 188 16.06 49.34 26.98
C ILE D 188 15.36 50.67 26.78
N GLU D 189 14.27 50.66 26.02
CA GLU D 189 13.54 51.88 25.73
C GLU D 189 12.89 52.47 26.97
N ALA D 190 12.53 51.64 27.94
CA ALA D 190 11.94 52.14 29.16
C ALA D 190 12.98 52.81 30.06
N GLY D 191 14.26 52.65 29.72
CA GLY D 191 15.35 53.29 30.44
C GLY D 191 16.23 52.36 31.28
N ALA D 192 16.07 51.06 31.15
CA ALA D 192 16.96 50.17 31.88
C ALA D 192 18.24 50.05 31.08
N ASN D 193 19.40 50.22 31.75
CA ASN D 193 20.66 50.31 31.05
C ASN D 193 21.45 49.00 31.04
N VAL D 194 21.02 48.07 31.89
CA VAL D 194 21.50 46.70 31.81
C VAL D 194 20.28 45.79 31.82
N VAL D 195 20.26 44.80 30.92
CA VAL D 195 19.11 43.90 30.80
C VAL D 195 19.46 42.50 31.31
N LYS D 196 18.50 41.83 31.95
CA LYS D 196 18.74 40.50 32.50
C LYS D 196 18.02 39.37 31.78
N VAL D 197 18.81 38.45 31.21
CA VAL D 197 18.29 37.34 30.44
C VAL D 197 18.17 36.02 31.19
N GLY D 198 16.98 35.44 31.13
CA GLY D 198 16.74 34.10 31.61
C GLY D 198 15.34 33.89 32.14
N ILE D 199 14.54 33.13 31.42
CA ILE D 199 13.25 32.73 31.92
C ILE D 199 13.28 31.22 32.02
N GLY D 200 13.47 30.73 33.24
CA GLY D 200 13.43 29.31 33.50
C GLY D 200 14.64 28.38 33.37
N PRO D 201 15.87 28.91 33.22
CA PRO D 201 16.96 27.92 33.23
C PRO D 201 17.50 27.57 34.63
N GLY D 202 17.11 28.30 35.67
CA GLY D 202 17.64 28.09 37.00
C GLY D 202 17.59 26.66 37.48
N SER D 203 18.59 26.25 38.25
CA SER D 203 18.68 24.90 38.79
C SER D 203 17.50 24.55 39.70
N ILE D 204 16.95 25.57 40.36
CA ILE D 204 15.88 25.40 41.35
C ILE D 204 14.52 25.81 40.79
N CYS D 205 14.48 26.02 39.46
CA CYS D 205 13.32 26.60 38.79
C CYS D 205 12.33 25.56 38.22
N THR D 206 11.03 25.82 38.41
CA THR D 206 10.01 24.91 37.88
C THR D 206 9.08 25.62 36.90
N THR D 207 9.40 26.88 36.59
CA THR D 207 8.65 27.69 35.62
C THR D 207 8.32 26.93 34.34
N ARG D 208 9.31 26.25 33.78
CA ARG D 208 9.09 25.60 32.50
C ARG D 208 8.19 24.39 32.66
N VAL D 209 8.23 23.81 33.86
CA VAL D 209 7.43 22.63 34.22
C VAL D 209 6.00 23.00 34.59
N VAL D 210 5.83 24.08 35.35
CA VAL D 210 4.50 24.42 35.83
C VAL D 210 3.78 25.37 34.89
N ALA D 211 4.51 26.25 34.23
CA ALA D 211 3.86 27.18 33.31
C ALA D 211 4.05 26.81 31.83
N GLY D 212 5.00 25.92 31.53
CA GLY D 212 5.23 25.49 30.16
C GLY D 212 5.95 26.54 29.32
N VAL D 213 6.49 27.56 29.97
CA VAL D 213 7.02 28.75 29.31
C VAL D 213 8.53 28.88 29.49
N GLY D 214 9.23 29.21 28.41
CA GLY D 214 10.65 29.48 28.48
C GLY D 214 11.39 29.60 27.14
N VAL D 215 12.67 29.93 27.21
CA VAL D 215 13.55 29.93 26.05
C VAL D 215 14.96 29.42 26.48
N PRO D 216 15.43 28.30 25.88
CA PRO D 216 16.75 27.71 26.20
C PRO D 216 17.84 28.80 26.33
N GLN D 217 18.64 28.76 27.39
CA GLN D 217 19.35 29.96 27.84
C GLN D 217 20.37 30.56 26.86
N LEU D 218 21.06 29.69 26.16
CA LEU D 218 22.04 30.08 25.18
C LEU D 218 21.43 30.94 24.07
N THR D 219 20.36 30.42 23.46
CA THR D 219 19.57 31.10 22.46
C THR D 219 19.04 32.43 23.00
N ALA D 220 18.60 32.40 24.26
CA ALA D 220 18.03 33.60 24.89
C ALA D 220 19.11 34.62 25.18
N VAL D 221 20.31 34.17 25.50
CA VAL D 221 21.39 35.14 25.60
C VAL D 221 21.70 35.68 24.20
N TYR D 222 21.79 34.78 23.22
CA TYR D 222 22.16 35.19 21.86
C TYR D 222 21.17 36.16 21.21
N ASP D 223 19.87 35.89 21.31
CA ASP D 223 18.86 36.78 20.76
C ASP D 223 18.75 38.11 21.51
N CYS D 224 18.94 38.10 22.83
CA CYS D 224 18.74 39.34 23.56
C CYS D 224 19.95 40.24 23.39
N ALA D 225 21.08 39.61 23.12
CA ALA D 225 22.32 40.34 22.93
C ALA D 225 22.36 40.97 21.55
N THR D 226 21.85 40.26 20.55
CA THR D 226 21.83 40.77 19.19
C THR D 226 21.12 42.11 19.17
N GLU D 227 19.99 42.18 19.88
CA GLU D 227 19.21 43.39 19.91
C GLU D 227 19.93 44.42 20.77
N ALA D 228 20.25 44.04 22.00
CA ALA D 228 20.95 44.90 22.96
C ALA D 228 22.27 45.48 22.45
N ARG D 229 23.00 44.70 21.67
CA ARG D 229 24.20 45.18 20.99
C ARG D 229 23.96 46.49 20.23
N LYS D 230 22.81 46.60 19.56
CA LYS D 230 22.50 47.77 18.74
C LYS D 230 22.44 49.07 19.55
N HIS D 231 21.85 49.02 20.74
CA HIS D 231 21.80 50.20 21.60
C HIS D 231 23.00 50.24 22.55
N GLY D 232 24.02 49.44 22.26
CA GLY D 232 25.24 49.43 23.06
C GLY D 232 24.97 49.10 24.52
N ILE D 233 23.95 48.28 24.78
CA ILE D 233 23.48 47.92 26.11
C ILE D 233 23.86 46.48 26.45
N PRO D 234 24.42 46.27 27.66
CA PRO D 234 24.90 44.96 28.10
C PRO D 234 23.80 44.03 28.66
N VAL D 235 24.08 42.73 28.58
CA VAL D 235 23.14 41.72 29.04
C VAL D 235 23.81 40.77 30.04
N ILE D 236 23.10 40.46 31.13
CA ILE D 236 23.54 39.51 32.13
C ILE D 236 22.86 38.16 31.96
N ALA D 237 23.64 37.13 31.65
CA ALA D 237 23.12 35.76 31.62
C ALA D 237 22.77 35.25 33.02
N ASP D 238 21.47 35.02 33.27
CA ASP D 238 21.05 34.60 34.60
C ASP D 238 20.46 33.18 34.62
N GLY D 239 21.12 32.26 35.32
CA GLY D 239 20.59 30.92 35.49
C GLY D 239 21.15 29.89 34.54
N GLY D 240 21.01 28.62 34.90
CA GLY D 240 21.36 27.52 34.01
C GLY D 240 22.83 27.18 33.91
N ILE D 241 23.65 27.92 34.65
CA ILE D 241 25.10 27.70 34.65
C ILE D 241 25.55 26.76 35.77
N LYS D 242 26.11 25.62 35.39
CA LYS D 242 26.48 24.64 36.39
C LYS D 242 27.94 24.20 36.33
N TYR D 243 28.63 24.59 35.27
CA TYR D 243 30.08 24.40 35.20
C TYR D 243 30.72 25.68 34.66
N SER D 244 32.02 25.83 34.90
CA SER D 244 32.74 27.01 34.48
C SER D 244 32.69 27.20 32.96
N GLY D 245 32.65 26.10 32.22
CA GLY D 245 32.52 26.16 30.77
C GLY D 245 31.16 26.68 30.26
N ASP D 246 30.13 26.59 31.09
CA ASP D 246 28.83 27.13 30.76
C ASP D 246 28.97 28.65 30.75
N MET D 247 29.75 29.15 31.70
CA MET D 247 29.98 30.58 31.80
C MET D 247 30.65 31.10 30.54
N VAL D 248 31.71 30.41 30.12
CA VAL D 248 32.40 30.76 28.91
C VAL D 248 31.44 30.83 27.71
N LYS D 249 30.62 29.80 27.58
CA LYS D 249 29.63 29.75 26.52
C LYS D 249 28.66 30.95 26.59
N ALA D 250 28.18 31.27 27.78
CA ALA D 250 27.22 32.35 27.94
C ALA D 250 27.87 33.67 27.59
N LEU D 251 29.13 33.82 27.99
CA LEU D 251 29.88 35.03 27.69
C LEU D 251 30.10 35.17 26.18
N ALA D 252 30.51 34.07 25.56
CA ALA D 252 30.84 34.03 24.14
C ALA D 252 29.59 34.16 23.28
N ALA D 253 28.46 33.78 23.86
CA ALA D 253 27.19 33.92 23.16
C ALA D 253 26.60 35.32 23.28
N GLY D 254 27.39 36.31 23.72
CA GLY D 254 26.91 37.67 23.82
C GLY D 254 26.77 38.35 25.18
N ALA D 255 26.78 37.60 26.28
CA ALA D 255 26.61 38.20 27.61
C ALA D 255 27.86 38.96 28.08
N HIS D 256 27.67 40.03 28.83
CA HIS D 256 28.79 40.77 29.39
C HIS D 256 29.28 40.10 30.69
N VAL D 257 28.32 39.56 31.44
CA VAL D 257 28.53 39.12 32.81
C VAL D 257 27.52 38.00 33.07
N VAL D 258 27.83 37.06 33.97
CA VAL D 258 26.88 36.01 34.33
C VAL D 258 26.46 36.12 35.78
N MET D 259 25.28 35.62 36.07
CA MET D 259 24.77 35.61 37.43
C MET D 259 24.53 34.18 37.86
N LEU D 260 25.00 33.85 39.05
CA LEU D 260 24.95 32.47 39.50
C LEU D 260 24.18 32.36 40.79
N GLY D 261 23.45 31.25 40.91
CA GLY D 261 22.80 30.88 42.16
C GLY D 261 23.44 29.66 42.78
N SER D 262 23.26 28.51 42.15
CA SER D 262 23.72 27.24 42.73
C SER D 262 25.21 27.16 43.00
N MET D 263 26.04 27.66 42.10
CA MET D 263 27.46 27.52 42.31
C MET D 263 27.97 28.41 43.45
N PHE D 264 27.12 29.30 43.92
CA PHE D 264 27.50 30.22 44.98
C PHE D 264 26.82 29.85 46.28
N ALA D 265 25.66 29.20 46.18
CA ALA D 265 24.86 28.87 47.37
C ALA D 265 25.61 28.03 48.37
N GLY D 266 26.53 27.19 47.90
CA GLY D 266 27.31 26.34 48.80
C GLY D 266 28.49 27.01 49.49
N VAL D 267 28.49 28.33 49.53
CA VAL D 267 29.67 29.04 49.98
C VAL D 267 29.50 29.60 51.39
N ALA D 268 30.57 29.56 52.18
CA ALA D 268 30.52 29.94 53.59
C ALA D 268 29.92 31.33 53.83
N GLU D 269 30.13 32.26 52.90
CA GLU D 269 29.63 33.62 53.09
C GLU D 269 28.14 33.79 52.73
N SER D 270 27.57 32.81 52.05
CA SER D 270 26.17 32.88 51.65
C SER D 270 25.28 32.73 52.88
N PRO D 271 24.10 33.33 52.86
CA PRO D 271 23.25 33.29 54.05
C PRO D 271 22.79 31.85 54.32
N GLY D 272 22.19 31.61 55.49
CA GLY D 272 21.77 30.26 55.86
C GLY D 272 22.90 29.45 56.49
N GLU D 273 22.61 28.78 57.60
CA GLU D 273 23.62 28.00 58.31
C GLU D 273 23.72 26.54 57.82
N THR D 274 24.94 26.00 57.90
CA THR D 274 25.25 24.70 57.34
C THR D 274 24.39 23.57 57.91
N GLU D 275 23.71 22.86 57.02
CA GLU D 275 22.85 21.72 57.36
C GLU D 275 23.58 20.38 57.16
N ILE D 276 23.56 19.52 58.18
CA ILE D 276 24.27 18.24 58.13
C ILE D 276 23.46 17.21 57.38
N TYR D 277 24.12 16.41 56.56
CA TYR D 277 23.44 15.39 55.78
C TYR D 277 24.40 14.27 55.40
N GLN D 278 24.12 13.06 55.87
CA GLN D 278 24.96 11.92 55.57
C GLN D 278 26.42 12.20 55.91
N GLY D 279 26.64 12.75 57.10
CA GLY D 279 27.99 13.00 57.58
C GLY D 279 28.61 14.24 56.98
N ARG D 280 28.12 14.64 55.81
CA ARG D 280 28.64 15.81 55.12
C ARG D 280 27.87 17.07 55.48
N GLN D 281 28.46 18.21 55.09
CA GLN D 281 27.91 19.52 55.38
C GLN D 281 27.23 20.10 54.13
N PHE D 282 26.02 20.61 54.29
CA PHE D 282 25.25 21.18 53.17
C PHE D 282 24.69 22.55 53.51
N LYS D 283 24.29 23.29 52.47
CA LYS D 283 23.62 24.55 52.67
C LYS D 283 22.31 24.53 51.92
N VAL D 284 21.26 25.04 52.55
CA VAL D 284 19.94 25.14 51.93
C VAL D 284 19.96 26.08 50.72
N TYR D 285 19.36 25.65 49.63
CA TYR D 285 19.25 26.46 48.42
C TYR D 285 17.83 26.32 47.88
N ARG D 286 17.08 27.42 47.93
CA ARG D 286 15.70 27.41 47.47
C ARG D 286 15.40 28.58 46.52
N GLY D 287 14.54 28.32 45.54
CA GLY D 287 14.12 29.36 44.64
C GLY D 287 13.33 30.40 45.38
N MET D 288 13.40 31.64 44.92
CA MET D 288 12.66 32.72 45.57
C MET D 288 11.17 32.53 45.37
N GLY D 289 10.81 31.70 44.38
CA GLY D 289 9.42 31.40 44.09
C GLY D 289 8.97 30.12 44.76
N SER D 290 9.79 29.56 45.63
CA SER D 290 9.34 28.35 46.31
C SER D 290 8.39 28.69 47.47
N VAL D 291 7.55 27.73 47.83
CA VAL D 291 6.71 27.85 49.02
C VAL D 291 7.54 28.25 50.25
N GLY D 292 8.75 27.72 50.37
CA GLY D 292 9.67 28.11 51.43
C GLY D 292 10.06 29.59 51.48
N ALA D 293 10.56 30.13 50.37
CA ALA D 293 10.92 31.54 50.29
C ALA D 293 9.72 32.49 50.44
N MET D 294 8.60 32.12 49.84
CA MET D 294 7.39 32.92 49.90
C MET D 294 6.67 32.88 51.26
N GLU D 295 6.70 31.74 51.96
CA GLU D 295 5.92 31.59 53.20
C GLU D 295 6.38 32.58 54.26
N LYS D 296 7.63 33.02 54.16
CA LYS D 296 8.20 33.91 55.17
C LYS D 296 7.78 35.36 54.97
N LEU D 310 -1.08 29.27 47.19
CA LEU D 310 -0.16 29.93 46.26
C LEU D 310 0.61 28.91 45.41
N VAL D 311 0.72 29.18 44.11
CA VAL D 311 1.33 28.26 43.15
C VAL D 311 2.77 28.67 42.89
N PRO D 312 3.72 27.87 43.40
CA PRO D 312 5.14 28.19 43.30
C PRO D 312 5.74 27.88 41.93
N GLU D 313 6.86 28.52 41.62
CA GLU D 313 7.57 28.27 40.36
C GLU D 313 9.01 27.88 40.67
N GLY D 314 9.19 27.24 41.83
CA GLY D 314 10.49 26.88 42.34
C GLY D 314 10.47 25.84 43.46
N ILE D 315 11.63 25.21 43.68
CA ILE D 315 11.71 24.19 44.71
C ILE D 315 12.76 24.47 45.79
N GLU D 316 12.74 23.64 46.84
CA GLU D 316 13.70 23.76 47.93
C GLU D 316 14.61 22.56 47.99
N GLY D 317 15.81 22.78 48.50
CA GLY D 317 16.77 21.70 48.62
C GLY D 317 18.07 22.16 49.21
N ARG D 318 19.16 21.50 48.85
CA ARG D 318 20.45 21.78 49.46
C ARG D 318 21.59 21.52 48.48
N VAL D 319 22.73 22.17 48.70
CA VAL D 319 23.94 21.93 47.93
C VAL D 319 25.12 21.66 48.88
N PRO D 320 26.13 20.92 48.40
CA PRO D 320 27.30 20.65 49.24
C PRO D 320 27.91 21.93 49.79
N TYR D 321 28.43 21.88 51.01
CA TYR D 321 29.24 22.97 51.53
C TYR D 321 30.54 23.05 50.73
N LYS D 322 30.87 24.23 50.22
CA LYS D 322 31.97 24.38 49.24
C LYS D 322 33.25 25.05 49.79
N GLY D 323 33.16 25.75 50.92
CA GLY D 323 34.31 26.45 51.45
C GLY D 323 34.10 27.93 51.32
N PRO D 324 35.18 28.73 51.29
CA PRO D 324 35.01 30.17 51.09
C PRO D 324 34.74 30.47 49.65
N LEU D 325 34.10 31.61 49.40
CA LEU D 325 33.86 32.07 48.04
C LEU D 325 35.13 32.04 47.22
N ALA D 326 36.27 32.22 47.89
CA ALA D 326 37.53 32.51 47.20
C ALA D 326 38.05 31.40 46.26
N ASP D 327 37.88 30.15 46.67
CA ASP D 327 38.31 29.01 45.83
C ASP D 327 37.34 28.69 44.70
N THR D 328 36.04 28.92 44.93
CA THR D 328 35.05 28.73 43.89
C THR D 328 35.27 29.77 42.79
N VAL D 329 35.49 31.01 43.22
CA VAL D 329 35.83 32.10 42.32
C VAL D 329 37.06 31.74 41.51
N HIS D 330 38.09 31.24 42.19
CA HIS D 330 39.31 30.80 41.52
C HIS D 330 39.03 29.80 40.38
N GLN D 331 38.24 28.77 40.66
CA GLN D 331 37.96 27.76 39.64
C GLN D 331 37.17 28.28 38.43
N LEU D 332 36.18 29.13 38.68
CA LEU D 332 35.41 29.74 37.62
C LEU D 332 36.29 30.61 36.70
N VAL D 333 37.01 31.56 37.29
CA VAL D 333 37.81 32.45 36.50
C VAL D 333 38.87 31.69 35.68
N GLY D 334 39.50 30.70 36.31
CA GLY D 334 40.47 29.87 35.62
C GLY D 334 39.91 29.13 34.43
N GLY D 335 38.66 28.69 34.53
CA GLY D 335 37.97 28.09 33.41
C GLY D 335 37.74 29.10 32.29
N LEU D 336 37.18 30.25 32.65
CA LEU D 336 37.07 31.37 31.74
C LEU D 336 38.43 31.63 31.13
N ARG D 337 39.46 31.71 31.95
CA ARG D 337 40.79 31.99 31.42
C ARG D 337 41.29 30.96 30.40
N ALA D 338 41.01 29.69 30.63
CA ALA D 338 41.45 28.65 29.70
C ALA D 338 40.61 28.64 28.43
N GLY D 339 39.35 29.04 28.52
CA GLY D 339 38.46 29.09 27.37
C GLY D 339 38.84 30.24 26.44
N MET D 340 39.08 31.41 27.03
CA MET D 340 39.51 32.55 26.23
C MET D 340 40.86 32.23 25.61
N GLY D 341 41.67 31.46 26.31
CA GLY D 341 42.92 31.00 25.76
C GLY D 341 42.67 30.16 24.53
N TYR D 342 41.76 29.20 24.65
CA TYR D 342 41.41 28.30 23.55
C TYR D 342 40.81 29.06 22.38
N CYS D 343 40.15 30.17 22.71
CA CYS D 343 39.42 30.93 21.72
C CYS D 343 40.25 32.10 21.20
N GLY D 344 41.48 32.19 21.69
CA GLY D 344 42.37 33.24 21.23
C GLY D 344 41.78 34.60 21.50
N ALA D 345 41.10 34.74 22.63
CA ALA D 345 40.49 36.01 23.02
C ALA D 345 41.23 36.68 24.19
N GLN D 346 41.80 37.84 23.91
CA GLN D 346 42.56 38.62 24.89
C GLN D 346 41.67 39.36 25.88
N ASP D 347 40.51 39.79 25.43
CA ASP D 347 39.53 40.39 26.33
C ASP D 347 38.14 39.83 26.10
N LEU D 348 37.24 40.14 27.01
CA LEU D 348 35.90 39.61 26.95
C LEU D 348 35.12 40.12 25.75
N GLU D 349 35.60 41.23 25.19
CA GLU D 349 35.00 41.84 24.00
C GLU D 349 35.26 40.96 22.80
N PHE D 350 36.53 40.56 22.65
CA PHE D 350 36.97 39.81 21.49
C PHE D 350 36.25 38.47 21.47
N LEU D 351 35.99 37.95 22.66
CA LEU D 351 35.31 36.67 22.81
C LEU D 351 33.85 36.79 22.37
N ARG D 352 33.13 37.81 22.83
CA ARG D 352 31.74 37.96 22.42
C ARG D 352 31.63 38.11 20.91
N GLU D 353 32.52 38.92 20.33
CA GLU D 353 32.43 39.28 18.92
C GLU D 353 33.08 38.27 17.97
N ASN D 354 33.88 37.34 18.50
CA ASN D 354 34.62 36.43 17.62
C ASN D 354 34.42 34.94 17.85
N ALA D 355 33.91 34.56 19.02
CA ALA D 355 33.84 33.14 19.34
C ALA D 355 32.82 32.44 18.48
N GLN D 356 33.19 31.25 18.01
CA GLN D 356 32.30 30.43 17.20
C GLN D 356 31.95 29.17 17.98
N PHE D 357 30.70 28.72 17.83
CA PHE D 357 30.27 27.48 18.43
C PHE D 357 30.18 26.38 17.39
N ILE D 358 30.01 25.16 17.87
CA ILE D 358 29.66 24.02 17.05
C ILE D 358 28.58 23.18 17.77
N ARG D 359 27.50 22.90 17.04
CA ARG D 359 26.34 22.24 17.60
C ARG D 359 26.64 20.76 17.71
N MET D 360 26.09 20.10 18.71
CA MET D 360 26.36 18.68 18.85
C MET D 360 25.14 17.93 19.37
N SER D 361 25.12 16.62 19.11
CA SER D 361 24.03 15.77 19.57
C SER D 361 24.21 15.38 21.05
N GLY D 362 23.17 14.75 21.61
CA GLY D 362 23.22 14.21 22.95
C GLY D 362 24.38 13.25 23.13
N ALA D 363 24.78 12.53 22.08
CA ALA D 363 25.94 11.65 22.20
C ALA D 363 27.22 12.49 22.23
N GLY D 364 27.20 13.64 21.55
CA GLY D 364 28.24 14.63 21.69
C GLY D 364 28.40 14.99 23.17
N LEU D 365 27.28 15.24 23.85
CA LEU D 365 27.33 15.56 25.26
C LEU D 365 28.00 14.47 26.12
N LEU D 366 27.81 13.22 25.73
CA LEU D 366 28.39 12.11 26.48
C LEU D 366 29.90 12.08 26.37
N GLU D 367 30.41 12.34 25.17
CA GLU D 367 31.85 12.41 24.92
C GLU D 367 32.45 13.58 25.68
N SER D 368 31.67 14.63 25.82
CA SER D 368 32.14 15.89 26.37
C SER D 368 32.33 15.87 27.88
N HIS D 369 31.68 14.91 28.54
CA HIS D 369 31.93 14.66 29.95
C HIS D 369 32.81 13.41 30.00
N PRO D 370 33.56 13.22 31.11
CA PRO D 370 34.28 11.97 31.36
C PRO D 370 33.36 10.76 31.17
N HIS D 371 33.94 9.63 30.74
CA HIS D 371 33.17 8.47 30.30
C HIS D 371 33.99 7.18 30.34
N HIS D 372 33.36 6.05 30.66
CA HIS D 372 34.03 4.75 30.68
C HIS D 372 35.26 4.69 31.59
N VAL D 373 35.21 5.45 32.69
CA VAL D 373 36.18 5.38 33.78
C VAL D 373 35.42 5.65 35.08
N GLN D 374 35.77 4.92 36.13
CA GLN D 374 35.17 5.16 37.44
C GLN D 374 35.97 6.21 38.22
N ILE D 375 35.37 7.36 38.48
CA ILE D 375 36.06 8.46 39.16
C ILE D 375 36.37 8.11 40.60
N THR D 376 37.57 8.49 41.04
CA THR D 376 38.04 8.16 42.38
C THR D 376 38.12 9.39 43.28
N LYS D 377 38.68 10.48 42.77
CA LYS D 377 38.82 11.68 43.57
C LYS D 377 37.90 12.79 43.07
N GLU D 378 37.51 13.69 43.96
CA GLU D 378 36.74 14.84 43.55
C GLU D 378 37.69 15.88 42.96
N ALA D 379 37.27 16.53 41.89
CA ALA D 379 38.09 17.55 41.29
C ALA D 379 37.61 18.89 41.83
N PRO D 380 38.49 19.91 41.85
CA PRO D 380 38.05 21.19 42.41
C PRO D 380 37.04 21.92 41.52
N ASN D 381 36.90 21.46 40.27
CA ASN D 381 35.99 22.10 39.32
C ASN D 381 35.00 21.11 38.65
N TYR D 382 34.77 19.96 39.27
CA TYR D 382 33.92 18.95 38.66
C TYR D 382 33.20 18.04 39.66
N SER D 383 31.91 18.30 39.85
CA SER D 383 31.03 17.49 40.71
C SER D 383 31.60 17.29 42.11
N SER E 22 -13.02 -25.53 -57.93
CA SER E 22 -12.16 -26.05 -56.88
C SER E 22 -12.25 -25.19 -55.62
N ASN E 23 -13.16 -24.22 -55.65
CA ASN E 23 -13.32 -23.28 -54.56
C ASN E 23 -14.38 -23.68 -53.54
N ALA E 24 -14.98 -24.86 -53.73
CA ALA E 24 -16.01 -25.33 -52.80
C ALA E 24 -15.47 -25.38 -51.38
N MET E 25 -14.42 -26.17 -51.18
CA MET E 25 -13.82 -26.31 -49.86
C MET E 25 -13.13 -25.01 -49.38
N TRP E 26 -12.93 -24.05 -50.27
CA TRP E 26 -12.27 -22.81 -49.87
C TRP E 26 -13.23 -21.75 -49.34
N GLU E 27 -14.49 -21.83 -49.77
CA GLU E 27 -15.47 -20.81 -49.41
C GLU E 27 -16.35 -21.31 -48.29
N SER E 28 -16.11 -22.53 -47.86
CA SER E 28 -16.89 -23.16 -46.81
C SER E 28 -16.16 -23.13 -45.47
N LYS E 29 -14.97 -22.53 -45.49
CA LYS E 29 -14.07 -22.49 -44.34
C LYS E 29 -14.70 -22.02 -43.01
N PHE E 30 -15.42 -20.91 -43.07
CA PHE E 30 -15.98 -20.27 -41.88
C PHE E 30 -17.49 -20.19 -41.96
N VAL E 31 -18.11 -21.24 -42.46
CA VAL E 31 -19.57 -21.28 -42.51
C VAL E 31 -20.12 -21.90 -41.22
N LYS E 32 -19.59 -23.06 -40.84
CA LYS E 32 -20.11 -23.79 -39.67
C LYS E 32 -20.16 -23.00 -38.35
N GLU E 33 -21.14 -23.35 -37.51
CA GLU E 33 -21.31 -22.74 -36.18
C GLU E 33 -21.54 -23.77 -35.08
N GLY E 34 -20.94 -23.54 -33.92
CA GLY E 34 -21.04 -24.48 -32.84
C GLY E 34 -21.53 -23.88 -31.54
N LEU E 35 -22.14 -24.72 -30.73
CA LEU E 35 -22.75 -24.28 -29.49
C LEU E 35 -22.23 -25.14 -28.37
N THR E 36 -22.05 -24.56 -27.20
CA THR E 36 -21.74 -25.39 -26.03
C THR E 36 -22.77 -25.22 -24.92
N PHE E 37 -22.54 -25.90 -23.79
CA PHE E 37 -23.54 -25.99 -22.72
C PHE E 37 -23.95 -24.65 -22.19
N ASP E 38 -22.99 -23.73 -22.14
CA ASP E 38 -23.29 -22.42 -21.60
C ASP E 38 -23.82 -21.38 -22.61
N ASP E 39 -24.08 -21.80 -23.85
CA ASP E 39 -24.74 -20.95 -24.83
C ASP E 39 -26.27 -21.12 -24.80
N VAL E 40 -26.78 -21.88 -23.83
CA VAL E 40 -28.10 -22.45 -24.01
C VAL E 40 -28.84 -22.91 -22.73
N LEU E 41 -30.17 -23.01 -22.85
CA LEU E 41 -31.04 -23.38 -21.75
C LEU E 41 -32.10 -24.34 -22.28
N LEU E 42 -32.61 -25.20 -21.40
CA LEU E 42 -33.76 -26.05 -21.71
C LEU E 42 -35.06 -25.33 -21.47
N VAL E 43 -35.97 -25.35 -22.43
CA VAL E 43 -37.27 -24.70 -22.27
C VAL E 43 -38.17 -25.57 -21.39
N PRO E 44 -38.84 -24.94 -20.42
CA PRO E 44 -39.87 -25.67 -19.67
C PRO E 44 -41.04 -26.07 -20.58
N ALA E 45 -41.70 -27.17 -20.25
CA ALA E 45 -42.79 -27.71 -21.04
C ALA E 45 -43.87 -28.30 -20.14
N LYS E 46 -44.91 -28.88 -20.76
CA LYS E 46 -45.96 -29.56 -20.03
C LYS E 46 -45.41 -30.77 -19.28
N SER E 47 -45.70 -30.86 -18.00
CA SER E 47 -45.15 -31.94 -17.19
C SER E 47 -46.20 -32.67 -16.35
N ASP E 48 -46.40 -33.95 -16.67
CA ASP E 48 -47.36 -34.78 -15.95
C ASP E 48 -46.63 -35.66 -14.95
N VAL E 49 -45.42 -35.24 -14.57
CA VAL E 49 -44.54 -36.11 -13.81
C VAL E 49 -43.70 -35.37 -12.77
N LEU E 50 -43.31 -36.08 -11.71
CA LEU E 50 -42.46 -35.50 -10.67
C LEU E 50 -41.08 -36.16 -10.66
N PRO E 51 -40.06 -35.41 -10.19
CA PRO E 51 -38.64 -35.84 -10.22
C PRO E 51 -38.38 -37.22 -9.65
N ARG E 52 -39.05 -37.54 -8.54
CA ARG E 52 -38.89 -38.85 -7.91
C ARG E 52 -39.46 -39.94 -8.82
N GLU E 53 -40.46 -39.56 -9.61
CA GLU E 53 -41.18 -40.50 -10.49
C GLU E 53 -40.47 -40.87 -11.80
N VAL E 54 -39.76 -39.92 -12.42
CA VAL E 54 -39.17 -40.18 -13.74
C VAL E 54 -38.17 -41.32 -13.71
N SER E 55 -37.72 -41.74 -14.89
CA SER E 55 -36.82 -42.89 -15.00
C SER E 55 -35.46 -42.51 -15.56
N VAL E 56 -34.41 -42.93 -14.87
CA VAL E 56 -33.08 -42.54 -15.25
C VAL E 56 -32.32 -43.73 -15.84
N LYS E 57 -33.02 -44.86 -15.95
CA LYS E 57 -32.47 -46.04 -16.63
C LYS E 57 -32.14 -45.71 -18.08
N THR E 58 -31.12 -46.40 -18.61
CA THR E 58 -30.60 -46.15 -19.95
C THR E 58 -29.96 -47.42 -20.54
N VAL E 59 -30.23 -47.71 -21.82
CA VAL E 59 -29.70 -48.94 -22.42
C VAL E 59 -28.70 -48.68 -23.54
N LEU E 60 -27.47 -49.12 -23.33
CA LEU E 60 -26.40 -49.02 -24.32
C LEU E 60 -26.44 -50.15 -25.37
N SER E 61 -26.65 -51.36 -24.88
CA SER E 61 -26.94 -52.51 -25.72
C SER E 61 -27.55 -53.57 -24.82
N GLU E 62 -27.67 -54.79 -25.32
CA GLU E 62 -28.28 -55.84 -24.52
C GLU E 62 -27.40 -56.15 -23.32
N SER E 63 -26.16 -56.50 -23.58
CA SER E 63 -25.21 -56.84 -22.53
C SER E 63 -24.83 -55.66 -21.64
N LEU E 64 -25.36 -54.48 -21.95
CA LEU E 64 -24.92 -53.25 -21.29
C LEU E 64 -26.06 -52.28 -20.97
N GLN E 65 -26.54 -52.30 -19.72
CA GLN E 65 -27.63 -51.42 -19.29
C GLN E 65 -27.24 -50.71 -18.00
N LEU E 66 -27.67 -49.45 -17.84
CA LEU E 66 -27.30 -48.68 -16.66
C LEU E 66 -28.51 -48.09 -15.94
N ASN E 67 -28.50 -48.14 -14.61
CA ASN E 67 -29.60 -47.59 -13.83
C ASN E 67 -29.60 -46.07 -13.80
N ILE E 68 -28.39 -45.50 -13.75
CA ILE E 68 -28.20 -44.07 -13.89
C ILE E 68 -27.25 -43.84 -15.07
N PRO E 69 -27.47 -42.75 -15.83
CA PRO E 69 -26.70 -42.49 -17.06
C PRO E 69 -25.34 -41.85 -16.83
N LEU E 70 -24.51 -42.43 -15.98
CA LEU E 70 -23.21 -41.84 -15.65
C LEU E 70 -22.06 -42.82 -15.79
N ILE E 71 -20.97 -42.38 -16.39
CA ILE E 71 -19.77 -43.19 -16.47
C ILE E 71 -18.57 -42.39 -16.00
N SER E 72 -17.72 -43.03 -15.23
CA SER E 72 -16.55 -42.39 -14.68
C SER E 72 -15.40 -42.56 -15.65
N ALA E 73 -14.70 -41.48 -15.91
CA ALA E 73 -13.71 -41.44 -16.96
C ALA E 73 -12.57 -42.40 -16.72
N GLY E 74 -12.07 -42.99 -17.78
CA GLY E 74 -10.99 -43.95 -17.65
C GLY E 74 -9.70 -43.18 -17.57
N MET E 75 -9.48 -42.58 -16.41
CA MET E 75 -8.32 -41.74 -16.20
C MET E 75 -7.61 -42.19 -14.94
N ASP E 76 -6.32 -41.93 -14.88
CA ASP E 76 -5.48 -42.45 -13.81
C ASP E 76 -5.70 -41.76 -12.46
N THR E 77 -6.45 -40.67 -12.47
CA THR E 77 -6.85 -40.03 -11.24
C THR E 77 -8.34 -40.07 -11.03
N VAL E 78 -9.06 -40.77 -11.88
CA VAL E 78 -10.49 -40.83 -11.73
C VAL E 78 -11.01 -42.22 -11.41
N THR E 79 -10.66 -43.18 -12.24
CA THR E 79 -11.27 -44.48 -12.15
C THR E 79 -10.29 -45.65 -12.09
N GLU E 80 -10.45 -46.44 -11.05
CA GLU E 80 -9.70 -47.65 -10.85
C GLU E 80 -10.69 -48.52 -10.12
N ALA E 81 -10.34 -49.76 -9.84
CA ALA E 81 -11.35 -50.74 -9.53
C ALA E 81 -12.22 -50.35 -8.36
N ASP E 82 -11.65 -49.79 -7.32
CA ASP E 82 -12.45 -49.40 -6.17
C ASP E 82 -13.52 -48.38 -6.58
N MET E 83 -13.19 -47.57 -7.57
CA MET E 83 -14.11 -46.59 -8.13
C MET E 83 -15.20 -47.27 -8.97
N ALA E 84 -14.80 -48.22 -9.81
CA ALA E 84 -15.74 -48.92 -10.68
C ALA E 84 -16.82 -49.59 -9.88
N ILE E 85 -16.43 -50.13 -8.73
CA ILE E 85 -17.37 -50.75 -7.81
C ILE E 85 -18.40 -49.77 -7.27
N ALA E 86 -17.93 -48.62 -6.80
CA ALA E 86 -18.85 -47.60 -6.26
C ALA E 86 -19.81 -47.09 -7.33
N MET E 87 -19.30 -46.76 -8.51
CA MET E 87 -20.12 -46.39 -9.67
C MET E 87 -21.21 -47.43 -9.97
N ALA E 88 -20.78 -48.68 -10.13
CA ALA E 88 -21.67 -49.79 -10.41
C ALA E 88 -22.79 -49.96 -9.38
N ARG E 89 -22.45 -49.88 -8.10
CA ARG E 89 -23.45 -50.07 -7.06
C ARG E 89 -24.50 -48.95 -7.10
N GLN E 90 -24.06 -47.78 -7.59
CA GLN E 90 -24.96 -46.64 -7.75
C GLN E 90 -25.82 -46.81 -8.99
N GLY E 91 -25.39 -47.68 -9.89
CA GLY E 91 -26.14 -48.00 -11.09
C GLY E 91 -25.46 -47.45 -12.33
N GLY E 92 -24.24 -46.96 -12.13
CA GLY E 92 -23.44 -46.39 -13.21
C GLY E 92 -22.36 -47.36 -13.63
N LEU E 93 -21.29 -46.84 -14.22
CA LEU E 93 -20.27 -47.69 -14.82
C LEU E 93 -18.88 -47.07 -14.68
N GLY E 94 -17.86 -47.91 -14.70
CA GLY E 94 -16.50 -47.48 -14.53
C GLY E 94 -15.61 -47.96 -15.65
N ILE E 95 -14.76 -47.07 -16.16
CA ILE E 95 -13.80 -47.44 -17.18
C ILE E 95 -12.44 -47.39 -16.54
N ILE E 96 -11.76 -48.53 -16.45
CA ILE E 96 -10.44 -48.58 -15.84
C ILE E 96 -9.39 -48.03 -16.80
N HIS E 97 -8.48 -47.19 -16.32
CA HIS E 97 -7.51 -46.57 -17.21
C HIS E 97 -6.52 -47.59 -17.74
N LYS E 98 -5.79 -47.19 -18.77
CA LYS E 98 -4.87 -48.07 -19.47
C LYS E 98 -3.43 -47.88 -19.00
N ASN E 99 -3.20 -46.89 -18.15
CA ASN E 99 -1.85 -46.59 -17.67
C ASN E 99 -1.36 -47.54 -16.58
N MET E 100 -1.27 -48.80 -16.94
CA MET E 100 -0.86 -49.87 -16.05
C MET E 100 -0.58 -51.09 -16.91
N SER E 101 0.08 -52.09 -16.34
CA SER E 101 0.39 -53.32 -17.05
C SER E 101 -0.87 -54.02 -17.60
N ILE E 102 -0.65 -54.97 -18.50
CA ILE E 102 -1.72 -55.77 -19.05
C ILE E 102 -2.33 -56.57 -17.93
N GLU E 103 -1.48 -57.02 -17.02
CA GLU E 103 -1.92 -57.91 -15.94
C GLU E 103 -2.68 -57.17 -14.83
N GLN E 104 -2.11 -56.08 -14.34
CA GLN E 104 -2.77 -55.21 -13.36
C GLN E 104 -4.18 -54.84 -13.80
N GLN E 105 -4.32 -54.57 -15.09
CA GLN E 105 -5.58 -54.12 -15.65
C GLN E 105 -6.58 -55.27 -15.71
N ALA E 106 -6.09 -56.42 -16.15
CA ALA E 106 -6.90 -57.62 -16.26
C ALA E 106 -7.37 -58.05 -14.89
N GLU E 107 -6.54 -57.80 -13.88
CA GLU E 107 -6.85 -58.18 -12.51
C GLU E 107 -7.74 -57.13 -11.86
N GLN E 108 -7.64 -55.88 -12.31
CA GLN E 108 -8.50 -54.82 -11.76
C GLN E 108 -9.95 -54.98 -12.23
N VAL E 109 -10.13 -55.59 -13.39
CA VAL E 109 -11.45 -55.90 -13.92
C VAL E 109 -12.09 -57.05 -13.13
N ASP E 110 -11.30 -58.11 -12.95
CA ASP E 110 -11.69 -59.26 -12.15
C ASP E 110 -12.31 -58.77 -10.85
N LYS E 111 -11.53 -57.98 -10.11
CA LYS E 111 -11.92 -57.41 -8.83
C LYS E 111 -13.33 -56.79 -8.85
N VAL E 112 -13.70 -56.14 -9.96
CA VAL E 112 -15.04 -55.54 -10.03
C VAL E 112 -16.12 -56.56 -10.38
N LYS E 113 -15.74 -57.62 -11.10
CA LYS E 113 -16.69 -58.70 -11.38
C LYS E 113 -16.92 -59.60 -10.16
N ARG E 114 -15.83 -60.01 -9.50
CA ARG E 114 -15.91 -60.86 -8.31
C ARG E 114 -16.63 -60.14 -7.19
N SER E 115 -16.76 -58.84 -7.34
CA SER E 115 -17.31 -58.01 -6.29
C SER E 115 -18.82 -58.03 -6.47
N GLY E 116 -19.27 -59.05 -7.18
CA GLY E 116 -20.67 -59.39 -7.26
C GLY E 116 -21.51 -58.97 -8.43
N GLY E 117 -21.17 -59.48 -9.62
CA GLY E 117 -21.97 -59.22 -10.79
C GLY E 117 -22.13 -57.75 -11.07
N LEU E 118 -21.01 -57.05 -11.08
CA LEU E 118 -20.99 -55.64 -11.35
C LEU E 118 -20.46 -55.35 -12.74
N LEU E 119 -21.17 -54.51 -13.48
CA LEU E 119 -20.72 -54.12 -14.79
C LEU E 119 -19.43 -53.36 -14.68
N VAL E 120 -18.53 -53.55 -15.63
CA VAL E 120 -17.28 -52.82 -15.62
C VAL E 120 -16.71 -52.67 -17.03
N GLY E 121 -16.18 -51.49 -17.32
CA GLY E 121 -15.49 -51.24 -18.57
C GLY E 121 -14.00 -51.06 -18.36
N ALA E 122 -13.24 -51.13 -19.44
CA ALA E 122 -11.79 -50.95 -19.39
C ALA E 122 -11.33 -50.27 -20.67
N ALA E 123 -10.19 -49.59 -20.62
CA ALA E 123 -9.70 -48.76 -21.74
C ALA E 123 -8.48 -49.35 -22.46
N VAL E 124 -8.54 -49.36 -23.78
CA VAL E 124 -7.44 -49.87 -24.59
C VAL E 124 -6.93 -48.78 -25.52
N GLY E 125 -5.63 -48.75 -25.78
CA GLY E 125 -5.08 -47.78 -26.70
C GLY E 125 -4.95 -48.38 -28.08
N VAL E 126 -4.64 -47.56 -29.08
CA VAL E 126 -4.42 -48.11 -30.40
C VAL E 126 -2.94 -48.38 -30.57
N THR E 127 -2.58 -49.65 -30.49
CA THR E 127 -1.21 -50.10 -30.54
C THR E 127 -1.20 -51.57 -30.91
N ALA E 128 -0.01 -52.10 -31.18
CA ALA E 128 0.14 -53.52 -31.47
C ALA E 128 -0.30 -54.35 -30.27
N ASP E 129 0.02 -53.86 -29.09
CA ASP E 129 -0.22 -54.56 -27.84
C ASP E 129 -1.71 -54.70 -27.54
N ALA E 130 -2.53 -53.98 -28.29
CA ALA E 130 -3.92 -53.83 -27.92
C ALA E 130 -4.69 -55.13 -27.85
N MET E 131 -4.54 -56.00 -28.83
CA MET E 131 -5.28 -57.25 -28.77
C MET E 131 -4.83 -58.10 -27.60
N THR E 132 -3.53 -58.09 -27.35
CA THR E 132 -3.02 -58.86 -26.24
C THR E 132 -3.70 -58.35 -25.00
N ARG E 133 -3.80 -57.03 -24.88
CA ARG E 133 -4.51 -56.44 -23.77
C ARG E 133 -5.99 -56.77 -23.81
N ILE E 134 -6.58 -56.73 -25.00
CA ILE E 134 -7.99 -57.03 -25.10
C ILE E 134 -8.27 -58.46 -24.68
N ASP E 135 -7.43 -59.37 -25.15
CA ASP E 135 -7.56 -60.79 -24.84
C ASP E 135 -7.67 -61.03 -23.33
N ALA E 136 -6.78 -60.40 -22.57
CA ALA E 136 -6.79 -60.50 -21.12
C ALA E 136 -8.04 -59.86 -20.51
N LEU E 137 -8.51 -58.77 -21.11
CA LEU E 137 -9.71 -58.10 -20.62
C LEU E 137 -10.94 -58.95 -20.89
N VAL E 138 -11.06 -59.46 -22.11
CA VAL E 138 -12.15 -60.35 -22.49
C VAL E 138 -12.21 -61.59 -21.60
N LYS E 139 -11.03 -62.19 -21.36
CA LYS E 139 -10.91 -63.39 -20.54
C LYS E 139 -10.98 -63.06 -19.06
N ALA E 140 -11.30 -61.82 -18.73
CA ALA E 140 -11.57 -61.45 -17.36
C ALA E 140 -13.01 -60.98 -17.28
N SER E 141 -13.81 -61.40 -18.27
CA SER E 141 -15.23 -61.08 -18.36
C SER E 141 -15.56 -59.60 -18.30
N VAL E 142 -14.94 -58.81 -19.18
CA VAL E 142 -15.26 -57.39 -19.25
C VAL E 142 -16.58 -57.26 -19.98
N ASP E 143 -17.29 -56.16 -19.75
CA ASP E 143 -18.57 -55.92 -20.44
C ASP E 143 -18.41 -55.02 -21.66
N ALA E 144 -17.32 -54.24 -21.69
CA ALA E 144 -17.03 -53.34 -22.79
C ALA E 144 -15.60 -52.81 -22.75
N ILE E 145 -14.93 -52.83 -23.88
CA ILE E 145 -13.67 -52.12 -23.94
C ILE E 145 -13.99 -50.73 -24.47
N VAL E 146 -13.18 -49.75 -24.09
CA VAL E 146 -13.29 -48.43 -24.66
C VAL E 146 -12.04 -48.21 -25.48
N LEU E 147 -12.23 -48.03 -26.78
CA LEU E 147 -11.12 -47.71 -27.67
C LEU E 147 -10.85 -46.22 -27.69
N ASP E 148 -10.05 -45.79 -26.73
CA ASP E 148 -9.74 -44.39 -26.52
C ASP E 148 -8.52 -43.97 -27.31
N THR E 149 -8.70 -43.00 -28.18
CA THR E 149 -7.56 -42.35 -28.82
C THR E 149 -7.90 -40.89 -29.01
N ALA E 150 -6.89 -40.08 -29.28
CA ALA E 150 -7.06 -38.65 -29.36
C ALA E 150 -7.92 -38.28 -30.57
N HIS E 151 -7.80 -39.09 -31.62
CA HIS E 151 -8.52 -38.85 -32.85
C HIS E 151 -9.22 -40.14 -33.32
N GLY E 152 -10.52 -40.21 -33.11
CA GLY E 152 -11.27 -41.40 -33.48
C GLY E 152 -11.47 -41.51 -34.98
N HIS E 153 -11.21 -40.44 -35.72
CA HIS E 153 -11.42 -40.47 -37.17
C HIS E 153 -10.13 -40.79 -37.92
N SER E 154 -9.28 -41.62 -37.31
CA SER E 154 -8.04 -42.02 -37.96
C SER E 154 -8.27 -43.34 -38.68
N GLN E 155 -7.41 -43.67 -39.63
CA GLN E 155 -7.49 -44.96 -40.31
C GLN E 155 -7.01 -46.09 -39.39
N GLY E 156 -6.00 -45.80 -38.59
CA GLY E 156 -5.50 -46.79 -37.65
C GLY E 156 -6.57 -47.22 -36.67
N VAL E 157 -7.34 -46.25 -36.20
CA VAL E 157 -8.42 -46.52 -35.26
C VAL E 157 -9.54 -47.32 -35.92
N ILE E 158 -9.91 -46.95 -37.15
CA ILE E 158 -10.95 -47.64 -37.88
C ILE E 158 -10.53 -49.09 -38.13
N ASP E 159 -9.27 -49.26 -38.50
CA ASP E 159 -8.70 -50.58 -38.74
C ASP E 159 -8.70 -51.44 -37.47
N LYS E 160 -8.34 -50.84 -36.33
CA LYS E 160 -8.32 -51.57 -35.07
C LYS E 160 -9.72 -51.96 -34.61
N VAL E 161 -10.72 -51.13 -34.92
CA VAL E 161 -12.10 -51.46 -34.63
C VAL E 161 -12.60 -52.68 -35.42
N LYS E 162 -12.37 -52.67 -36.74
CA LYS E 162 -12.73 -53.82 -37.56
C LYS E 162 -12.06 -55.07 -37.05
N GLU E 163 -10.78 -54.97 -36.70
CA GLU E 163 -10.00 -56.08 -36.16
C GLU E 163 -10.68 -56.70 -34.94
N VAL E 164 -11.02 -55.86 -33.97
CA VAL E 164 -11.56 -56.35 -32.71
C VAL E 164 -13.00 -56.85 -32.87
N ARG E 165 -13.77 -56.21 -33.74
CA ARG E 165 -15.13 -56.64 -34.02
C ARG E 165 -15.14 -57.97 -34.75
N ALA E 166 -14.07 -58.23 -35.50
CA ALA E 166 -13.96 -59.50 -36.21
C ALA E 166 -13.82 -60.64 -35.21
N LYS E 167 -12.98 -60.43 -34.20
CA LYS E 167 -12.69 -61.45 -33.19
C LYS E 167 -13.84 -61.65 -32.20
N TYR E 168 -14.30 -60.58 -31.56
CA TYR E 168 -15.29 -60.71 -30.50
C TYR E 168 -16.60 -60.01 -30.83
N PRO E 169 -17.53 -60.74 -31.43
CA PRO E 169 -18.77 -60.17 -31.97
C PRO E 169 -19.76 -59.65 -30.93
N SER E 170 -19.87 -60.31 -29.78
CA SER E 170 -20.80 -59.85 -28.75
C SER E 170 -20.12 -58.97 -27.70
N LEU E 171 -18.90 -58.54 -27.99
CA LEU E 171 -18.15 -57.68 -27.09
C LEU E 171 -18.45 -56.23 -27.38
N ASN E 172 -18.94 -55.52 -26.38
CA ASN E 172 -19.26 -54.11 -26.55
C ASN E 172 -18.00 -53.28 -26.79
N ILE E 173 -17.95 -52.61 -27.96
CA ILE E 173 -16.84 -51.70 -28.27
C ILE E 173 -17.31 -50.25 -28.37
N ILE E 174 -16.84 -49.43 -27.45
CA ILE E 174 -17.05 -48.00 -27.53
C ILE E 174 -15.80 -47.42 -28.14
N ALA E 175 -15.97 -46.72 -29.25
CA ALA E 175 -14.85 -46.08 -29.90
C ALA E 175 -14.97 -44.57 -29.88
N GLY E 176 -13.86 -43.92 -29.61
CA GLY E 176 -13.80 -42.49 -29.43
C GLY E 176 -12.38 -42.06 -29.69
N ASN E 177 -12.18 -40.78 -29.93
CA ASN E 177 -13.27 -39.83 -29.85
C ASN E 177 -13.48 -39.11 -31.17
N VAL E 178 -14.72 -38.72 -31.42
CA VAL E 178 -15.07 -38.03 -32.64
C VAL E 178 -15.93 -36.82 -32.32
N ALA E 179 -15.85 -35.79 -33.14
CA ALA E 179 -16.73 -34.67 -32.99
C ALA E 179 -17.62 -34.44 -34.19
N THR E 180 -17.58 -35.34 -35.17
CA THR E 180 -18.37 -35.16 -36.39
C THR E 180 -19.17 -36.38 -36.78
N ALA E 181 -20.27 -36.13 -37.46
CA ALA E 181 -21.16 -37.18 -37.95
C ALA E 181 -20.42 -38.09 -38.90
N GLU E 182 -19.54 -37.51 -39.69
CA GLU E 182 -18.79 -38.27 -40.68
C GLU E 182 -17.98 -39.33 -39.97
N ALA E 183 -17.35 -38.95 -38.87
CA ALA E 183 -16.49 -39.83 -38.09
C ALA E 183 -17.31 -40.88 -37.30
N THR E 184 -18.52 -40.49 -36.90
CA THR E 184 -19.42 -41.40 -36.20
C THR E 184 -19.84 -42.52 -37.12
N LYS E 185 -20.30 -42.14 -38.31
CA LYS E 185 -20.70 -43.05 -39.37
C LYS E 185 -19.59 -44.07 -39.66
N ALA E 186 -18.36 -43.57 -39.74
CA ALA E 186 -17.23 -44.42 -40.04
C ALA E 186 -17.02 -45.42 -38.91
N LEU E 187 -17.01 -44.90 -37.68
CA LEU E 187 -16.82 -45.72 -36.49
C LEU E 187 -17.88 -46.83 -36.38
N ILE E 188 -19.13 -46.45 -36.61
CA ILE E 188 -20.24 -47.38 -36.47
C ILE E 188 -20.10 -48.52 -37.47
N GLU E 189 -19.75 -48.17 -38.71
CA GLU E 189 -19.67 -49.16 -39.78
C GLU E 189 -18.43 -50.03 -39.63
N ALA E 190 -17.45 -49.55 -38.87
CA ALA E 190 -16.26 -50.32 -38.56
C ALA E 190 -16.53 -51.38 -37.48
N GLY E 191 -17.71 -51.30 -36.87
CA GLY E 191 -18.13 -52.33 -35.92
C GLY E 191 -18.45 -51.88 -34.51
N ALA E 192 -18.19 -50.61 -34.19
CA ALA E 192 -18.42 -50.11 -32.84
C ALA E 192 -19.92 -49.97 -32.56
N ASN E 193 -20.37 -50.50 -31.42
CA ASN E 193 -21.79 -50.39 -31.06
C ASN E 193 -22.14 -49.16 -30.19
N VAL E 194 -21.12 -48.47 -29.69
CA VAL E 194 -21.32 -47.24 -28.92
C VAL E 194 -20.24 -46.24 -29.36
N VAL E 195 -20.62 -44.98 -29.53
CA VAL E 195 -19.67 -43.97 -29.98
C VAL E 195 -19.43 -42.90 -28.91
N LYS E 196 -18.17 -42.50 -28.73
CA LYS E 196 -17.87 -41.53 -27.68
C LYS E 196 -17.54 -40.15 -28.25
N VAL E 197 -18.29 -39.16 -27.78
CA VAL E 197 -18.18 -37.83 -28.31
C VAL E 197 -17.41 -36.87 -27.38
N GLY E 198 -16.45 -36.16 -27.97
CA GLY E 198 -15.77 -35.05 -27.33
C GLY E 198 -14.34 -34.84 -27.79
N ILE E 199 -14.11 -33.85 -28.64
CA ILE E 199 -12.76 -33.38 -28.87
C ILE E 199 -12.60 -32.01 -28.24
N GLY E 200 -11.73 -31.92 -27.24
CA GLY E 200 -11.36 -30.67 -26.61
C GLY E 200 -12.18 -30.05 -25.49
N PRO E 201 -13.22 -30.72 -25.04
CA PRO E 201 -14.13 -30.09 -24.09
C PRO E 201 -13.71 -30.24 -22.63
N GLY E 202 -12.66 -30.97 -22.36
CA GLY E 202 -12.27 -31.31 -21.00
C GLY E 202 -11.76 -30.18 -20.12
N SER E 203 -11.98 -30.33 -18.83
CA SER E 203 -11.55 -29.36 -17.84
C SER E 203 -10.06 -29.22 -17.85
N ILE E 204 -9.40 -30.35 -18.04
CA ILE E 204 -7.95 -30.42 -18.02
C ILE E 204 -7.38 -30.52 -19.41
N CYS E 205 -8.22 -30.34 -20.42
CA CYS E 205 -7.78 -30.49 -21.81
C CYS E 205 -7.12 -29.24 -22.40
N THR E 206 -6.06 -29.44 -23.17
CA THR E 206 -5.43 -28.30 -23.82
C THR E 206 -5.33 -28.51 -25.32
N THR E 207 -6.01 -29.54 -25.82
CA THR E 207 -6.02 -29.89 -27.22
C THR E 207 -6.41 -28.71 -28.12
N ARG E 208 -7.54 -28.07 -27.81
CA ARG E 208 -8.03 -26.94 -28.57
C ARG E 208 -7.10 -25.75 -28.56
N VAL E 209 -6.14 -25.71 -27.65
CA VAL E 209 -5.26 -24.56 -27.53
C VAL E 209 -3.89 -24.87 -28.12
N VAL E 210 -3.49 -26.14 -28.04
CA VAL E 210 -2.17 -26.51 -28.56
C VAL E 210 -2.25 -26.95 -30.03
N ALA E 211 -3.34 -27.62 -30.39
CA ALA E 211 -3.52 -28.10 -31.76
C ALA E 211 -4.58 -27.31 -32.49
N GLY E 212 -5.30 -26.47 -31.74
CA GLY E 212 -6.29 -25.57 -32.31
C GLY E 212 -7.52 -26.26 -32.87
N VAL E 213 -7.74 -27.51 -32.48
CA VAL E 213 -8.79 -28.35 -33.08
C VAL E 213 -9.88 -28.78 -32.06
N GLY E 214 -11.13 -28.80 -32.51
CA GLY E 214 -12.19 -29.36 -31.70
C GLY E 214 -13.52 -28.88 -32.19
N VAL E 215 -14.59 -29.32 -31.52
CA VAL E 215 -15.93 -28.86 -31.83
C VAL E 215 -16.63 -28.55 -30.52
N PRO E 216 -17.32 -27.38 -30.42
CA PRO E 216 -18.15 -27.13 -29.24
C PRO E 216 -19.01 -28.36 -28.90
N GLN E 217 -18.92 -28.79 -27.64
CA GLN E 217 -19.40 -30.11 -27.24
C GLN E 217 -20.89 -30.39 -27.43
N LEU E 218 -21.71 -29.36 -27.24
CA LEU E 218 -23.15 -29.48 -27.42
C LEU E 218 -23.52 -29.70 -28.90
N THR E 219 -22.87 -28.94 -29.79
CA THR E 219 -22.97 -29.21 -31.21
C THR E 219 -22.48 -30.62 -31.56
N ALA E 220 -21.29 -30.97 -31.09
CA ALA E 220 -20.67 -32.24 -31.45
C ALA E 220 -21.57 -33.42 -31.06
N VAL E 221 -22.12 -33.37 -29.86
CA VAL E 221 -23.08 -34.40 -29.45
C VAL E 221 -24.28 -34.43 -30.41
N TYR E 222 -24.89 -33.26 -30.65
CA TYR E 222 -26.05 -33.20 -31.53
C TYR E 222 -25.74 -33.70 -32.96
N ASP E 223 -24.60 -33.30 -33.50
CA ASP E 223 -24.19 -33.74 -34.84
C ASP E 223 -23.94 -35.25 -34.89
N CYS E 224 -23.31 -35.77 -33.85
CA CYS E 224 -22.93 -37.18 -33.83
C CYS E 224 -24.14 -38.02 -33.45
N ALA E 225 -25.06 -37.41 -32.72
CA ALA E 225 -26.30 -38.08 -32.39
C ALA E 225 -27.17 -38.20 -33.64
N THR E 226 -27.21 -37.14 -34.44
CA THR E 226 -28.06 -37.13 -35.63
C THR E 226 -27.63 -38.19 -36.61
N GLU E 227 -26.34 -38.53 -36.57
CA GLU E 227 -25.86 -39.63 -37.38
C GLU E 227 -26.16 -40.97 -36.71
N ALA E 228 -25.76 -41.11 -35.45
CA ALA E 228 -25.83 -42.37 -34.73
C ALA E 228 -27.26 -42.80 -34.43
N ARG E 229 -28.15 -41.82 -34.30
CA ARG E 229 -29.56 -42.09 -34.07
C ARG E 229 -30.11 -42.89 -35.25
N LYS E 230 -29.53 -42.67 -36.42
CA LYS E 230 -30.00 -43.28 -37.66
C LYS E 230 -29.57 -44.73 -37.79
N HIS E 231 -28.77 -45.22 -36.85
CA HIS E 231 -28.32 -46.62 -36.87
C HIS E 231 -28.72 -47.36 -35.59
N GLY E 232 -29.43 -46.68 -34.69
CA GLY E 232 -29.77 -47.24 -33.40
C GLY E 232 -28.60 -47.13 -32.43
N ILE E 233 -27.59 -46.37 -32.81
CA ILE E 233 -26.35 -46.31 -32.04
C ILE E 233 -26.35 -45.18 -31.02
N PRO E 234 -26.14 -45.52 -29.74
CA PRO E 234 -26.12 -44.48 -28.71
C PRO E 234 -24.77 -43.77 -28.66
N VAL E 235 -24.78 -42.50 -28.29
CA VAL E 235 -23.53 -41.78 -28.07
C VAL E 235 -23.34 -41.44 -26.60
N ILE E 236 -22.09 -41.29 -26.18
CA ILE E 236 -21.71 -40.97 -24.81
C ILE E 236 -21.15 -39.57 -24.78
N ALA E 237 -21.88 -38.61 -24.20
CA ALA E 237 -21.36 -37.25 -24.06
C ALA E 237 -20.15 -37.25 -23.12
N ASP E 238 -18.96 -36.96 -23.64
CA ASP E 238 -17.72 -37.12 -22.86
C ASP E 238 -16.97 -35.82 -22.61
N GLY E 239 -16.99 -35.36 -21.36
CA GLY E 239 -16.21 -34.21 -20.95
C GLY E 239 -16.94 -32.92 -21.19
N GLY E 240 -16.46 -31.84 -20.60
CA GLY E 240 -17.06 -30.53 -20.80
C GLY E 240 -18.12 -30.18 -19.79
N ILE E 241 -18.49 -31.17 -18.97
CA ILE E 241 -19.53 -31.02 -17.95
C ILE E 241 -19.02 -30.47 -16.60
N LYS E 242 -19.59 -29.34 -16.19
CA LYS E 242 -19.19 -28.61 -14.98
C LYS E 242 -20.28 -28.69 -13.89
N TYR E 243 -21.55 -28.81 -14.30
CA TYR E 243 -22.64 -28.82 -13.33
C TYR E 243 -23.73 -29.82 -13.73
N SER E 244 -24.56 -30.23 -12.76
CA SER E 244 -25.71 -31.11 -12.99
C SER E 244 -26.48 -30.79 -14.25
N GLY E 245 -26.69 -29.50 -14.48
CA GLY E 245 -27.46 -29.03 -15.62
C GLY E 245 -26.86 -29.32 -16.99
N ASP E 246 -25.53 -29.34 -17.09
CA ASP E 246 -24.86 -29.66 -18.34
C ASP E 246 -25.13 -31.11 -18.72
N MET E 247 -25.12 -31.99 -17.72
CA MET E 247 -25.48 -33.38 -17.98
C MET E 247 -26.88 -33.45 -18.58
N VAL E 248 -27.79 -32.62 -18.08
CA VAL E 248 -29.15 -32.64 -18.58
C VAL E 248 -29.16 -32.20 -20.03
N LYS E 249 -28.48 -31.10 -20.31
CA LYS E 249 -28.38 -30.55 -21.65
C LYS E 249 -27.67 -31.54 -22.56
N ALA E 250 -26.63 -32.18 -22.06
CA ALA E 250 -25.92 -33.18 -22.85
C ALA E 250 -26.87 -34.30 -23.19
N LEU E 251 -27.58 -34.79 -22.18
CA LEU E 251 -28.57 -35.84 -22.39
C LEU E 251 -29.69 -35.36 -23.34
N ALA E 252 -30.16 -34.13 -23.18
CA ALA E 252 -31.20 -33.60 -24.07
C ALA E 252 -30.68 -33.34 -25.49
N ALA E 253 -29.38 -33.11 -25.63
CA ALA E 253 -28.77 -32.85 -26.93
C ALA E 253 -28.69 -34.10 -27.79
N GLY E 254 -28.92 -35.27 -27.18
CA GLY E 254 -28.94 -36.52 -27.93
C GLY E 254 -28.14 -37.68 -27.33
N ALA E 255 -27.24 -37.38 -26.40
CA ALA E 255 -26.45 -38.41 -25.72
C ALA E 255 -27.32 -39.34 -24.87
N HIS E 256 -26.93 -40.61 -24.80
CA HIS E 256 -27.64 -41.59 -24.00
C HIS E 256 -27.13 -41.49 -22.59
N VAL E 257 -25.85 -41.16 -22.48
CA VAL E 257 -25.15 -41.23 -21.23
C VAL E 257 -24.02 -40.21 -21.32
N VAL E 258 -23.46 -39.85 -20.18
CA VAL E 258 -22.36 -38.90 -20.14
C VAL E 258 -21.20 -39.53 -19.40
N MET E 259 -20.00 -39.03 -19.68
CA MET E 259 -18.80 -39.46 -18.97
C MET E 259 -18.22 -38.29 -18.20
N LEU E 260 -17.91 -38.51 -16.94
CA LEU E 260 -17.39 -37.45 -16.08
C LEU E 260 -16.06 -37.78 -15.45
N GLY E 261 -15.16 -36.81 -15.43
CA GLY E 261 -13.92 -36.97 -14.69
C GLY E 261 -13.71 -36.00 -13.55
N SER E 262 -13.86 -34.72 -13.85
CA SER E 262 -13.62 -33.67 -12.87
C SER E 262 -14.58 -33.73 -11.72
N MET E 263 -15.82 -34.07 -12.04
CA MET E 263 -16.85 -34.19 -11.03
C MET E 263 -16.67 -35.41 -10.14
N PHE E 264 -15.80 -36.33 -10.57
CA PHE E 264 -15.58 -37.57 -9.82
C PHE E 264 -14.16 -37.62 -9.25
N ALA E 265 -13.24 -36.86 -9.83
CA ALA E 265 -11.84 -36.90 -9.39
C ALA E 265 -11.66 -36.54 -7.92
N GLY E 266 -12.62 -35.82 -7.34
CA GLY E 266 -12.50 -35.41 -5.96
C GLY E 266 -13.10 -36.38 -4.95
N VAL E 267 -13.69 -37.43 -5.48
CA VAL E 267 -14.46 -38.38 -4.69
C VAL E 267 -13.51 -39.38 -4.03
N ALA E 268 -13.94 -39.90 -2.88
CA ALA E 268 -13.15 -40.77 -2.02
C ALA E 268 -12.57 -41.99 -2.74
N GLU E 269 -13.42 -42.70 -3.49
CA GLU E 269 -13.00 -43.93 -4.16
C GLU E 269 -11.89 -43.75 -5.21
N SER E 270 -11.77 -42.54 -5.76
CA SER E 270 -10.82 -42.25 -6.83
C SER E 270 -9.39 -42.46 -6.38
N PRO E 271 -8.56 -43.07 -7.23
CA PRO E 271 -7.19 -43.41 -6.87
C PRO E 271 -6.34 -42.18 -6.64
N GLY E 272 -5.17 -42.35 -6.03
CA GLY E 272 -4.36 -41.24 -5.61
C GLY E 272 -4.96 -40.71 -4.32
N GLU E 273 -4.13 -40.14 -3.46
CA GLU E 273 -4.61 -39.74 -2.13
C GLU E 273 -4.60 -38.25 -1.81
N THR E 274 -5.28 -37.95 -0.70
CA THR E 274 -5.51 -36.59 -0.23
C THR E 274 -4.25 -35.75 -0.03
N GLU E 275 -4.13 -34.68 -0.80
CA GLU E 275 -3.10 -33.68 -0.58
C GLU E 275 -3.73 -32.50 0.12
N ILE E 276 -2.94 -31.77 0.91
CA ILE E 276 -3.48 -30.62 1.61
C ILE E 276 -2.91 -29.34 1.05
N TYR E 277 -3.80 -28.38 0.81
CA TYR E 277 -3.43 -27.10 0.21
C TYR E 277 -4.28 -26.05 0.90
N GLN E 278 -3.63 -25.03 1.47
CA GLN E 278 -4.33 -23.98 2.20
C GLN E 278 -5.36 -24.54 3.19
N GLY E 279 -4.96 -25.57 3.92
CA GLY E 279 -5.77 -26.14 4.98
C GLY E 279 -7.04 -26.83 4.53
N ARG E 280 -7.12 -27.16 3.24
CA ARG E 280 -8.25 -27.94 2.74
C ARG E 280 -7.77 -29.21 2.05
N GLN E 281 -8.69 -30.15 1.86
CA GLN E 281 -8.35 -31.40 1.21
C GLN E 281 -8.60 -31.31 -0.29
N PHE E 282 -7.58 -31.64 -1.07
CA PHE E 282 -7.68 -31.65 -2.51
C PHE E 282 -7.23 -33.02 -3.01
N LYS E 283 -7.41 -33.23 -4.32
CA LYS E 283 -7.14 -34.51 -4.94
C LYS E 283 -6.57 -34.18 -6.31
N VAL E 284 -5.47 -34.85 -6.68
CA VAL E 284 -4.80 -34.52 -7.91
C VAL E 284 -5.69 -34.85 -9.11
N TYR E 285 -5.66 -34.01 -10.13
CA TYR E 285 -6.44 -34.23 -11.33
C TYR E 285 -5.70 -33.71 -12.54
N ARG E 286 -5.33 -34.62 -13.43
CA ARG E 286 -4.50 -34.29 -14.57
C ARG E 286 -5.06 -35.09 -15.72
N GLY E 287 -4.94 -34.56 -16.94
CA GLY E 287 -5.37 -35.30 -18.12
C GLY E 287 -4.41 -36.42 -18.46
N MET E 288 -4.87 -37.41 -19.21
CA MET E 288 -3.98 -38.48 -19.66
C MET E 288 -2.93 -37.98 -20.64
N GLY E 289 -3.02 -36.72 -21.03
CA GLY E 289 -2.13 -36.14 -22.03
C GLY E 289 -1.21 -35.09 -21.44
N SER E 290 -1.19 -35.00 -20.11
CA SER E 290 -0.23 -34.13 -19.45
C SER E 290 1.11 -34.84 -19.30
N VAL E 291 2.17 -34.04 -19.17
CA VAL E 291 3.53 -34.53 -18.93
C VAL E 291 3.51 -35.65 -17.91
N GLY E 292 2.96 -35.37 -16.73
CA GLY E 292 2.95 -36.30 -15.60
C GLY E 292 2.22 -37.63 -15.78
N ALA E 293 1.19 -37.65 -16.63
CA ALA E 293 0.48 -38.89 -16.93
C ALA E 293 1.13 -39.62 -18.10
N MET E 294 2.20 -39.06 -18.63
CA MET E 294 2.90 -39.71 -19.74
C MET E 294 4.19 -40.36 -19.25
N GLU E 295 4.58 -40.04 -18.01
CA GLU E 295 5.79 -40.61 -17.44
C GLU E 295 5.48 -41.77 -16.49
N VAL E 311 4.45 -33.95 -27.36
CA VAL E 311 3.92 -32.67 -26.90
C VAL E 311 2.60 -32.84 -26.10
N PRO E 312 2.54 -32.26 -24.89
CA PRO E 312 1.37 -32.41 -24.03
C PRO E 312 0.12 -31.77 -24.63
N GLU E 313 -1.05 -32.30 -24.28
CA GLU E 313 -2.36 -31.81 -24.71
C GLU E 313 -3.31 -31.83 -23.52
N GLY E 314 -2.73 -31.87 -22.32
CA GLY E 314 -3.47 -31.81 -21.07
C GLY E 314 -2.61 -31.14 -20.02
N ILE E 315 -3.21 -30.75 -18.90
CA ILE E 315 -2.44 -30.14 -17.83
C ILE E 315 -2.57 -30.95 -16.54
N GLU E 316 -1.94 -30.45 -15.48
CA GLU E 316 -2.06 -31.05 -14.15
C GLU E 316 -2.66 -30.05 -13.20
N GLY E 317 -3.52 -30.52 -12.31
CA GLY E 317 -4.05 -29.65 -11.29
C GLY E 317 -4.62 -30.39 -10.11
N ARG E 318 -5.52 -29.72 -9.42
CA ARG E 318 -6.19 -30.33 -8.27
C ARG E 318 -7.63 -29.88 -8.16
N VAL E 319 -8.44 -30.67 -7.45
CA VAL E 319 -9.84 -30.38 -7.23
C VAL E 319 -10.13 -30.58 -5.76
N PRO E 320 -11.13 -29.87 -5.22
CA PRO E 320 -11.47 -30.09 -3.81
C PRO E 320 -11.98 -31.51 -3.57
N TYR E 321 -11.75 -32.01 -2.36
CA TYR E 321 -12.21 -33.33 -1.93
C TYR E 321 -13.72 -33.29 -1.74
N LYS E 322 -14.43 -34.23 -2.38
CA LYS E 322 -15.89 -34.18 -2.44
C LYS E 322 -16.60 -35.25 -1.60
N GLY E 323 -15.84 -36.00 -0.79
CA GLY E 323 -16.42 -37.03 0.06
C GLY E 323 -16.62 -38.38 -0.60
N PRO E 324 -17.54 -39.20 -0.05
CA PRO E 324 -17.91 -40.47 -0.70
C PRO E 324 -18.61 -40.26 -2.03
N LEU E 325 -18.45 -41.20 -2.96
CA LEU E 325 -19.06 -41.09 -4.28
C LEU E 325 -20.56 -40.83 -4.26
N ALA E 326 -21.28 -41.49 -3.37
CA ALA E 326 -22.74 -41.54 -3.37
C ALA E 326 -23.40 -40.17 -3.23
N ASP E 327 -22.75 -39.28 -2.51
CA ASP E 327 -23.30 -37.96 -2.24
C ASP E 327 -23.31 -37.08 -3.49
N THR E 328 -22.27 -37.26 -4.31
CA THR E 328 -22.12 -36.54 -5.57
C THR E 328 -23.12 -37.03 -6.61
N VAL E 329 -23.29 -38.35 -6.66
CA VAL E 329 -24.26 -38.99 -7.55
C VAL E 329 -25.67 -38.55 -7.22
N HIS E 330 -25.97 -38.44 -5.93
CA HIS E 330 -27.27 -37.98 -5.47
C HIS E 330 -27.57 -36.60 -6.05
N GLN E 331 -26.66 -35.67 -5.84
CA GLN E 331 -26.80 -34.33 -6.38
C GLN E 331 -26.89 -34.33 -7.92
N LEU E 332 -26.10 -35.18 -8.56
CA LEU E 332 -26.10 -35.32 -10.02
C LEU E 332 -27.44 -35.80 -10.60
N VAL E 333 -27.79 -37.05 -10.34
CA VAL E 333 -29.10 -37.61 -10.66
C VAL E 333 -30.22 -36.67 -10.20
N GLY E 334 -30.05 -36.06 -9.03
CA GLY E 334 -31.02 -35.11 -8.49
C GLY E 334 -31.32 -34.05 -9.51
N GLY E 335 -30.30 -33.29 -9.87
CA GLY E 335 -30.41 -32.32 -10.95
C GLY E 335 -31.02 -32.87 -12.22
N LEU E 336 -30.63 -34.09 -12.59
CA LEU E 336 -31.20 -34.70 -13.77
C LEU E 336 -32.71 -34.82 -13.62
N ARG E 337 -33.15 -35.36 -12.49
CA ARG E 337 -34.57 -35.57 -12.23
C ARG E 337 -35.34 -34.25 -12.29
N ALA E 338 -34.73 -33.19 -11.78
CA ALA E 338 -35.38 -31.89 -11.86
C ALA E 338 -35.60 -31.49 -13.30
N GLY E 339 -34.50 -31.42 -14.07
CA GLY E 339 -34.53 -31.08 -15.48
C GLY E 339 -35.56 -31.84 -16.32
N MET E 340 -35.76 -33.12 -16.02
CA MET E 340 -36.70 -33.92 -16.79
C MET E 340 -38.10 -33.61 -16.31
N GLY E 341 -38.17 -33.06 -15.11
CA GLY E 341 -39.45 -32.61 -14.58
C GLY E 341 -39.86 -31.35 -15.32
N TYR E 342 -38.96 -30.37 -15.37
CA TYR E 342 -39.20 -29.13 -16.09
C TYR E 342 -39.54 -29.41 -17.54
N CYS E 343 -38.90 -30.41 -18.10
CA CYS E 343 -39.07 -30.70 -19.51
C CYS E 343 -40.28 -31.59 -19.78
N GLY E 344 -40.83 -32.16 -18.71
CA GLY E 344 -41.97 -33.04 -18.82
C GLY E 344 -41.59 -34.46 -19.15
N ALA E 345 -40.37 -34.65 -19.64
CA ALA E 345 -39.85 -35.97 -20.00
C ALA E 345 -39.95 -36.97 -18.85
N GLN E 346 -40.60 -38.10 -19.10
CA GLN E 346 -40.76 -39.12 -18.08
C GLN E 346 -39.65 -40.18 -18.16
N ASP E 347 -39.00 -40.26 -19.31
CA ASP E 347 -37.79 -41.08 -19.46
C ASP E 347 -36.80 -40.36 -20.37
N LEU E 348 -35.64 -40.97 -20.56
CA LEU E 348 -34.58 -40.30 -21.27
C LEU E 348 -34.80 -40.29 -22.78
N GLU E 349 -35.62 -41.21 -23.26
CA GLU E 349 -35.94 -41.25 -24.67
C GLU E 349 -36.77 -40.02 -25.02
N PHE E 350 -37.66 -39.63 -24.11
CA PHE E 350 -38.50 -38.47 -24.34
C PHE E 350 -37.65 -37.23 -24.35
N LEU E 351 -36.63 -37.22 -23.51
CA LEU E 351 -35.75 -36.08 -23.35
C LEU E 351 -34.95 -35.89 -24.62
N ARG E 352 -34.34 -36.94 -25.13
CA ARG E 352 -33.57 -36.79 -26.33
C ARG E 352 -34.46 -36.39 -27.49
N GLU E 353 -35.61 -37.03 -27.58
CA GLU E 353 -36.45 -36.90 -28.75
C GLU E 353 -37.41 -35.74 -28.74
N ASN E 354 -37.63 -35.12 -27.59
CA ASN E 354 -38.55 -34.01 -27.54
C ASN E 354 -38.08 -32.70 -26.91
N ALA E 355 -36.94 -32.73 -26.24
CA ALA E 355 -36.49 -31.55 -25.54
C ALA E 355 -35.99 -30.45 -26.47
N GLN E 356 -36.27 -29.21 -26.08
CA GLN E 356 -35.96 -28.05 -26.88
C GLN E 356 -35.04 -27.11 -26.14
N PHE E 357 -34.30 -26.32 -26.88
CA PHE E 357 -33.30 -25.44 -26.33
C PHE E 357 -33.65 -24.01 -26.69
N ILE E 358 -33.07 -23.07 -25.97
CA ILE E 358 -33.19 -21.65 -26.31
C ILE E 358 -31.79 -21.06 -26.15
N ARG E 359 -31.31 -20.41 -27.20
CA ARG E 359 -29.97 -19.86 -27.18
C ARG E 359 -29.97 -18.55 -26.40
N MET E 360 -28.81 -18.24 -25.82
CA MET E 360 -28.66 -17.02 -25.06
C MET E 360 -27.26 -16.46 -25.22
N SER E 361 -27.04 -15.21 -24.83
CA SER E 361 -25.71 -14.60 -24.84
C SER E 361 -25.00 -14.71 -23.49
N GLY E 362 -23.77 -14.22 -23.44
CA GLY E 362 -23.08 -14.11 -22.18
C GLY E 362 -23.85 -13.24 -21.19
N ALA E 363 -24.81 -12.45 -21.67
CA ALA E 363 -25.67 -11.70 -20.75
C ALA E 363 -26.68 -12.64 -20.14
N GLY E 364 -27.20 -13.58 -20.94
CA GLY E 364 -28.10 -14.60 -20.44
C GLY E 364 -27.46 -15.54 -19.44
N LEU E 365 -26.31 -16.09 -19.80
CA LEU E 365 -25.51 -16.91 -18.88
C LEU E 365 -25.30 -16.25 -17.50
N LEU E 366 -24.94 -14.96 -17.50
CA LEU E 366 -24.76 -14.22 -16.25
C LEU E 366 -26.02 -14.20 -15.40
N GLU E 367 -27.18 -14.13 -16.06
CA GLU E 367 -28.49 -14.21 -15.38
C GLU E 367 -28.70 -15.61 -14.81
N SER E 368 -28.09 -16.60 -15.47
CA SER E 368 -28.33 -18.01 -15.18
C SER E 368 -27.51 -18.54 -14.00
N HIS E 369 -26.57 -17.74 -13.51
CA HIS E 369 -25.90 -18.06 -12.25
C HIS E 369 -26.39 -17.05 -11.20
N PRO E 370 -26.25 -17.40 -9.89
CA PRO E 370 -26.61 -16.45 -8.83
C PRO E 370 -25.82 -15.15 -9.01
N HIS E 371 -26.47 -14.00 -8.80
CA HIS E 371 -25.89 -12.71 -9.21
C HIS E 371 -26.33 -11.57 -8.31
N HIS E 372 -25.39 -10.68 -8.00
CA HIS E 372 -25.64 -9.55 -7.10
C HIS E 372 -26.04 -10.00 -5.70
N VAL E 373 -25.19 -10.81 -5.09
CA VAL E 373 -25.38 -11.30 -3.75
C VAL E 373 -24.09 -11.98 -3.28
N GLN E 374 -23.68 -11.72 -2.05
CA GLN E 374 -22.51 -12.36 -1.51
C GLN E 374 -22.87 -13.75 -1.07
N ILE E 375 -22.56 -14.76 -1.88
CA ILE E 375 -22.83 -16.13 -1.48
C ILE E 375 -22.13 -16.39 -0.17
N THR E 376 -22.88 -16.87 0.81
CA THR E 376 -22.40 -16.91 2.18
C THR E 376 -21.96 -18.32 2.59
N LYS E 377 -22.59 -19.33 1.99
CA LYS E 377 -22.28 -20.72 2.29
C LYS E 377 -22.34 -21.54 1.01
N GLU E 378 -21.33 -22.37 0.79
CA GLU E 378 -21.34 -23.24 -0.38
C GLU E 378 -22.46 -24.28 -0.24
N ALA E 379 -23.01 -24.70 -1.39
CA ALA E 379 -24.12 -25.63 -1.41
C ALA E 379 -23.64 -26.93 -2.06
N PRO E 380 -24.40 -28.04 -1.91
CA PRO E 380 -23.92 -29.33 -2.43
C PRO E 380 -23.89 -29.47 -3.96
N ASN E 381 -24.52 -28.57 -4.70
CA ASN E 381 -24.51 -28.70 -6.16
C ASN E 381 -23.97 -27.44 -6.88
N TYR E 382 -23.50 -26.47 -6.11
CA TYR E 382 -22.97 -25.24 -6.66
C TYR E 382 -21.91 -24.67 -5.73
N SER E 383 -20.64 -24.76 -6.11
CA SER E 383 -20.21 -25.17 -7.47
C SER E 383 -20.29 -26.67 -7.73
N TYR F 19 -40.36 -35.52 -43.96
CA TYR F 19 -40.64 -34.69 -42.79
C TYR F 19 -41.51 -35.40 -41.74
N PHE F 20 -40.96 -36.45 -41.14
CA PHE F 20 -41.67 -37.22 -40.12
C PHE F 20 -41.80 -36.46 -38.81
N GLN F 21 -42.94 -36.60 -38.14
CA GLN F 21 -43.18 -36.00 -36.82
C GLN F 21 -42.18 -36.48 -35.77
N SER F 22 -41.71 -37.70 -35.96
CA SER F 22 -40.72 -38.33 -35.11
C SER F 22 -39.39 -37.58 -35.11
N ASN F 23 -39.19 -36.75 -36.14
CA ASN F 23 -37.98 -35.95 -36.25
C ASN F 23 -38.28 -34.48 -36.09
N ALA F 24 -39.57 -34.12 -36.12
CA ALA F 24 -39.99 -32.72 -36.02
C ALA F 24 -39.28 -32.00 -34.88
N MET F 25 -39.60 -32.41 -33.66
CA MET F 25 -38.99 -31.86 -32.47
C MET F 25 -37.46 -31.89 -32.54
N TRP F 26 -36.93 -32.98 -33.08
CA TRP F 26 -35.50 -33.23 -33.08
C TRP F 26 -34.74 -32.12 -33.76
N GLU F 27 -35.35 -31.47 -34.74
CA GLU F 27 -34.59 -30.52 -35.55
C GLU F 27 -35.01 -29.08 -35.34
N SER F 28 -35.78 -28.83 -34.28
CA SER F 28 -36.06 -27.46 -33.87
C SER F 28 -35.35 -27.15 -32.55
N LYS F 29 -34.71 -28.18 -31.99
CA LYS F 29 -34.06 -28.10 -30.69
C LYS F 29 -33.29 -26.82 -30.41
N PHE F 30 -32.58 -26.30 -31.41
CA PHE F 30 -31.69 -25.16 -31.22
C PHE F 30 -32.14 -23.88 -31.92
N VAL F 31 -33.41 -23.80 -32.31
CA VAL F 31 -33.82 -22.65 -33.10
C VAL F 31 -34.20 -21.40 -32.30
N LYS F 32 -34.76 -21.56 -31.11
CA LYS F 32 -35.15 -20.38 -30.34
C LYS F 32 -33.92 -19.61 -29.83
N GLU F 33 -33.99 -18.28 -29.84
CA GLU F 33 -32.94 -17.44 -29.27
C GLU F 33 -33.53 -16.47 -28.25
N GLY F 34 -33.11 -16.59 -26.99
CA GLY F 34 -33.72 -15.83 -25.92
C GLY F 34 -33.00 -14.53 -25.64
N LEU F 35 -33.68 -13.62 -24.96
CA LEU F 35 -33.11 -12.32 -24.59
C LEU F 35 -33.28 -11.93 -23.11
N THR F 36 -32.29 -11.27 -22.53
CA THR F 36 -32.46 -10.76 -21.18
C THR F 36 -32.15 -9.28 -20.97
N PHE F 37 -32.33 -8.81 -19.74
CA PHE F 37 -32.27 -7.39 -19.41
C PHE F 37 -30.99 -6.74 -19.90
N ASP F 38 -29.86 -7.37 -19.63
CA ASP F 38 -28.58 -6.78 -20.02
C ASP F 38 -28.29 -6.98 -21.50
N ASP F 39 -29.24 -7.52 -22.26
CA ASP F 39 -29.11 -7.65 -23.71
C ASP F 39 -29.65 -6.49 -24.53
N VAL F 40 -30.49 -5.64 -23.93
CA VAL F 40 -31.22 -4.63 -24.69
C VAL F 40 -31.24 -3.24 -24.01
N LEU F 41 -31.69 -2.21 -24.74
CA LEU F 41 -31.93 -0.89 -24.13
C LEU F 41 -33.23 -0.40 -24.68
N LEU F 42 -33.97 0.40 -23.90
CA LEU F 42 -35.17 1.02 -24.42
C LEU F 42 -34.81 2.19 -25.33
N VAL F 43 -35.50 2.32 -26.45
CA VAL F 43 -35.21 3.38 -27.40
C VAL F 43 -36.04 4.62 -27.06
N PRO F 44 -35.37 5.77 -26.88
CA PRO F 44 -36.04 7.05 -26.64
C PRO F 44 -37.01 7.34 -27.78
N ALA F 45 -38.16 7.90 -27.46
CA ALA F 45 -39.13 8.21 -28.48
C ALA F 45 -39.71 9.55 -28.15
N LYS F 46 -40.46 10.11 -29.10
CA LYS F 46 -41.06 11.42 -28.95
C LYS F 46 -41.87 11.49 -27.66
N SER F 47 -41.68 12.57 -26.91
CA SER F 47 -42.37 12.74 -25.63
C SER F 47 -42.96 14.13 -25.47
N ASP F 48 -44.20 14.19 -25.02
CA ASP F 48 -44.79 15.47 -24.66
C ASP F 48 -45.04 15.49 -23.16
N VAL F 49 -44.43 14.54 -22.47
CA VAL F 49 -44.63 14.36 -21.04
C VAL F 49 -43.31 14.31 -20.23
N LEU F 50 -43.27 15.00 -19.09
CA LEU F 50 -42.17 14.86 -18.13
C LEU F 50 -42.50 13.73 -17.16
N PRO F 51 -41.46 13.06 -16.60
CA PRO F 51 -41.57 12.01 -15.59
C PRO F 51 -42.54 12.31 -14.43
N ARG F 52 -42.48 13.50 -13.83
CA ARG F 52 -43.40 13.84 -12.72
C ARG F 52 -44.87 13.90 -13.14
N GLU F 53 -45.15 13.88 -14.44
CA GLU F 53 -46.53 13.99 -14.91
C GLU F 53 -47.19 12.63 -15.21
N VAL F 54 -46.37 11.58 -15.34
CA VAL F 54 -46.88 10.25 -15.73
C VAL F 54 -47.54 9.45 -14.61
N SER F 55 -48.46 8.56 -15.00
CA SER F 55 -49.14 7.67 -14.09
C SER F 55 -48.50 6.27 -14.06
N VAL F 56 -48.00 5.91 -12.89
CA VAL F 56 -47.45 4.58 -12.66
C VAL F 56 -48.50 3.63 -12.10
N LYS F 57 -49.76 4.07 -12.09
CA LYS F 57 -50.87 3.26 -11.62
C LYS F 57 -51.08 1.98 -12.46
N THR F 58 -51.69 0.98 -11.86
CA THR F 58 -51.90 -0.30 -12.53
C THR F 58 -53.14 -0.98 -11.94
N VAL F 59 -53.76 -1.88 -12.71
CA VAL F 59 -54.91 -2.68 -12.25
C VAL F 59 -54.67 -4.15 -12.55
N LEU F 60 -54.61 -4.98 -11.52
CA LEU F 60 -54.36 -6.42 -11.67
C LEU F 60 -55.65 -7.23 -11.85
N SER F 61 -56.71 -6.77 -11.20
CA SER F 61 -58.05 -7.29 -11.45
C SER F 61 -59.03 -6.25 -10.92
N GLU F 62 -60.32 -6.52 -11.09
CA GLU F 62 -61.33 -5.56 -10.68
C GLU F 62 -61.21 -5.15 -9.21
N SER F 63 -60.72 -6.09 -8.40
CA SER F 63 -60.65 -5.92 -6.95
C SER F 63 -59.22 -5.79 -6.43
N LEU F 64 -58.27 -5.52 -7.33
CA LEU F 64 -56.85 -5.51 -6.99
C LEU F 64 -56.06 -4.48 -7.80
N GLN F 65 -56.10 -3.24 -7.35
CA GLN F 65 -55.41 -2.15 -8.01
C GLN F 65 -54.25 -1.63 -7.18
N LEU F 66 -53.14 -1.33 -7.85
CA LEU F 66 -51.96 -0.82 -7.19
C LEU F 66 -51.59 0.54 -7.74
N ASN F 67 -51.19 1.42 -6.84
CA ASN F 67 -50.69 2.73 -7.21
C ASN F 67 -49.29 2.67 -7.81
N ILE F 68 -48.52 1.67 -7.41
CA ILE F 68 -47.19 1.47 -7.96
C ILE F 68 -46.95 0.02 -8.38
N PRO F 69 -46.22 -0.18 -9.49
CA PRO F 69 -46.11 -1.49 -10.13
C PRO F 69 -45.13 -2.43 -9.42
N LEU F 70 -45.17 -2.44 -8.11
CA LEU F 70 -44.22 -3.22 -7.34
C LEU F 70 -44.90 -4.19 -6.39
N ILE F 71 -44.37 -5.41 -6.35
CA ILE F 71 -44.79 -6.44 -5.42
C ILE F 71 -43.52 -7.00 -4.77
N SER F 72 -43.50 -7.08 -3.44
CA SER F 72 -42.38 -7.73 -2.73
C SER F 72 -42.60 -9.24 -2.73
N ALA F 73 -41.53 -9.99 -2.99
CA ALA F 73 -41.63 -11.44 -3.14
C ALA F 73 -42.02 -12.18 -1.86
N GLY F 74 -42.71 -13.32 -2.03
CA GLY F 74 -43.10 -14.17 -0.92
C GLY F 74 -41.97 -15.06 -0.42
N MET F 75 -41.01 -14.46 0.27
CA MET F 75 -39.85 -15.20 0.74
C MET F 75 -39.56 -14.92 2.21
N ASP F 76 -38.96 -15.89 2.89
CA ASP F 76 -38.68 -15.77 4.32
C ASP F 76 -37.66 -14.68 4.68
N THR F 77 -36.89 -14.21 3.71
CA THR F 77 -35.97 -13.11 3.95
C THR F 77 -36.43 -11.79 3.32
N VAL F 78 -37.70 -11.73 2.91
CA VAL F 78 -38.22 -10.52 2.29
C VAL F 78 -39.53 -9.98 2.90
N THR F 79 -40.59 -10.78 2.89
CA THR F 79 -41.91 -10.28 3.26
C THR F 79 -42.56 -11.02 4.41
N GLU F 80 -43.02 -10.28 5.40
CA GLU F 80 -43.96 -10.76 6.40
C GLU F 80 -44.81 -9.55 6.75
N ALA F 81 -45.45 -9.56 7.91
CA ALA F 81 -46.39 -8.50 8.29
C ALA F 81 -45.86 -7.08 8.06
N ASP F 82 -44.80 -6.72 8.77
CA ASP F 82 -44.28 -5.35 8.70
C ASP F 82 -43.93 -4.92 7.27
N MET F 83 -43.37 -5.84 6.49
CA MET F 83 -43.03 -5.55 5.11
C MET F 83 -44.30 -5.29 4.29
N ALA F 84 -45.25 -6.23 4.33
CA ALA F 84 -46.48 -6.15 3.55
C ALA F 84 -47.20 -4.84 3.82
N ILE F 85 -47.14 -4.40 5.07
CA ILE F 85 -47.80 -3.17 5.47
C ILE F 85 -47.10 -2.02 4.78
N ALA F 86 -45.77 -2.03 4.83
CA ALA F 86 -44.98 -0.96 4.24
C ALA F 86 -45.17 -0.86 2.71
N MET F 87 -45.16 -2.00 2.02
CA MET F 87 -45.43 -2.08 0.58
C MET F 87 -46.83 -1.52 0.25
N ALA F 88 -47.84 -2.00 0.99
CA ALA F 88 -49.20 -1.51 0.84
C ALA F 88 -49.26 0.01 0.97
N ARG F 89 -48.54 0.53 1.94
CA ARG F 89 -48.63 1.94 2.29
C ARG F 89 -47.90 2.81 1.29
N GLN F 90 -47.00 2.18 0.55
CA GLN F 90 -46.25 2.86 -0.50
C GLN F 90 -47.01 2.74 -1.80
N GLY F 91 -48.13 2.02 -1.76
CA GLY F 91 -48.99 1.85 -2.92
C GLY F 91 -48.76 0.55 -3.67
N GLY F 92 -48.10 -0.41 -3.03
CA GLY F 92 -47.89 -1.72 -3.64
C GLY F 92 -48.41 -2.90 -2.84
N LEU F 93 -47.80 -4.05 -3.02
CA LEU F 93 -48.34 -5.30 -2.51
C LEU F 93 -47.27 -6.17 -1.88
N GLY F 94 -47.57 -6.72 -0.71
CA GLY F 94 -46.69 -7.70 -0.09
C GLY F 94 -47.27 -9.09 -0.26
N ILE F 95 -46.42 -10.05 -0.59
CA ILE F 95 -46.83 -11.45 -0.58
C ILE F 95 -46.16 -12.11 0.61
N ILE F 96 -46.96 -12.58 1.57
CA ILE F 96 -46.47 -13.19 2.80
C ILE F 96 -46.18 -14.68 2.62
N HIS F 97 -44.93 -15.07 2.86
CA HIS F 97 -44.42 -16.39 2.46
C HIS F 97 -45.13 -17.54 3.18
N LYS F 98 -45.00 -18.75 2.62
CA LYS F 98 -45.71 -19.93 3.12
C LYS F 98 -44.83 -20.75 4.05
N ASN F 99 -43.61 -20.29 4.27
CA ASN F 99 -42.69 -21.01 5.13
C ASN F 99 -43.00 -20.74 6.60
N MET F 100 -44.23 -21.07 6.99
CA MET F 100 -44.71 -20.84 8.36
C MET F 100 -46.03 -21.58 8.56
N SER F 101 -46.51 -21.64 9.80
CA SER F 101 -47.77 -22.35 10.14
C SER F 101 -48.98 -21.67 9.54
N ILE F 102 -49.99 -22.48 9.22
CA ILE F 102 -51.23 -21.96 8.66
C ILE F 102 -51.92 -21.00 9.64
N GLU F 103 -51.80 -21.29 10.94
CA GLU F 103 -52.28 -20.39 11.97
C GLU F 103 -51.49 -19.08 11.90
N GLN F 104 -50.18 -19.19 11.70
CA GLN F 104 -49.27 -18.04 11.70
C GLN F 104 -49.43 -17.10 10.49
N GLN F 105 -49.49 -17.66 9.29
CA GLN F 105 -49.59 -16.83 8.09
C GLN F 105 -50.88 -16.03 8.07
N ALA F 106 -51.96 -16.62 8.57
CA ALA F 106 -53.27 -15.96 8.58
C ALA F 106 -53.33 -14.79 9.57
N GLU F 107 -52.49 -14.85 10.61
CA GLU F 107 -52.45 -13.79 11.62
C GLU F 107 -51.57 -12.67 11.13
N GLN F 108 -50.63 -13.01 10.24
CA GLN F 108 -49.85 -12.00 9.51
C GLN F 108 -50.76 -11.26 8.55
N VAL F 109 -51.63 -11.99 7.87
CA VAL F 109 -52.61 -11.41 6.97
C VAL F 109 -53.59 -10.54 7.73
N ASP F 110 -54.11 -11.04 8.85
CA ASP F 110 -55.00 -10.23 9.68
C ASP F 110 -54.31 -8.95 10.16
N LYS F 111 -53.05 -9.06 10.57
CA LYS F 111 -52.28 -7.91 11.06
C LYS F 111 -52.20 -6.79 10.02
N VAL F 112 -51.94 -7.17 8.78
CA VAL F 112 -51.88 -6.20 7.67
C VAL F 112 -53.25 -5.58 7.39
N LYS F 113 -54.27 -6.41 7.26
CA LYS F 113 -55.62 -5.95 6.93
C LYS F 113 -56.22 -5.04 8.02
N ARG F 114 -55.92 -5.33 9.27
CA ARG F 114 -56.40 -4.51 10.39
C ARG F 114 -55.53 -3.28 10.59
N SER F 115 -54.59 -3.07 9.66
CA SER F 115 -53.63 -1.99 9.80
C SER F 115 -54.04 -0.75 8.99
N GLY F 116 -55.19 -0.82 8.36
CA GLY F 116 -55.73 0.31 7.61
C GLY F 116 -56.30 -0.05 6.25
N GLY F 117 -57.00 -1.18 6.18
CA GLY F 117 -57.62 -1.65 4.96
C GLY F 117 -56.64 -2.06 3.88
N LEU F 118 -55.36 -2.11 4.25
CA LEU F 118 -54.27 -2.39 3.33
C LEU F 118 -54.47 -3.65 2.48
N LEU F 119 -53.91 -3.64 1.27
CA LEU F 119 -53.89 -4.82 0.41
C LEU F 119 -52.77 -5.78 0.83
N VAL F 120 -53.04 -7.07 0.76
CA VAL F 120 -52.04 -8.05 1.15
C VAL F 120 -52.23 -9.37 0.39
N GLY F 121 -51.15 -10.15 0.27
CA GLY F 121 -51.19 -11.40 -0.48
C GLY F 121 -50.35 -12.44 0.22
N ALA F 122 -50.59 -13.72 -0.09
CA ALA F 122 -49.86 -14.79 0.56
C ALA F 122 -49.57 -15.96 -0.37
N ALA F 123 -48.43 -16.61 -0.17
CA ALA F 123 -48.06 -17.77 -0.97
C ALA F 123 -48.73 -19.04 -0.47
N VAL F 124 -49.09 -19.90 -1.41
CA VAL F 124 -49.55 -21.25 -1.12
C VAL F 124 -48.82 -22.28 -1.98
N GLY F 125 -48.33 -23.35 -1.37
CA GLY F 125 -47.71 -24.43 -2.11
C GLY F 125 -48.78 -25.21 -2.85
N VAL F 126 -48.37 -26.14 -3.71
CA VAL F 126 -49.30 -27.08 -4.30
C VAL F 126 -49.14 -28.42 -3.60
N THR F 127 -49.55 -28.44 -2.33
CA THR F 127 -49.60 -29.64 -1.51
C THR F 127 -51.07 -29.96 -1.35
N ALA F 128 -51.40 -31.17 -0.88
CA ALA F 128 -52.80 -31.49 -0.61
C ALA F 128 -53.32 -30.65 0.55
N ASP F 129 -52.38 -30.14 1.34
CA ASP F 129 -52.67 -29.29 2.48
C ASP F 129 -53.08 -27.86 2.06
N ALA F 130 -52.80 -27.49 0.82
CA ALA F 130 -53.00 -26.12 0.30
C ALA F 130 -54.41 -25.53 0.41
N MET F 131 -55.43 -26.33 0.09
CA MET F 131 -56.80 -25.82 0.09
C MET F 131 -57.26 -25.48 1.51
N THR F 132 -56.63 -26.12 2.49
CA THR F 132 -56.89 -25.81 3.88
C THR F 132 -56.32 -24.42 4.21
N ARG F 133 -55.03 -24.25 3.93
CA ARG F 133 -54.34 -22.99 4.16
C ARG F 133 -55.08 -21.81 3.54
N ILE F 134 -55.58 -22.00 2.32
CA ILE F 134 -56.33 -20.95 1.65
C ILE F 134 -57.61 -20.55 2.43
N ASP F 135 -58.28 -21.53 3.04
CA ASP F 135 -59.45 -21.24 3.85
C ASP F 135 -59.13 -20.33 5.04
N ALA F 136 -57.99 -20.59 5.69
CA ALA F 136 -57.57 -19.77 6.82
C ALA F 136 -57.23 -18.38 6.33
N LEU F 137 -56.58 -18.34 5.17
CA LEU F 137 -56.21 -17.09 4.54
C LEU F 137 -57.43 -16.28 4.08
N VAL F 138 -58.43 -16.96 3.53
CA VAL F 138 -59.65 -16.28 3.09
C VAL F 138 -60.44 -15.74 4.28
N LYS F 139 -60.44 -16.47 5.38
CA LYS F 139 -61.07 -16.02 6.61
C LYS F 139 -60.33 -14.81 7.20
N ALA F 140 -59.08 -14.62 6.78
CA ALA F 140 -58.30 -13.47 7.25
C ALA F 140 -58.48 -12.28 6.32
N SER F 141 -59.16 -12.52 5.20
CA SER F 141 -59.43 -11.54 4.15
C SER F 141 -58.21 -11.23 3.26
N VAL F 142 -57.56 -12.28 2.80
CA VAL F 142 -56.44 -12.10 1.90
C VAL F 142 -56.96 -11.57 0.55
N ASP F 143 -56.24 -10.64 -0.05
CA ASP F 143 -56.69 -10.05 -1.33
C ASP F 143 -56.36 -10.90 -2.55
N ALA F 144 -55.26 -11.65 -2.48
CA ALA F 144 -54.86 -12.51 -3.59
C ALA F 144 -53.99 -13.64 -3.07
N ILE F 145 -54.14 -14.82 -3.64
CA ILE F 145 -53.24 -15.91 -3.28
C ILE F 145 -52.25 -16.16 -4.40
N VAL F 146 -51.03 -16.55 -4.03
CA VAL F 146 -50.00 -16.80 -5.03
C VAL F 146 -49.61 -18.26 -4.99
N LEU F 147 -50.04 -19.03 -5.97
CA LEU F 147 -49.62 -20.41 -6.06
C LEU F 147 -48.17 -20.54 -6.52
N ASP F 148 -47.25 -20.51 -5.56
CA ASP F 148 -45.82 -20.61 -5.86
C ASP F 148 -45.41 -22.03 -6.22
N THR F 149 -44.84 -22.21 -7.40
CA THR F 149 -44.28 -23.51 -7.78
C THR F 149 -43.08 -23.33 -8.68
N ALA F 150 -42.16 -24.27 -8.62
CA ALA F 150 -40.98 -24.27 -9.46
C ALA F 150 -41.40 -24.33 -10.93
N HIS F 151 -42.46 -25.09 -11.17
CA HIS F 151 -42.92 -25.39 -12.52
C HIS F 151 -44.42 -25.18 -12.63
N GLY F 152 -44.84 -23.98 -12.99
CA GLY F 152 -46.26 -23.71 -13.17
C GLY F 152 -46.93 -24.48 -14.30
N HIS F 153 -46.14 -25.14 -15.14
CA HIS F 153 -46.69 -25.90 -16.25
C HIS F 153 -46.85 -27.37 -15.89
N SER F 154 -46.99 -27.66 -14.60
CA SER F 154 -47.21 -29.01 -14.11
C SER F 154 -48.71 -29.24 -14.02
N GLN F 155 -49.14 -30.48 -14.20
CA GLN F 155 -50.58 -30.75 -14.23
C GLN F 155 -51.20 -30.58 -12.86
N GLY F 156 -50.44 -30.93 -11.82
CA GLY F 156 -50.87 -30.69 -10.46
C GLY F 156 -51.24 -29.23 -10.25
N VAL F 157 -50.36 -28.32 -10.66
CA VAL F 157 -50.59 -26.88 -10.48
C VAL F 157 -51.95 -26.48 -11.06
N ILE F 158 -52.09 -26.72 -12.37
CA ILE F 158 -53.35 -26.47 -13.08
C ILE F 158 -54.57 -27.01 -12.34
N ASP F 159 -54.44 -28.21 -11.79
CA ASP F 159 -55.55 -28.88 -11.13
C ASP F 159 -55.88 -28.23 -9.80
N LYS F 160 -54.86 -27.72 -9.13
CA LYS F 160 -55.07 -27.02 -7.88
C LYS F 160 -55.70 -25.67 -8.20
N VAL F 161 -55.32 -25.10 -9.33
CA VAL F 161 -55.92 -23.85 -9.81
C VAL F 161 -57.41 -24.04 -10.13
N LYS F 162 -57.72 -25.13 -10.83
CA LYS F 162 -59.09 -25.46 -11.22
C LYS F 162 -60.05 -25.58 -10.04
N GLU F 163 -59.61 -26.27 -8.98
CA GLU F 163 -60.48 -26.48 -7.84
C GLU F 163 -60.54 -25.29 -6.90
N VAL F 164 -59.43 -24.56 -6.76
CA VAL F 164 -59.48 -23.32 -6.02
C VAL F 164 -60.47 -22.34 -6.70
N ARG F 165 -60.31 -22.13 -8.01
CA ARG F 165 -61.26 -21.30 -8.75
C ARG F 165 -62.67 -21.84 -8.66
N ALA F 166 -62.79 -23.16 -8.65
CA ALA F 166 -64.09 -23.80 -8.41
C ALA F 166 -64.69 -23.36 -7.07
N LYS F 167 -63.91 -23.46 -6.00
CA LYS F 167 -64.39 -23.14 -4.66
C LYS F 167 -64.57 -21.63 -4.41
N TYR F 168 -63.67 -20.80 -4.94
CA TYR F 168 -63.75 -19.35 -4.78
C TYR F 168 -63.70 -18.68 -6.12
N PRO F 169 -64.86 -18.40 -6.71
CA PRO F 169 -64.96 -17.86 -8.06
C PRO F 169 -64.56 -16.37 -8.26
N SER F 170 -64.44 -15.59 -7.20
CA SER F 170 -64.07 -14.17 -7.35
C SER F 170 -62.74 -13.85 -6.68
N LEU F 171 -61.95 -14.88 -6.42
CA LEU F 171 -60.70 -14.71 -5.69
C LEU F 171 -59.52 -14.49 -6.63
N ASN F 172 -58.73 -13.45 -6.34
CA ASN F 172 -57.52 -13.17 -7.08
C ASN F 172 -56.45 -14.26 -6.94
N ILE F 173 -56.14 -14.92 -8.04
CA ILE F 173 -55.21 -16.04 -8.04
C ILE F 173 -53.99 -15.81 -8.94
N ILE F 174 -52.83 -15.72 -8.32
CA ILE F 174 -51.60 -15.52 -9.08
C ILE F 174 -50.87 -16.86 -9.17
N ALA F 175 -50.87 -17.44 -10.36
CA ALA F 175 -50.28 -18.75 -10.60
C ALA F 175 -48.94 -18.64 -11.28
N GLY F 176 -47.96 -19.37 -10.79
CA GLY F 176 -46.62 -19.36 -11.36
C GLY F 176 -45.79 -20.50 -10.81
N ASN F 177 -44.55 -20.64 -11.29
CA ASN F 177 -44.00 -19.77 -12.31
C ASN F 177 -43.91 -20.45 -13.68
N VAL F 178 -43.97 -19.63 -14.73
CA VAL F 178 -43.93 -20.11 -16.10
C VAL F 178 -43.03 -19.25 -16.95
N ALA F 179 -42.52 -19.80 -18.04
CA ALA F 179 -41.74 -19.05 -19.01
C ALA F 179 -42.21 -19.18 -20.45
N THR F 180 -43.36 -19.80 -20.68
CA THR F 180 -43.78 -20.05 -22.04
C THR F 180 -45.21 -19.65 -22.34
N ALA F 181 -45.49 -19.39 -23.60
CA ALA F 181 -46.83 -19.08 -24.04
C ALA F 181 -47.73 -20.27 -23.78
N GLU F 182 -47.18 -21.44 -24.01
CA GLU F 182 -47.96 -22.65 -23.88
C GLU F 182 -48.44 -22.70 -22.45
N ALA F 183 -47.53 -22.38 -21.52
CA ALA F 183 -47.85 -22.40 -20.10
C ALA F 183 -48.85 -21.35 -19.65
N THR F 184 -48.70 -20.14 -20.13
CA THR F 184 -49.57 -19.06 -19.70
C THR F 184 -50.99 -19.31 -20.09
N LYS F 185 -51.19 -19.79 -21.32
CA LYS F 185 -52.51 -20.24 -21.77
C LYS F 185 -53.14 -21.30 -20.85
N ALA F 186 -52.35 -22.25 -20.39
CA ALA F 186 -52.86 -23.30 -19.52
C ALA F 186 -53.42 -22.72 -18.22
N LEU F 187 -52.55 -22.09 -17.43
CA LEU F 187 -52.96 -21.43 -16.20
C LEU F 187 -54.14 -20.47 -16.37
N ILE F 188 -54.16 -19.73 -17.47
CA ILE F 188 -55.31 -18.87 -17.78
C ILE F 188 -56.55 -19.74 -17.98
N GLU F 189 -56.40 -20.87 -18.67
CA GLU F 189 -57.52 -21.80 -18.86
C GLU F 189 -58.00 -22.42 -17.53
N ALA F 190 -57.05 -22.74 -16.65
CA ALA F 190 -57.41 -23.26 -15.33
C ALA F 190 -58.04 -22.18 -14.46
N GLY F 191 -58.08 -20.95 -14.94
CA GLY F 191 -58.86 -19.90 -14.28
C GLY F 191 -58.10 -18.89 -13.42
N ALA F 192 -56.80 -18.71 -13.67
CA ALA F 192 -55.99 -17.79 -12.88
C ALA F 192 -56.14 -16.35 -13.40
N ASN F 193 -56.25 -15.36 -12.52
CA ASN F 193 -56.37 -13.94 -12.96
C ASN F 193 -55.04 -13.34 -13.45
N VAL F 194 -53.99 -13.55 -12.68
CA VAL F 194 -52.66 -13.06 -12.96
C VAL F 194 -51.73 -14.26 -13.14
N VAL F 195 -50.88 -14.24 -14.16
CA VAL F 195 -49.84 -15.27 -14.28
C VAL F 195 -48.47 -14.69 -13.96
N LYS F 196 -47.68 -15.43 -13.20
CA LYS F 196 -46.38 -14.94 -12.77
C LYS F 196 -45.26 -15.57 -13.62
N VAL F 197 -44.38 -14.74 -14.16
CA VAL F 197 -43.43 -15.19 -15.18
C VAL F 197 -42.00 -15.24 -14.64
N GLY F 198 -41.31 -16.35 -14.89
CA GLY F 198 -39.89 -16.44 -14.60
C GLY F 198 -39.41 -17.79 -14.10
N ILE F 199 -38.82 -18.60 -14.98
CA ILE F 199 -38.14 -19.81 -14.52
C ILE F 199 -36.62 -19.64 -14.56
N GLY F 200 -36.01 -19.31 -13.43
CA GLY F 200 -34.56 -19.22 -13.33
C GLY F 200 -33.79 -17.90 -13.29
N PRO F 201 -34.46 -16.73 -13.43
CA PRO F 201 -33.63 -15.50 -13.38
C PRO F 201 -33.13 -15.04 -12.00
N GLY F 202 -33.77 -15.51 -10.92
CA GLY F 202 -33.58 -14.92 -9.60
C GLY F 202 -32.14 -14.82 -9.16
N SER F 203 -31.81 -13.75 -8.45
CA SER F 203 -30.44 -13.50 -8.00
C SER F 203 -29.85 -14.63 -7.13
N ILE F 204 -30.72 -15.34 -6.39
CA ILE F 204 -30.28 -16.47 -5.57
C ILE F 204 -30.64 -17.82 -6.22
N CYS F 205 -30.92 -17.78 -7.52
CA CYS F 205 -31.37 -18.98 -8.21
C CYS F 205 -30.20 -19.83 -8.72
N THR F 206 -30.37 -21.15 -8.72
CA THR F 206 -29.40 -22.08 -9.28
C THR F 206 -30.10 -23.13 -10.15
N THR F 207 -31.37 -22.90 -10.45
CA THR F 207 -32.17 -23.82 -11.26
C THR F 207 -31.54 -24.10 -12.61
N ARG F 208 -31.00 -23.07 -13.25
CA ARG F 208 -30.38 -23.19 -14.57
C ARG F 208 -29.02 -23.86 -14.47
N VAL F 209 -28.28 -23.59 -13.40
CA VAL F 209 -27.02 -24.29 -13.18
C VAL F 209 -27.26 -25.77 -12.92
N VAL F 210 -28.18 -26.09 -12.02
CA VAL F 210 -28.33 -27.46 -11.55
C VAL F 210 -29.33 -28.25 -12.37
N ALA F 211 -30.28 -27.58 -13.02
CA ALA F 211 -31.26 -28.35 -13.78
C ALA F 211 -31.12 -28.09 -15.28
N GLY F 212 -30.30 -27.10 -15.64
CA GLY F 212 -30.04 -26.79 -17.03
C GLY F 212 -31.25 -26.19 -17.71
N VAL F 213 -32.06 -25.47 -16.96
CA VAL F 213 -33.40 -25.17 -17.43
C VAL F 213 -33.74 -23.71 -17.29
N GLY F 214 -34.37 -23.14 -18.32
CA GLY F 214 -34.94 -21.81 -18.24
C GLY F 214 -35.19 -21.07 -19.55
N VAL F 215 -35.71 -19.84 -19.41
CA VAL F 215 -35.88 -18.93 -20.52
C VAL F 215 -35.44 -17.54 -20.07
N PRO F 216 -34.48 -16.94 -20.79
CA PRO F 216 -33.94 -15.61 -20.46
C PRO F 216 -35.05 -14.61 -20.21
N GLN F 217 -35.05 -14.02 -19.02
CA GLN F 217 -36.21 -13.33 -18.44
C GLN F 217 -36.99 -12.39 -19.35
N LEU F 218 -36.32 -11.59 -20.15
CA LEU F 218 -37.04 -10.64 -21.00
C LEU F 218 -37.86 -11.29 -22.13
N THR F 219 -37.28 -12.27 -22.82
CA THR F 219 -37.97 -13.04 -23.83
C THR F 219 -39.19 -13.72 -23.25
N ALA F 220 -39.03 -14.30 -22.05
CA ALA F 220 -40.13 -14.94 -21.32
C ALA F 220 -41.29 -13.99 -21.06
N VAL F 221 -40.98 -12.85 -20.45
CA VAL F 221 -42.04 -11.91 -20.13
C VAL F 221 -42.84 -11.58 -21.36
N TYR F 222 -42.12 -11.29 -22.45
CA TYR F 222 -42.70 -10.97 -23.75
C TYR F 222 -43.55 -12.09 -24.35
N ASP F 223 -42.95 -13.28 -24.49
CA ASP F 223 -43.66 -14.47 -24.96
C ASP F 223 -44.93 -14.76 -24.18
N CYS F 224 -44.84 -14.80 -22.84
CA CYS F 224 -46.04 -15.02 -22.02
C CYS F 224 -47.01 -13.86 -22.10
N ALA F 225 -46.50 -12.63 -22.22
CA ALA F 225 -47.38 -11.48 -22.33
C ALA F 225 -48.16 -11.57 -23.63
N THR F 226 -47.48 -12.01 -24.68
CA THR F 226 -48.08 -12.13 -25.99
C THR F 226 -49.31 -13.02 -25.90
N GLU F 227 -49.19 -14.12 -25.17
CA GLU F 227 -50.34 -14.99 -24.95
C GLU F 227 -51.37 -14.36 -24.01
N ALA F 228 -50.90 -13.75 -22.93
CA ALA F 228 -51.77 -13.23 -21.87
C ALA F 228 -52.55 -11.98 -22.28
N ARG F 229 -52.04 -11.29 -23.29
CA ARG F 229 -52.66 -10.07 -23.78
C ARG F 229 -53.96 -10.40 -24.53
N LYS F 230 -54.02 -11.60 -25.11
CA LYS F 230 -55.20 -12.04 -25.85
C LYS F 230 -56.42 -12.25 -24.93
N HIS F 231 -56.17 -12.61 -23.67
CA HIS F 231 -57.25 -12.88 -22.72
C HIS F 231 -57.46 -11.73 -21.73
N GLY F 232 -56.74 -10.62 -21.97
CA GLY F 232 -56.85 -9.46 -21.10
C GLY F 232 -56.43 -9.86 -19.70
N ILE F 233 -55.33 -10.59 -19.65
CA ILE F 233 -54.79 -11.12 -18.41
C ILE F 233 -53.40 -10.50 -18.22
N PRO F 234 -53.17 -9.88 -17.05
CA PRO F 234 -51.87 -9.27 -16.78
C PRO F 234 -50.81 -10.29 -16.39
N VAL F 235 -49.54 -9.98 -16.63
CA VAL F 235 -48.45 -10.85 -16.19
C VAL F 235 -47.46 -10.16 -15.23
N ILE F 236 -46.91 -10.93 -14.30
CA ILE F 236 -45.95 -10.38 -13.36
C ILE F 236 -44.54 -10.79 -13.74
N ALA F 237 -43.67 -9.80 -13.88
CA ALA F 237 -42.28 -10.07 -14.20
C ALA F 237 -41.51 -10.42 -12.94
N ASP F 238 -41.30 -11.71 -12.71
CA ASP F 238 -40.66 -12.18 -11.49
C ASP F 238 -39.17 -12.41 -11.68
N GLY F 239 -38.36 -11.78 -10.84
CA GLY F 239 -36.95 -12.09 -10.76
C GLY F 239 -36.01 -11.46 -11.78
N GLY F 240 -34.73 -11.43 -11.42
CA GLY F 240 -33.69 -11.04 -12.34
C GLY F 240 -33.48 -9.54 -12.46
N ILE F 241 -34.32 -8.78 -11.75
CA ILE F 241 -34.25 -7.34 -11.76
C ILE F 241 -33.22 -6.85 -10.76
N LYS F 242 -32.15 -6.21 -11.27
CA LYS F 242 -31.04 -5.75 -10.44
C LYS F 242 -31.09 -4.24 -10.20
N TYR F 243 -31.67 -3.50 -11.13
CA TYR F 243 -31.71 -2.05 -11.07
C TYR F 243 -33.07 -1.57 -11.54
N SER F 244 -33.31 -0.28 -11.35
CA SER F 244 -34.61 0.28 -11.68
C SER F 244 -34.88 0.20 -13.19
N GLY F 245 -33.87 0.47 -14.01
CA GLY F 245 -33.96 0.28 -15.43
C GLY F 245 -34.49 -1.09 -15.83
N ASP F 246 -34.09 -2.15 -15.14
CA ASP F 246 -34.52 -3.50 -15.46
C ASP F 246 -36.05 -3.60 -15.35
N MET F 247 -36.60 -2.87 -14.39
CA MET F 247 -38.03 -2.82 -14.20
C MET F 247 -38.69 -2.15 -15.39
N VAL F 248 -38.14 -1.02 -15.81
CA VAL F 248 -38.68 -0.29 -16.97
C VAL F 248 -38.66 -1.22 -18.17
N LYS F 249 -37.58 -2.00 -18.27
CA LYS F 249 -37.48 -3.02 -19.32
C LYS F 249 -38.56 -4.12 -19.22
N ALA F 250 -38.70 -4.75 -18.06
CA ALA F 250 -39.69 -5.81 -17.89
C ALA F 250 -41.13 -5.30 -18.10
N LEU F 251 -41.41 -4.11 -17.57
CA LEU F 251 -42.72 -3.48 -17.74
C LEU F 251 -42.97 -3.15 -19.21
N ALA F 252 -41.93 -2.70 -19.90
CA ALA F 252 -42.04 -2.38 -21.32
C ALA F 252 -42.05 -3.62 -22.21
N ALA F 253 -41.95 -4.80 -21.60
CA ALA F 253 -41.97 -6.03 -22.40
C ALA F 253 -43.34 -6.71 -22.32
N GLY F 254 -44.31 -6.01 -21.72
CA GLY F 254 -45.66 -6.51 -21.62
C GLY F 254 -46.03 -7.03 -20.25
N ALA F 255 -45.24 -6.70 -19.23
CA ALA F 255 -45.63 -7.03 -17.86
C ALA F 255 -46.38 -5.84 -17.24
N HIS F 256 -47.37 -6.15 -16.41
CA HIS F 256 -48.15 -5.12 -15.73
C HIS F 256 -47.43 -4.69 -14.48
N VAL F 257 -46.58 -5.58 -13.95
CA VAL F 257 -46.09 -5.39 -12.61
C VAL F 257 -44.88 -6.29 -12.35
N VAL F 258 -43.94 -5.80 -11.53
CA VAL F 258 -42.76 -6.60 -11.25
C VAL F 258 -42.63 -7.05 -9.78
N MET F 259 -42.09 -8.25 -9.58
CA MET F 259 -41.85 -8.78 -8.25
C MET F 259 -40.35 -8.83 -7.92
N LEU F 260 -40.01 -8.43 -6.70
CA LEU F 260 -38.62 -8.24 -6.31
C LEU F 260 -38.32 -8.92 -4.99
N GLY F 261 -37.16 -9.55 -4.92
CA GLY F 261 -36.68 -10.03 -3.65
C GLY F 261 -35.42 -9.26 -3.35
N SER F 262 -34.40 -9.48 -4.17
CA SER F 262 -33.07 -8.94 -3.96
C SER F 262 -33.03 -7.45 -3.67
N MET F 263 -33.85 -6.67 -4.34
CA MET F 263 -33.86 -5.23 -4.07
C MET F 263 -34.68 -4.82 -2.82
N PHE F 264 -35.42 -5.76 -2.23
CA PHE F 264 -36.14 -5.47 -0.98
C PHE F 264 -35.52 -6.16 0.23
N ALA F 265 -34.79 -7.24 0.00
CA ALA F 265 -34.29 -8.09 1.07
C ALA F 265 -33.50 -7.34 2.15
N GLY F 266 -32.86 -6.25 1.76
CA GLY F 266 -32.08 -5.48 2.71
C GLY F 266 -32.72 -4.20 3.24
N VAL F 267 -34.04 -4.05 3.15
CA VAL F 267 -34.65 -2.88 3.77
C VAL F 267 -35.00 -3.13 5.23
N ALA F 268 -35.28 -2.06 5.97
CA ALA F 268 -35.54 -2.14 7.38
C ALA F 268 -36.77 -3.02 7.66
N GLU F 269 -37.83 -2.79 6.88
CA GLU F 269 -39.08 -3.48 7.12
C GLU F 269 -39.00 -4.97 6.76
N SER F 270 -37.94 -5.36 6.05
CA SER F 270 -37.60 -6.76 5.77
C SER F 270 -37.37 -7.54 7.08
N PRO F 271 -37.74 -8.83 7.11
CA PRO F 271 -37.49 -9.59 8.34
C PRO F 271 -36.02 -9.93 8.44
N GLY F 272 -35.57 -10.27 9.64
CA GLY F 272 -34.16 -10.52 9.90
C GLY F 272 -33.53 -9.33 10.61
N GLU F 273 -32.42 -9.57 11.28
CA GLU F 273 -31.66 -8.50 11.92
C GLU F 273 -30.44 -8.07 11.08
N THR F 274 -29.67 -7.12 11.60
CA THR F 274 -28.55 -6.55 10.86
C THR F 274 -27.26 -7.26 11.24
N GLU F 275 -26.37 -7.44 10.27
CA GLU F 275 -25.06 -7.96 10.59
C GLU F 275 -23.95 -7.14 9.98
N ILE F 276 -23.09 -6.59 10.82
CA ILE F 276 -21.92 -5.88 10.32
C ILE F 276 -20.85 -6.84 9.80
N TYR F 277 -20.30 -6.48 8.65
CA TYR F 277 -19.35 -7.28 7.93
C TYR F 277 -18.38 -6.35 7.22
N GLN F 278 -17.10 -6.40 7.59
CA GLN F 278 -16.05 -5.65 6.89
C GLN F 278 -16.38 -4.16 6.81
N GLY F 279 -17.21 -3.70 7.74
CA GLY F 279 -17.48 -2.28 7.90
C GLY F 279 -18.87 -1.84 7.50
N ARG F 280 -19.56 -2.66 6.71
CA ARG F 280 -20.89 -2.29 6.26
C ARG F 280 -21.92 -3.24 6.86
N GLN F 281 -23.19 -2.89 6.71
CA GLN F 281 -24.27 -3.69 7.26
C GLN F 281 -24.95 -4.49 6.17
N PHE F 282 -25.50 -5.63 6.56
CA PHE F 282 -25.98 -6.62 5.62
C PHE F 282 -27.19 -7.35 6.20
N LYS F 283 -28.04 -7.89 5.33
CA LYS F 283 -29.12 -8.76 5.77
C LYS F 283 -29.05 -10.06 5.01
N VAL F 284 -29.47 -11.14 5.67
CA VAL F 284 -29.43 -12.46 5.06
C VAL F 284 -30.46 -12.54 3.92
N TYR F 285 -30.07 -13.12 2.80
CA TYR F 285 -30.99 -13.31 1.67
C TYR F 285 -30.74 -14.65 1.00
N ARG F 286 -31.77 -15.49 0.96
CA ARG F 286 -31.58 -16.83 0.44
C ARG F 286 -32.77 -17.29 -0.37
N GLY F 287 -32.50 -18.25 -1.25
CA GLY F 287 -33.58 -18.90 -1.96
C GLY F 287 -34.48 -19.68 -1.04
N MET F 288 -35.72 -19.90 -1.50
CA MET F 288 -36.62 -20.80 -0.81
C MET F 288 -36.25 -22.25 -1.11
N GLY F 289 -35.69 -22.48 -2.29
CA GLY F 289 -35.16 -23.80 -2.62
C GLY F 289 -33.71 -24.00 -2.18
N SER F 290 -33.20 -23.14 -1.32
CA SER F 290 -31.85 -23.30 -0.77
C SER F 290 -31.92 -24.23 0.43
N VAL F 291 -30.76 -24.73 0.85
CA VAL F 291 -30.69 -25.64 1.98
C VAL F 291 -31.33 -24.96 3.19
N GLY F 292 -30.80 -23.80 3.56
CA GLY F 292 -31.28 -23.05 4.71
C GLY F 292 -32.78 -22.82 4.80
N ALA F 293 -33.41 -22.45 3.70
CA ALA F 293 -34.83 -22.18 3.73
C ALA F 293 -35.66 -23.44 3.95
N MET F 294 -35.18 -24.56 3.41
CA MET F 294 -35.98 -25.77 3.32
C MET F 294 -35.86 -26.64 4.55
N GLU F 295 -34.77 -26.44 5.29
CA GLU F 295 -34.51 -27.11 6.54
C GLU F 295 -35.18 -26.34 7.66
N LYS F 296 -35.94 -25.33 7.30
CA LYS F 296 -36.69 -24.54 8.26
C LYS F 296 -38.12 -25.09 8.33
N GLY F 297 -38.61 -25.59 7.20
CA GLY F 297 -39.93 -26.20 7.13
C GLY F 297 -39.94 -27.44 6.26
N LEU F 310 -31.87 -34.28 -0.36
CA LEU F 310 -32.48 -33.05 -0.88
C LEU F 310 -31.52 -32.30 -1.82
N VAL F 311 -32.06 -31.84 -2.97
CA VAL F 311 -31.26 -31.20 -4.03
C VAL F 311 -31.75 -29.78 -4.33
N PRO F 312 -31.08 -28.79 -3.73
CA PRO F 312 -31.51 -27.40 -3.74
C PRO F 312 -31.40 -26.77 -5.12
N GLU F 313 -32.14 -25.67 -5.32
CA GLU F 313 -32.05 -24.90 -6.55
C GLU F 313 -31.94 -23.43 -6.19
N GLY F 314 -31.30 -23.18 -5.06
CA GLY F 314 -31.08 -21.84 -4.58
C GLY F 314 -29.92 -21.84 -3.60
N ILE F 315 -29.41 -20.65 -3.29
CA ILE F 315 -28.27 -20.55 -2.39
C ILE F 315 -28.59 -19.58 -1.27
N GLU F 316 -27.67 -19.45 -0.31
CA GLU F 316 -27.84 -18.51 0.79
C GLU F 316 -26.81 -17.38 0.71
N GLY F 317 -27.18 -16.17 1.11
CA GLY F 317 -26.22 -15.09 1.09
C GLY F 317 -26.63 -13.85 1.85
N ARG F 318 -25.95 -12.74 1.54
CA ARG F 318 -26.23 -11.46 2.18
C ARG F 318 -26.29 -10.31 1.17
N VAL F 319 -27.14 -9.33 1.47
CA VAL F 319 -27.23 -8.10 0.69
C VAL F 319 -27.04 -6.91 1.63
N PRO F 320 -26.52 -5.79 1.08
CA PRO F 320 -26.30 -4.58 1.88
C PRO F 320 -27.56 -4.09 2.60
N TYR F 321 -27.39 -3.47 3.76
CA TYR F 321 -28.51 -2.85 4.44
C TYR F 321 -28.86 -1.55 3.70
N LYS F 322 -30.15 -1.24 3.63
CA LYS F 322 -30.64 -0.23 2.70
C LYS F 322 -31.52 0.82 3.35
N GLY F 323 -31.90 0.59 4.59
CA GLY F 323 -32.68 1.57 5.32
C GLY F 323 -34.15 1.39 5.07
N PRO F 324 -34.93 2.43 5.37
CA PRO F 324 -36.39 2.32 5.25
C PRO F 324 -36.82 2.05 3.81
N LEU F 325 -37.88 1.27 3.67
CA LEU F 325 -38.38 0.86 2.38
C LEU F 325 -38.63 2.04 1.43
N ALA F 326 -39.09 3.17 1.98
CA ALA F 326 -39.58 4.27 1.18
C ALA F 326 -38.53 4.88 0.25
N ASP F 327 -37.28 4.87 0.71
CA ASP F 327 -36.16 5.42 -0.04
C ASP F 327 -35.88 4.55 -1.24
N THR F 328 -35.91 3.24 -1.03
CA THR F 328 -35.70 2.30 -2.12
C THR F 328 -36.85 2.38 -3.12
N VAL F 329 -38.07 2.61 -2.62
CA VAL F 329 -39.20 2.76 -3.51
C VAL F 329 -39.11 4.07 -4.30
N HIS F 330 -38.71 5.14 -3.63
CA HIS F 330 -38.58 6.43 -4.29
C HIS F 330 -37.62 6.27 -5.46
N GLN F 331 -36.46 5.67 -5.21
CA GLN F 331 -35.49 5.41 -6.27
C GLN F 331 -36.02 4.54 -7.41
N LEU F 332 -36.76 3.48 -7.09
CA LEU F 332 -37.36 2.65 -8.15
C LEU F 332 -38.43 3.38 -8.98
N VAL F 333 -39.38 4.04 -8.31
CA VAL F 333 -40.43 4.75 -9.03
C VAL F 333 -39.82 5.92 -9.79
N GLY F 334 -38.76 6.49 -9.21
CA GLY F 334 -38.03 7.57 -9.86
C GLY F 334 -37.51 7.11 -11.19
N GLY F 335 -36.83 5.98 -11.21
CA GLY F 335 -36.29 5.42 -12.43
C GLY F 335 -37.37 5.11 -13.44
N LEU F 336 -38.47 4.52 -12.98
CA LEU F 336 -39.56 4.23 -13.88
C LEU F 336 -40.13 5.50 -14.53
N ARG F 337 -40.30 6.56 -13.73
CA ARG F 337 -40.82 7.79 -14.29
C ARG F 337 -39.89 8.36 -15.36
N ALA F 338 -38.60 8.45 -15.02
CA ALA F 338 -37.60 8.95 -15.93
C ALA F 338 -37.64 8.07 -17.16
N GLY F 339 -37.79 6.77 -16.93
CA GLY F 339 -37.91 5.85 -18.04
C GLY F 339 -39.06 6.23 -18.94
N MET F 340 -40.25 6.36 -18.38
CA MET F 340 -41.43 6.67 -19.17
C MET F 340 -41.35 8.00 -19.93
N GLY F 341 -40.63 8.97 -19.37
CA GLY F 341 -40.43 10.22 -20.05
C GLY F 341 -39.71 9.98 -21.37
N TYR F 342 -38.55 9.30 -21.29
CA TYR F 342 -37.80 8.91 -22.47
C TYR F 342 -38.67 8.23 -23.51
N CYS F 343 -39.63 7.42 -23.06
CA CYS F 343 -40.49 6.72 -24.01
C CYS F 343 -41.77 7.46 -24.35
N GLY F 344 -42.01 8.57 -23.65
CA GLY F 344 -43.20 9.37 -23.91
C GLY F 344 -44.45 8.60 -23.52
N ALA F 345 -44.32 7.76 -22.50
CA ALA F 345 -45.42 6.96 -21.97
C ALA F 345 -46.11 7.66 -20.81
N GLN F 346 -47.25 8.29 -21.10
CA GLN F 346 -48.06 8.98 -20.11
C GLN F 346 -48.58 7.99 -19.04
N ASP F 347 -48.75 6.73 -19.44
CA ASP F 347 -49.11 5.67 -18.51
C ASP F 347 -48.49 4.32 -18.89
N LEU F 348 -48.69 3.32 -18.04
CA LEU F 348 -48.07 2.01 -18.22
C LEU F 348 -48.56 1.21 -19.40
N GLU F 349 -49.83 1.38 -19.76
CA GLU F 349 -50.35 0.69 -20.94
C GLU F 349 -49.67 1.18 -22.22
N PHE F 350 -49.46 2.49 -22.30
CA PHE F 350 -48.74 3.02 -23.44
C PHE F 350 -47.34 2.40 -23.60
N LEU F 351 -46.60 2.23 -22.50
CA LEU F 351 -45.25 1.70 -22.55
C LEU F 351 -45.25 0.27 -23.11
N ARG F 352 -46.05 -0.59 -22.49
CA ARG F 352 -46.26 -1.95 -22.95
C ARG F 352 -46.55 -2.00 -24.45
N GLU F 353 -47.61 -1.35 -24.87
CA GLU F 353 -48.06 -1.46 -26.25
C GLU F 353 -47.06 -0.89 -27.28
N ASN F 354 -46.23 0.05 -26.86
CA ASN F 354 -45.48 0.90 -27.79
C ASN F 354 -43.95 0.98 -27.63
N ALA F 355 -43.43 0.75 -26.43
CA ALA F 355 -42.00 0.93 -26.21
C ALA F 355 -41.19 0.00 -27.08
N GLN F 356 -40.06 0.49 -27.60
CA GLN F 356 -39.22 -0.29 -28.51
C GLN F 356 -37.87 -0.55 -27.86
N PHE F 357 -37.30 -1.72 -28.12
CA PHE F 357 -35.98 -2.04 -27.59
C PHE F 357 -34.93 -1.95 -28.70
N ILE F 358 -33.66 -2.04 -28.34
CA ILE F 358 -32.57 -2.27 -29.30
C ILE F 358 -31.57 -3.24 -28.72
N ARG F 359 -31.19 -4.26 -29.49
CA ARG F 359 -30.27 -5.26 -28.99
C ARG F 359 -28.84 -4.74 -29.10
N MET F 360 -28.08 -4.94 -28.04
CA MET F 360 -26.67 -4.55 -28.04
C MET F 360 -25.85 -5.75 -27.60
N SER F 361 -24.53 -5.68 -27.71
CA SER F 361 -23.67 -6.78 -27.27
C SER F 361 -23.18 -6.55 -25.84
N GLY F 362 -22.35 -7.47 -25.36
CA GLY F 362 -21.68 -7.30 -24.09
C GLY F 362 -20.87 -6.01 -23.98
N ALA F 363 -20.12 -5.65 -25.04
CA ALA F 363 -19.45 -4.35 -25.07
C ALA F 363 -20.46 -3.23 -24.93
N GLY F 364 -21.63 -3.38 -25.54
CA GLY F 364 -22.72 -2.43 -25.37
C GLY F 364 -23.13 -2.30 -23.92
N LEU F 365 -23.23 -3.42 -23.22
CA LEU F 365 -23.48 -3.42 -21.78
C LEU F 365 -22.41 -2.62 -20.99
N LEU F 366 -21.14 -2.78 -21.38
CA LEU F 366 -20.05 -2.06 -20.72
C LEU F 366 -20.06 -0.57 -21.01
N GLU F 367 -20.85 -0.16 -21.99
CA GLU F 367 -20.99 1.26 -22.25
C GLU F 367 -22.12 1.79 -21.39
N SER F 368 -23.12 0.93 -21.16
CA SER F 368 -24.29 1.32 -20.42
C SER F 368 -24.01 1.48 -18.91
N HIS F 369 -22.92 0.90 -18.44
CA HIS F 369 -22.48 1.18 -17.07
C HIS F 369 -21.43 2.29 -17.07
N PRO F 370 -21.25 2.95 -15.91
CA PRO F 370 -20.14 3.90 -15.80
C PRO F 370 -18.82 3.18 -16.08
N HIS F 371 -17.86 3.89 -16.67
CA HIS F 371 -16.63 3.27 -17.08
C HIS F 371 -15.45 4.22 -16.96
N HIS F 372 -14.26 3.64 -16.80
CA HIS F 372 -13.00 4.38 -16.72
C HIS F 372 -13.02 5.58 -15.77
N VAL F 373 -13.86 5.52 -14.74
CA VAL F 373 -13.83 6.50 -13.66
C VAL F 373 -13.88 5.79 -12.31
N GLN F 374 -13.03 6.22 -11.38
CA GLN F 374 -13.13 5.72 -10.03
C GLN F 374 -14.35 6.37 -9.36
N ILE F 375 -15.39 5.56 -9.11
CA ILE F 375 -16.55 6.02 -8.36
C ILE F 375 -16.16 6.25 -6.91
N THR F 376 -16.42 7.45 -6.39
CA THR F 376 -15.90 7.84 -5.09
C THR F 376 -17.00 7.97 -4.07
N LYS F 377 -18.23 7.90 -4.56
CA LYS F 377 -19.40 8.15 -3.76
C LYS F 377 -20.53 7.33 -4.39
N GLU F 378 -21.10 6.43 -3.61
CA GLU F 378 -22.13 5.56 -4.16
C GLU F 378 -23.43 6.33 -4.32
N ALA F 379 -24.12 6.02 -5.42
CA ALA F 379 -25.36 6.70 -5.77
C ALA F 379 -26.49 6.05 -5.01
N PRO F 380 -27.56 6.83 -4.72
CA PRO F 380 -28.76 6.30 -4.06
C PRO F 380 -29.35 5.16 -4.86
N ASN F 381 -29.16 5.21 -6.17
CA ASN F 381 -29.71 4.20 -7.07
C ASN F 381 -28.67 3.41 -7.87
N TYR F 382 -27.41 3.45 -7.46
CA TYR F 382 -26.38 2.69 -8.19
C TYR F 382 -25.36 1.96 -7.32
N SER F 383 -25.45 0.64 -7.37
CA SER F 383 -24.56 -0.30 -6.66
C SER F 383 -24.32 0.05 -5.20
N ASN G 23 -24.48 6.67 -52.72
CA ASN G 23 -25.02 6.40 -51.38
C ASN G 23 -24.66 5.01 -50.84
N ALA G 24 -23.97 4.22 -51.65
CA ALA G 24 -23.71 2.83 -51.31
C ALA G 24 -22.33 2.65 -50.73
N MET G 25 -21.77 3.74 -50.21
CA MET G 25 -20.54 3.67 -49.46
C MET G 25 -20.93 4.06 -48.05
N TRP G 26 -22.16 4.52 -47.93
CA TRP G 26 -22.73 4.92 -46.65
C TRP G 26 -23.51 3.76 -46.02
N GLU G 27 -24.33 3.08 -46.80
CA GLU G 27 -25.09 1.92 -46.29
C GLU G 27 -24.20 0.70 -46.18
N SER G 28 -22.91 0.90 -46.41
CA SER G 28 -21.99 -0.20 -46.61
C SER G 28 -21.15 -0.38 -45.36
N LYS G 29 -21.20 0.62 -44.50
CA LYS G 29 -20.22 0.85 -43.45
C LYS G 29 -20.04 -0.30 -42.44
N PHE G 30 -21.11 -1.02 -42.15
CA PHE G 30 -21.04 -2.01 -41.08
C PHE G 30 -21.39 -3.38 -41.62
N VAL G 31 -21.09 -3.59 -42.88
CA VAL G 31 -21.46 -4.83 -43.52
C VAL G 31 -20.50 -5.94 -43.11
N LYS G 32 -19.20 -5.68 -43.19
CA LYS G 32 -18.23 -6.75 -42.96
C LYS G 32 -18.23 -7.31 -41.53
N GLU G 33 -17.98 -8.61 -41.42
CA GLU G 33 -17.85 -9.27 -40.12
C GLU G 33 -16.50 -9.94 -40.11
N GLY G 34 -15.81 -9.88 -38.98
CA GLY G 34 -14.48 -10.44 -38.88
C GLY G 34 -14.32 -11.50 -37.80
N LEU G 35 -13.45 -12.47 -38.06
CA LEU G 35 -13.14 -13.50 -37.10
C LEU G 35 -11.69 -13.40 -36.61
N THR G 36 -11.45 -13.66 -35.34
CA THR G 36 -10.08 -13.84 -34.88
C THR G 36 -9.84 -15.28 -34.47
N PHE G 37 -8.61 -15.61 -34.10
CA PHE G 37 -8.24 -16.95 -33.61
C PHE G 37 -9.16 -17.55 -32.56
N ASP G 38 -9.60 -16.71 -31.63
CA ASP G 38 -10.45 -17.16 -30.51
C ASP G 38 -11.92 -17.34 -30.91
N ASP G 39 -12.30 -16.92 -32.12
CA ASP G 39 -13.67 -17.11 -32.58
C ASP G 39 -13.97 -18.52 -33.08
N VAL G 40 -12.93 -19.26 -33.45
CA VAL G 40 -13.12 -20.48 -34.23
C VAL G 40 -12.36 -21.68 -33.67
N LEU G 41 -12.61 -22.84 -34.28
CA LEU G 41 -11.83 -24.06 -34.03
C LEU G 41 -11.67 -24.82 -35.35
N LEU G 42 -10.60 -25.58 -35.49
CA LEU G 42 -10.45 -26.42 -36.67
C LEU G 42 -11.20 -27.69 -36.47
N VAL G 43 -12.07 -28.02 -37.41
CA VAL G 43 -12.87 -29.22 -37.29
C VAL G 43 -12.00 -30.42 -37.59
N PRO G 44 -12.04 -31.45 -36.72
CA PRO G 44 -11.32 -32.69 -36.99
C PRO G 44 -11.89 -33.36 -38.26
N ALA G 45 -11.03 -34.03 -39.00
CA ALA G 45 -11.42 -34.64 -40.25
C ALA G 45 -10.68 -35.96 -40.43
N LYS G 46 -11.21 -36.83 -41.29
CA LYS G 46 -10.62 -38.13 -41.60
C LYS G 46 -9.12 -38.03 -41.88
N SER G 47 -8.35 -38.87 -41.21
CA SER G 47 -6.90 -38.81 -41.33
C SER G 47 -6.28 -40.20 -41.45
N ASP G 48 -5.29 -40.33 -42.33
CA ASP G 48 -4.53 -41.57 -42.37
C ASP G 48 -3.05 -41.26 -42.23
N VAL G 49 -2.77 -40.15 -41.55
CA VAL G 49 -1.40 -39.75 -41.29
C VAL G 49 -1.20 -39.51 -39.79
N LEU G 50 0.02 -39.69 -39.30
CA LEU G 50 0.31 -39.46 -37.89
C LEU G 50 1.13 -38.18 -37.73
N PRO G 51 1.04 -37.54 -36.55
CA PRO G 51 1.70 -36.24 -36.34
C PRO G 51 3.21 -36.28 -36.58
N ARG G 52 3.84 -37.43 -36.30
CA ARG G 52 5.27 -37.59 -36.58
C ARG G 52 5.52 -37.75 -38.08
N GLU G 53 4.53 -38.30 -38.80
CA GLU G 53 4.69 -38.56 -40.24
C GLU G 53 4.54 -37.31 -41.13
N VAL G 54 3.80 -36.32 -40.67
CA VAL G 54 3.47 -35.16 -41.51
C VAL G 54 4.67 -34.29 -41.89
N SER G 55 4.56 -33.63 -43.04
CA SER G 55 5.57 -32.70 -43.50
C SER G 55 5.24 -31.32 -42.93
N VAL G 56 6.25 -30.55 -42.53
CA VAL G 56 6.00 -29.17 -42.10
C VAL G 56 6.80 -28.18 -42.96
N LYS G 57 7.51 -28.73 -43.93
CA LYS G 57 8.20 -27.91 -44.94
C LYS G 57 7.21 -27.07 -45.74
N THR G 58 7.70 -25.95 -46.27
CA THR G 58 6.90 -24.96 -46.97
C THR G 58 7.83 -24.15 -47.85
N VAL G 59 7.32 -23.64 -48.96
CA VAL G 59 8.17 -22.93 -49.91
C VAL G 59 7.67 -21.50 -50.15
N LEU G 60 8.52 -20.51 -49.92
CA LEU G 60 8.14 -19.10 -50.03
C LEU G 60 8.55 -18.46 -51.36
N SER G 61 9.48 -19.11 -52.05
CA SER G 61 9.93 -18.72 -53.37
C SER G 61 10.90 -19.78 -53.83
N GLU G 62 11.44 -19.60 -55.03
CA GLU G 62 12.40 -20.55 -55.54
C GLU G 62 13.72 -20.47 -54.77
N SER G 63 14.00 -19.31 -54.19
CA SER G 63 15.27 -19.11 -53.48
C SER G 63 15.13 -19.22 -51.96
N LEU G 64 13.89 -19.41 -51.50
CA LEU G 64 13.61 -19.34 -50.07
C LEU G 64 12.71 -20.50 -49.63
N GLN G 65 13.31 -21.59 -49.17
CA GLN G 65 12.54 -22.73 -48.69
C GLN G 65 12.78 -22.92 -47.20
N LEU G 66 11.71 -23.08 -46.45
CA LEU G 66 11.82 -23.29 -45.01
C LEU G 66 11.37 -24.70 -44.65
N ASN G 67 12.08 -25.33 -43.72
CA ASN G 67 11.65 -26.64 -43.24
C ASN G 67 10.60 -26.60 -42.11
N ILE G 68 10.43 -25.44 -41.50
CA ILE G 68 9.31 -25.17 -40.60
C ILE G 68 8.74 -23.77 -40.83
N PRO G 69 7.40 -23.64 -40.82
CA PRO G 69 6.70 -22.40 -41.13
C PRO G 69 6.78 -21.33 -40.05
N LEU G 70 7.94 -21.15 -39.44
CA LEU G 70 8.12 -20.14 -38.41
C LEU G 70 9.12 -19.07 -38.81
N ILE G 71 8.79 -17.83 -38.53
CA ILE G 71 9.72 -16.75 -38.71
C ILE G 71 9.72 -15.90 -37.46
N SER G 72 10.91 -15.57 -36.97
CA SER G 72 11.03 -14.63 -35.87
C SER G 72 10.92 -13.20 -36.37
N ALA G 73 10.18 -12.36 -35.66
CA ALA G 73 9.88 -11.00 -36.08
C ALA G 73 11.08 -10.07 -36.10
N GLY G 74 11.09 -9.14 -37.03
CA GLY G 74 12.18 -8.21 -37.14
C GLY G 74 11.99 -7.08 -36.16
N MET G 75 12.27 -7.40 -34.90
CA MET G 75 12.09 -6.45 -33.84
C MET G 75 13.33 -6.40 -33.00
N ASP G 76 13.56 -5.24 -32.40
CA ASP G 76 14.76 -4.98 -31.61
C ASP G 76 14.87 -5.86 -30.37
N THR G 77 13.75 -6.31 -29.83
CA THR G 77 13.78 -7.20 -28.71
C THR G 77 13.56 -8.66 -29.08
N VAL G 78 13.46 -8.94 -30.37
CA VAL G 78 13.29 -10.31 -30.81
C VAL G 78 14.44 -10.89 -31.62
N THR G 79 14.83 -10.22 -32.70
CA THR G 79 15.77 -10.82 -33.63
C THR G 79 17.05 -10.06 -33.90
N GLU G 80 18.14 -10.80 -33.82
CA GLU G 80 19.48 -10.32 -34.08
C GLU G 80 20.25 -11.52 -34.57
N ALA G 81 21.55 -11.38 -34.74
CA ALA G 81 22.31 -12.43 -35.39
C ALA G 81 22.20 -13.72 -34.62
N ASP G 82 22.26 -13.66 -33.31
CA ASP G 82 22.19 -14.86 -32.50
C ASP G 82 20.84 -15.57 -32.63
N MET G 83 19.77 -14.80 -32.64
CA MET G 83 18.43 -15.35 -32.86
C MET G 83 18.22 -15.91 -34.25
N ALA G 84 18.70 -15.19 -35.25
CA ALA G 84 18.56 -15.56 -36.64
C ALA G 84 19.30 -16.84 -36.96
N ILE G 85 20.48 -17.00 -36.38
CA ILE G 85 21.24 -18.21 -36.56
C ILE G 85 20.49 -19.38 -35.96
N ALA G 86 19.91 -19.19 -34.79
CA ALA G 86 19.19 -20.29 -34.15
C ALA G 86 17.84 -20.59 -34.83
N MET G 87 17.16 -19.55 -35.33
CA MET G 87 15.95 -19.77 -36.11
C MET G 87 16.28 -20.59 -37.34
N ALA G 88 17.39 -20.26 -37.97
CA ALA G 88 17.81 -20.95 -39.19
C ALA G 88 18.19 -22.41 -38.94
N ARG G 89 18.84 -22.70 -37.82
CA ARG G 89 19.30 -24.05 -37.54
C ARG G 89 18.15 -25.00 -37.25
N GLN G 90 16.99 -24.43 -36.89
CA GLN G 90 15.79 -25.19 -36.62
C GLN G 90 15.00 -25.41 -37.90
N GLY G 91 15.41 -24.70 -38.96
CA GLY G 91 14.77 -24.84 -40.25
C GLY G 91 13.80 -23.71 -40.54
N GLY G 92 13.95 -22.62 -39.80
CA GLY G 92 13.15 -21.43 -40.04
C GLY G 92 13.95 -20.26 -40.60
N LEU G 93 13.46 -19.05 -40.32
CA LEU G 93 14.07 -17.83 -40.81
C LEU G 93 14.04 -16.75 -39.75
N GLY G 94 15.13 -16.00 -39.62
CA GLY G 94 15.15 -14.82 -38.78
C GLY G 94 15.24 -13.53 -39.57
N ILE G 95 14.53 -12.49 -39.12
CA ILE G 95 14.57 -11.19 -39.78
C ILE G 95 15.33 -10.21 -38.91
N ILE G 96 16.50 -9.78 -39.36
CA ILE G 96 17.25 -8.77 -38.61
C ILE G 96 16.53 -7.42 -38.67
N HIS G 97 16.46 -6.73 -37.54
CA HIS G 97 15.65 -5.53 -37.45
C HIS G 97 16.42 -4.30 -37.90
N LYS G 98 15.70 -3.20 -38.08
CA LYS G 98 16.26 -1.99 -38.66
C LYS G 98 16.69 -0.95 -37.62
N ASN G 99 16.51 -1.28 -36.35
CA ASN G 99 17.02 -0.40 -35.28
C ASN G 99 18.50 -0.58 -35.00
N MET G 100 19.30 -0.41 -36.07
CA MET G 100 20.76 -0.41 -36.01
C MET G 100 21.26 0.25 -37.29
N SER G 101 22.54 0.61 -37.33
CA SER G 101 23.06 1.31 -38.52
C SER G 101 23.13 0.34 -39.69
N ILE G 102 23.34 0.91 -40.88
CA ILE G 102 23.43 0.11 -42.10
C ILE G 102 24.57 -0.91 -41.97
N GLU G 103 25.72 -0.44 -41.50
CA GLU G 103 26.91 -1.27 -41.32
C GLU G 103 26.67 -2.36 -40.29
N GLN G 104 26.07 -1.96 -39.17
CA GLN G 104 25.76 -2.89 -38.10
C GLN G 104 24.80 -3.97 -38.58
N GLN G 105 23.84 -3.59 -39.44
CA GLN G 105 22.91 -4.60 -39.98
C GLN G 105 23.57 -5.51 -41.02
N ALA G 106 24.47 -4.95 -41.82
CA ALA G 106 25.20 -5.74 -42.81
C ALA G 106 26.18 -6.70 -42.13
N GLU G 107 26.83 -6.22 -41.07
CA GLU G 107 27.71 -7.05 -40.27
C GLU G 107 26.91 -8.18 -39.58
N GLN G 108 25.66 -7.88 -39.21
CA GLN G 108 24.75 -8.90 -38.69
C GLN G 108 24.42 -9.94 -39.74
N VAL G 109 23.84 -9.53 -40.86
CA VAL G 109 23.46 -10.47 -41.91
C VAL G 109 24.63 -11.39 -42.32
N ASP G 110 25.77 -10.76 -42.65
CA ASP G 110 27.00 -11.46 -43.01
C ASP G 110 27.39 -12.52 -41.98
N LYS G 111 27.24 -12.20 -40.68
CA LYS G 111 27.51 -13.13 -39.60
C LYS G 111 26.67 -14.39 -39.74
N VAL G 112 25.36 -14.21 -39.85
CA VAL G 112 24.45 -15.33 -40.02
C VAL G 112 24.82 -16.17 -41.26
N LYS G 113 25.15 -15.50 -42.36
CA LYS G 113 25.54 -16.17 -43.59
C LYS G 113 26.78 -17.06 -43.44
N ARG G 114 27.74 -16.60 -42.63
CA ARG G 114 29.00 -17.32 -42.52
C ARG G 114 28.95 -18.38 -41.44
N SER G 115 27.78 -18.56 -40.83
CA SER G 115 27.63 -19.55 -39.78
C SER G 115 26.97 -20.82 -40.31
N GLY G 116 27.42 -21.29 -41.46
CA GLY G 116 26.88 -22.51 -42.04
C GLY G 116 26.15 -22.30 -43.35
N GLY G 117 26.18 -21.08 -43.87
CA GLY G 117 25.40 -20.74 -45.05
C GLY G 117 23.92 -20.73 -44.71
N LEU G 118 23.55 -19.90 -43.75
CA LEU G 118 22.19 -19.87 -43.21
C LEU G 118 21.34 -18.79 -43.82
N LEU G 119 20.07 -19.10 -44.05
CA LEU G 119 19.09 -18.13 -44.54
C LEU G 119 18.96 -16.98 -43.53
N VAL G 120 18.83 -15.76 -44.03
CA VAL G 120 18.65 -14.60 -43.18
C VAL G 120 17.74 -13.62 -43.87
N GLY G 121 16.96 -12.87 -43.11
CA GLY G 121 16.18 -11.80 -43.66
C GLY G 121 16.54 -10.53 -42.93
N ALA G 122 16.42 -9.40 -43.60
CA ALA G 122 16.68 -8.13 -42.93
C ALA G 122 15.52 -7.18 -43.16
N ALA G 123 15.20 -6.38 -42.14
CA ALA G 123 14.10 -5.43 -42.23
C ALA G 123 14.61 -4.13 -42.79
N VAL G 124 13.79 -3.49 -43.62
CA VAL G 124 14.11 -2.18 -44.18
C VAL G 124 12.85 -1.32 -44.07
N GLY G 125 13.01 -0.04 -43.78
CA GLY G 125 11.89 0.88 -43.72
C GLY G 125 11.75 1.72 -44.97
N VAL G 126 10.53 2.19 -45.26
CA VAL G 126 10.30 3.05 -46.41
C VAL G 126 10.84 4.44 -46.10
N THR G 127 12.10 4.66 -46.42
CA THR G 127 12.75 5.95 -46.26
C THR G 127 13.58 6.24 -47.52
N ALA G 128 14.18 7.43 -47.59
CA ALA G 128 15.07 7.74 -48.70
C ALA G 128 16.37 6.93 -48.62
N ASP G 129 16.80 6.62 -47.40
CA ASP G 129 18.03 5.83 -47.17
C ASP G 129 17.82 4.33 -47.39
N ALA G 130 16.60 3.96 -47.80
CA ALA G 130 16.23 2.57 -47.96
C ALA G 130 17.10 1.83 -48.97
N MET G 131 17.31 2.43 -50.14
CA MET G 131 18.05 1.73 -51.18
C MET G 131 19.53 1.52 -50.83
N THR G 132 20.13 2.50 -50.18
CA THR G 132 21.50 2.35 -49.67
C THR G 132 21.57 1.13 -48.76
N ARG G 133 20.70 1.11 -47.74
CA ARG G 133 20.65 0.04 -46.76
C ARG G 133 20.41 -1.32 -47.42
N ILE G 134 19.59 -1.34 -48.46
CA ILE G 134 19.31 -2.57 -49.18
C ILE G 134 20.51 -3.03 -49.99
N ASP G 135 21.15 -2.07 -50.65
CA ASP G 135 22.36 -2.37 -51.42
C ASP G 135 23.34 -3.11 -50.52
N ALA G 136 23.62 -2.51 -49.36
CA ALA G 136 24.48 -3.13 -48.35
C ALA G 136 24.09 -4.58 -48.01
N LEU G 137 22.79 -4.83 -47.83
CA LEU G 137 22.28 -6.16 -47.51
C LEU G 137 22.46 -7.20 -48.60
N VAL G 138 22.38 -6.77 -49.86
CA VAL G 138 22.66 -7.66 -50.99
C VAL G 138 24.14 -8.07 -51.04
N LYS G 139 25.04 -7.10 -50.82
CA LYS G 139 26.46 -7.39 -50.77
C LYS G 139 26.77 -8.36 -49.62
N ALA G 140 25.92 -8.33 -48.59
CA ALA G 140 26.06 -9.21 -47.44
C ALA G 140 25.40 -10.58 -47.66
N SER G 141 24.81 -10.76 -48.85
CA SER G 141 24.22 -12.04 -49.27
C SER G 141 22.88 -12.39 -48.61
N VAL G 142 22.10 -11.35 -48.30
CA VAL G 142 20.79 -11.56 -47.70
C VAL G 142 19.85 -12.28 -48.67
N ASP G 143 19.03 -13.17 -48.12
CA ASP G 143 18.14 -13.99 -48.93
C ASP G 143 16.74 -13.38 -49.05
N ALA G 144 16.44 -12.39 -48.20
CA ALA G 144 15.15 -11.72 -48.23
C ALA G 144 15.19 -10.41 -47.47
N ILE G 145 14.63 -9.36 -48.06
CA ILE G 145 14.47 -8.12 -47.34
C ILE G 145 12.99 -7.97 -47.10
N VAL G 146 12.65 -7.48 -45.92
CA VAL G 146 11.27 -7.30 -45.50
C VAL G 146 10.97 -5.84 -45.69
N LEU G 147 10.01 -5.53 -46.56
CA LEU G 147 9.57 -4.16 -46.69
C LEU G 147 8.44 -3.90 -45.71
N ASP G 148 8.74 -3.11 -44.69
CA ASP G 148 7.95 -3.10 -43.47
C ASP G 148 7.54 -1.68 -43.10
N THR G 149 6.23 -1.45 -43.04
CA THR G 149 5.70 -0.21 -42.48
C THR G 149 4.34 -0.45 -41.83
N ALA G 150 3.85 0.58 -41.16
CA ALA G 150 2.57 0.49 -40.50
C ALA G 150 1.46 0.24 -41.51
N HIS G 151 1.57 0.87 -42.68
CA HIS G 151 0.51 0.80 -43.67
C HIS G 151 1.02 0.38 -45.04
N GLY G 152 0.99 -0.92 -45.31
CA GLY G 152 1.49 -1.47 -46.55
C GLY G 152 0.76 -0.93 -47.76
N HIS G 153 -0.48 -0.49 -47.57
CA HIS G 153 -1.30 -0.06 -48.71
C HIS G 153 -1.20 1.44 -49.01
N SER G 154 0.02 1.96 -49.11
CA SER G 154 0.22 3.36 -49.47
C SER G 154 1.06 3.53 -50.74
N GLN G 155 1.10 4.74 -51.27
CA GLN G 155 1.86 4.98 -52.48
C GLN G 155 3.35 4.77 -52.22
N GLY G 156 3.86 5.40 -51.16
CA GLY G 156 5.27 5.36 -50.82
C GLY G 156 5.85 3.95 -50.77
N VAL G 157 5.05 3.03 -50.24
CA VAL G 157 5.42 1.63 -50.10
C VAL G 157 5.31 0.88 -51.44
N ILE G 158 4.22 1.11 -52.16
CA ILE G 158 4.03 0.52 -53.49
C ILE G 158 5.14 0.98 -54.42
N ASP G 159 5.54 2.24 -54.27
CA ASP G 159 6.54 2.79 -55.18
C ASP G 159 7.91 2.23 -54.87
N LYS G 160 8.12 1.97 -53.59
CA LYS G 160 9.39 1.46 -53.13
C LYS G 160 9.55 0.00 -53.53
N VAL G 161 8.45 -0.75 -53.51
CA VAL G 161 8.50 -2.14 -53.90
C VAL G 161 8.87 -2.27 -55.37
N LYS G 162 8.12 -1.58 -56.25
CA LYS G 162 8.48 -1.50 -57.67
C LYS G 162 9.93 -1.11 -57.89
N GLU G 163 10.35 -0.04 -57.21
CA GLU G 163 11.69 0.50 -57.39
C GLU G 163 12.81 -0.49 -57.02
N VAL G 164 12.58 -1.30 -55.97
CA VAL G 164 13.54 -2.31 -55.53
C VAL G 164 13.51 -3.56 -56.43
N ARG G 165 12.33 -3.88 -56.94
CA ARG G 165 12.19 -4.99 -57.90
C ARG G 165 12.91 -4.71 -59.22
N ALA G 166 13.05 -3.42 -59.58
CA ALA G 166 13.82 -3.06 -60.76
C ALA G 166 15.30 -3.39 -60.55
N LYS G 167 15.94 -2.66 -59.63
CA LYS G 167 17.39 -2.82 -59.39
C LYS G 167 17.80 -4.27 -59.07
N TYR G 168 16.92 -5.00 -58.40
CA TYR G 168 17.18 -6.40 -58.04
C TYR G 168 16.01 -7.30 -58.42
N PRO G 169 16.00 -7.76 -59.67
CA PRO G 169 14.91 -8.63 -60.14
C PRO G 169 14.85 -9.98 -59.41
N SER G 170 15.98 -10.41 -58.84
CA SER G 170 16.03 -11.71 -58.17
C SER G 170 15.81 -11.68 -56.64
N LEU G 171 15.79 -10.49 -56.05
CA LEU G 171 15.80 -10.39 -54.59
C LEU G 171 14.45 -10.71 -53.97
N ASN G 172 14.42 -11.70 -53.08
CA ASN G 172 13.17 -12.00 -52.38
C ASN G 172 12.67 -10.78 -51.63
N ILE G 173 11.45 -10.36 -51.99
CA ILE G 173 10.83 -9.18 -51.41
C ILE G 173 9.57 -9.55 -50.63
N ILE G 174 9.64 -9.33 -49.32
CA ILE G 174 8.48 -9.49 -48.45
C ILE G 174 7.96 -8.11 -48.12
N ALA G 175 6.70 -7.85 -48.46
CA ALA G 175 6.10 -6.54 -48.22
C ALA G 175 4.85 -6.58 -47.33
N GLY G 176 4.63 -5.52 -46.56
CA GLY G 176 3.48 -5.42 -45.66
C GLY G 176 3.55 -4.20 -44.75
N ASN G 177 2.72 -4.16 -43.70
CA ASN G 177 1.63 -5.11 -43.49
C ASN G 177 0.34 -4.65 -44.18
N VAL G 178 -0.48 -5.62 -44.59
CA VAL G 178 -1.75 -5.34 -45.20
C VAL G 178 -2.80 -6.18 -44.52
N ALA G 179 -4.07 -5.87 -44.76
CA ALA G 179 -5.16 -6.62 -44.14
C ALA G 179 -6.37 -6.84 -45.05
N THR G 180 -6.27 -6.37 -46.29
CA THR G 180 -7.36 -6.52 -47.26
C THR G 180 -6.85 -7.10 -48.57
N ALA G 181 -7.75 -7.73 -49.32
CA ALA G 181 -7.40 -8.27 -50.62
C ALA G 181 -6.94 -7.17 -51.56
N GLU G 182 -7.56 -5.99 -51.51
CA GLU G 182 -7.18 -4.87 -52.38
C GLU G 182 -5.72 -4.58 -52.19
N ALA G 183 -5.33 -4.58 -50.92
CA ALA G 183 -3.96 -4.31 -50.53
C ALA G 183 -3.03 -5.41 -51.02
N THR G 184 -3.44 -6.65 -50.83
CA THR G 184 -2.62 -7.78 -51.28
C THR G 184 -2.36 -7.72 -52.79
N LYS G 185 -3.39 -7.39 -53.56
CA LYS G 185 -3.28 -7.28 -55.00
C LYS G 185 -2.36 -6.14 -55.44
N ALA G 186 -2.38 -5.04 -54.70
CA ALA G 186 -1.56 -3.88 -55.04
C ALA G 186 -0.07 -4.19 -54.96
N LEU G 187 0.35 -4.90 -53.91
CA LEU G 187 1.77 -5.22 -53.70
C LEU G 187 2.36 -6.31 -54.61
N ILE G 188 1.53 -7.26 -55.02
CA ILE G 188 1.96 -8.31 -55.93
C ILE G 188 2.20 -7.71 -57.31
N GLU G 189 1.33 -6.78 -57.69
CA GLU G 189 1.44 -6.10 -58.98
C GLU G 189 2.59 -5.09 -58.98
N ALA G 190 3.19 -4.89 -57.81
CA ALA G 190 4.35 -4.03 -57.69
C ALA G 190 5.66 -4.84 -57.65
N GLY G 191 5.54 -6.16 -57.61
CA GLY G 191 6.72 -7.02 -57.74
C GLY G 191 7.11 -7.82 -56.51
N ALA G 192 6.33 -7.73 -55.45
CA ALA G 192 6.61 -8.49 -54.22
C ALA G 192 6.20 -9.95 -54.37
N ASN G 193 7.13 -10.86 -54.06
CA ASN G 193 6.81 -12.29 -54.10
C ASN G 193 6.35 -12.93 -52.78
N VAL G 194 6.24 -12.11 -51.73
CA VAL G 194 5.70 -12.54 -50.43
C VAL G 194 4.92 -11.38 -49.76
N VAL G 195 3.69 -11.61 -49.34
CA VAL G 195 2.89 -10.57 -48.67
C VAL G 195 2.75 -10.75 -47.16
N LYS G 196 3.06 -9.70 -46.39
CA LYS G 196 2.95 -9.81 -44.94
C LYS G 196 1.63 -9.25 -44.38
N VAL G 197 0.90 -10.13 -43.68
CA VAL G 197 -0.47 -9.87 -43.27
C VAL G 197 -0.63 -9.60 -41.77
N GLY G 198 -1.31 -8.50 -41.46
CA GLY G 198 -1.66 -8.21 -40.08
C GLY G 198 -1.61 -6.73 -39.74
N ILE G 199 -2.78 -6.10 -39.66
CA ILE G 199 -2.84 -4.73 -39.16
C ILE G 199 -3.41 -4.70 -37.74
N GLY G 200 -2.51 -4.44 -36.78
CA GLY G 200 -2.87 -4.33 -35.39
C GLY G 200 -3.18 -5.56 -34.54
N PRO G 201 -2.76 -6.77 -34.96
CA PRO G 201 -3.14 -7.85 -34.04
C PRO G 201 -2.08 -8.14 -32.97
N GLY G 202 -0.95 -7.46 -33.01
CA GLY G 202 0.20 -7.75 -32.17
C GLY G 202 0.00 -7.60 -30.67
N SER G 203 0.63 -8.50 -29.91
CA SER G 203 0.50 -8.52 -28.47
C SER G 203 0.91 -7.21 -27.81
N ILE G 204 1.93 -6.56 -28.34
CA ILE G 204 2.38 -5.28 -27.78
C ILE G 204 1.82 -4.11 -28.54
N CYS G 205 0.73 -4.33 -29.27
CA CYS G 205 0.20 -3.34 -30.22
C CYS G 205 -1.01 -2.57 -29.71
N THR G 206 -1.04 -1.25 -29.99
CA THR G 206 -2.13 -0.38 -29.58
C THR G 206 -2.76 0.38 -30.74
N THR G 207 -2.38 0.05 -31.98
CA THR G 207 -2.95 0.69 -33.17
C THR G 207 -4.48 0.77 -33.15
N ARG G 208 -5.12 -0.38 -32.96
CA ARG G 208 -6.57 -0.49 -32.84
C ARG G 208 -7.16 0.41 -31.77
N VAL G 209 -6.41 0.62 -30.69
CA VAL G 209 -6.87 1.50 -29.63
C VAL G 209 -6.60 2.97 -29.97
N VAL G 210 -5.41 3.27 -30.49
CA VAL G 210 -5.05 4.67 -30.74
C VAL G 210 -5.58 5.22 -32.06
N ALA G 211 -5.78 4.36 -33.07
CA ALA G 211 -6.19 4.86 -34.37
C ALA G 211 -7.47 4.21 -34.84
N GLY G 212 -7.92 3.19 -34.13
CA GLY G 212 -9.23 2.62 -34.39
C GLY G 212 -9.30 1.67 -35.58
N VAL G 213 -8.14 1.20 -36.04
CA VAL G 213 -8.09 0.58 -37.35
C VAL G 213 -7.57 -0.86 -37.33
N GLY G 214 -8.18 -1.72 -38.13
CA GLY G 214 -7.66 -3.07 -38.27
C GLY G 214 -8.67 -4.08 -38.74
N VAL G 215 -8.17 -5.24 -39.15
CA VAL G 215 -9.03 -6.37 -39.50
C VAL G 215 -8.63 -7.51 -38.57
N PRO G 216 -9.59 -8.17 -37.92
CA PRO G 216 -9.30 -9.35 -37.10
C PRO G 216 -8.47 -10.34 -37.90
N GLN G 217 -7.44 -10.87 -37.26
CA GLN G 217 -6.32 -11.49 -37.96
C GLN G 217 -6.69 -12.72 -38.75
N LEU G 218 -7.67 -13.48 -38.30
CA LEU G 218 -8.01 -14.69 -39.02
C LEU G 218 -8.69 -14.36 -40.36
N THR G 219 -9.59 -13.39 -40.32
CA THR G 219 -10.25 -12.89 -41.51
C THR G 219 -9.25 -12.23 -42.45
N ALA G 220 -8.41 -11.37 -41.91
CA ALA G 220 -7.39 -10.70 -42.70
C ALA G 220 -6.53 -11.74 -43.41
N VAL G 221 -5.97 -12.69 -42.64
CA VAL G 221 -5.16 -13.76 -43.24
C VAL G 221 -5.92 -14.49 -44.33
N TYR G 222 -7.23 -14.60 -44.16
CA TYR G 222 -8.05 -15.35 -45.08
C TYR G 222 -8.32 -14.53 -46.35
N ASP G 223 -8.81 -13.29 -46.18
CA ASP G 223 -9.08 -12.40 -47.30
C ASP G 223 -7.87 -12.21 -48.19
N CYS G 224 -6.75 -11.84 -47.56
CA CYS G 224 -5.48 -11.66 -48.24
C CYS G 224 -5.04 -12.90 -48.99
N ALA G 225 -5.15 -14.06 -48.36
CA ALA G 225 -4.76 -15.30 -49.02
C ALA G 225 -5.65 -15.60 -50.21
N THR G 226 -6.94 -15.25 -50.12
CA THR G 226 -7.86 -15.51 -51.22
C THR G 226 -7.45 -14.74 -52.50
N GLU G 227 -6.84 -13.57 -52.28
CA GLU G 227 -6.25 -12.78 -53.34
C GLU G 227 -4.93 -13.38 -53.81
N ALA G 228 -4.00 -13.56 -52.89
CA ALA G 228 -2.64 -13.91 -53.28
C ALA G 228 -2.49 -15.31 -53.89
N ARG G 229 -3.50 -16.15 -53.74
CA ARG G 229 -3.44 -17.51 -54.29
C ARG G 229 -3.80 -17.50 -55.78
N LYS G 230 -4.61 -16.51 -56.17
CA LYS G 230 -4.91 -16.24 -57.57
C LYS G 230 -3.63 -15.93 -58.35
N HIS G 231 -2.60 -15.50 -57.63
CA HIS G 231 -1.33 -15.12 -58.23
C HIS G 231 -0.20 -16.06 -57.84
N GLY G 232 -0.52 -17.12 -57.10
CA GLY G 232 0.47 -18.04 -56.60
C GLY G 232 1.42 -17.41 -55.57
N ILE G 233 0.92 -16.45 -54.80
CA ILE G 233 1.79 -15.68 -53.92
C ILE G 233 1.48 -16.02 -52.45
N PRO G 234 2.50 -16.45 -51.70
CA PRO G 234 2.33 -16.87 -50.31
C PRO G 234 2.16 -15.68 -49.37
N VAL G 235 1.29 -15.82 -48.40
CA VAL G 235 1.20 -14.80 -47.36
C VAL G 235 1.80 -15.30 -46.05
N ILE G 236 2.37 -14.37 -45.29
CA ILE G 236 2.79 -14.63 -43.93
C ILE G 236 1.79 -14.00 -42.97
N ALA G 237 1.34 -14.78 -41.99
CA ALA G 237 0.48 -14.26 -40.93
C ALA G 237 1.32 -13.66 -39.79
N ASP G 238 1.31 -12.34 -39.65
CA ASP G 238 2.16 -11.65 -38.68
C ASP G 238 1.40 -11.15 -37.47
N GLY G 239 1.69 -11.72 -36.30
CA GLY G 239 1.16 -11.17 -35.07
C GLY G 239 -0.06 -11.87 -34.48
N GLY G 240 -0.19 -11.77 -33.17
CA GLY G 240 -1.38 -12.20 -32.48
C GLY G 240 -1.49 -13.69 -32.28
N ILE G 241 -0.38 -14.40 -32.40
CA ILE G 241 -0.32 -15.82 -32.02
C ILE G 241 -0.02 -15.97 -30.51
N LYS G 242 -0.95 -16.56 -29.78
CA LYS G 242 -0.75 -16.77 -28.34
C LYS G 242 -0.23 -18.19 -28.05
N TYR G 243 -0.64 -19.13 -28.88
CA TYR G 243 -0.30 -20.53 -28.68
C TYR G 243 -0.12 -21.21 -30.03
N SER G 244 0.46 -22.40 -30.03
CA SER G 244 0.67 -23.17 -31.25
C SER G 244 -0.62 -23.41 -32.02
N GLY G 245 -1.73 -23.46 -31.30
CA GLY G 245 -3.02 -23.76 -31.88
C GLY G 245 -3.45 -22.65 -32.81
N ASP G 246 -3.08 -21.43 -32.46
CA ASP G 246 -3.42 -20.24 -33.25
C ASP G 246 -2.61 -20.22 -34.53
N MET G 247 -1.36 -20.66 -34.43
CA MET G 247 -0.52 -20.82 -35.60
C MET G 247 -1.14 -21.84 -36.55
N VAL G 248 -1.71 -22.90 -36.00
CA VAL G 248 -2.37 -23.90 -36.84
C VAL G 248 -3.58 -23.27 -37.48
N LYS G 249 -4.30 -22.47 -36.70
CA LYS G 249 -5.44 -21.73 -37.23
C LYS G 249 -5.03 -20.83 -38.38
N ALA G 250 -3.91 -20.13 -38.25
CA ALA G 250 -3.47 -19.16 -39.26
C ALA G 250 -2.99 -19.80 -40.57
N LEU G 251 -2.34 -20.96 -40.45
CA LEU G 251 -1.87 -21.70 -41.60
C LEU G 251 -3.06 -22.30 -42.32
N ALA G 252 -4.00 -22.88 -41.57
CA ALA G 252 -5.22 -23.40 -42.16
C ALA G 252 -6.09 -22.29 -42.75
N ALA G 253 -5.86 -21.05 -42.31
CA ALA G 253 -6.53 -19.88 -42.89
C ALA G 253 -5.91 -19.51 -44.24
N GLY G 254 -4.80 -20.16 -44.58
CA GLY G 254 -4.27 -20.06 -45.92
C GLY G 254 -2.96 -19.29 -46.00
N ALA G 255 -2.32 -19.07 -44.85
CA ALA G 255 -0.97 -18.52 -44.78
C ALA G 255 0.06 -19.61 -45.07
N HIS G 256 1.21 -19.26 -45.65
CA HIS G 256 2.24 -20.26 -45.87
C HIS G 256 3.09 -20.39 -44.63
N VAL G 257 3.12 -19.32 -43.86
CA VAL G 257 4.08 -19.22 -42.79
C VAL G 257 3.52 -18.18 -41.81
N VAL G 258 3.88 -18.30 -40.52
CA VAL G 258 3.51 -17.31 -39.52
C VAL G 258 4.74 -16.58 -38.94
N MET G 259 4.52 -15.40 -38.36
CA MET G 259 5.61 -14.60 -37.80
C MET G 259 5.30 -14.33 -36.36
N LEU G 260 6.30 -14.46 -35.48
CA LEU G 260 6.05 -14.35 -34.05
C LEU G 260 7.00 -13.41 -33.32
N GLY G 261 6.45 -12.59 -32.43
CA GLY G 261 7.25 -11.80 -31.51
C GLY G 261 7.13 -12.29 -30.07
N SER G 262 5.94 -12.11 -29.49
CA SER G 262 5.74 -12.46 -28.08
C SER G 262 6.29 -13.83 -27.71
N MET G 263 6.15 -14.80 -28.62
CA MET G 263 6.53 -16.18 -28.36
C MET G 263 8.02 -16.49 -28.54
N PHE G 264 8.79 -15.49 -28.98
CA PHE G 264 10.22 -15.68 -29.20
C PHE G 264 11.01 -14.71 -28.33
N ALA G 265 10.36 -13.63 -27.92
CA ALA G 265 11.02 -12.59 -27.13
C ALA G 265 11.66 -13.13 -25.86
N GLY G 266 11.08 -14.21 -25.35
CA GLY G 266 11.55 -14.80 -24.11
C GLY G 266 12.61 -15.89 -24.23
N VAL G 267 13.01 -16.26 -25.45
CA VAL G 267 14.08 -17.26 -25.54
C VAL G 267 15.46 -16.65 -25.27
N ALA G 268 16.39 -17.51 -24.90
CA ALA G 268 17.72 -17.02 -24.51
C ALA G 268 18.43 -16.36 -25.68
N GLU G 269 18.06 -16.72 -26.90
CA GLU G 269 18.75 -16.22 -28.08
C GLU G 269 18.30 -14.83 -28.57
N SER G 270 17.17 -14.33 -28.08
CA SER G 270 16.72 -12.97 -28.39
C SER G 270 17.67 -11.94 -27.79
N PRO G 271 17.69 -10.72 -28.37
CA PRO G 271 18.56 -9.69 -27.79
C PRO G 271 18.17 -9.42 -26.34
N GLY G 272 19.07 -8.87 -25.54
CA GLY G 272 18.67 -8.39 -24.23
C GLY G 272 18.87 -9.37 -23.10
N GLU G 273 19.37 -8.86 -21.98
CA GLU G 273 19.69 -9.70 -20.85
C GLU G 273 18.45 -10.04 -20.03
N THR G 274 18.45 -11.25 -19.48
CA THR G 274 17.46 -11.68 -18.50
C THR G 274 17.42 -10.72 -17.31
N GLU G 275 16.23 -10.50 -16.74
CA GLU G 275 16.12 -9.69 -15.53
C GLU G 275 15.11 -10.32 -14.59
N ILE G 276 15.24 -10.04 -13.30
CA ILE G 276 14.30 -10.58 -12.32
C ILE G 276 13.09 -9.67 -12.20
N TYR G 277 11.91 -10.23 -12.39
CA TYR G 277 10.68 -9.45 -12.36
C TYR G 277 9.60 -10.37 -11.83
N GLN G 278 8.70 -9.83 -11.01
CA GLN G 278 7.73 -10.63 -10.26
C GLN G 278 8.29 -11.98 -9.74
N GLY G 279 9.51 -11.97 -9.21
CA GLY G 279 10.13 -13.15 -8.65
C GLY G 279 10.81 -14.11 -9.62
N ARG G 280 10.67 -13.85 -10.92
CA ARG G 280 11.22 -14.77 -11.91
C ARG G 280 12.05 -14.02 -12.94
N GLN G 281 12.70 -14.78 -13.82
CA GLN G 281 13.39 -14.19 -14.96
C GLN G 281 12.42 -13.79 -16.09
N PHE G 282 12.51 -12.53 -16.50
CA PHE G 282 11.76 -12.04 -17.66
C PHE G 282 12.77 -11.39 -18.60
N LYS G 283 12.38 -11.26 -19.88
CA LYS G 283 13.14 -10.47 -20.86
C LYS G 283 12.29 -9.30 -21.29
N VAL G 284 12.91 -8.22 -21.71
CA VAL G 284 12.14 -7.05 -22.15
C VAL G 284 11.54 -7.34 -23.52
N TYR G 285 10.30 -6.90 -23.73
CA TYR G 285 9.67 -7.06 -25.04
C TYR G 285 8.77 -5.87 -25.29
N ARG G 286 8.93 -5.26 -26.47
CA ARG G 286 8.27 -3.99 -26.72
C ARG G 286 7.82 -3.85 -28.16
N GLY G 287 6.89 -2.93 -28.38
CA GLY G 287 6.50 -2.57 -29.73
C GLY G 287 7.56 -1.73 -30.43
N MET G 288 7.62 -1.82 -31.75
CA MET G 288 8.61 -1.06 -32.47
C MET G 288 8.16 0.38 -32.68
N GLY G 289 6.91 0.66 -32.34
CA GLY G 289 6.39 2.01 -32.34
C GLY G 289 6.03 2.45 -30.93
N SER G 290 6.72 1.85 -29.96
CA SER G 290 6.61 2.26 -28.57
C SER G 290 7.64 3.35 -28.40
N VAL G 291 7.50 4.16 -27.35
CA VAL G 291 8.45 5.25 -27.13
C VAL G 291 9.89 4.75 -26.99
N GLY G 292 10.13 3.77 -26.11
CA GLY G 292 11.45 3.16 -25.99
C GLY G 292 12.09 2.75 -27.31
N ALA G 293 11.27 2.32 -28.26
CA ALA G 293 11.76 1.84 -29.54
C ALA G 293 12.23 2.97 -30.46
N MET G 294 11.44 4.03 -30.58
CA MET G 294 11.76 5.15 -31.48
C MET G 294 13.07 5.81 -31.07
N GLU G 295 13.34 5.81 -29.77
CA GLU G 295 14.63 6.26 -29.25
C GLU G 295 15.68 5.16 -29.39
N LEU G 310 4.68 12.03 -34.42
CA LEU G 310 3.60 11.05 -34.36
C LEU G 310 3.57 10.35 -33.02
N VAL G 311 2.36 10.08 -32.55
CA VAL G 311 2.16 9.37 -31.28
C VAL G 311 2.52 7.88 -31.39
N PRO G 312 2.89 7.26 -30.26
CA PRO G 312 3.19 5.81 -30.20
C PRO G 312 2.01 4.92 -30.56
N GLU G 313 2.30 3.72 -31.07
CA GLU G 313 1.27 2.75 -31.46
C GLU G 313 1.69 1.38 -30.97
N GLY G 314 2.24 1.36 -29.76
CA GLY G 314 2.79 0.16 -29.18
C GLY G 314 3.28 0.45 -27.78
N ILE G 315 3.47 -0.63 -27.00
CA ILE G 315 3.89 -0.49 -25.62
C ILE G 315 5.16 -1.26 -25.26
N GLU G 316 5.69 -0.92 -24.11
CA GLU G 316 6.87 -1.57 -23.57
C GLU G 316 6.42 -2.45 -22.41
N GLY G 317 7.05 -3.61 -22.30
CA GLY G 317 6.65 -4.59 -21.31
C GLY G 317 7.65 -5.70 -21.23
N ARG G 318 7.23 -6.84 -20.68
CA ARG G 318 8.10 -8.00 -20.64
C ARG G 318 7.33 -9.31 -20.65
N VAL G 319 8.03 -10.37 -21.06
CA VAL G 319 7.48 -11.71 -21.14
C VAL G 319 8.42 -12.67 -20.43
N PRO G 320 7.88 -13.75 -19.84
CA PRO G 320 8.70 -14.73 -19.11
C PRO G 320 9.84 -15.28 -19.96
N TYR G 321 11.02 -15.34 -19.39
CA TYR G 321 12.18 -15.94 -20.03
C TYR G 321 11.96 -17.44 -20.19
N LYS G 322 12.05 -17.93 -21.42
CA LYS G 322 11.69 -19.32 -21.73
C LYS G 322 12.87 -20.24 -22.00
N GLY G 323 14.10 -19.72 -21.94
CA GLY G 323 15.28 -20.53 -22.23
C GLY G 323 15.59 -20.66 -23.71
N PRO G 324 16.40 -21.66 -24.11
CA PRO G 324 16.82 -21.73 -25.51
C PRO G 324 15.67 -21.79 -26.50
N LEU G 325 15.94 -21.37 -27.74
CA LEU G 325 14.96 -21.42 -28.81
C LEU G 325 14.36 -22.83 -29.01
N ALA G 326 15.20 -23.85 -29.03
CA ALA G 326 14.77 -25.21 -29.36
C ALA G 326 13.51 -25.68 -28.64
N ASP G 327 13.49 -25.55 -27.31
CA ASP G 327 12.35 -26.03 -26.52
C ASP G 327 11.04 -25.42 -27.00
N THR G 328 11.06 -24.12 -27.27
CA THR G 328 9.87 -23.42 -27.73
C THR G 328 9.47 -23.91 -29.12
N VAL G 329 10.44 -24.03 -30.02
CA VAL G 329 10.14 -24.47 -31.38
C VAL G 329 9.56 -25.87 -31.36
N HIS G 330 10.12 -26.73 -30.52
CA HIS G 330 9.67 -28.13 -30.46
C HIS G 330 8.22 -28.19 -29.99
N GLN G 331 7.88 -27.33 -29.05
CA GLN G 331 6.50 -27.26 -28.56
C GLN G 331 5.57 -26.75 -29.66
N LEU G 332 6.05 -25.77 -30.42
CA LEU G 332 5.27 -25.15 -31.50
C LEU G 332 5.07 -26.06 -32.70
N VAL G 333 6.14 -26.73 -33.14
CA VAL G 333 5.99 -27.66 -34.27
C VAL G 333 5.14 -28.82 -33.78
N GLY G 334 5.41 -29.25 -32.55
CA GLY G 334 4.65 -30.27 -31.86
C GLY G 334 3.16 -30.04 -32.01
N GLY G 335 2.70 -28.84 -31.66
CA GLY G 335 1.28 -28.50 -31.75
C GLY G 335 0.73 -28.54 -33.17
N LEU G 336 1.55 -28.10 -34.14
CA LEU G 336 1.17 -28.13 -35.54
C LEU G 336 1.00 -29.54 -36.08
N ARG G 337 1.99 -30.39 -35.84
CA ARG G 337 1.89 -31.77 -36.26
C ARG G 337 0.67 -32.45 -35.62
N ALA G 338 0.38 -32.14 -34.36
CA ALA G 338 -0.88 -32.59 -33.78
C ALA G 338 -2.06 -32.02 -34.56
N GLY G 339 -2.17 -30.70 -34.67
CA GLY G 339 -3.26 -30.10 -35.41
C GLY G 339 -3.46 -30.75 -36.79
N MET G 340 -2.37 -30.86 -37.55
CA MET G 340 -2.42 -31.47 -38.88
C MET G 340 -2.88 -32.93 -38.85
N GLY G 341 -2.50 -33.65 -37.79
CA GLY G 341 -2.97 -35.01 -37.61
C GLY G 341 -4.48 -35.01 -37.62
N TYR G 342 -5.06 -34.13 -36.81
CA TYR G 342 -6.51 -34.03 -36.68
C TYR G 342 -7.20 -33.72 -37.98
N CYS G 343 -6.53 -32.98 -38.86
CA CYS G 343 -7.19 -32.54 -40.10
C CYS G 343 -6.87 -33.40 -41.31
N GLY G 344 -6.07 -34.44 -41.15
CA GLY G 344 -5.70 -35.29 -42.27
C GLY G 344 -4.81 -34.61 -43.30
N ALA G 345 -4.08 -33.59 -42.87
CA ALA G 345 -3.14 -32.90 -43.73
C ALA G 345 -1.78 -33.57 -43.68
N GLN G 346 -1.42 -34.28 -44.74
CA GLN G 346 -0.08 -34.84 -44.82
C GLN G 346 0.92 -33.69 -44.91
N ASP G 347 0.52 -32.60 -45.57
CA ASP G 347 1.36 -31.42 -45.64
C ASP G 347 0.59 -30.09 -45.60
N LEU G 348 1.33 -28.98 -45.54
CA LEU G 348 0.72 -27.68 -45.30
C LEU G 348 -0.17 -27.28 -46.45
N GLU G 349 0.17 -27.73 -47.66
CA GLU G 349 -0.66 -27.45 -48.82
C GLU G 349 -2.05 -28.00 -48.58
N PHE G 350 -2.14 -29.25 -48.16
CA PHE G 350 -3.43 -29.84 -47.82
C PHE G 350 -4.16 -29.09 -46.70
N LEU G 351 -3.41 -28.51 -45.75
CA LEU G 351 -4.04 -27.77 -44.67
C LEU G 351 -4.73 -26.52 -45.20
N ARG G 352 -4.02 -25.75 -46.04
CA ARG G 352 -4.54 -24.52 -46.61
C ARG G 352 -5.83 -24.72 -47.39
N GLU G 353 -5.91 -25.84 -48.09
CA GLU G 353 -6.98 -26.03 -49.06
C GLU G 353 -8.19 -26.77 -48.50
N ASN G 354 -8.00 -27.56 -47.44
CA ASN G 354 -9.05 -28.47 -47.00
C ASN G 354 -9.67 -28.17 -45.65
N ALA G 355 -8.82 -27.78 -44.72
CA ALA G 355 -9.22 -27.43 -43.36
C ALA G 355 -10.44 -26.52 -43.26
N GLN G 356 -11.40 -26.92 -42.45
CA GLN G 356 -12.55 -26.08 -42.16
C GLN G 356 -12.50 -25.60 -40.70
N PHE G 357 -13.17 -24.48 -40.44
CA PHE G 357 -13.28 -23.95 -39.11
C PHE G 357 -14.71 -24.01 -38.68
N ILE G 358 -14.95 -24.05 -37.37
CA ILE G 358 -16.31 -23.89 -36.85
C ILE G 358 -16.37 -22.70 -35.91
N ARG G 359 -17.36 -21.83 -36.12
CA ARG G 359 -17.47 -20.60 -35.35
C ARG G 359 -18.02 -20.90 -33.97
N MET G 360 -17.57 -20.14 -32.97
CA MET G 360 -18.09 -20.31 -31.59
C MET G 360 -18.19 -19.01 -30.80
N SER G 361 -18.91 -19.07 -29.69
CA SER G 361 -19.10 -17.90 -28.85
C SER G 361 -18.07 -17.85 -27.71
N GLY G 362 -18.12 -16.78 -26.92
CA GLY G 362 -17.29 -16.62 -25.75
C GLY G 362 -17.31 -17.83 -24.84
N ALA G 363 -18.51 -18.36 -24.57
CA ALA G 363 -18.65 -19.59 -23.79
C ALA G 363 -17.96 -20.77 -24.49
N GLY G 364 -17.82 -20.70 -25.79
CA GLY G 364 -17.14 -21.75 -26.52
C GLY G 364 -15.67 -21.67 -26.22
N LEU G 365 -15.18 -20.43 -26.04
CA LEU G 365 -13.77 -20.20 -25.77
C LEU G 365 -13.38 -20.64 -24.35
N LEU G 366 -14.29 -20.45 -23.39
CA LEU G 366 -14.11 -20.91 -22.02
C LEU G 366 -13.93 -22.43 -21.96
N GLU G 367 -14.84 -23.16 -22.59
CA GLU G 367 -14.75 -24.61 -22.70
C GLU G 367 -13.42 -25.03 -23.31
N SER G 368 -12.84 -24.15 -24.13
CA SER G 368 -11.70 -24.50 -24.96
C SER G 368 -10.36 -24.28 -24.30
N HIS G 369 -10.37 -23.59 -23.15
CA HIS G 369 -9.21 -23.55 -22.25
C HIS G 369 -9.51 -24.40 -20.99
N PRO G 370 -8.45 -24.84 -20.29
CA PRO G 370 -8.69 -25.51 -19.03
C PRO G 370 -9.61 -24.69 -18.15
N HIS G 371 -10.56 -25.36 -17.50
CA HIS G 371 -11.56 -24.70 -16.69
C HIS G 371 -11.84 -25.48 -15.39
N HIS G 372 -12.31 -24.76 -14.36
CA HIS G 372 -12.89 -25.37 -13.15
C HIS G 372 -11.99 -26.37 -12.41
N VAL G 373 -10.69 -26.09 -12.41
CA VAL G 373 -9.66 -26.96 -11.83
C VAL G 373 -8.41 -26.10 -11.63
N GLN G 374 -8.00 -25.85 -10.39
CA GLN G 374 -6.74 -25.13 -10.17
C GLN G 374 -5.61 -25.86 -10.87
N ILE G 375 -4.84 -25.18 -11.71
CA ILE G 375 -3.67 -25.77 -12.34
C ILE G 375 -2.43 -25.71 -11.44
N THR G 376 -2.04 -26.87 -10.91
CA THR G 376 -0.92 -26.94 -9.99
C THR G 376 0.44 -26.55 -10.62
N LYS G 377 0.70 -27.01 -11.83
CA LYS G 377 2.01 -26.73 -12.45
C LYS G 377 1.94 -26.42 -13.95
N GLU G 378 2.83 -25.55 -14.39
CA GLU G 378 2.82 -25.09 -15.79
C GLU G 378 3.23 -26.19 -16.75
N ALA G 379 2.56 -26.20 -17.89
CA ALA G 379 2.87 -27.13 -18.94
C ALA G 379 3.87 -26.49 -19.90
N PRO G 380 4.67 -27.32 -20.60
CA PRO G 380 5.64 -26.71 -21.51
C PRO G 380 4.95 -25.97 -22.66
N ASN G 381 3.68 -26.26 -22.93
CA ASN G 381 2.99 -25.60 -24.04
C ASN G 381 1.74 -24.84 -23.65
N TYR G 382 1.61 -24.48 -22.38
CA TYR G 382 0.44 -23.73 -21.98
C TYR G 382 0.70 -22.85 -20.78
N SER G 383 0.16 -21.64 -20.81
CA SER G 383 0.26 -20.64 -19.74
C SER G 383 1.48 -20.79 -18.80
N SER H 22 -53.54 -2.21 -33.41
CA SER H 22 -52.73 -2.97 -34.36
C SER H 22 -51.42 -3.45 -33.74
N ASN H 23 -50.95 -4.62 -34.17
CA ASN H 23 -49.77 -5.24 -33.56
C ASN H 23 -48.44 -4.89 -34.23
N ALA H 24 -48.43 -3.79 -34.95
CA ALA H 24 -47.22 -3.30 -35.63
C ALA H 24 -46.12 -3.01 -34.62
N MET H 25 -46.49 -2.28 -33.58
CA MET H 25 -45.59 -1.97 -32.50
C MET H 25 -45.21 -3.20 -31.69
N TRP H 26 -46.17 -4.07 -31.38
CA TRP H 26 -45.90 -5.17 -30.47
C TRP H 26 -44.91 -6.19 -31.04
N GLU H 27 -44.91 -6.34 -32.35
CA GLU H 27 -44.02 -7.29 -32.99
C GLU H 27 -42.64 -6.74 -33.33
N SER H 28 -42.48 -5.42 -33.33
CA SER H 28 -41.17 -4.84 -33.63
C SER H 28 -40.39 -4.44 -32.35
N LYS H 29 -40.83 -4.97 -31.22
CA LYS H 29 -40.28 -4.60 -29.93
C LYS H 29 -38.77 -4.87 -29.86
N PHE H 30 -38.35 -6.00 -30.42
CA PHE H 30 -36.98 -6.42 -30.25
C PHE H 30 -36.21 -6.55 -31.54
N VAL H 31 -36.67 -5.87 -32.58
CA VAL H 31 -36.14 -6.06 -33.92
C VAL H 31 -34.80 -5.36 -34.16
N LYS H 32 -34.68 -4.11 -33.73
CA LYS H 32 -33.49 -3.30 -34.00
C LYS H 32 -32.26 -3.83 -33.28
N GLU H 33 -31.08 -3.45 -33.76
CA GLU H 33 -29.82 -3.96 -33.23
C GLU H 33 -28.77 -2.82 -33.19
N GLY H 34 -28.07 -2.66 -32.07
CA GLY H 34 -27.13 -1.56 -31.92
C GLY H 34 -25.67 -1.98 -31.82
N LEU H 35 -24.77 -1.05 -32.12
CA LEU H 35 -23.33 -1.30 -32.05
C LEU H 35 -22.66 -0.14 -31.35
N THR H 36 -21.51 -0.39 -30.73
CA THR H 36 -20.82 0.59 -29.91
C THR H 36 -19.35 0.55 -30.33
N PHE H 37 -18.55 1.50 -29.86
CA PHE H 37 -17.15 1.58 -30.29
C PHE H 37 -16.38 0.26 -30.25
N ASP H 38 -16.57 -0.54 -29.21
CA ASP H 38 -15.80 -1.77 -29.09
C ASP H 38 -16.28 -2.92 -30.00
N ASP H 39 -17.38 -2.70 -30.72
CA ASP H 39 -17.92 -3.72 -31.61
C ASP H 39 -17.25 -3.74 -32.97
N VAL H 40 -16.44 -2.72 -33.27
CA VAL H 40 -15.99 -2.50 -34.64
C VAL H 40 -14.54 -2.03 -34.79
N LEU H 41 -14.02 -2.20 -35.99
CA LEU H 41 -12.73 -1.68 -36.33
C LEU H 41 -12.80 -1.01 -37.69
N LEU H 42 -12.06 0.08 -37.86
CA LEU H 42 -11.95 0.73 -39.16
C LEU H 42 -11.03 -0.09 -40.05
N VAL H 43 -11.46 -0.38 -41.29
CA VAL H 43 -10.61 -1.15 -42.19
C VAL H 43 -9.74 -0.28 -43.07
N PRO H 44 -8.44 -0.60 -43.11
CA PRO H 44 -7.52 0.19 -43.93
C PRO H 44 -7.89 0.15 -45.41
N ALA H 45 -7.69 1.29 -46.07
CA ALA H 45 -7.89 1.44 -47.52
C ALA H 45 -6.59 1.96 -48.11
N LYS H 46 -6.52 2.06 -49.44
CA LYS H 46 -5.37 2.67 -50.11
C LYS H 46 -5.12 4.10 -49.61
N SER H 47 -3.86 4.46 -49.42
CA SER H 47 -3.52 5.78 -48.91
C SER H 47 -2.41 6.51 -49.69
N ASP H 48 -2.67 7.75 -50.08
CA ASP H 48 -1.63 8.58 -50.68
C ASP H 48 -1.11 9.54 -49.64
N VAL H 49 -1.78 9.55 -48.49
CA VAL H 49 -1.59 10.64 -47.57
C VAL H 49 -0.88 10.21 -46.29
N LEU H 50 0.15 10.95 -45.90
CA LEU H 50 0.82 10.75 -44.61
C LEU H 50 0.03 11.45 -43.50
N PRO H 51 0.07 10.90 -42.27
CA PRO H 51 -0.70 11.46 -41.15
C PRO H 51 -0.36 12.91 -40.83
N ARG H 52 0.92 13.28 -40.90
CA ARG H 52 1.33 14.66 -40.72
C ARG H 52 0.67 15.61 -41.74
N GLU H 53 0.15 15.04 -42.82
CA GLU H 53 -0.40 15.81 -43.94
C GLU H 53 -1.91 16.06 -43.94
N VAL H 54 -2.71 15.07 -43.52
CA VAL H 54 -4.17 15.19 -43.55
C VAL H 54 -4.75 16.47 -42.92
N SER H 55 -6.01 16.74 -43.26
CA SER H 55 -6.77 17.87 -42.74
C SER H 55 -7.73 17.41 -41.65
N VAL H 56 -7.65 18.05 -40.48
CA VAL H 56 -8.58 17.74 -39.40
C VAL H 56 -9.56 18.89 -39.21
N LYS H 57 -9.57 19.79 -40.20
CA LYS H 57 -10.46 20.94 -40.16
C LYS H 57 -11.90 20.52 -40.37
N THR H 58 -12.80 21.24 -39.75
CA THR H 58 -14.21 20.89 -39.76
C THR H 58 -15.08 22.17 -39.61
N VAL H 59 -16.24 22.14 -40.25
CA VAL H 59 -17.11 23.31 -40.36
C VAL H 59 -18.50 22.94 -39.87
N LEU H 60 -18.96 23.60 -38.80
CA LEU H 60 -20.30 23.34 -38.27
C LEU H 60 -21.26 24.31 -38.90
N SER H 61 -20.74 25.48 -39.25
CA SER H 61 -21.53 26.50 -39.89
C SER H 61 -20.60 27.54 -40.50
N GLU H 62 -21.21 28.54 -41.11
CA GLU H 62 -20.48 29.67 -41.66
C GLU H 62 -19.58 30.32 -40.61
N SER H 63 -20.11 30.44 -39.39
CA SER H 63 -19.42 31.15 -38.33
C SER H 63 -18.88 30.22 -37.24
N LEU H 64 -18.78 28.94 -37.54
CA LEU H 64 -18.30 28.00 -36.54
C LEU H 64 -17.37 26.99 -37.18
N GLN H 65 -16.15 27.44 -37.45
CA GLN H 65 -15.18 26.58 -38.10
C GLN H 65 -14.12 26.22 -37.09
N LEU H 66 -13.89 24.93 -36.92
CA LEU H 66 -12.97 24.44 -35.91
C LEU H 66 -11.76 23.85 -36.61
N ASN H 67 -10.58 24.08 -36.05
CA ASN H 67 -9.36 23.52 -36.63
C ASN H 67 -9.13 22.06 -36.27
N ILE H 68 -9.48 21.69 -35.04
CA ILE H 68 -9.47 20.29 -34.61
C ILE H 68 -10.87 19.92 -34.17
N PRO H 69 -11.28 18.67 -34.43
CA PRO H 69 -12.72 18.37 -34.28
C PRO H 69 -13.09 17.95 -32.85
N LEU H 70 -12.92 18.86 -31.89
CA LEU H 70 -13.05 18.53 -30.48
C LEU H 70 -13.83 19.57 -29.72
N ILE H 71 -14.79 19.12 -28.92
CA ILE H 71 -15.49 20.05 -28.06
C ILE H 71 -15.39 19.56 -26.61
N SER H 72 -15.05 20.45 -25.70
CA SER H 72 -15.03 20.07 -24.30
C SER H 72 -16.46 20.19 -23.81
N ALA H 73 -16.88 19.22 -23.00
CA ALA H 73 -18.26 19.14 -22.54
C ALA H 73 -18.66 20.27 -21.59
N GLY H 74 -19.94 20.59 -21.54
CA GLY H 74 -20.45 21.62 -20.65
C GLY H 74 -20.91 21.16 -19.27
N MET H 75 -19.99 20.60 -18.50
CA MET H 75 -20.30 20.11 -17.18
C MET H 75 -19.43 20.90 -16.20
N ASP H 76 -19.82 20.93 -14.93
CA ASP H 76 -19.11 21.77 -13.96
C ASP H 76 -17.72 21.25 -13.52
N THR H 77 -17.26 20.17 -14.12
CA THR H 77 -15.92 19.64 -13.85
C THR H 77 -15.16 19.46 -15.14
N VAL H 78 -15.57 20.17 -16.19
CA VAL H 78 -14.93 20.04 -17.49
C VAL H 78 -14.65 21.37 -18.18
N THR H 79 -15.58 22.33 -18.08
CA THR H 79 -15.48 23.52 -18.89
C THR H 79 -15.98 24.79 -18.22
N GLU H 80 -15.03 25.67 -17.91
CA GLU H 80 -15.34 27.05 -17.60
C GLU H 80 -14.45 27.91 -18.48
N ALA H 81 -14.43 29.21 -18.23
CA ALA H 81 -13.67 30.14 -19.06
C ALA H 81 -12.24 29.65 -19.36
N ASP H 82 -11.54 29.13 -18.35
CA ASP H 82 -10.15 28.72 -18.55
C ASP H 82 -10.05 27.59 -19.54
N MET H 83 -10.90 26.59 -19.37
CA MET H 83 -10.88 25.43 -20.24
C MET H 83 -11.27 25.84 -21.64
N ALA H 84 -12.28 26.70 -21.73
CA ALA H 84 -12.86 27.13 -22.98
C ALA H 84 -11.81 27.84 -23.83
N ILE H 85 -11.01 28.65 -23.14
CA ILE H 85 -9.94 29.44 -23.75
C ILE H 85 -8.77 28.59 -24.22
N ALA H 86 -8.37 27.64 -23.39
CA ALA H 86 -7.35 26.67 -23.79
C ALA H 86 -7.82 25.92 -25.02
N MET H 87 -9.08 25.49 -24.96
CA MET H 87 -9.73 24.72 -26.01
C MET H 87 -9.68 25.43 -27.36
N ALA H 88 -10.24 26.62 -27.41
CA ALA H 88 -10.30 27.40 -28.62
C ALA H 88 -8.91 27.73 -29.23
N ARG H 89 -7.90 27.91 -28.39
CA ARG H 89 -6.53 28.14 -28.88
C ARG H 89 -5.92 26.90 -29.51
N GLN H 90 -6.38 25.74 -29.08
CA GLN H 90 -5.91 24.48 -29.64
C GLN H 90 -6.67 24.19 -30.93
N GLY H 91 -7.73 24.97 -31.16
CA GLY H 91 -8.56 24.80 -32.33
C GLY H 91 -9.88 24.07 -32.09
N GLY H 92 -10.27 23.93 -30.83
CA GLY H 92 -11.54 23.30 -30.54
C GLY H 92 -12.61 24.27 -30.04
N LEU H 93 -13.51 23.79 -29.20
CA LEU H 93 -14.58 24.63 -28.71
C LEU H 93 -14.94 24.23 -27.29
N GLY H 94 -15.11 25.20 -26.41
CA GLY H 94 -15.55 24.90 -25.07
C GLY H 94 -17.01 25.24 -24.92
N ILE H 95 -17.73 24.49 -24.09
CA ILE H 95 -19.10 24.80 -23.77
C ILE H 95 -19.20 25.17 -22.30
N ILE H 96 -19.44 26.45 -22.03
CA ILE H 96 -19.63 26.93 -20.66
C ILE H 96 -20.85 26.27 -20.04
N HIS H 97 -20.68 25.55 -18.92
CA HIS H 97 -21.80 24.86 -18.27
C HIS H 97 -22.82 25.82 -17.66
N LYS H 98 -24.00 25.32 -17.32
CA LYS H 98 -25.06 26.20 -16.83
C LYS H 98 -25.31 26.19 -15.32
N ASN H 99 -24.47 25.52 -14.55
CA ASN H 99 -24.55 25.56 -13.07
C ASN H 99 -23.88 26.77 -12.43
N MET H 100 -24.34 27.94 -12.83
CA MET H 100 -23.89 29.20 -12.30
C MET H 100 -24.96 30.20 -12.75
N SER H 101 -24.97 31.40 -12.18
CA SER H 101 -26.01 32.37 -12.53
C SER H 101 -25.99 32.79 -14.01
N ILE H 102 -27.04 33.48 -14.44
CA ILE H 102 -27.08 33.98 -15.80
C ILE H 102 -25.97 35.01 -15.93
N GLU H 103 -25.79 35.80 -14.89
CA GLU H 103 -24.75 36.83 -14.88
C GLU H 103 -23.38 36.18 -14.98
N GLN H 104 -23.15 35.18 -14.15
CA GLN H 104 -21.86 34.51 -14.08
C GLN H 104 -21.49 33.87 -15.41
N GLN H 105 -22.46 33.21 -16.04
CA GLN H 105 -22.22 32.55 -17.32
C GLN H 105 -21.88 33.52 -18.45
N ALA H 106 -22.67 34.58 -18.57
CA ALA H 106 -22.42 35.62 -19.57
C ALA H 106 -21.08 36.28 -19.28
N GLU H 107 -20.76 36.38 -17.99
CA GLU H 107 -19.50 36.94 -17.54
C GLU H 107 -18.28 36.17 -18.05
N GLN H 108 -18.33 34.83 -17.98
CA GLN H 108 -17.18 34.07 -18.50
C GLN H 108 -17.25 33.77 -19.99
N VAL H 109 -18.33 34.20 -20.63
CA VAL H 109 -18.34 34.20 -22.08
C VAL H 109 -17.54 35.38 -22.58
N ASP H 110 -17.85 36.56 -22.05
CA ASP H 110 -17.10 37.77 -22.38
C ASP H 110 -15.64 37.58 -22.03
N LYS H 111 -15.38 37.01 -20.86
CA LYS H 111 -14.02 36.73 -20.42
C LYS H 111 -13.28 35.90 -21.48
N VAL H 112 -14.02 35.06 -22.20
CA VAL H 112 -13.45 34.28 -23.27
C VAL H 112 -13.26 35.12 -24.53
N LYS H 113 -14.27 35.93 -24.88
CA LYS H 113 -14.24 36.68 -26.13
C LYS H 113 -13.10 37.68 -26.16
N ARG H 114 -12.92 38.41 -25.06
CA ARG H 114 -11.82 39.36 -24.90
C ARG H 114 -10.50 38.65 -24.60
N SER H 115 -10.35 37.43 -25.09
CA SER H 115 -9.11 36.69 -24.97
C SER H 115 -8.53 36.46 -26.37
N GLY H 116 -9.06 37.18 -27.36
CA GLY H 116 -8.50 37.14 -28.70
C GLY H 116 -9.48 36.82 -29.82
N GLY H 117 -10.77 36.93 -29.51
CA GLY H 117 -11.79 36.63 -30.51
C GLY H 117 -11.82 35.17 -30.88
N LEU H 118 -11.74 34.29 -29.89
CA LEU H 118 -11.84 32.86 -30.13
C LEU H 118 -13.28 32.43 -29.96
N LEU H 119 -13.62 31.27 -30.53
CA LEU H 119 -14.98 30.78 -30.45
C LEU H 119 -15.32 30.29 -29.05
N VAL H 120 -16.59 30.40 -28.67
CA VAL H 120 -17.03 29.97 -27.37
C VAL H 120 -18.53 29.58 -27.41
N GLY H 121 -18.87 28.54 -26.67
CA GLY H 121 -20.25 28.09 -26.60
C GLY H 121 -20.80 28.18 -25.19
N ALA H 122 -22.12 28.12 -25.08
CA ALA H 122 -22.77 28.18 -23.79
C ALA H 122 -23.93 27.19 -23.75
N ALA H 123 -24.23 26.68 -22.56
CA ALA H 123 -25.27 25.67 -22.42
C ALA H 123 -26.49 26.19 -21.68
N VAL H 124 -27.64 25.76 -22.18
CA VAL H 124 -28.91 26.17 -21.65
C VAL H 124 -29.80 24.96 -21.58
N GLY H 125 -30.72 24.98 -20.64
CA GLY H 125 -31.62 23.87 -20.44
C GLY H 125 -33.00 24.40 -20.71
N VAL H 126 -33.94 23.52 -21.03
CA VAL H 126 -35.24 23.98 -21.40
C VAL H 126 -35.96 24.34 -20.13
N THR H 127 -36.17 25.62 -19.94
CA THR H 127 -36.81 26.15 -18.75
C THR H 127 -37.43 27.48 -19.11
N ALA H 128 -38.31 27.98 -18.26
CA ALA H 128 -39.00 29.20 -18.57
C ALA H 128 -38.04 30.36 -18.75
N ASP H 129 -37.02 30.42 -17.92
CA ASP H 129 -36.11 31.55 -17.90
C ASP H 129 -35.06 31.40 -18.99
N ALA H 130 -35.16 30.30 -19.70
CA ALA H 130 -34.19 29.95 -20.74
C ALA H 130 -33.92 31.16 -21.62
N MET H 131 -34.98 31.88 -21.98
CA MET H 131 -34.83 33.01 -22.86
C MET H 131 -34.07 34.14 -22.17
N THR H 132 -34.31 34.32 -20.88
CA THR H 132 -33.56 35.34 -20.14
C THR H 132 -32.07 34.99 -20.15
N ARG H 133 -31.74 33.72 -19.95
CA ARG H 133 -30.34 33.30 -19.98
C ARG H 133 -29.73 33.48 -21.37
N ILE H 134 -30.46 33.05 -22.40
CA ILE H 134 -30.01 33.19 -23.79
C ILE H 134 -29.76 34.63 -24.25
N ASP H 135 -30.68 35.55 -23.92
CA ASP H 135 -30.51 36.96 -24.28
C ASP H 135 -29.15 37.50 -23.83
N ALA H 136 -28.77 37.19 -22.59
CA ALA H 136 -27.51 37.66 -21.99
C ALA H 136 -26.27 37.07 -22.67
N LEU H 137 -26.35 35.79 -23.06
CA LEU H 137 -25.25 35.15 -23.75
C LEU H 137 -25.11 35.74 -25.17
N VAL H 138 -26.24 36.13 -25.77
CA VAL H 138 -26.19 36.81 -27.07
C VAL H 138 -25.51 38.17 -26.96
N LYS H 139 -25.71 38.85 -25.84
CA LYS H 139 -25.09 40.15 -25.62
C LYS H 139 -23.59 40.02 -25.36
N ALA H 140 -23.19 38.86 -24.82
CA ALA H 140 -21.79 38.58 -24.58
C ALA H 140 -21.22 38.01 -25.86
N SER H 141 -22.08 37.94 -26.87
CA SER H 141 -21.78 37.36 -28.16
C SER H 141 -21.20 35.93 -28.13
N VAL H 142 -21.98 34.99 -27.60
CA VAL H 142 -21.62 33.59 -27.73
C VAL H 142 -21.64 33.23 -29.19
N ASP H 143 -20.69 32.40 -29.59
CA ASP H 143 -20.65 31.89 -30.94
C ASP H 143 -21.81 30.95 -31.23
N ALA H 144 -22.14 30.13 -30.26
CA ALA H 144 -23.24 29.19 -30.38
C ALA H 144 -23.82 28.86 -29.02
N ILE H 145 -25.05 28.43 -28.98
CA ILE H 145 -25.66 28.00 -27.74
C ILE H 145 -26.11 26.57 -27.82
N VAL H 146 -25.94 25.84 -26.73
CA VAL H 146 -26.34 24.45 -26.68
C VAL H 146 -27.56 24.31 -25.82
N LEU H 147 -28.60 23.72 -26.37
CA LEU H 147 -29.81 23.41 -25.63
C LEU H 147 -29.67 22.06 -24.96
N ASP H 148 -29.03 22.04 -23.79
CA ASP H 148 -28.74 20.81 -23.07
C ASP H 148 -29.93 20.34 -22.22
N THR H 149 -30.48 19.19 -22.59
CA THR H 149 -31.51 18.52 -21.79
C THR H 149 -31.38 17.01 -22.00
N ALA H 150 -31.77 16.23 -20.98
CA ALA H 150 -31.72 14.77 -21.06
C ALA H 150 -32.40 14.21 -22.31
N HIS H 151 -33.61 14.67 -22.60
CA HIS H 151 -34.41 14.11 -23.68
C HIS H 151 -34.70 15.17 -24.72
N GLY H 152 -33.76 15.38 -25.63
CA GLY H 152 -33.88 16.36 -26.68
C GLY H 152 -35.19 16.20 -27.46
N HIS H 153 -35.64 14.96 -27.62
CA HIS H 153 -36.78 14.64 -28.47
C HIS H 153 -38.15 15.01 -27.89
N SER H 154 -38.19 15.94 -26.94
CA SER H 154 -39.47 16.28 -26.30
C SER H 154 -40.13 17.55 -26.87
N GLN H 155 -41.45 17.65 -26.71
CA GLN H 155 -42.19 18.80 -27.22
C GLN H 155 -41.66 20.13 -26.76
N GLY H 156 -41.27 20.20 -25.50
CA GLY H 156 -40.74 21.43 -24.94
C GLY H 156 -39.45 21.87 -25.61
N VAL H 157 -38.59 20.91 -25.88
CA VAL H 157 -37.34 21.16 -26.57
C VAL H 157 -37.62 21.64 -27.97
N ILE H 158 -38.57 20.97 -28.63
CA ILE H 158 -39.00 21.36 -29.97
C ILE H 158 -39.46 22.81 -29.99
N ASP H 159 -40.32 23.19 -29.03
CA ASP H 159 -40.83 24.55 -28.99
C ASP H 159 -39.72 25.57 -28.68
N LYS H 160 -38.89 25.24 -27.71
CA LYS H 160 -37.82 26.13 -27.31
C LYS H 160 -36.88 26.48 -28.47
N VAL H 161 -36.48 25.48 -29.25
CA VAL H 161 -35.63 25.72 -30.41
C VAL H 161 -36.34 26.65 -31.40
N LYS H 162 -37.60 26.34 -31.70
CA LYS H 162 -38.42 27.17 -32.60
C LYS H 162 -38.53 28.61 -32.12
N GLU H 163 -38.90 28.78 -30.86
CA GLU H 163 -38.96 30.10 -30.25
C GLU H 163 -37.62 30.84 -30.30
N VAL H 164 -36.52 30.14 -30.05
CA VAL H 164 -35.20 30.78 -30.11
C VAL H 164 -34.79 31.15 -31.55
N ARG H 165 -35.01 30.23 -32.49
CA ARG H 165 -34.71 30.55 -33.89
C ARG H 165 -35.53 31.76 -34.34
N ALA H 166 -36.77 31.83 -33.86
CA ALA H 166 -37.66 32.95 -34.13
C ALA H 166 -36.98 34.26 -33.73
N LYS H 167 -36.84 34.45 -32.43
CA LYS H 167 -36.15 35.63 -31.89
C LYS H 167 -34.77 35.81 -32.52
N TYR H 168 -34.02 34.72 -32.64
CA TYR H 168 -32.61 34.80 -33.08
C TYR H 168 -32.35 34.06 -34.41
N PRO H 169 -32.62 34.70 -35.55
CA PRO H 169 -32.55 33.98 -36.82
C PRO H 169 -31.16 33.46 -37.25
N SER H 170 -30.07 34.09 -36.83
CA SER H 170 -28.76 33.66 -37.35
C SER H 170 -27.80 33.06 -36.32
N LEU H 171 -28.26 32.96 -35.07
CA LEU H 171 -27.45 32.44 -33.97
C LEU H 171 -27.28 30.93 -34.07
N ASN H 172 -26.06 30.43 -33.90
CA ASN H 172 -25.85 28.99 -33.90
C ASN H 172 -26.50 28.28 -32.73
N ILE H 173 -27.39 27.32 -33.02
CA ILE H 173 -28.08 26.51 -32.01
C ILE H 173 -27.80 25.01 -32.19
N ILE H 174 -27.09 24.47 -31.21
CA ILE H 174 -26.79 23.06 -31.13
C ILE H 174 -27.81 22.49 -30.16
N ALA H 175 -28.47 21.41 -30.53
CA ALA H 175 -29.63 20.96 -29.78
C ALA H 175 -29.54 19.46 -29.57
N GLY H 176 -29.71 19.04 -28.32
CA GLY H 176 -29.47 17.67 -27.92
C GLY H 176 -30.19 17.42 -26.62
N ASN H 177 -30.30 16.16 -26.22
CA ASN H 177 -29.57 15.07 -26.83
C ASN H 177 -30.50 14.05 -27.43
N VAL H 178 -30.10 13.45 -28.54
CA VAL H 178 -30.95 12.52 -29.26
C VAL H 178 -30.22 11.25 -29.68
N ALA H 179 -30.97 10.19 -29.91
CA ALA H 179 -30.41 8.93 -30.38
C ALA H 179 -31.05 8.34 -31.61
N THR H 180 -32.03 9.01 -32.19
CA THR H 180 -32.78 8.44 -33.31
C THR H 180 -32.92 9.38 -34.49
N ALA H 181 -33.13 8.81 -35.66
CA ALA H 181 -33.26 9.58 -36.87
C ALA H 181 -34.45 10.51 -36.79
N GLU H 182 -35.56 10.01 -36.26
CA GLU H 182 -36.77 10.79 -36.18
C GLU H 182 -36.58 11.98 -35.28
N ALA H 183 -35.85 11.80 -34.20
CA ALA H 183 -35.57 12.87 -33.26
C ALA H 183 -34.67 13.93 -33.88
N THR H 184 -33.65 13.46 -34.59
CA THR H 184 -32.74 14.33 -35.32
C THR H 184 -33.53 15.20 -36.31
N LYS H 185 -34.44 14.57 -37.03
CA LYS H 185 -35.30 15.25 -37.98
C LYS H 185 -36.16 16.34 -37.28
N ALA H 186 -36.75 16.00 -36.13
CA ALA H 186 -37.55 16.98 -35.38
C ALA H 186 -36.76 18.26 -35.03
N LEU H 187 -35.53 18.10 -34.54
CA LEU H 187 -34.72 19.26 -34.16
C LEU H 187 -34.25 20.06 -35.38
N ILE H 188 -33.92 19.36 -36.47
CA ILE H 188 -33.57 20.05 -37.70
C ILE H 188 -34.76 20.89 -38.17
N GLU H 189 -35.89 20.25 -38.40
CA GLU H 189 -37.14 20.95 -38.74
C GLU H 189 -37.46 22.11 -37.76
N ALA H 190 -37.24 21.90 -36.47
CA ALA H 190 -37.45 22.95 -35.48
C ALA H 190 -36.52 24.16 -35.67
N GLY H 191 -35.35 23.94 -36.23
CA GLY H 191 -34.43 25.04 -36.41
C GLY H 191 -33.03 24.91 -35.86
N ALA H 192 -32.64 23.70 -35.47
CA ALA H 192 -31.27 23.50 -34.99
C ALA H 192 -30.30 23.33 -36.15
N ASN H 193 -29.26 24.16 -36.21
CA ASN H 193 -28.25 23.96 -37.24
C ASN H 193 -27.16 22.95 -36.88
N VAL H 194 -27.14 22.49 -35.63
CA VAL H 194 -26.25 21.40 -35.19
C VAL H 194 -27.00 20.50 -34.20
N VAL H 195 -26.96 19.18 -34.41
CA VAL H 195 -27.62 18.28 -33.46
C VAL H 195 -26.59 17.52 -32.59
N LYS H 196 -26.95 17.23 -31.33
CA LYS H 196 -26.07 16.55 -30.38
C LYS H 196 -26.55 15.14 -29.99
N VAL H 197 -25.70 14.16 -30.26
CA VAL H 197 -26.05 12.75 -30.21
C VAL H 197 -25.50 12.00 -29.00
N GLY H 198 -26.39 11.40 -28.22
CA GLY H 198 -26.01 10.44 -27.22
C GLY H 198 -26.98 10.34 -26.07
N ILE H 199 -27.74 9.25 -26.01
CA ILE H 199 -28.49 9.01 -24.79
C ILE H 199 -27.90 7.87 -23.98
N GLY H 200 -27.14 8.24 -22.94
CA GLY H 200 -26.55 7.29 -22.01
C GLY H 200 -25.14 6.70 -22.18
N PRO H 201 -24.34 7.15 -23.17
CA PRO H 201 -23.10 6.36 -23.28
C PRO H 201 -21.94 6.85 -22.42
N GLY H 202 -22.15 7.93 -21.66
CA GLY H 202 -21.09 8.60 -20.91
C GLY H 202 -20.42 7.86 -19.75
N SER H 203 -19.13 8.13 -19.58
CA SER H 203 -18.35 7.53 -18.50
C SER H 203 -19.00 7.67 -17.11
N ILE H 204 -19.69 8.77 -16.88
CA ILE H 204 -20.21 9.07 -15.56
C ILE H 204 -21.72 8.94 -15.54
N CYS H 205 -22.24 8.29 -16.56
CA CYS H 205 -23.67 8.27 -16.78
C CYS H 205 -24.31 7.01 -16.16
N THR H 206 -25.48 7.18 -15.56
CA THR H 206 -26.25 6.04 -15.11
C THR H 206 -27.61 5.95 -15.78
N THR H 207 -27.83 6.74 -16.81
CA THR H 207 -29.15 6.87 -17.37
C THR H 207 -29.66 5.54 -17.87
N ARG H 208 -28.80 4.78 -18.53
CA ARG H 208 -29.15 3.45 -19.00
C ARG H 208 -29.44 2.47 -17.87
N VAL H 209 -28.75 2.61 -16.75
CA VAL H 209 -28.97 1.71 -15.63
C VAL H 209 -30.18 2.10 -14.79
N VAL H 210 -30.41 3.38 -14.54
CA VAL H 210 -31.57 3.73 -13.72
C VAL H 210 -32.90 3.81 -14.49
N ALA H 211 -32.82 4.12 -15.78
CA ALA H 211 -34.04 4.26 -16.56
C ALA H 211 -34.07 3.24 -17.68
N GLY H 212 -33.02 2.44 -17.79
CA GLY H 212 -32.99 1.38 -18.79
C GLY H 212 -33.11 1.81 -20.23
N VAL H 213 -32.76 3.06 -20.52
CA VAL H 213 -33.01 3.66 -21.84
C VAL H 213 -31.74 4.13 -22.55
N GLY H 214 -31.64 3.84 -23.84
CA GLY H 214 -30.54 4.37 -24.66
C GLY H 214 -30.39 3.75 -26.03
N VAL H 215 -29.35 4.16 -26.74
CA VAL H 215 -28.91 3.52 -27.99
C VAL H 215 -27.38 3.51 -28.01
N PRO H 216 -26.75 2.33 -28.24
CA PRO H 216 -25.27 2.25 -28.28
C PRO H 216 -24.68 3.32 -29.17
N GLN H 217 -23.80 4.17 -28.64
CA GLN H 217 -23.37 5.42 -29.28
C GLN H 217 -23.09 5.34 -30.80
N LEU H 218 -22.40 4.29 -31.22
CA LEU H 218 -21.96 4.19 -32.61
C LEU H 218 -23.14 4.17 -33.58
N THR H 219 -24.13 3.32 -33.28
CA THR H 219 -25.37 3.26 -34.06
C THR H 219 -26.16 4.57 -33.97
N ALA H 220 -26.24 5.09 -32.75
CA ALA H 220 -26.82 6.40 -32.51
C ALA H 220 -26.18 7.45 -33.42
N VAL H 221 -24.85 7.49 -33.48
CA VAL H 221 -24.22 8.47 -34.31
C VAL H 221 -24.54 8.19 -35.78
N TYR H 222 -24.49 6.93 -36.17
CA TYR H 222 -24.72 6.59 -37.58
C TYR H 222 -26.17 6.84 -37.95
N ASP H 223 -27.11 6.35 -37.14
CA ASP H 223 -28.55 6.63 -37.38
C ASP H 223 -28.88 8.11 -37.53
N CYS H 224 -28.29 8.94 -36.69
CA CYS H 224 -28.60 10.36 -36.68
C CYS H 224 -27.92 11.11 -37.84
N ALA H 225 -26.77 10.60 -38.27
CA ALA H 225 -26.04 11.26 -39.34
C ALA H 225 -26.74 10.95 -40.66
N THR H 226 -27.39 9.80 -40.72
CA THR H 226 -28.09 9.39 -41.93
C THR H 226 -29.20 10.37 -42.20
N GLU H 227 -29.86 10.80 -41.14
CA GLU H 227 -30.94 11.77 -41.28
C GLU H 227 -30.36 13.14 -41.53
N ALA H 228 -29.47 13.57 -40.64
CA ALA H 228 -28.88 14.91 -40.74
C ALA H 228 -28.20 15.15 -42.10
N ARG H 229 -27.67 14.09 -42.70
CA ARG H 229 -26.96 14.20 -43.95
C ARG H 229 -27.85 14.73 -45.07
N LYS H 230 -29.06 14.19 -45.16
CA LYS H 230 -30.03 14.63 -46.13
C LYS H 230 -30.40 16.09 -45.94
N HIS H 231 -30.11 16.65 -44.77
CA HIS H 231 -30.44 18.06 -44.54
C HIS H 231 -29.25 19.02 -44.56
N GLY H 232 -28.05 18.47 -44.71
CA GLY H 232 -26.83 19.25 -44.62
C GLY H 232 -26.53 19.72 -43.20
N ILE H 233 -27.04 18.99 -42.21
CA ILE H 233 -26.83 19.37 -40.82
C ILE H 233 -25.76 18.50 -40.17
N PRO H 234 -24.74 19.11 -39.52
CA PRO H 234 -23.68 18.32 -38.92
C PRO H 234 -24.12 17.78 -37.57
N VAL H 235 -23.50 16.70 -37.14
CA VAL H 235 -23.86 16.00 -35.93
C VAL H 235 -22.61 15.85 -35.06
N ILE H 236 -22.76 16.09 -33.75
CA ILE H 236 -21.71 15.86 -32.76
C ILE H 236 -21.87 14.51 -32.01
N ALA H 237 -20.84 13.68 -32.00
CA ALA H 237 -20.86 12.50 -31.15
C ALA H 237 -20.50 12.91 -29.73
N ASP H 238 -21.48 12.86 -28.82
CA ASP H 238 -21.25 13.22 -27.42
C ASP H 238 -21.26 12.02 -26.44
N GLY H 239 -20.12 11.79 -25.81
CA GLY H 239 -20.03 10.83 -24.72
C GLY H 239 -19.63 9.47 -25.22
N GLY H 240 -19.06 8.65 -24.34
CA GLY H 240 -18.74 7.28 -24.68
C GLY H 240 -17.33 7.05 -25.17
N ILE H 241 -16.62 8.13 -25.44
CA ILE H 241 -15.29 8.02 -26.03
C ILE H 241 -14.24 7.87 -24.95
N LYS H 242 -13.50 6.77 -24.98
CA LYS H 242 -12.47 6.54 -23.97
C LYS H 242 -11.06 6.42 -24.54
N TYR H 243 -10.94 6.02 -25.80
CA TYR H 243 -9.66 6.05 -26.49
C TYR H 243 -9.76 6.92 -27.72
N SER H 244 -8.63 7.42 -28.20
CA SER H 244 -8.60 8.26 -29.40
C SER H 244 -9.23 7.49 -30.55
N GLY H 245 -8.96 6.18 -30.62
CA GLY H 245 -9.58 5.33 -31.61
C GLY H 245 -11.08 5.50 -31.67
N ASP H 246 -11.71 5.63 -30.51
CA ASP H 246 -13.12 5.89 -30.43
C ASP H 246 -13.53 7.13 -31.22
N MET H 247 -12.80 8.23 -31.04
CA MET H 247 -13.09 9.46 -31.74
C MET H 247 -13.05 9.27 -33.25
N VAL H 248 -12.03 8.56 -33.71
CA VAL H 248 -11.88 8.19 -35.10
C VAL H 248 -13.10 7.45 -35.57
N LYS H 249 -13.46 6.39 -34.85
CA LYS H 249 -14.64 5.62 -35.13
C LYS H 249 -15.88 6.52 -35.15
N ALA H 250 -16.02 7.41 -34.16
CA ALA H 250 -17.14 8.35 -34.13
C ALA H 250 -17.25 9.24 -35.39
N LEU H 251 -16.17 9.95 -35.74
CA LEU H 251 -16.09 10.75 -36.97
C LEU H 251 -16.39 9.94 -38.25
N ALA H 252 -15.83 8.74 -38.36
CA ALA H 252 -16.04 7.93 -39.55
C ALA H 252 -17.46 7.38 -39.67
N ALA H 253 -18.20 7.44 -38.57
CA ALA H 253 -19.57 6.93 -38.56
C ALA H 253 -20.56 8.02 -38.91
N GLY H 254 -20.14 9.28 -38.83
CA GLY H 254 -21.04 10.35 -39.21
C GLY H 254 -20.83 11.71 -38.55
N ALA H 255 -20.25 11.73 -37.36
CA ALA H 255 -20.12 12.98 -36.64
C ALA H 255 -19.06 13.88 -37.29
N HIS H 256 -19.30 15.19 -37.26
CA HIS H 256 -18.34 16.16 -37.75
C HIS H 256 -17.32 16.46 -36.67
N VAL H 257 -17.64 16.03 -35.46
CA VAL H 257 -17.01 16.55 -34.27
C VAL H 257 -17.42 15.67 -33.08
N VAL H 258 -16.58 15.61 -32.06
CA VAL H 258 -16.90 14.78 -30.92
C VAL H 258 -16.95 15.61 -29.64
N MET H 259 -17.70 15.13 -28.65
CA MET H 259 -17.74 15.81 -27.36
C MET H 259 -17.15 14.92 -26.28
N LEU H 260 -16.13 15.42 -25.60
CA LEU H 260 -15.47 14.66 -24.56
C LEU H 260 -15.70 15.27 -23.20
N GLY H 261 -15.85 14.39 -22.22
CA GLY H 261 -15.95 14.79 -20.83
C GLY H 261 -14.75 14.28 -20.07
N SER H 262 -14.75 12.98 -19.80
CA SER H 262 -13.72 12.34 -18.99
C SER H 262 -12.30 12.55 -19.54
N MET H 263 -12.14 12.48 -20.85
CA MET H 263 -10.84 12.73 -21.46
C MET H 263 -10.28 14.13 -21.18
N PHE H 264 -11.10 15.01 -20.62
CA PHE H 264 -10.71 16.40 -20.43
C PHE H 264 -10.73 16.81 -18.96
N ALA H 265 -11.38 16.01 -18.15
CA ALA H 265 -11.63 16.32 -16.74
C ALA H 265 -10.39 16.45 -15.87
N GLY H 266 -9.40 15.59 -16.09
CA GLY H 266 -8.16 15.67 -15.32
C GLY H 266 -7.10 16.61 -15.91
N VAL H 267 -7.54 17.55 -16.72
CA VAL H 267 -6.63 18.44 -17.42
C VAL H 267 -6.47 19.71 -16.58
N ALA H 268 -5.36 20.42 -16.77
CA ALA H 268 -5.00 21.49 -15.86
C ALA H 268 -5.99 22.66 -15.84
N GLU H 269 -6.70 22.85 -16.96
CA GLU H 269 -7.54 24.04 -17.13
C GLU H 269 -8.99 23.79 -16.73
N SER H 270 -9.31 22.53 -16.51
CA SER H 270 -10.63 22.13 -16.05
C SER H 270 -10.94 22.75 -14.68
N PRO H 271 -12.21 23.06 -14.44
CA PRO H 271 -12.63 23.73 -13.21
C PRO H 271 -12.54 22.78 -12.04
N GLY H 272 -11.89 23.20 -10.97
CA GLY H 272 -11.81 22.34 -9.81
C GLY H 272 -10.40 22.10 -9.35
N GLU H 273 -10.20 22.17 -8.04
CA GLU H 273 -8.89 22.04 -7.44
C GLU H 273 -8.40 20.59 -7.51
N THR H 274 -7.14 20.41 -7.84
CA THR H 274 -6.53 19.08 -7.87
C THR H 274 -6.43 18.51 -6.46
N GLU H 275 -6.80 17.24 -6.28
CA GLU H 275 -6.77 16.56 -4.98
C GLU H 275 -5.74 15.41 -4.89
N ILE H 276 -5.44 14.98 -3.67
CA ILE H 276 -4.53 13.86 -3.47
C ILE H 276 -5.24 12.61 -2.94
N TYR H 277 -5.08 11.50 -3.65
CA TYR H 277 -5.60 10.21 -3.20
C TYR H 277 -4.52 9.16 -3.42
N GLN H 278 -4.03 8.59 -2.33
CA GLN H 278 -2.87 7.69 -2.34
C GLN H 278 -1.70 8.27 -3.13
N GLY H 279 -1.29 9.47 -2.73
CA GLY H 279 -0.12 10.12 -3.31
C GLY H 279 -0.37 10.82 -4.64
N ARG H 280 -1.11 10.15 -5.52
CA ARG H 280 -1.35 10.66 -6.87
C ARG H 280 -2.33 11.84 -6.87
N GLN H 281 -2.12 12.75 -7.81
CA GLN H 281 -3.04 13.86 -7.99
C GLN H 281 -4.28 13.36 -8.73
N PHE H 282 -5.46 13.82 -8.32
CA PHE H 282 -6.70 13.47 -9.00
C PHE H 282 -7.56 14.71 -9.18
N LYS H 283 -8.53 14.62 -10.10
CA LYS H 283 -9.60 15.60 -10.22
C LYS H 283 -11.00 14.97 -10.18
N VAL H 284 -11.91 15.69 -9.53
CA VAL H 284 -13.31 15.32 -9.48
C VAL H 284 -13.91 15.35 -10.86
N TYR H 285 -14.74 14.37 -11.15
CA TYR H 285 -15.50 14.32 -12.37
C TYR H 285 -16.85 13.67 -12.08
N ARG H 286 -17.93 14.42 -12.24
CA ARG H 286 -19.24 13.92 -11.89
C ARG H 286 -20.22 14.23 -13.00
N GLY H 287 -21.28 13.44 -13.11
CA GLY H 287 -22.34 13.75 -14.05
C GLY H 287 -23.09 14.97 -13.56
N MET H 288 -23.69 15.71 -14.49
CA MET H 288 -24.49 16.87 -14.10
C MET H 288 -25.77 16.40 -13.44
N GLY H 289 -26.19 15.18 -13.77
CA GLY H 289 -27.35 14.59 -13.15
C GLY H 289 -26.97 13.70 -12.00
N SER H 290 -25.82 13.96 -11.39
CA SER H 290 -25.39 13.22 -10.21
C SER H 290 -25.87 13.99 -9.00
N VAL H 291 -25.87 13.34 -7.83
CA VAL H 291 -26.41 13.95 -6.64
C VAL H 291 -25.69 15.26 -6.30
N GLY H 292 -24.36 15.19 -6.21
CA GLY H 292 -23.52 16.35 -5.92
C GLY H 292 -23.68 17.49 -6.90
N ALA H 293 -23.79 17.20 -8.19
CA ALA H 293 -23.94 18.26 -9.20
C ALA H 293 -25.27 19.00 -9.03
N MET H 294 -26.34 18.25 -8.83
CA MET H 294 -27.68 18.82 -8.68
C MET H 294 -27.81 19.73 -7.46
N GLU H 295 -27.16 19.37 -6.37
CA GLU H 295 -27.32 20.13 -5.14
C GLU H 295 -26.36 21.32 -5.09
N LYS H 309 -34.93 13.33 -2.01
CA LYS H 309 -35.69 14.29 -2.80
C LYS H 309 -35.82 13.90 -4.28
N LEU H 310 -34.69 13.74 -4.97
CA LEU H 310 -34.73 13.44 -6.41
C LEU H 310 -33.81 12.29 -6.87
N VAL H 311 -34.00 11.88 -8.14
CA VAL H 311 -33.43 10.65 -8.67
C VAL H 311 -32.32 10.89 -9.68
N PRO H 312 -31.08 10.62 -9.27
CA PRO H 312 -29.89 10.93 -10.09
C PRO H 312 -29.77 10.00 -11.30
N GLU H 313 -29.19 10.53 -12.36
CA GLU H 313 -28.88 9.77 -13.55
C GLU H 313 -27.37 9.83 -13.79
N GLY H 314 -26.65 10.15 -12.73
CA GLY H 314 -25.20 10.33 -12.79
C GLY H 314 -24.47 9.89 -11.52
N ILE H 315 -23.16 9.73 -11.65
CA ILE H 315 -22.34 9.36 -10.51
C ILE H 315 -21.20 10.32 -10.38
N GLU H 316 -20.65 10.42 -9.19
CA GLU H 316 -19.56 11.36 -8.93
C GLU H 316 -18.31 10.55 -8.70
N GLY H 317 -17.18 11.08 -9.13
CA GLY H 317 -15.94 10.33 -9.00
C GLY H 317 -14.67 11.09 -9.28
N ARG H 318 -13.59 10.34 -9.38
CA ARG H 318 -12.30 10.97 -9.57
C ARG H 318 -11.63 10.45 -10.85
N VAL H 319 -10.85 11.31 -11.48
CA VAL H 319 -10.07 10.90 -12.62
C VAL H 319 -8.65 11.41 -12.43
N PRO H 320 -7.66 10.63 -12.86
CA PRO H 320 -6.24 11.02 -12.70
C PRO H 320 -5.93 12.38 -13.30
N TYR H 321 -5.01 13.10 -12.68
CA TYR H 321 -4.57 14.40 -13.18
C TYR H 321 -3.70 14.24 -14.41
N LYS H 322 -4.07 14.89 -15.51
CA LYS H 322 -3.48 14.60 -16.81
C LYS H 322 -2.39 15.59 -17.22
N GLY H 323 -2.48 16.81 -16.70
CA GLY H 323 -1.54 17.84 -17.07
C GLY H 323 -2.21 18.95 -17.84
N PRO H 324 -1.43 19.73 -18.59
CA PRO H 324 -2.00 20.82 -19.40
C PRO H 324 -2.78 20.24 -20.56
N LEU H 325 -3.92 20.85 -20.89
CA LEU H 325 -4.78 20.37 -21.97
C LEU H 325 -4.01 20.01 -23.23
N ALA H 326 -3.02 20.81 -23.56
CA ALA H 326 -2.25 20.69 -24.81
C ALA H 326 -1.66 19.30 -25.06
N ASP H 327 -1.17 18.66 -24.00
CA ASP H 327 -0.54 17.34 -24.11
C ASP H 327 -1.56 16.26 -24.44
N THR H 328 -2.79 16.44 -23.98
CA THR H 328 -3.84 15.47 -24.23
C THR H 328 -4.38 15.61 -25.63
N VAL H 329 -4.56 16.85 -26.06
CA VAL H 329 -5.06 17.15 -27.40
C VAL H 329 -4.10 16.63 -28.46
N HIS H 330 -2.81 16.73 -28.18
CA HIS H 330 -1.81 16.28 -29.13
C HIS H 330 -1.90 14.76 -29.39
N GLN H 331 -2.27 14.02 -28.35
CA GLN H 331 -2.47 12.57 -28.43
C GLN H 331 -3.76 12.18 -29.12
N LEU H 332 -4.82 12.93 -28.83
CA LEU H 332 -6.10 12.75 -29.49
C LEU H 332 -6.01 12.99 -31.02
N VAL H 333 -5.49 14.14 -31.41
CA VAL H 333 -5.39 14.53 -32.81
C VAL H 333 -4.39 13.66 -33.54
N GLY H 334 -3.33 13.29 -32.83
CA GLY H 334 -2.31 12.43 -33.37
C GLY H 334 -2.84 11.03 -33.65
N GLY H 335 -3.76 10.57 -32.80
CA GLY H 335 -4.46 9.32 -33.04
C GLY H 335 -5.39 9.43 -34.24
N LEU H 336 -6.07 10.56 -34.35
CA LEU H 336 -6.97 10.80 -35.47
C LEU H 336 -6.18 10.72 -36.74
N ARG H 337 -5.06 11.44 -36.77
CA ARG H 337 -4.22 11.50 -37.95
C ARG H 337 -3.77 10.14 -38.43
N ALA H 338 -3.34 9.30 -37.50
CA ALA H 338 -2.96 7.92 -37.81
C ALA H 338 -4.14 7.16 -38.41
N GLY H 339 -5.33 7.36 -37.85
CA GLY H 339 -6.52 6.70 -38.36
C GLY H 339 -6.85 7.13 -39.77
N MET H 340 -6.74 8.44 -40.01
CA MET H 340 -6.99 9.02 -41.33
C MET H 340 -5.96 8.56 -42.35
N GLY H 341 -4.72 8.45 -41.90
CA GLY H 341 -3.68 7.83 -42.68
C GLY H 341 -4.09 6.43 -43.11
N TYR H 342 -4.43 5.59 -42.15
CA TYR H 342 -4.80 4.21 -42.47
C TYR H 342 -5.99 4.12 -43.39
N CYS H 343 -6.82 5.14 -43.37
CA CYS H 343 -8.07 5.09 -44.12
C CYS H 343 -7.99 5.81 -45.44
N GLY H 344 -6.84 6.40 -45.73
CA GLY H 344 -6.60 7.09 -46.98
C GLY H 344 -7.44 8.35 -47.10
N ALA H 345 -7.59 9.06 -45.98
CA ALA H 345 -8.43 10.25 -45.95
C ALA H 345 -7.59 11.53 -45.87
N GLN H 346 -7.62 12.31 -46.95
CA GLN H 346 -6.99 13.61 -46.95
C GLN H 346 -7.63 14.52 -45.89
N ASP H 347 -8.95 14.36 -45.71
CA ASP H 347 -9.72 15.22 -44.80
C ASP H 347 -10.93 14.49 -44.15
N LEU H 348 -11.67 15.20 -43.30
CA LEU H 348 -12.75 14.60 -42.54
C LEU H 348 -13.99 14.22 -43.37
N GLU H 349 -14.22 14.93 -44.47
CA GLU H 349 -15.32 14.58 -45.36
C GLU H 349 -15.12 13.18 -45.97
N PHE H 350 -13.93 12.92 -46.51
CA PHE H 350 -13.66 11.63 -47.12
C PHE H 350 -13.86 10.50 -46.12
N LEU H 351 -13.34 10.69 -44.91
CA LEU H 351 -13.56 9.77 -43.80
C LEU H 351 -15.05 9.51 -43.56
N ARG H 352 -15.82 10.57 -43.29
CA ARG H 352 -17.26 10.42 -43.12
C ARG H 352 -17.96 9.69 -44.28
N GLU H 353 -17.49 9.90 -45.51
CA GLU H 353 -18.18 9.37 -46.68
C GLU H 353 -17.65 8.01 -47.14
N ASN H 354 -16.39 7.71 -46.85
CA ASN H 354 -15.76 6.51 -47.41
C ASN H 354 -15.32 5.41 -46.44
N ALA H 355 -15.23 5.71 -45.14
CA ALA H 355 -14.76 4.72 -44.18
C ALA H 355 -15.67 3.51 -44.05
N GLN H 356 -15.06 2.34 -44.14
CA GLN H 356 -15.75 1.09 -43.88
C GLN H 356 -15.34 0.50 -42.51
N PHE H 357 -16.28 -0.13 -41.83
CA PHE H 357 -15.97 -0.80 -40.58
C PHE H 357 -15.91 -2.29 -40.78
N ILE H 358 -15.29 -2.99 -39.84
CA ILE H 358 -15.52 -4.42 -39.69
C ILE H 358 -16.06 -4.71 -38.29
N ARG H 359 -17.00 -5.66 -38.18
CA ARG H 359 -17.55 -6.03 -36.89
C ARG H 359 -16.85 -7.25 -36.33
N MET H 360 -16.60 -7.21 -35.03
CA MET H 360 -15.89 -8.28 -34.37
C MET H 360 -16.61 -8.60 -33.09
N SER H 361 -16.38 -9.79 -32.56
CA SER H 361 -16.95 -10.20 -31.28
C SER H 361 -16.09 -9.69 -30.13
N GLY H 362 -16.38 -10.17 -28.92
CA GLY H 362 -15.55 -9.84 -27.76
C GLY H 362 -14.17 -10.44 -27.78
N ALA H 363 -13.97 -11.49 -28.59
CA ALA H 363 -12.65 -12.09 -28.78
C ALA H 363 -11.80 -11.15 -29.62
N GLY H 364 -12.43 -10.57 -30.64
CA GLY H 364 -11.80 -9.56 -31.47
C GLY H 364 -11.28 -8.41 -30.63
N LEU H 365 -12.15 -7.80 -29.83
CA LEU H 365 -11.74 -6.72 -28.91
C LEU H 365 -10.52 -7.10 -28.06
N LEU H 366 -10.43 -8.37 -27.67
CA LEU H 366 -9.32 -8.85 -26.86
C LEU H 366 -7.97 -8.82 -27.60
N GLU H 367 -8.01 -9.15 -28.90
CA GLU H 367 -6.85 -9.15 -29.77
C GLU H 367 -6.48 -7.71 -30.11
N SER H 368 -7.47 -6.83 -29.94
CA SER H 368 -7.36 -5.42 -30.25
C SER H 368 -6.68 -4.59 -29.15
N HIS H 369 -6.47 -5.15 -27.97
CA HIS H 369 -5.66 -4.48 -26.95
C HIS H 369 -4.38 -5.26 -26.75
N PRO H 370 -3.34 -4.61 -26.20
CA PRO H 370 -2.20 -5.38 -25.71
C PRO H 370 -2.66 -6.62 -24.92
N HIS H 371 -1.95 -7.73 -25.12
CA HIS H 371 -2.37 -9.01 -24.58
C HIS H 371 -1.18 -9.96 -24.39
N HIS H 372 -1.31 -10.83 -23.38
CA HIS H 372 -0.29 -11.82 -23.01
C HIS H 372 1.05 -11.23 -22.62
N VAL H 373 1.05 -9.95 -22.35
CA VAL H 373 2.28 -9.25 -22.06
C VAL H 373 2.13 -8.50 -20.75
N GLN H 374 3.19 -8.47 -19.96
CA GLN H 374 3.14 -7.66 -18.77
C GLN H 374 3.70 -6.30 -19.14
N ILE H 375 2.85 -5.28 -19.11
CA ILE H 375 3.24 -3.95 -19.59
C ILE H 375 4.09 -3.16 -18.62
N THR H 376 5.34 -2.88 -19.02
CA THR H 376 6.31 -2.19 -18.17
C THR H 376 5.83 -0.80 -17.77
N LYS H 377 5.61 0.05 -18.78
CA LYS H 377 5.38 1.46 -18.55
C LYS H 377 4.02 1.93 -19.05
N GLU H 378 3.67 3.17 -18.71
CA GLU H 378 2.43 3.77 -19.17
C GLU H 378 2.71 4.51 -20.45
N ALA H 379 1.84 4.36 -21.44
CA ALA H 379 1.96 5.08 -22.70
C ALA H 379 1.18 6.40 -22.63
N PRO H 380 1.57 7.39 -23.48
CA PRO H 380 0.84 8.66 -23.60
C PRO H 380 -0.60 8.48 -24.03
N ASN H 381 -0.86 7.53 -24.92
CA ASN H 381 -2.19 7.37 -25.47
C ASN H 381 -2.92 6.09 -25.08
N TYR H 382 -2.39 5.39 -24.08
CA TYR H 382 -3.02 4.14 -23.65
C TYR H 382 -2.98 3.90 -22.12
N SER H 383 -4.16 3.95 -21.52
CA SER H 383 -4.36 3.72 -20.08
C SER H 383 -3.56 4.72 -19.22
P IMP I . 17.12 -10.49 17.79
O1P IMP I . 17.39 -11.30 19.02
O2P IMP I . 17.01 -9.02 18.06
O3P IMP I . 15.80 -10.96 17.26
O5' IMP I . 18.26 -10.79 16.73
C5' IMP I . 18.39 -12.08 16.15
C4' IMP I . 19.22 -12.02 14.89
O4' IMP I . 20.56 -11.57 15.22
C3' IMP I . 19.46 -13.34 14.18
O3' IMP I . 18.37 -13.75 13.39
C2' IMP I . 20.72 -13.07 13.36
O2' IMP I . 20.38 -12.46 12.13
C1' IMP I . 21.46 -12.03 14.24
N9 IMP I . 22.61 -12.64 14.92
C8 IMP I . 22.66 -13.93 15.33
N7 IMP I . 23.88 -14.12 15.89
C5 IMP I . 24.60 -12.99 15.83
C6 IMP I . 25.90 -12.68 16.28
O6 IMP I . 26.32 -13.25 17.28
N1 IMP I . 26.38 -11.40 16.06
C2 IMP I . 25.57 -10.49 15.42
N3 IMP I . 24.28 -10.80 15.02
C4 IMP I . 23.80 -12.05 15.21
BR1 P68 J . 33.97 -9.98 4.96
C8 P68 J . 33.55 -10.38 6.75
C7 P68 J . 33.28 -11.68 7.12
C6 P68 J . 32.96 -11.96 8.44
C9 P68 J . 33.50 -9.35 7.67
C10 P68 J . 33.19 -9.62 8.98
C5 P68 J . 32.92 -10.92 9.35
N2 P68 J . 32.63 -11.18 10.67
C4 P68 J . 32.46 -12.41 11.09
O P68 J . 32.53 -13.37 10.35
N1 P68 J . 32.20 -12.52 12.37
C1 P68 J . 31.99 -13.80 12.99
C2 P68 J . 32.43 -13.74 14.43
C3 P68 J . 32.74 -14.88 12.24
C12 P68 J . 30.54 -14.11 12.93
C17 P68 J . 29.63 -13.10 12.70
C16 P68 J . 28.28 -13.41 12.65
C18 P68 J . 27.25 -12.37 12.41
N4 P68 J . 26.11 -12.71 12.02
O2 P68 J . 25.12 -11.78 11.79
C19 P68 J . 27.51 -10.92 12.61
C15 P68 J . 27.87 -14.71 12.83
C14 P68 J . 28.78 -15.72 13.06
C13 P68 J . 30.13 -15.42 13.11
P IMP K . -3.11 10.18 31.12
O1P IMP K . -3.20 9.22 32.28
O2P IMP K . -1.71 10.38 30.63
O3P IMP K . -3.70 11.53 31.52
O5' IMP K . -3.96 9.58 29.91
C5' IMP K . -5.34 9.23 30.08
C4' IMP K . -5.97 8.84 28.77
O4' IMP K . -5.37 7.63 28.26
C3' IMP K . -7.45 8.51 28.77
O3' IMP K . -8.30 9.65 28.83
C2' IMP K . -7.62 7.72 27.48
O2' IMP K . -7.66 8.62 26.39
C1' IMP K . -6.29 6.97 27.41
N9 IMP K . -6.43 5.56 27.84
C8 IMP K . -7.21 5.07 28.86
N7 IMP K . -7.05 3.73 28.90
C5 IMP K . -6.20 3.34 27.93
C6 IMP K . -5.70 2.07 27.57
O6 IMP K . -5.52 1.21 28.44
N1 IMP K . -4.82 2.03 26.49
C2 IMP K . -4.45 3.20 25.82
N3 IMP K . -4.93 4.43 26.21
C4 IMP K . -5.81 4.49 27.25
BR1 P68 L . -9.44 -0.74 14.51
C8 P68 L . -8.89 -1.16 16.26
C7 P68 L . -9.80 -1.71 17.15
C6 P68 L . -9.38 -2.03 18.43
C9 P68 L . -7.60 -0.90 16.63
C10 P68 L . -7.19 -1.21 17.92
C5 P68 L . -8.08 -1.77 18.81
N2 P68 L . -7.63 -2.09 20.10
C4 P68 L . -8.43 -2.30 21.11
O P68 L . -9.62 -2.20 21.00
N1 P68 L . -7.85 -2.61 22.26
C1 P68 L . -8.55 -2.87 23.50
C2 P68 L . -7.71 -3.76 24.39
C3 P68 L . -9.89 -3.52 23.28
C12 P68 L . -8.75 -1.56 24.16
C17 P68 L . -8.07 -0.46 23.67
C16 P68 L . -8.23 0.77 24.25
C18 P68 L . -7.49 1.95 23.70
N4 P68 L . -7.75 3.11 24.07
O2 P68 L . -6.99 4.10 23.47
C19 P68 L . -6.42 1.81 22.67
C15 P68 L . -9.07 0.92 25.33
C14 P68 L . -9.75 -0.19 25.82
C13 P68 L . -9.59 -1.43 25.23
P IMP M . 41.25 8.31 26.11
O1P IMP M . 41.45 7.94 27.55
O2P IMP M . 39.81 8.50 25.72
O3P IMP M . 41.93 7.26 25.24
O5' IMP M . 41.97 9.71 25.96
C5' IMP M . 43.37 9.86 26.07
C4' IMP M . 43.83 11.17 25.51
O4' IMP M . 43.28 12.26 26.30
C3' IMP M . 45.33 11.43 25.54
O3' IMP M . 46.02 10.83 24.46
C2' IMP M . 45.43 12.95 25.54
O2' IMP M . 45.32 13.45 24.21
C1' IMP M . 44.17 13.35 26.32
N9 IMP M . 44.46 13.67 27.73
C8 IMP M . 45.33 13.07 28.58
N7 IMP M . 45.23 13.69 29.80
C5 IMP M . 44.30 14.66 29.70
C6 IMP M . 43.80 15.59 30.61
O6 IMP M . 44.36 15.75 31.67
N1 IMP M . 42.81 16.47 30.22
C2 IMP M . 42.34 16.45 28.92
N3 IMP M . 42.83 15.53 28.01
C4 IMP M . 43.80 14.65 28.40
BR1 P68 N . 46.03 28.63 24.98
C8 P68 N . 45.79 27.39 26.41
C7 P68 N . 46.88 26.91 27.11
C6 P68 N . 46.69 26.00 28.12
C9 P68 N . 44.51 26.94 26.75
C10 P68 N . 44.33 26.02 27.78
C5 P68 N . 45.43 25.53 28.47
N2 P68 N . 45.22 24.64 29.55
C4 P68 N . 46.16 23.96 30.22
O P68 N . 47.34 23.97 29.90
N1 P68 N . 45.68 23.21 31.23
C1 P68 N . 46.45 22.38 32.13
C2 P68 N . 45.56 22.05 33.31
C3 P68 N . 47.72 23.05 32.65
C12 P68 N . 46.78 21.05 31.50
C17 P68 N . 46.02 20.58 30.44
C16 P68 N . 46.31 19.34 29.85
C18 P68 N . 45.47 18.87 28.69
N4 P68 N . 45.87 17.98 27.90
O2 P68 N . 45.09 17.54 26.81
C19 P68 N . 44.12 19.50 28.43
C15 P68 N . 47.36 18.56 30.35
C14 P68 N . 48.12 19.02 31.42
C13 P68 N . 47.82 20.26 32.00
P IMP O . 20.97 28.97 38.81
O1P IMP O . 20.84 28.26 40.11
O2P IMP O . 20.89 28.15 37.56
O3P IMP O . 22.31 29.67 38.84
O5' IMP O . 19.77 29.99 38.70
C5' IMP O . 19.64 31.11 39.56
C4' IMP O . 18.56 32.01 39.05
O4' IMP O . 17.27 31.36 39.08
C3' IMP O . 18.31 33.30 39.81
O3' IMP O . 19.29 34.27 39.54
C2' IMP O . 16.92 33.70 39.34
O2' IMP O . 17.00 34.35 38.08
C1' IMP O . 16.25 32.33 39.14
N9 IMP O . 15.33 32.00 40.26
C8 IMP O . 15.56 32.15 41.61
N7 IMP O . 14.48 31.65 42.27
C5 IMP O . 13.57 31.20 41.37
C6 IMP O . 12.32 30.60 41.51
O6 IMP O . 12.00 30.09 42.58
N1 IMP O . 11.62 30.22 40.39
C2 IMP O . 12.17 30.43 39.14
N3 IMP O . 13.42 31.02 39.01
C4 IMP O . 14.11 31.39 40.11
BR1 P68 P . 2.91 38.17 34.22
C8 P68 P . 3.54 36.94 35.51
C7 P68 P . 3.76 35.60 35.18
C6 P68 P . 4.22 34.72 36.16
C9 P68 P . 3.78 37.39 36.80
C10 P68 P . 4.23 36.52 37.77
C5 P68 P . 4.46 35.18 37.45
N2 P68 P . 4.91 34.25 38.42
C4 P68 P . 5.14 34.47 39.73
O P68 P . 5.03 35.56 40.28
N1 P68 P . 5.54 33.39 40.40
C1 P68 P . 5.86 33.31 41.82
C2 P68 P . 5.86 31.83 42.15
C3 P68 P . 4.90 34.01 42.78
C12 P68 P . 7.27 33.80 42.02
C17 P68 P . 8.20 33.70 40.98
C16 P68 P . 9.51 34.13 41.16
C18 P68 P . 10.47 33.98 40.04
N4 P68 P . 10.06 33.48 38.95
O2 P68 P . 10.93 33.30 37.89
C19 P68 P . 11.91 34.36 40.19
C15 P68 P . 9.92 34.65 42.37
C14 P68 P . 9.00 34.76 43.40
C13 P68 P . 7.68 34.33 43.23
P IMP Q . -14.07 -33.44 -17.63
O1P IMP Q . -13.08 -33.35 -16.49
O2P IMP Q . -14.48 -32.12 -18.24
O3P IMP Q . -15.34 -34.13 -17.17
O5' IMP Q . -13.38 -34.20 -18.85
C5' IMP Q . -12.97 -35.55 -18.78
C4' IMP Q . -12.66 -36.10 -20.17
O4' IMP Q . -11.59 -35.32 -20.77
C3' IMP Q . -12.16 -37.53 -20.23
O3' IMP Q . -13.21 -38.47 -20.15
C2' IMP Q . -11.42 -37.57 -21.59
O2' IMP Q . -12.33 -37.79 -22.65
C1' IMP Q . -10.87 -36.14 -21.70
N9 IMP Q . -9.42 -36.07 -21.37
C8 IMP Q . -8.80 -36.60 -20.28
N7 IMP Q . -7.49 -36.31 -20.35
C5 IMP Q . -7.25 -35.60 -21.46
C6 IMP Q . -6.08 -35.06 -21.99
O6 IMP Q . -5.06 -34.93 -21.29
N1 IMP Q . -6.16 -34.37 -23.19
C2 IMP Q . -7.38 -34.22 -23.82
N3 IMP Q . -8.53 -34.77 -23.28
C4 IMP Q . -8.46 -35.44 -22.12
BR1 P68 R . -4.25 -38.39 -35.21
C8 P68 R . -3.72 -37.70 -33.55
C7 P68 R . -3.99 -36.39 -33.23
C6 P68 R . -3.58 -35.90 -32.01
C9 P68 R . -3.06 -38.52 -32.65
C10 P68 R . -2.65 -38.02 -31.43
C5 P68 R . -2.93 -36.71 -31.10
N2 P68 R . -2.51 -36.19 -29.87
C4 P68 R . -2.09 -36.95 -28.88
O P68 R . -2.05 -38.16 -28.94
N1 P68 R . -1.72 -36.33 -27.78
C1 P68 R . -1.24 -37.05 -26.63
C2 P68 R . -0.41 -36.12 -25.78
C3 P68 R . -0.44 -38.25 -27.08
C12 P68 R . -2.40 -37.51 -25.82
C17 P68 R . -3.67 -37.08 -26.15
C16 P68 R . -4.76 -37.49 -25.41
C18 P68 R . -6.10 -37.00 -25.82
N4 P68 R . -6.23 -35.86 -26.34
O2 P68 R . -7.48 -35.43 -26.74
C19 P68 R . -7.33 -37.82 -25.68
C15 P68 R . -4.60 -38.33 -24.33
C14 P68 R . -3.33 -38.77 -24.00
C13 P68 R . -2.23 -38.36 -24.74
BR1 P68 S . -41.66 -30.84 -12.46
C8 P68 S . -40.56 -30.11 -11.11
C7 P68 S . -39.26 -29.71 -11.39
C6 P68 S . -38.46 -29.18 -10.38
C9 P68 S . -41.06 -29.96 -9.81
C10 P68 S . -40.26 -29.42 -8.81
C5 P68 S . -38.95 -29.02 -9.09
N2 P68 S . -38.08 -28.48 -8.12
C4 P68 S . -38.27 -28.19 -6.82
O P68 S . -39.34 -28.35 -6.26
N1 P68 S . -37.20 -27.67 -6.20
C1 P68 S . -37.05 -27.26 -4.81
C2 P68 S . -35.57 -27.11 -4.51
C3 P68 S . -37.64 -28.25 -3.82
C12 P68 S . -37.68 -25.90 -4.63
C17 P68 S . -37.67 -25.01 -5.68
C16 P68 S . -38.25 -23.75 -5.57
C18 P68 S . -38.20 -22.86 -6.78
N4 P68 S . -37.36 -23.12 -7.69
O2 P68 S . -37.24 -22.36 -8.84
C19 P68 S . -39.09 -21.66 -6.99
C15 P68 S . -38.82 -23.36 -4.36
C14 P68 S . -38.82 -24.25 -3.29
C13 P68 S . -38.25 -25.52 -3.42
P IMP T . -34.68 -11.60 -7.25
O1P IMP T . -33.93 -11.74 -5.96
O2P IMP T . -33.89 -11.42 -8.52
O3P IMP T . -35.66 -10.44 -7.07
O5' IMP T . -35.47 -12.95 -7.47
C5' IMP T . -36.40 -13.40 -6.51
C4' IMP T . -37.32 -14.46 -7.09
O4' IMP T . -36.60 -15.71 -7.25
C3' IMP T . -38.51 -14.83 -6.23
O3' IMP T . -39.55 -13.89 -6.32
C2' IMP T . -38.88 -16.21 -6.75
O2' IMP T . -39.66 -16.13 -7.93
C1' IMP T . -37.49 -16.80 -7.10
N9 IMP T . -36.96 -17.69 -6.04
C8 IMP T . -37.11 -17.59 -4.68
N7 IMP T . -36.46 -18.63 -4.09
C5 IMP T . -35.88 -19.38 -5.06
C6 IMP T . -35.10 -20.54 -5.02
O6 IMP T . -34.59 -20.90 -3.98
N1 IMP T . -34.64 -21.09 -6.19
C2 IMP T . -34.96 -20.51 -7.39
N3 IMP T . -35.74 -19.36 -7.41
C4 IMP T . -36.20 -18.81 -6.27
P IMP U . 3.22 -10.73 -31.73
O1P IMP U . 4.10 -10.33 -30.56
O2P IMP U . 1.78 -11.05 -31.42
O3P IMP U . 3.76 -12.00 -32.36
O5' IMP U . 3.23 -9.54 -32.79
C5' IMP U . 4.43 -9.13 -33.44
C4' IMP U . 4.17 -8.22 -34.62
O4' IMP U . 3.57 -6.98 -34.19
C3' IMP U . 5.40 -7.77 -35.40
O3' IMP U . 5.89 -8.75 -36.30
C2' IMP U . 4.91 -6.50 -36.10
O2' IMP U . 4.21 -6.81 -37.30
C1' IMP U . 3.89 -5.94 -35.10
N9 IMP U . 4.45 -4.79 -34.36
C8 IMP U . 5.73 -4.61 -33.89
N7 IMP U . 5.78 -3.41 -33.27
C5 IMP U . 4.56 -2.84 -33.31
C6 IMP U . 4.05 -1.64 -32.84
O6 IMP U . 4.78 -0.86 -32.24
N1 IMP U . 2.73 -1.32 -33.04
C2 IMP U . 1.91 -2.19 -33.72
N3 IMP U . 2.41 -3.38 -34.20
C4 IMP U . 3.71 -3.69 -34.00
BR1 P68 V . -0.25 5.94 -43.79
C8 P68 V . 0.39 5.71 -42.03
C7 P68 V . 1.75 5.84 -41.79
C6 P68 V . 2.24 5.67 -40.51
C9 P68 V . -0.48 5.40 -41.00
C10 P68 V . 0.01 5.23 -39.72
C5 P68 V . 1.37 5.35 -39.46
N2 P68 V . 1.81 5.18 -38.14
C4 P68 V . 3.07 5.11 -37.70
O P68 V . 4.04 5.17 -38.44
N1 P68 V . 3.20 4.95 -36.38
C1 P68 V . 4.43 4.85 -35.60
C2 P68 V . 4.06 4.87 -34.12
C3 P68 V . 5.41 6.00 -35.86
C12 P68 V . 5.14 3.56 -35.87
C17 P68 V . 4.43 2.39 -36.11
C16 P68 V . 5.15 1.22 -36.34
C18 P68 V . 4.47 -0.08 -36.62
N4 P68 V . 5.14 -1.01 -37.14
O2 P68 V . 4.66 -2.28 -37.47
C19 P68 V . 3.02 -0.29 -36.27
C15 P68 V . 6.54 1.21 -36.32
C14 P68 V . 7.24 2.38 -36.07
C13 P68 V . 6.52 3.55 -35.84
P IMP W . -17.83 11.07 -21.44
O1P IMP W . -17.21 11.39 -20.09
O2P IMP W . -17.92 9.63 -21.84
O3P IMP W . -17.07 11.80 -22.51
O5' IMP W . -19.32 11.67 -21.42
C5' IMP W . -19.58 13.03 -21.10
C4' IMP W . -20.97 13.41 -21.55
O4' IMP W . -21.97 12.69 -20.80
C3' IMP W . -21.38 14.87 -21.38
O3' IMP W . -20.82 15.73 -22.36
C2' IMP W . -22.91 14.79 -21.42
O2' IMP W . -23.38 14.66 -22.76
C1' IMP W . -23.16 13.46 -20.72
N9 IMP W . -23.51 13.65 -19.31
C8 IMP W . -22.98 14.56 -18.44
N7 IMP W . -23.54 14.38 -17.23
C5 IMP W . -24.42 13.38 -17.31
C6 IMP W . -25.26 12.79 -16.37
O6 IMP W . -24.98 12.90 -15.18
N1 IMP W . -26.07 11.76 -16.79
C2 IMP W . -26.05 11.29 -18.09
N3 IMP W . -25.20 11.87 -19.00
C4 IMP W . -24.41 12.90 -18.62
BR1 P68 X . -38.61 13.37 -20.62
C8 P68 X . -37.23 13.38 -19.35
C7 P68 X . -36.89 14.52 -18.64
C6 P68 X . -35.86 14.47 -17.70
C9 P68 X . -36.55 12.21 -19.13
C10 P68 X . -35.54 12.16 -18.21
C5 P68 X . -35.19 13.28 -17.50
N2 P68 X . -34.17 13.16 -16.56
C4 P68 X . -33.55 14.16 -15.98
O P68 X . -33.80 15.32 -16.22
N1 P68 X . -32.62 13.81 -15.10
C1 P68 X . -31.81 14.73 -14.34
C2 P68 X . -31.36 14.07 -13.07
C3 P68 X . -32.57 16.01 -14.04
C12 P68 X . -30.61 15.05 -15.14
C17 P68 X . -30.26 14.21 -16.17
C16 P68 X . -29.13 14.50 -16.90
C18 P68 X . -28.76 13.61 -18.03
N4 P68 X . -28.26 14.13 -19.05
O2 P68 X . -27.88 13.36 -20.14
C19 P68 X . -28.95 12.13 -17.96
C15 P68 X . -28.36 15.62 -16.62
C14 P68 X . -28.72 16.44 -15.58
C13 P68 X . -29.85 16.16 -14.84
#